data_2VRD
#
_entry.id   2VRD
#
_cell.length_a   1.000
_cell.length_b   1.000
_cell.length_c   1.000
_cell.angle_alpha   90.00
_cell.angle_beta   90.00
_cell.angle_gamma   90.00
#
_symmetry.space_group_name_H-M   'P 1'
#
loop_
_entity.id
_entity.type
_entity.pdbx_description
1 polymer 'U1 SMALL NUCLEAR RIBONUCLEOPROTEIN C'
2 non-polymer 'ZINC ION'
#
_entity_poly.entity_id   1
_entity_poly.type   'polypeptide(L)'
_entity_poly.pdbx_seq_one_letter_code
;MPKFYCDYCDTYLTHDSPSVRKTHCSGRKHKENVKDYYQKWMEEQAQSLIDKTTAAFQQGK
;
_entity_poly.pdbx_strand_id   A
#
loop_
_chem_comp.id
_chem_comp.type
_chem_comp.name
_chem_comp.formula
ZN non-polymer 'ZINC ION' 'Zn 2'
#
# COMPACT_ATOMS: atom_id res chain seq x y z
N MET A 1 14.76 11.35 -3.74
CA MET A 1 14.42 10.38 -2.67
C MET A 1 14.58 8.94 -3.19
N PRO A 2 15.77 8.38 -3.02
CA PRO A 2 16.02 6.99 -3.49
C PRO A 2 15.30 5.99 -2.57
N LYS A 3 15.28 4.71 -2.95
CA LYS A 3 14.61 3.67 -2.11
C LYS A 3 13.10 3.97 -1.95
N PHE A 4 12.26 2.95 -1.99
CA PHE A 4 10.79 3.19 -1.85
C PHE A 4 10.29 2.58 -0.53
N TYR A 5 9.17 3.04 -0.01
CA TYR A 5 8.66 2.49 1.28
C TYR A 5 7.14 2.25 1.20
N CYS A 6 6.64 1.17 1.75
CA CYS A 6 5.17 0.90 1.70
C CYS A 6 4.56 1.04 3.10
N ASP A 7 3.99 2.19 3.43
CA ASP A 7 3.37 2.35 4.80
C ASP A 7 2.39 1.20 5.10
N TYR A 8 1.67 0.72 4.10
CA TYR A 8 0.71 -0.42 4.36
C TYR A 8 1.48 -1.67 4.82
N CYS A 9 2.69 -1.88 4.33
CA CYS A 9 3.47 -3.09 4.77
C CYS A 9 4.52 -2.76 5.85
N ASP A 10 4.67 -1.51 6.26
CA ASP A 10 5.69 -1.16 7.31
C ASP A 10 7.08 -1.71 6.93
N THR A 11 7.44 -1.66 5.66
CA THR A 11 8.78 -2.18 5.25
C THR A 11 9.51 -1.12 4.40
N TYR A 12 10.76 -1.37 4.05
CA TYR A 12 11.50 -0.37 3.24
C TYR A 12 12.04 -1.04 1.95
N LEU A 13 11.48 -0.72 0.80
CA LEU A 13 11.97 -1.36 -0.47
C LEU A 13 13.37 -0.83 -0.80
N THR A 14 14.15 -1.56 -1.58
CA THR A 14 15.53 -1.09 -1.93
C THR A 14 15.61 -0.50 -3.35
N HIS A 15 14.80 -0.98 -4.29
CA HIS A 15 14.86 -0.41 -5.67
C HIS A 15 13.56 0.35 -5.99
N ASP A 16 13.56 1.66 -5.87
CA ASP A 16 12.31 2.44 -6.17
C ASP A 16 12.19 2.68 -7.69
N SER A 17 11.90 1.65 -8.45
CA SER A 17 11.75 1.82 -9.93
C SER A 17 10.28 1.64 -10.34
N PRO A 18 10.00 1.76 -11.62
CA PRO A 18 8.60 1.62 -12.10
C PRO A 18 8.14 0.14 -12.06
N SER A 19 9.04 -0.81 -12.22
CA SER A 19 8.62 -2.24 -12.18
C SER A 19 8.70 -2.79 -10.74
N VAL A 20 9.74 -2.43 -10.00
CA VAL A 20 9.84 -2.94 -8.57
C VAL A 20 8.61 -2.50 -7.77
N ARG A 21 8.25 -1.22 -7.80
CA ARG A 21 7.05 -0.76 -7.02
C ARG A 21 5.82 -1.54 -7.48
N LYS A 22 5.55 -1.60 -8.77
CA LYS A 22 4.35 -2.39 -9.25
C LYS A 22 4.55 -3.86 -8.87
N THR A 23 5.75 -4.39 -9.02
CA THR A 23 6.00 -5.82 -8.62
C THR A 23 5.56 -6.01 -7.15
N HIS A 24 5.90 -5.06 -6.29
CA HIS A 24 5.46 -5.17 -4.86
C HIS A 24 3.92 -5.15 -4.79
N CYS A 25 3.27 -4.38 -5.65
CA CYS A 25 1.78 -4.32 -5.63
C CYS A 25 1.18 -5.23 -6.72
N SER A 26 1.69 -6.44 -6.88
CA SER A 26 1.13 -7.34 -7.93
C SER A 26 0.51 -8.59 -7.27
N GLY A 27 -0.15 -8.43 -6.14
CA GLY A 27 -0.78 -9.61 -5.47
C GLY A 27 -2.11 -9.20 -4.84
N ARG A 28 -3.18 -9.91 -5.14
CA ARG A 28 -4.51 -9.56 -4.52
C ARG A 28 -4.39 -9.51 -2.98
N LYS A 29 -3.48 -10.27 -2.39
CA LYS A 29 -3.35 -10.26 -0.89
C LYS A 29 -2.98 -8.85 -0.40
N HIS A 30 -2.23 -8.07 -1.17
CA HIS A 30 -1.85 -6.68 -0.69
C HIS A 30 -3.08 -5.91 -0.19
N LYS A 31 -4.22 -6.07 -0.84
CA LYS A 31 -5.46 -5.33 -0.36
C LYS A 31 -5.79 -5.79 1.08
N GLU A 32 -5.97 -7.08 1.30
CA GLU A 32 -6.27 -7.55 2.69
C GLU A 32 -5.11 -7.14 3.63
N ASN A 33 -3.88 -7.23 3.15
CA ASN A 33 -2.71 -6.83 4.03
C ASN A 33 -2.89 -5.38 4.51
N VAL A 34 -3.43 -4.50 3.70
CA VAL A 34 -3.62 -3.07 4.15
C VAL A 34 -4.47 -3.04 5.45
N LYS A 35 -5.44 -3.92 5.58
CA LYS A 35 -6.28 -3.92 6.85
C LYS A 35 -5.36 -3.98 8.08
N ASP A 36 -4.34 -4.80 8.04
CA ASP A 36 -3.40 -4.86 9.22
C ASP A 36 -2.80 -3.48 9.52
N TYR A 37 -2.64 -2.63 8.52
CA TYR A 37 -2.06 -1.26 8.80
C TYR A 37 -3.06 -0.40 9.57
N TYR A 38 -4.29 -0.27 9.09
CA TYR A 38 -5.28 0.58 9.83
C TYR A 38 -6.23 -0.30 10.68
N GLN A 39 -5.76 -1.40 11.22
CA GLN A 39 -6.67 -2.26 12.08
C GLN A 39 -6.78 -1.66 13.49
N LYS A 40 -5.71 -1.13 14.03
CA LYS A 40 -5.78 -0.53 15.40
C LYS A 40 -5.49 1.00 15.37
N TRP A 41 -5.75 1.66 14.26
CA TRP A 41 -5.47 3.15 14.20
C TRP A 41 -6.22 3.88 15.34
N MET A 42 -7.47 3.53 15.58
CA MET A 42 -8.23 4.20 16.68
C MET A 42 -9.32 3.27 17.24
N GLU A 43 -9.03 1.99 17.37
CA GLU A 43 -10.05 1.03 17.92
C GLU A 43 -11.39 1.16 17.18
N GLU A 44 -11.36 1.35 15.87
CA GLU A 44 -12.65 1.48 15.11
C GLU A 44 -12.52 0.83 13.73
N GLN A 45 -13.44 1.10 12.81
CA GLN A 45 -13.35 0.49 11.46
C GLN A 45 -13.18 1.58 10.40
N ALA A 46 -12.14 1.49 9.59
CA ALA A 46 -11.93 2.54 8.53
C ALA A 46 -11.68 1.87 7.17
N GLN A 47 -12.72 1.42 6.50
CA GLN A 47 -12.52 0.77 5.16
C GLN A 47 -13.07 1.68 4.04
N SER A 48 -12.92 2.98 4.17
CA SER A 48 -13.41 3.91 3.10
C SER A 48 -12.23 4.62 2.44
N LEU A 49 -11.39 5.30 3.22
CA LEU A 49 -10.21 6.00 2.61
C LEU A 49 -9.29 5.03 1.85
N ILE A 50 -9.32 3.74 2.16
CA ILE A 50 -8.43 2.78 1.41
C ILE A 50 -8.86 2.73 -0.06
N ASP A 51 -10.13 2.51 -0.33
CA ASP A 51 -10.59 2.45 -1.77
C ASP A 51 -10.21 3.75 -2.51
N LYS A 52 -10.33 4.89 -1.86
CA LYS A 52 -9.97 6.17 -2.55
C LYS A 52 -8.48 6.19 -2.93
N THR A 53 -7.61 5.62 -2.11
CA THR A 53 -6.15 5.62 -2.45
C THR A 53 -5.80 4.36 -3.27
N THR A 54 -6.37 3.21 -2.93
CA THR A 54 -6.06 1.96 -3.70
C THR A 54 -6.62 2.07 -5.14
N ALA A 55 -7.78 2.69 -5.32
CA ALA A 55 -8.35 2.81 -6.69
C ALA A 55 -7.88 4.12 -7.35
N ALA A 56 -7.89 5.22 -6.62
CA ALA A 56 -7.44 6.52 -7.22
C ALA A 56 -5.96 6.78 -6.87
N PHE A 57 -5.10 5.84 -7.16
CA PHE A 57 -3.64 6.05 -6.84
C PHE A 57 -2.92 6.68 -8.05
N GLN A 58 -2.96 6.04 -9.20
CA GLN A 58 -2.27 6.61 -10.40
C GLN A 58 -2.99 6.17 -11.69
N GLN A 59 -3.11 4.88 -11.93
CA GLN A 59 -3.80 4.42 -13.18
C GLN A 59 -4.88 3.39 -12.82
N GLY A 60 -5.95 3.80 -12.16
CA GLY A 60 -7.02 2.85 -11.80
C GLY A 60 -8.37 3.39 -12.29
N LYS A 61 -8.56 3.53 -13.59
CA LYS A 61 -9.85 4.05 -14.13
C LYS A 61 -10.22 5.39 -13.46
ZN ZN B . 2.98 -3.12 0.43
N MET A 1 14.21 9.94 -6.47
CA MET A 1 14.13 9.28 -5.14
C MET A 1 14.26 7.75 -5.29
N PRO A 2 15.46 7.25 -5.12
CA PRO A 2 15.69 5.80 -5.25
C PRO A 2 15.12 5.05 -4.03
N LYS A 3 14.99 3.74 -4.10
CA LYS A 3 14.43 2.95 -2.95
C LYS A 3 12.99 3.40 -2.62
N PHE A 4 12.03 2.49 -2.66
CA PHE A 4 10.62 2.87 -2.35
C PHE A 4 10.23 2.37 -0.94
N TYR A 5 9.26 2.99 -0.30
CA TYR A 5 8.86 2.53 1.07
C TYR A 5 7.34 2.27 1.12
N CYS A 6 6.92 1.20 1.76
CA CYS A 6 5.46 0.90 1.85
C CYS A 6 4.99 1.00 3.32
N ASP A 7 4.42 2.11 3.72
CA ASP A 7 3.95 2.23 5.16
C ASP A 7 3.00 1.08 5.50
N TYR A 8 2.17 0.63 4.58
CA TYR A 8 1.24 -0.51 4.89
C TYR A 8 2.06 -1.77 5.26
N CYS A 9 3.24 -1.95 4.69
CA CYS A 9 4.06 -3.15 5.03
C CYS A 9 5.11 -2.85 6.12
N ASP A 10 5.21 -1.62 6.61
CA ASP A 10 6.23 -1.31 7.66
C ASP A 10 7.63 -1.77 7.22
N THR A 11 7.96 -1.60 5.96
CA THR A 11 9.31 -2.04 5.47
C THR A 11 9.80 -1.10 4.36
N TYR A 12 11.04 -1.23 3.93
CA TYR A 12 11.56 -0.33 2.86
C TYR A 12 12.00 -1.16 1.65
N LEU A 13 11.45 -0.89 0.48
CA LEU A 13 11.86 -1.68 -0.74
C LEU A 13 13.28 -1.27 -1.16
N THR A 14 13.88 -1.98 -2.09
CA THR A 14 15.27 -1.61 -2.52
C THR A 14 15.27 -0.82 -3.85
N HIS A 15 14.31 -1.04 -4.73
CA HIS A 15 14.29 -0.28 -6.02
C HIS A 15 13.08 0.66 -6.07
N ASP A 16 13.21 1.80 -6.73
CA ASP A 16 12.06 2.76 -6.81
C ASP A 16 11.74 3.06 -8.27
N SER A 17 10.80 2.34 -8.86
CA SER A 17 10.45 2.59 -10.29
C SER A 17 8.94 2.39 -10.52
N PRO A 18 8.49 2.63 -11.73
CA PRO A 18 7.05 2.48 -12.05
C PRO A 18 6.65 0.99 -12.05
N SER A 19 7.55 0.09 -12.43
CA SER A 19 7.19 -1.37 -12.44
C SER A 19 7.50 -2.00 -11.07
N VAL A 20 8.60 -1.63 -10.45
CA VAL A 20 8.94 -2.23 -9.10
C VAL A 20 7.81 -1.90 -8.10
N ARG A 21 7.36 -0.67 -8.05
CA ARG A 21 6.25 -0.33 -7.08
C ARG A 21 5.01 -1.16 -7.41
N LYS A 22 4.59 -1.20 -8.66
CA LYS A 22 3.38 -2.03 -9.01
C LYS A 22 3.69 -3.51 -8.71
N THR A 23 4.89 -3.97 -9.02
CA THR A 23 5.23 -5.41 -8.71
C THR A 23 4.99 -5.65 -7.21
N HIS A 24 5.37 -4.71 -6.37
CA HIS A 24 5.11 -4.89 -4.89
C HIS A 24 3.59 -4.94 -4.64
N CYS A 25 2.81 -4.18 -5.39
CA CYS A 25 1.33 -4.19 -5.16
C CYS A 25 0.63 -5.09 -6.20
N SER A 26 1.17 -6.25 -6.48
CA SER A 26 0.52 -7.15 -7.48
C SER A 26 0.04 -8.44 -6.78
N GLY A 27 -0.52 -8.32 -5.58
CA GLY A 27 -1.00 -9.54 -4.87
C GLY A 27 -2.42 -9.30 -4.34
N ARG A 28 -3.17 -10.36 -4.10
CA ARG A 28 -4.56 -10.18 -3.56
C ARG A 28 -4.55 -10.05 -2.02
N LYS A 29 -3.43 -10.32 -1.36
CA LYS A 29 -3.40 -10.19 0.14
C LYS A 29 -2.98 -8.77 0.57
N HIS A 30 -2.23 -8.04 -0.25
CA HIS A 30 -1.81 -6.64 0.17
C HIS A 30 -3.01 -5.83 0.66
N LYS A 31 -4.16 -5.98 0.02
CA LYS A 31 -5.37 -5.20 0.49
C LYS A 31 -5.75 -5.69 1.90
N GLU A 32 -5.94 -6.98 2.08
CA GLU A 32 -6.27 -7.49 3.45
C GLU A 32 -5.12 -7.14 4.42
N ASN A 33 -3.89 -7.27 3.98
CA ASN A 33 -2.72 -6.93 4.87
C ASN A 33 -2.85 -5.47 5.37
N VAL A 34 -3.32 -4.57 4.53
CA VAL A 34 -3.45 -3.14 4.99
C VAL A 34 -4.38 -3.07 6.22
N LYS A 35 -5.38 -3.92 6.32
CA LYS A 35 -6.30 -3.88 7.53
C LYS A 35 -5.47 -3.93 8.82
N ASP A 36 -4.45 -4.78 8.85
CA ASP A 36 -3.60 -4.84 10.09
C ASP A 36 -3.00 -3.45 10.41
N TYR A 37 -2.76 -2.62 9.42
CA TYR A 37 -2.18 -1.26 9.71
C TYR A 37 -3.21 -0.39 10.45
N TYR A 38 -4.42 -0.26 9.92
CA TYR A 38 -5.44 0.59 10.63
C TYR A 38 -6.43 -0.27 11.44
N GLN A 39 -5.96 -1.37 12.02
CA GLN A 39 -6.90 -2.21 12.85
C GLN A 39 -6.92 -1.70 14.30
N LYS A 40 -5.78 -1.29 14.83
CA LYS A 40 -5.75 -0.78 16.24
C LYS A 40 -5.43 0.73 16.26
N TRP A 41 -5.84 1.47 15.26
CA TRP A 41 -5.55 2.94 15.25
C TRP A 41 -6.73 3.72 15.87
N MET A 42 -7.95 3.35 15.56
CA MET A 42 -9.12 4.07 16.15
C MET A 42 -10.36 3.17 16.19
N GLU A 43 -10.89 2.77 15.04
CA GLU A 43 -12.09 1.89 15.02
C GLU A 43 -11.82 0.65 14.16
N GLU A 44 -12.82 -0.17 13.90
CA GLU A 44 -12.60 -1.38 13.05
C GLU A 44 -13.42 -1.30 11.76
N GLN A 45 -13.54 -0.12 11.16
CA GLN A 45 -14.32 0.01 9.90
C GLN A 45 -13.80 1.18 9.05
N ALA A 46 -12.67 1.01 8.39
CA ALA A 46 -12.11 2.12 7.56
C ALA A 46 -11.60 1.56 6.21
N GLN A 47 -12.50 1.25 5.30
CA GLN A 47 -12.06 0.72 3.98
C GLN A 47 -12.34 1.74 2.86
N SER A 48 -12.21 3.03 3.14
CA SER A 48 -12.47 4.05 2.09
C SER A 48 -11.14 4.74 1.72
N LEU A 49 -10.44 5.29 2.69
CA LEU A 49 -9.12 5.95 2.37
C LEU A 49 -8.11 4.93 1.79
N ILE A 50 -8.29 3.64 2.01
CA ILE A 50 -7.31 2.65 1.45
C ILE A 50 -7.49 2.55 -0.07
N ASP A 51 -8.72 2.56 -0.55
CA ASP A 51 -8.94 2.46 -2.04
C ASP A 51 -8.54 3.79 -2.71
N LYS A 52 -8.85 4.92 -2.11
CA LYS A 52 -8.48 6.24 -2.74
C LYS A 52 -6.96 6.30 -2.99
N THR A 53 -6.15 5.75 -2.11
CA THR A 53 -4.66 5.80 -2.33
C THR A 53 -4.20 4.56 -3.12
N THR A 54 -4.65 3.38 -2.74
CA THR A 54 -4.22 2.15 -3.50
C THR A 54 -4.65 2.25 -4.98
N ALA A 55 -5.80 2.84 -5.26
CA ALA A 55 -6.24 2.96 -6.69
C ALA A 55 -5.72 4.27 -7.30
N ALA A 56 -5.74 5.36 -6.57
CA ALA A 56 -5.25 6.66 -7.13
C ALA A 56 -3.79 6.91 -6.71
N PHE A 57 -2.92 5.94 -6.84
CA PHE A 57 -1.49 6.14 -6.45
C PHE A 57 -0.67 6.59 -7.66
N GLN A 58 -0.92 6.02 -8.83
CA GLN A 58 -0.14 6.43 -10.04
C GLN A 58 -1.09 7.09 -11.07
N GLN A 59 -2.01 7.92 -10.63
CA GLN A 59 -2.94 8.58 -11.59
C GLN A 59 -2.97 10.10 -11.33
N GLY A 60 -1.91 10.80 -11.66
CA GLY A 60 -1.89 12.27 -11.44
C GLY A 60 -2.39 12.99 -12.70
N LYS A 61 -1.56 13.13 -13.71
CA LYS A 61 -2.00 13.82 -14.96
C LYS A 61 -1.74 12.92 -16.18
ZN ZN B . 3.27 -3.16 0.76
N MET A 1 20.86 6.07 -6.23
CA MET A 1 20.16 4.82 -5.78
C MET A 1 18.86 5.19 -5.05
N PRO A 2 17.78 5.34 -5.81
CA PRO A 2 16.48 5.69 -5.20
C PRO A 2 15.90 4.49 -4.43
N LYS A 3 15.06 4.74 -3.44
CA LYS A 3 14.47 3.62 -2.66
C LYS A 3 12.97 3.85 -2.44
N PHE A 4 12.18 2.80 -2.34
CA PHE A 4 10.71 2.99 -2.12
C PHE A 4 10.31 2.45 -0.73
N TYR A 5 9.22 2.92 -0.18
CA TYR A 5 8.79 2.42 1.17
C TYR A 5 7.28 2.14 1.18
N CYS A 6 6.86 1.03 1.76
CA CYS A 6 5.40 0.72 1.80
C CYS A 6 4.89 0.80 3.25
N ASP A 7 4.33 1.93 3.67
CA ASP A 7 3.80 2.03 5.08
C ASP A 7 2.83 0.88 5.39
N TYR A 8 2.04 0.46 4.41
CA TYR A 8 1.10 -0.69 4.67
C TYR A 8 1.89 -1.95 5.07
N CYS A 9 3.09 -2.13 4.55
CA CYS A 9 3.91 -3.35 4.91
C CYS A 9 4.93 -3.06 6.02
N ASP A 10 5.04 -1.83 6.51
CA ASP A 10 6.04 -1.53 7.59
C ASP A 10 7.45 -2.00 7.18
N THR A 11 7.80 -1.84 5.92
CA THR A 11 9.15 -2.27 5.45
C THR A 11 9.74 -1.23 4.48
N TYR A 12 10.98 -1.38 4.08
CA TYR A 12 11.59 -0.39 3.15
C TYR A 12 12.10 -1.11 1.88
N LEU A 13 11.59 -0.76 0.71
CA LEU A 13 12.07 -1.42 -0.54
C LEU A 13 13.42 -0.82 -0.95
N THR A 14 14.17 -1.46 -1.83
CA THR A 14 15.50 -0.90 -2.24
C THR A 14 15.44 -0.19 -3.61
N HIS A 15 14.46 -0.49 -4.45
CA HIS A 15 14.40 0.19 -5.78
C HIS A 15 13.06 0.94 -5.93
N ASP A 16 13.08 2.13 -6.49
CA ASP A 16 11.81 2.89 -6.65
C ASP A 16 11.56 3.18 -8.14
N SER A 17 10.82 2.32 -8.82
CA SER A 17 10.56 2.56 -10.27
C SER A 17 9.10 2.21 -10.60
N PRO A 18 8.71 2.40 -11.85
CA PRO A 18 7.33 2.09 -12.26
C PRO A 18 7.07 0.57 -12.28
N SER A 19 8.08 -0.25 -12.47
CA SER A 19 7.85 -1.74 -12.49
C SER A 19 8.11 -2.32 -11.09
N VAL A 20 9.14 -1.87 -10.41
CA VAL A 20 9.42 -2.43 -9.03
C VAL A 20 8.21 -2.17 -8.11
N ARG A 21 7.71 -0.94 -8.08
CA ARG A 21 6.52 -0.66 -7.18
C ARG A 21 5.37 -1.60 -7.53
N LYS A 22 4.98 -1.68 -8.79
CA LYS A 22 3.85 -2.61 -9.16
C LYS A 22 4.25 -4.05 -8.79
N THR A 23 5.49 -4.44 -9.02
CA THR A 23 5.93 -5.83 -8.63
C THR A 23 5.61 -6.04 -7.14
N HIS A 24 5.89 -5.05 -6.30
CA HIS A 24 5.56 -5.19 -4.84
C HIS A 24 4.04 -5.31 -4.69
N CYS A 25 3.27 -4.58 -5.46
CA CYS A 25 1.78 -4.66 -5.35
C CYS A 25 1.20 -5.64 -6.38
N SER A 26 1.71 -6.85 -6.45
CA SER A 26 1.18 -7.83 -7.44
C SER A 26 0.58 -9.05 -6.71
N GLY A 27 -0.08 -8.84 -5.60
CA GLY A 27 -0.68 -9.99 -4.86
C GLY A 27 -1.99 -9.55 -4.20
N ARG A 28 -3.10 -10.21 -4.50
CA ARG A 28 -4.41 -9.82 -3.86
C ARG A 28 -4.26 -9.73 -2.32
N LYS A 29 -3.37 -10.52 -1.73
CA LYS A 29 -3.21 -10.46 -0.23
C LYS A 29 -2.82 -9.04 0.21
N HIS A 30 -2.06 -8.30 -0.60
CA HIS A 30 -1.66 -6.90 -0.18
C HIS A 30 -2.88 -6.09 0.28
N LYS A 31 -4.02 -6.26 -0.38
CA LYS A 31 -5.25 -5.50 0.07
C LYS A 31 -5.61 -5.91 1.50
N GLU A 32 -5.76 -7.20 1.74
CA GLU A 32 -6.09 -7.66 3.14
C GLU A 32 -4.95 -7.22 4.09
N ASN A 33 -3.71 -7.32 3.64
CA ASN A 33 -2.56 -6.89 4.53
C ASN A 33 -2.77 -5.43 4.99
N VAL A 34 -3.27 -4.58 4.12
CA VAL A 34 -3.48 -3.14 4.54
C VAL A 34 -4.44 -3.08 5.74
N LYS A 35 -5.46 -3.93 5.78
CA LYS A 35 -6.40 -3.89 6.96
C LYS A 35 -5.61 -4.11 8.26
N ASP A 36 -4.65 -5.02 8.26
CA ASP A 36 -3.85 -5.24 9.51
C ASP A 36 -3.12 -3.94 9.91
N TYR A 37 -2.78 -3.08 8.96
CA TYR A 37 -2.07 -1.80 9.33
C TYR A 37 -3.03 -0.88 10.09
N TYR A 38 -4.21 -0.60 9.55
CA TYR A 38 -5.16 0.30 10.29
C TYR A 38 -6.23 -0.49 11.06
N GLN A 39 -5.95 -1.74 11.43
CA GLN A 39 -6.99 -2.52 12.20
C GLN A 39 -7.21 -1.87 13.57
N LYS A 40 -6.15 -1.43 14.23
CA LYS A 40 -6.31 -0.78 15.57
C LYS A 40 -5.72 0.64 15.57
N TRP A 41 -5.65 1.30 14.44
CA TRP A 41 -5.07 2.69 14.40
C TRP A 41 -5.94 3.65 15.24
N MET A 42 -7.25 3.54 15.15
CA MET A 42 -8.13 4.45 15.94
C MET A 42 -9.51 3.82 16.17
N GLU A 43 -10.21 3.44 15.13
CA GLU A 43 -11.56 2.82 15.30
C GLU A 43 -11.64 1.46 14.58
N GLU A 44 -12.81 0.86 14.50
CA GLU A 44 -12.94 -0.45 13.81
C GLU A 44 -13.41 -0.28 12.36
N GLN A 45 -14.27 0.70 12.08
CA GLN A 45 -14.73 0.89 10.68
C GLN A 45 -13.86 1.92 9.95
N ALA A 46 -12.87 1.46 9.20
CA ALA A 46 -11.98 2.41 8.47
C ALA A 46 -11.63 1.85 7.08
N GLN A 47 -12.59 1.82 6.17
CA GLN A 47 -12.30 1.29 4.80
C GLN A 47 -12.58 2.37 3.74
N SER A 48 -12.34 3.63 4.04
CA SER A 48 -12.58 4.71 3.03
C SER A 48 -11.24 5.23 2.50
N LEU A 49 -10.33 5.60 3.38
CA LEU A 49 -8.99 6.10 2.89
C LEU A 49 -8.23 5.02 2.07
N ILE A 50 -8.56 3.75 2.22
CA ILE A 50 -7.84 2.70 1.42
C ILE A 50 -8.37 2.68 -0.02
N ASP A 51 -9.66 2.50 -0.20
CA ASP A 51 -10.22 2.47 -1.61
C ASP A 51 -9.89 3.79 -2.34
N LYS A 52 -9.90 4.91 -1.65
CA LYS A 52 -9.58 6.21 -2.35
C LYS A 52 -8.08 6.30 -2.66
N THR A 53 -7.22 5.76 -1.81
CA THR A 53 -5.75 5.84 -2.11
C THR A 53 -5.31 4.65 -2.98
N THR A 54 -5.83 3.46 -2.73
CA THR A 54 -5.43 2.28 -3.57
C THR A 54 -5.69 2.56 -5.07
N ALA A 55 -6.75 3.26 -5.39
CA ALA A 55 -7.02 3.57 -6.84
C ALA A 55 -6.15 4.74 -7.32
N ALA A 56 -5.94 5.74 -6.48
CA ALA A 56 -5.08 6.90 -6.91
C ALA A 56 -3.63 6.66 -6.47
N PHE A 57 -3.02 5.60 -6.93
CA PHE A 57 -1.60 5.31 -6.54
C PHE A 57 -0.64 5.92 -7.56
N GLN A 58 -0.94 5.81 -8.84
CA GLN A 58 -0.04 6.38 -9.88
C GLN A 58 -0.85 7.04 -11.00
N GLN A 59 -1.92 7.73 -10.66
CA GLN A 59 -2.76 8.40 -11.71
C GLN A 59 -3.32 9.73 -11.19
N GLY A 60 -2.55 10.79 -11.22
CA GLY A 60 -3.06 12.11 -10.73
C GLY A 60 -2.64 13.22 -11.70
N LYS A 61 -2.79 13.00 -12.99
CA LYS A 61 -2.41 14.04 -13.98
C LYS A 61 -3.40 14.07 -15.14
ZN ZN B . 3.29 -3.35 0.63
N MET A 1 20.94 5.20 -5.95
CA MET A 1 20.31 4.32 -4.91
C MET A 1 18.78 4.44 -4.98
N PRO A 2 18.19 3.91 -6.03
CA PRO A 2 16.72 3.97 -6.19
C PRO A 2 16.04 3.02 -5.19
N LYS A 3 15.48 3.55 -4.11
CA LYS A 3 14.81 2.67 -3.11
C LYS A 3 13.37 3.17 -2.85
N PHE A 4 12.44 2.26 -2.62
CA PHE A 4 11.03 2.70 -2.35
C PHE A 4 10.61 2.30 -0.93
N TYR A 5 9.56 2.91 -0.39
CA TYR A 5 9.12 2.57 0.99
C TYR A 5 7.59 2.34 1.02
N CYS A 6 7.13 1.31 1.69
CA CYS A 6 5.66 1.06 1.75
C CYS A 6 5.16 1.21 3.20
N ASP A 7 4.61 2.36 3.56
CA ASP A 7 4.12 2.54 4.98
C ASP A 7 3.17 1.39 5.37
N TYR A 8 2.37 0.88 4.44
CA TYR A 8 1.45 -0.26 4.79
C TYR A 8 2.28 -1.50 5.21
N CYS A 9 3.47 -1.68 4.66
CA CYS A 9 4.30 -2.87 5.04
C CYS A 9 5.39 -2.52 6.08
N ASP A 10 5.61 -1.25 6.39
CA ASP A 10 6.67 -0.89 7.39
C ASP A 10 8.03 -1.50 6.97
N THR A 11 8.36 -1.43 5.70
CA THR A 11 9.65 -2.00 5.23
C THR A 11 10.24 -1.15 4.08
N TYR A 12 11.44 -1.42 3.66
CA TYR A 12 12.05 -0.61 2.56
C TYR A 12 12.36 -1.51 1.35
N LEU A 13 11.93 -1.12 0.16
CA LEU A 13 12.21 -1.96 -1.05
C LEU A 13 13.59 -1.61 -1.63
N THR A 14 14.09 -2.39 -2.56
CA THR A 14 15.44 -2.08 -3.14
C THR A 14 15.33 -1.29 -4.47
N HIS A 15 14.21 -1.36 -5.17
CA HIS A 15 14.08 -0.60 -6.44
C HIS A 15 12.88 0.37 -6.37
N ASP A 16 12.97 1.51 -7.02
CA ASP A 16 11.84 2.48 -6.99
C ASP A 16 11.43 2.86 -8.42
N SER A 17 10.46 2.18 -8.99
CA SER A 17 10.03 2.51 -10.39
C SER A 17 8.53 2.23 -10.56
N PRO A 18 8.02 2.49 -11.74
CA PRO A 18 6.57 2.24 -11.99
C PRO A 18 6.27 0.73 -12.06
N SER A 19 7.21 -0.08 -12.52
CA SER A 19 6.94 -1.56 -12.58
C SER A 19 7.28 -2.20 -11.22
N VAL A 20 8.35 -1.79 -10.59
CA VAL A 20 8.71 -2.40 -9.25
C VAL A 20 7.62 -2.06 -8.22
N ARG A 21 7.20 -0.81 -8.15
CA ARG A 21 6.13 -0.44 -7.14
C ARG A 21 4.87 -1.30 -7.40
N LYS A 22 4.38 -1.32 -8.63
CA LYS A 22 3.17 -2.17 -8.91
C LYS A 22 3.51 -3.65 -8.61
N THR A 23 4.70 -4.09 -8.96
CA THR A 23 5.09 -5.52 -8.64
C THR A 23 4.91 -5.75 -7.13
N HIS A 24 5.33 -4.81 -6.31
CA HIS A 24 5.14 -4.97 -4.83
C HIS A 24 3.63 -5.04 -4.51
N CYS A 25 2.81 -4.28 -5.23
CA CYS A 25 1.34 -4.31 -4.96
C CYS A 25 0.64 -5.25 -5.96
N SER A 26 1.13 -6.47 -6.12
CA SER A 26 0.48 -7.41 -7.07
C SER A 26 -0.05 -8.65 -6.32
N GLY A 27 -0.58 -8.47 -5.12
CA GLY A 27 -1.10 -9.64 -4.37
C GLY A 27 -2.36 -9.23 -3.58
N ARG A 28 -3.44 -9.96 -3.71
CA ARG A 28 -4.69 -9.60 -2.94
C ARG A 28 -4.37 -9.49 -1.43
N LYS A 29 -3.39 -10.23 -0.94
CA LYS A 29 -3.06 -10.15 0.53
C LYS A 29 -2.67 -8.71 0.92
N HIS A 30 -1.99 -7.98 0.04
CA HIS A 30 -1.59 -6.56 0.39
C HIS A 30 -2.81 -5.77 0.88
N LYS A 31 -3.93 -5.84 0.19
CA LYS A 31 -5.14 -5.08 0.65
C LYS A 31 -5.53 -5.53 2.07
N GLU A 32 -5.72 -6.82 2.29
CA GLU A 32 -6.06 -7.30 3.68
C GLU A 32 -4.91 -6.92 4.63
N ASN A 33 -3.67 -7.03 4.19
CA ASN A 33 -2.52 -6.66 5.09
C ASN A 33 -2.67 -5.20 5.54
N VAL A 34 -3.12 -4.31 4.67
CA VAL A 34 -3.29 -2.87 5.10
C VAL A 34 -4.27 -2.78 6.29
N LYS A 35 -5.32 -3.58 6.31
CA LYS A 35 -6.28 -3.53 7.47
C LYS A 35 -5.51 -3.74 8.80
N ASP A 36 -4.56 -4.65 8.82
CA ASP A 36 -3.77 -4.86 10.09
C ASP A 36 -3.09 -3.55 10.53
N TYR A 37 -2.73 -2.68 9.59
CA TYR A 37 -2.07 -1.39 10.00
C TYR A 37 -3.06 -0.49 10.75
N TYR A 38 -4.23 -0.22 10.17
CA TYR A 38 -5.21 0.65 10.89
C TYR A 38 -6.30 -0.19 11.61
N GLN A 39 -6.04 -1.45 11.92
CA GLN A 39 -7.09 -2.27 12.63
C GLN A 39 -7.40 -1.65 14.01
N LYS A 40 -6.40 -1.15 14.70
CA LYS A 40 -6.65 -0.54 16.05
C LYS A 40 -6.36 0.97 16.02
N TRP A 41 -6.61 1.63 14.91
CA TRP A 41 -6.35 3.11 14.84
C TRP A 41 -7.62 3.90 15.22
N MET A 42 -8.78 3.46 14.77
CA MET A 42 -10.04 4.20 15.12
C MET A 42 -11.24 3.23 15.14
N GLU A 43 -11.58 2.64 14.02
CA GLU A 43 -12.75 1.71 14.00
C GLU A 43 -12.32 0.31 13.51
N GLU A 44 -13.26 -0.59 13.30
CA GLU A 44 -12.89 -1.97 12.83
C GLU A 44 -13.05 -2.10 11.31
N GLN A 45 -14.07 -1.48 10.74
CA GLN A 45 -14.26 -1.57 9.25
C GLN A 45 -13.86 -0.26 8.58
N ALA A 46 -12.62 -0.14 8.14
CA ALA A 46 -12.19 1.13 7.47
C ALA A 46 -11.52 0.81 6.12
N GLN A 47 -12.30 0.47 5.12
CA GLN A 47 -11.69 0.15 3.78
C GLN A 47 -12.09 1.22 2.74
N SER A 48 -12.19 2.47 3.16
CA SER A 48 -12.55 3.55 2.19
C SER A 48 -11.34 4.46 1.96
N LEU A 49 -10.77 5.01 3.02
CA LEU A 49 -9.57 5.90 2.84
C LEU A 49 -8.37 5.13 2.22
N ILE A 50 -8.36 3.80 2.31
CA ILE A 50 -7.20 3.03 1.70
C ILE A 50 -7.30 3.07 0.17
N ASP A 51 -8.49 2.84 -0.38
CA ASP A 51 -8.62 2.86 -1.89
C ASP A 51 -8.29 4.27 -2.42
N LYS A 52 -8.86 5.30 -1.84
CA LYS A 52 -8.55 6.70 -2.34
C LYS A 52 -7.04 6.97 -2.31
N THR A 53 -6.31 6.42 -1.34
CA THR A 53 -4.84 6.67 -1.28
C THR A 53 -4.08 5.60 -2.10
N THR A 54 -4.53 4.36 -2.08
CA THR A 54 -3.82 3.29 -2.87
C THR A 54 -4.11 3.45 -4.38
N ALA A 55 -5.30 3.87 -4.76
CA ALA A 55 -5.61 4.04 -6.22
C ALA A 55 -5.20 5.45 -6.70
N ALA A 56 -5.33 6.46 -5.87
CA ALA A 56 -4.93 7.85 -6.32
C ALA A 56 -3.52 8.20 -5.83
N PHE A 57 -2.60 7.27 -5.80
CA PHE A 57 -1.20 7.59 -5.34
C PHE A 57 -0.34 8.00 -6.54
N GLN A 58 -0.40 7.27 -7.62
CA GLN A 58 0.43 7.62 -8.82
C GLN A 58 -0.46 7.70 -10.08
N GLN A 59 -1.25 8.74 -10.21
CA GLN A 59 -2.13 8.86 -11.42
C GLN A 59 -1.74 10.11 -12.23
N GLY A 60 -1.79 11.28 -11.64
CA GLY A 60 -1.41 12.52 -12.39
C GLY A 60 -0.21 13.18 -11.72
N LYS A 61 -0.42 14.26 -10.99
CA LYS A 61 0.72 14.95 -10.31
C LYS A 61 0.38 15.22 -8.85
ZN ZN B . 3.43 -3.02 0.81
N MET A 1 20.75 6.00 -6.28
CA MET A 1 19.88 4.79 -6.15
C MET A 1 18.60 5.13 -5.37
N PRO A 2 17.54 5.43 -6.10
CA PRO A 2 16.26 5.77 -5.43
C PRO A 2 15.62 4.51 -4.83
N LYS A 3 14.89 4.64 -3.73
CA LYS A 3 14.25 3.45 -3.11
C LYS A 3 12.80 3.77 -2.71
N PHE A 4 11.94 2.78 -2.59
CA PHE A 4 10.52 3.06 -2.22
C PHE A 4 10.23 2.54 -0.80
N TYR A 5 9.17 3.00 -0.16
CA TYR A 5 8.85 2.53 1.22
C TYR A 5 7.35 2.19 1.32
N CYS A 6 7.00 1.06 1.91
CA CYS A 6 5.56 0.69 2.04
C CYS A 6 5.14 0.70 3.51
N ASP A 7 4.56 1.78 3.99
CA ASP A 7 4.13 1.83 5.45
C ASP A 7 3.22 0.62 5.77
N TYR A 8 2.39 0.19 4.84
CA TYR A 8 1.50 -0.99 5.13
C TYR A 8 2.37 -2.24 5.41
N CYS A 9 3.53 -2.36 4.79
CA CYS A 9 4.40 -3.55 5.05
C CYS A 9 5.49 -3.27 6.11
N ASP A 10 5.64 -2.04 6.59
CA ASP A 10 6.70 -1.75 7.61
C ASP A 10 8.08 -2.21 7.09
N THR A 11 8.37 -2.00 5.82
CA THR A 11 9.69 -2.43 5.27
C THR A 11 10.16 -1.40 4.22
N TYR A 12 11.38 -1.53 3.75
CA TYR A 12 11.90 -0.57 2.74
C TYR A 12 12.21 -1.27 1.41
N LEU A 13 11.88 -0.67 0.28
CA LEU A 13 12.17 -1.32 -1.03
C LEU A 13 13.48 -0.76 -1.61
N THR A 14 14.02 -1.37 -2.64
CA THR A 14 15.31 -0.85 -3.23
C THR A 14 15.05 0.01 -4.49
N HIS A 15 14.00 -0.25 -5.25
CA HIS A 15 13.75 0.57 -6.47
C HIS A 15 12.48 1.43 -6.29
N ASP A 16 12.45 2.60 -6.91
CA ASP A 16 11.25 3.48 -6.76
C ASP A 16 10.73 3.87 -8.16
N SER A 17 9.78 3.14 -8.70
CA SER A 17 9.25 3.49 -10.05
C SER A 17 7.78 3.05 -10.18
N PRO A 18 7.18 3.31 -11.33
CA PRO A 18 5.76 2.93 -11.53
C PRO A 18 5.63 1.41 -11.67
N SER A 19 6.61 0.73 -12.25
CA SER A 19 6.51 -0.77 -12.39
C SER A 19 6.96 -1.45 -11.09
N VAL A 20 7.99 -0.93 -10.42
CA VAL A 20 8.44 -1.58 -9.14
C VAL A 20 7.32 -1.46 -8.09
N ARG A 21 6.74 -0.29 -7.92
CA ARG A 21 5.63 -0.16 -6.89
C ARG A 21 4.51 -1.14 -7.22
N LYS A 22 4.04 -1.17 -8.45
CA LYS A 22 2.95 -2.15 -8.81
C LYS A 22 3.49 -3.57 -8.61
N THR A 23 4.73 -3.83 -9.00
CA THR A 23 5.31 -5.21 -8.79
C THR A 23 5.19 -5.56 -7.29
N HIS A 24 5.51 -4.62 -6.42
CA HIS A 24 5.36 -4.89 -4.94
C HIS A 24 3.87 -5.16 -4.63
N CYS A 25 2.97 -4.41 -5.25
CA CYS A 25 1.52 -4.63 -4.97
C CYS A 25 0.92 -5.62 -5.99
N SER A 26 1.48 -6.81 -6.09
CA SER A 26 0.93 -7.81 -7.06
C SER A 26 0.44 -9.06 -6.32
N GLY A 27 -0.15 -8.90 -5.15
CA GLY A 27 -0.65 -10.08 -4.40
C GLY A 27 -1.96 -9.74 -3.67
N ARG A 28 -3.00 -10.52 -3.84
CA ARG A 28 -4.29 -10.21 -3.13
C ARG A 28 -4.06 -10.08 -1.61
N LYS A 29 -3.06 -10.76 -1.06
CA LYS A 29 -2.81 -10.65 0.42
C LYS A 29 -2.48 -9.19 0.81
N HIS A 30 -1.79 -8.46 -0.04
CA HIS A 30 -1.44 -7.02 0.31
C HIS A 30 -2.71 -6.26 0.76
N LYS A 31 -3.83 -6.46 0.09
CA LYS A 31 -5.08 -5.73 0.51
C LYS A 31 -5.44 -6.16 1.93
N GLU A 32 -5.61 -7.45 2.17
CA GLU A 32 -5.95 -7.91 3.57
C GLU A 32 -4.84 -7.46 4.53
N ASN A 33 -3.58 -7.54 4.10
CA ASN A 33 -2.45 -7.10 5.01
C ASN A 33 -2.67 -5.64 5.45
N VAL A 34 -3.17 -4.78 4.57
CA VAL A 34 -3.39 -3.35 4.99
C VAL A 34 -4.48 -3.29 6.08
N LYS A 35 -5.52 -4.10 5.99
CA LYS A 35 -6.59 -4.07 7.06
C LYS A 35 -5.94 -4.39 8.41
N ASP A 36 -5.07 -5.37 8.47
CA ASP A 36 -4.39 -5.70 9.78
C ASP A 36 -3.63 -4.47 10.31
N TYR A 37 -3.13 -3.60 9.44
CA TYR A 37 -2.39 -2.39 9.96
C TYR A 37 -3.36 -1.41 10.63
N TYR A 38 -4.43 -1.03 9.95
CA TYR A 38 -5.41 -0.07 10.58
C TYR A 38 -6.63 -0.82 11.15
N GLN A 39 -6.47 -2.03 11.66
CA GLN A 39 -7.65 -2.76 12.25
C GLN A 39 -7.97 -2.21 13.65
N LYS A 40 -6.96 -1.91 14.45
CA LYS A 40 -7.22 -1.37 15.81
C LYS A 40 -6.66 0.06 15.98
N TRP A 41 -6.45 0.79 14.90
CA TRP A 41 -5.90 2.19 15.04
C TRP A 41 -6.81 3.04 15.95
N MET A 42 -8.08 3.14 15.63
CA MET A 42 -9.02 3.94 16.48
C MET A 42 -10.43 3.36 16.43
N GLU A 43 -11.06 3.34 15.28
CA GLU A 43 -12.44 2.79 15.19
C GLU A 43 -12.48 1.66 14.15
N GLU A 44 -13.66 1.15 13.81
CA GLU A 44 -13.74 0.05 12.81
C GLU A 44 -14.39 0.57 11.51
N GLN A 45 -14.07 1.77 11.09
CA GLN A 45 -14.67 2.32 9.84
C GLN A 45 -13.66 3.20 9.09
N ALA A 46 -12.67 2.61 8.45
CA ALA A 46 -11.66 3.43 7.71
C ALA A 46 -11.22 2.72 6.43
N GLN A 47 -12.08 2.65 5.44
CA GLN A 47 -11.70 1.98 4.16
C GLN A 47 -11.73 2.97 2.99
N SER A 48 -11.39 4.22 3.22
CA SER A 48 -11.40 5.22 2.10
C SER A 48 -9.96 5.58 1.71
N LEU A 49 -9.13 5.96 2.66
CA LEU A 49 -7.70 6.30 2.33
C LEU A 49 -6.95 5.08 1.74
N ILE A 50 -7.42 3.87 1.96
CA ILE A 50 -6.70 2.68 1.37
C ILE A 50 -7.02 2.57 -0.13
N ASP A 51 -8.29 2.58 -0.51
CA ASP A 51 -8.64 2.48 -1.96
C ASP A 51 -7.99 3.64 -2.74
N LYS A 52 -7.98 4.84 -2.18
CA LYS A 52 -7.35 6.00 -2.92
C LYS A 52 -5.90 5.69 -3.31
N THR A 53 -5.16 4.97 -2.47
CA THR A 53 -3.73 4.65 -2.83
C THR A 53 -3.67 3.30 -3.57
N THR A 54 -4.35 2.28 -3.07
CA THR A 54 -4.31 0.95 -3.77
C THR A 54 -4.89 1.08 -5.19
N ALA A 55 -5.95 1.84 -5.36
CA ALA A 55 -6.55 1.98 -6.74
C ALA A 55 -5.50 2.56 -7.71
N ALA A 56 -4.77 3.58 -7.31
CA ALA A 56 -3.74 4.17 -8.24
C ALA A 56 -2.71 3.10 -8.67
N PHE A 57 -2.35 2.19 -7.77
CA PHE A 57 -1.34 1.14 -8.16
C PHE A 57 -1.86 0.31 -9.36
N GLN A 58 -3.15 0.01 -9.40
CA GLN A 58 -3.69 -0.80 -10.53
C GLN A 58 -4.94 -0.13 -11.12
N GLN A 59 -5.97 0.08 -10.33
CA GLN A 59 -7.22 0.72 -10.86
C GLN A 59 -7.78 -0.08 -12.05
N GLY A 60 -7.81 -1.39 -11.95
CA GLY A 60 -8.34 -2.21 -13.08
C GLY A 60 -9.36 -3.22 -12.55
N LYS A 61 -10.24 -2.80 -11.65
CA LYS A 61 -11.28 -3.75 -11.10
C LYS A 61 -10.60 -5.00 -10.52
ZN ZN B . 3.52 -3.41 0.81
N MET A 1 20.45 5.15 -3.63
CA MET A 1 19.74 6.46 -3.46
C MET A 1 18.25 6.34 -3.82
N PRO A 2 17.96 5.79 -4.99
CA PRO A 2 16.55 5.64 -5.42
C PRO A 2 15.92 4.42 -4.73
N LYS A 3 15.10 4.63 -3.71
CA LYS A 3 14.46 3.48 -3.01
C LYS A 3 12.99 3.80 -2.71
N PHE A 4 12.16 2.80 -2.51
CA PHE A 4 10.72 3.06 -2.21
C PHE A 4 10.37 2.57 -0.79
N TYR A 5 9.27 3.03 -0.22
CA TYR A 5 8.89 2.60 1.15
C TYR A 5 7.38 2.27 1.21
N CYS A 6 7.01 1.15 1.78
CA CYS A 6 5.54 0.81 1.87
C CYS A 6 5.08 0.85 3.33
N ASP A 7 4.54 1.96 3.79
CA ASP A 7 4.07 2.04 5.22
C ASP A 7 3.13 0.86 5.55
N TYR A 8 2.31 0.44 4.61
CA TYR A 8 1.39 -0.72 4.88
C TYR A 8 2.22 -1.99 5.21
N CYS A 9 3.39 -2.14 4.62
CA CYS A 9 4.22 -3.36 4.92
C CYS A 9 5.31 -3.07 5.99
N ASP A 10 5.46 -1.84 6.47
CA ASP A 10 6.52 -1.56 7.50
C ASP A 10 7.89 -2.05 7.01
N THR A 11 8.19 -1.90 5.74
CA THR A 11 9.52 -2.35 5.22
C THR A 11 10.06 -1.34 4.21
N TYR A 12 11.30 -1.47 3.79
CA TYR A 12 11.87 -0.50 2.81
C TYR A 12 12.28 -1.22 1.51
N LEU A 13 11.98 -0.64 0.36
CA LEU A 13 12.38 -1.30 -0.93
C LEU A 13 13.72 -0.72 -1.41
N THR A 14 14.40 -1.38 -2.33
CA THR A 14 15.72 -0.85 -2.81
C THR A 14 15.58 -0.11 -4.16
N HIS A 15 14.66 -0.52 -5.02
CA HIS A 15 14.51 0.18 -6.33
C HIS A 15 13.16 0.88 -6.41
N ASP A 16 13.12 2.14 -6.83
CA ASP A 16 11.81 2.86 -6.92
C ASP A 16 11.48 3.14 -8.40
N SER A 17 10.69 2.29 -9.03
CA SER A 17 10.34 2.52 -10.46
C SER A 17 8.87 2.13 -10.71
N PRO A 18 8.42 2.30 -11.94
CA PRO A 18 7.02 1.95 -12.27
C PRO A 18 6.80 0.42 -12.25
N SER A 19 7.82 -0.37 -12.53
CA SER A 19 7.62 -1.86 -12.52
C SER A 19 7.93 -2.41 -11.11
N VAL A 20 8.98 -1.95 -10.47
CA VAL A 20 9.30 -2.46 -9.09
C VAL A 20 8.13 -2.16 -8.14
N ARG A 21 7.67 -0.92 -8.08
CA ARG A 21 6.52 -0.60 -7.16
C ARG A 21 5.32 -1.48 -7.50
N LYS A 22 4.92 -1.55 -8.76
CA LYS A 22 3.76 -2.44 -9.12
C LYS A 22 4.12 -3.89 -8.78
N THR A 23 5.35 -4.31 -9.04
CA THR A 23 5.76 -5.73 -8.68
C THR A 23 5.48 -5.94 -7.19
N HIS A 24 5.82 -4.98 -6.35
CA HIS A 24 5.52 -5.11 -4.89
C HIS A 24 3.99 -5.18 -4.70
N CYS A 25 3.24 -4.39 -5.44
CA CYS A 25 1.75 -4.42 -5.30
C CYS A 25 1.12 -5.33 -6.36
N SER A 26 1.59 -6.57 -6.46
CA SER A 26 1.00 -7.50 -7.47
C SER A 26 0.37 -8.71 -6.79
N GLY A 27 -0.27 -8.52 -5.65
CA GLY A 27 -0.91 -9.67 -4.94
C GLY A 27 -2.18 -9.21 -4.22
N ARG A 28 -3.30 -9.86 -4.45
CA ARG A 28 -4.57 -9.45 -3.74
C ARG A 28 -4.33 -9.43 -2.21
N LYS A 29 -3.43 -10.26 -1.70
CA LYS A 29 -3.18 -10.25 -0.21
C LYS A 29 -2.75 -8.85 0.26
N HIS A 30 -2.03 -8.10 -0.55
CA HIS A 30 -1.57 -6.72 -0.10
C HIS A 30 -2.77 -5.92 0.43
N LYS A 31 -3.93 -6.02 -0.18
CA LYS A 31 -5.12 -5.26 0.33
C LYS A 31 -5.46 -5.74 1.74
N GLU A 32 -5.66 -7.03 1.93
CA GLU A 32 -5.96 -7.54 3.31
C GLU A 32 -4.78 -7.20 4.24
N ASN A 33 -3.55 -7.30 3.76
CA ASN A 33 -2.37 -6.97 4.63
C ASN A 33 -2.50 -5.52 5.16
N VAL A 34 -3.00 -4.60 4.36
CA VAL A 34 -3.15 -3.18 4.85
C VAL A 34 -4.06 -3.16 6.09
N LYS A 35 -5.10 -3.97 6.13
CA LYS A 35 -6.02 -3.98 7.34
C LYS A 35 -5.19 -4.19 8.62
N ASP A 36 -4.20 -5.06 8.58
CA ASP A 36 -3.35 -5.27 9.80
C ASP A 36 -2.69 -3.94 10.25
N TYR A 37 -2.40 -3.04 9.31
CA TYR A 37 -1.76 -1.74 9.73
C TYR A 37 -2.77 -0.89 10.54
N TYR A 38 -3.95 -0.66 10.01
CA TYR A 38 -4.97 0.15 10.77
C TYR A 38 -6.01 -0.76 11.45
N GLN A 39 -5.62 -1.95 11.89
CA GLN A 39 -6.62 -2.84 12.58
C GLN A 39 -6.92 -2.31 14.00
N LYS A 40 -5.92 -1.82 14.69
CA LYS A 40 -6.17 -1.28 16.08
C LYS A 40 -6.01 0.25 16.09
N TRP A 41 -6.33 0.92 15.01
CA TRP A 41 -6.19 2.41 14.97
C TRP A 41 -7.58 3.07 15.03
N MET A 42 -8.46 2.77 14.09
CA MET A 42 -9.82 3.39 14.11
C MET A 42 -10.87 2.34 13.72
N GLU A 43 -11.01 1.28 14.51
CA GLU A 43 -12.03 0.21 14.18
C GLU A 43 -13.38 0.80 13.75
N GLU A 44 -13.77 1.93 14.32
CA GLU A 44 -15.09 2.55 13.91
C GLU A 44 -14.89 3.35 12.61
N GLN A 45 -15.71 3.13 11.60
CA GLN A 45 -15.55 3.87 10.31
C GLN A 45 -14.13 3.69 9.77
N ALA A 46 -13.80 2.50 9.28
CA ALA A 46 -12.43 2.25 8.75
C ALA A 46 -12.51 1.59 7.37
N GLN A 47 -11.37 1.20 6.82
CA GLN A 47 -11.37 0.55 5.46
C GLN A 47 -12.02 1.47 4.42
N SER A 48 -11.88 2.77 4.55
CA SER A 48 -12.49 3.71 3.55
C SER A 48 -11.38 4.46 2.82
N LEU A 49 -10.52 5.16 3.55
CA LEU A 49 -9.41 5.91 2.87
C LEU A 49 -8.50 4.95 2.07
N ILE A 50 -8.46 3.67 2.40
CA ILE A 50 -7.58 2.73 1.61
C ILE A 50 -8.08 2.67 0.15
N ASP A 51 -9.38 2.59 -0.05
CA ASP A 51 -9.91 2.54 -1.46
C ASP A 51 -9.45 3.78 -2.26
N LYS A 52 -9.39 4.93 -1.63
CA LYS A 52 -8.94 6.16 -2.38
C LYS A 52 -7.42 6.10 -2.67
N THR A 53 -6.64 5.53 -1.77
CA THR A 53 -5.15 5.46 -2.03
C THR A 53 -4.83 4.23 -2.90
N THR A 54 -5.47 3.11 -2.66
CA THR A 54 -5.18 1.89 -3.51
C THR A 54 -5.49 2.19 -4.99
N ALA A 55 -6.53 2.93 -5.27
CA ALA A 55 -6.86 3.25 -6.72
C ALA A 55 -6.00 4.44 -7.19
N ALA A 56 -5.83 5.45 -6.36
CA ALA A 56 -4.99 6.63 -6.79
C ALA A 56 -3.59 6.18 -7.24
N PHE A 57 -3.03 5.15 -6.60
CA PHE A 57 -1.66 4.68 -7.01
C PHE A 57 -1.73 3.56 -8.08
N GLN A 58 -2.88 3.30 -8.68
CA GLN A 58 -2.96 2.22 -9.70
C GLN A 58 -3.27 2.82 -11.09
N GLN A 59 -4.35 3.57 -11.20
CA GLN A 59 -4.69 4.18 -12.53
C GLN A 59 -4.60 5.71 -12.45
N GLY A 60 -5.33 6.33 -11.54
CA GLY A 60 -5.28 7.81 -11.42
C GLY A 60 -6.70 8.38 -11.50
N LYS A 61 -7.38 8.20 -12.62
CA LYS A 61 -8.76 8.74 -12.75
C LYS A 61 -9.76 7.59 -12.94
ZN ZN B . 3.45 -3.27 0.66
N MET A 1 15.23 11.03 -2.39
CA MET A 1 14.85 9.87 -1.53
C MET A 1 14.99 8.56 -2.32
N PRO A 2 16.12 7.90 -2.16
CA PRO A 2 16.34 6.63 -2.88
C PRO A 2 15.49 5.50 -2.28
N LYS A 3 15.44 4.34 -2.91
CA LYS A 3 14.62 3.20 -2.37
C LYS A 3 13.16 3.63 -2.16
N PHE A 4 12.27 2.69 -1.88
CA PHE A 4 10.83 3.04 -1.68
C PHE A 4 10.35 2.51 -0.32
N TYR A 5 9.24 3.02 0.18
CA TYR A 5 8.73 2.53 1.50
C TYR A 5 7.22 2.21 1.41
N CYS A 6 6.80 1.10 1.97
CA CYS A 6 5.34 0.76 1.92
C CYS A 6 4.74 0.80 3.34
N ASP A 7 4.14 1.91 3.72
CA ASP A 7 3.55 2.01 5.12
C ASP A 7 2.63 0.80 5.40
N TYR A 8 1.92 0.31 4.40
CA TYR A 8 1.03 -0.89 4.64
C TYR A 8 1.88 -2.11 5.05
N CYS A 9 3.11 -2.22 4.56
CA CYS A 9 3.97 -3.39 4.94
C CYS A 9 4.98 -3.04 6.06
N ASP A 10 5.13 -1.78 6.43
CA ASP A 10 6.12 -1.42 7.51
C ASP A 10 7.52 -1.93 7.13
N THR A 11 7.90 -1.80 5.87
CA THR A 11 9.25 -2.27 5.44
C THR A 11 9.83 -1.29 4.41
N TYR A 12 11.08 -1.49 4.01
CA TYR A 12 11.69 -0.56 3.02
C TYR A 12 12.14 -1.33 1.76
N LEU A 13 11.79 -0.86 0.58
CA LEU A 13 12.20 -1.57 -0.67
C LEU A 13 13.58 -1.05 -1.12
N THR A 14 14.19 -1.67 -2.10
CA THR A 14 15.54 -1.19 -2.56
C THR A 14 15.42 -0.29 -3.82
N HIS A 15 14.45 -0.52 -4.67
CA HIS A 15 14.32 0.35 -5.90
C HIS A 15 12.94 1.02 -5.92
N ASP A 16 12.89 2.31 -6.22
CA ASP A 16 11.57 3.01 -6.26
C ASP A 16 11.25 3.44 -7.69
N SER A 17 10.47 2.66 -8.41
CA SER A 17 10.13 3.03 -9.82
C SER A 17 8.68 2.61 -10.14
N PRO A 18 8.25 2.89 -11.35
CA PRO A 18 6.86 2.53 -11.75
C PRO A 18 6.72 1.00 -11.91
N SER A 19 7.76 0.30 -12.31
CA SER A 19 7.65 -1.19 -12.46
C SER A 19 7.94 -1.88 -11.11
N VAL A 20 8.89 -1.39 -10.35
CA VAL A 20 9.19 -2.04 -9.03
C VAL A 20 8.00 -1.83 -8.06
N ARG A 21 7.48 -0.62 -7.96
CA ARG A 21 6.32 -0.38 -7.04
C ARG A 21 5.16 -1.32 -7.39
N LYS A 22 4.75 -1.34 -8.65
CA LYS A 22 3.63 -2.28 -9.04
C LYS A 22 4.06 -3.72 -8.76
N THR A 23 5.32 -4.07 -9.04
CA THR A 23 5.79 -5.47 -8.74
C THR A 23 5.54 -5.77 -7.26
N HIS A 24 5.84 -4.82 -6.38
CA HIS A 24 5.56 -5.04 -4.92
C HIS A 24 4.04 -5.23 -4.72
N CYS A 25 3.22 -4.49 -5.44
CA CYS A 25 1.74 -4.64 -5.28
C CYS A 25 1.18 -5.61 -6.33
N SER A 26 1.73 -6.80 -6.43
CA SER A 26 1.21 -7.77 -7.43
C SER A 26 0.66 -9.02 -6.71
N GLY A 27 -0.01 -8.84 -5.60
CA GLY A 27 -0.55 -10.02 -4.85
C GLY A 27 -2.01 -9.76 -4.46
N ARG A 28 -2.77 -10.80 -4.18
CA ARG A 28 -4.20 -10.60 -3.76
C ARG A 28 -4.31 -10.39 -2.24
N LYS A 29 -3.25 -10.64 -1.47
CA LYS A 29 -3.33 -10.45 0.01
C LYS A 29 -2.91 -9.01 0.41
N HIS A 30 -2.10 -8.33 -0.39
CA HIS A 30 -1.66 -6.92 -0.01
C HIS A 30 -2.88 -6.07 0.40
N LYS A 31 -4.00 -6.21 -0.27
CA LYS A 31 -5.21 -5.40 0.13
C LYS A 31 -5.65 -5.82 1.53
N GLU A 32 -5.89 -7.11 1.76
CA GLU A 32 -6.29 -7.56 3.14
C GLU A 32 -5.17 -7.21 4.12
N ASN A 33 -3.92 -7.39 3.73
CA ASN A 33 -2.78 -7.05 4.65
C ASN A 33 -2.88 -5.58 5.10
N VAL A 34 -3.30 -4.68 4.22
CA VAL A 34 -3.42 -3.24 4.64
C VAL A 34 -4.33 -3.11 5.87
N LYS A 35 -5.39 -3.88 5.96
CA LYS A 35 -6.29 -3.78 7.17
C LYS A 35 -5.47 -4.09 8.43
N ASP A 36 -4.63 -5.10 8.39
CA ASP A 36 -3.79 -5.41 9.60
C ASP A 36 -2.91 -4.20 9.97
N TYR A 37 -2.57 -3.33 9.02
CA TYR A 37 -1.71 -2.14 9.38
C TYR A 37 -2.54 -1.10 10.14
N TYR A 38 -3.69 -0.69 9.62
CA TYR A 38 -4.50 0.33 10.34
C TYR A 38 -5.66 -0.33 11.13
N GLN A 39 -5.48 -1.53 11.63
CA GLN A 39 -6.60 -2.18 12.41
C GLN A 39 -6.69 -1.57 13.82
N LYS A 40 -5.56 -1.31 14.44
CA LYS A 40 -5.61 -0.68 15.82
C LYS A 40 -5.73 0.84 15.71
N TRP A 41 -5.17 1.46 14.67
CA TRP A 41 -5.27 2.96 14.53
C TRP A 41 -6.72 3.43 14.68
N MET A 42 -7.67 2.76 14.04
CA MET A 42 -9.10 3.19 14.16
C MET A 42 -9.91 2.10 14.87
N GLU A 43 -9.90 0.88 14.37
CA GLU A 43 -10.69 -0.23 15.02
C GLU A 43 -12.16 0.19 15.19
N GLU A 44 -12.73 0.88 14.21
CA GLU A 44 -14.16 1.29 14.33
C GLU A 44 -14.76 1.56 12.94
N GLN A 45 -14.17 2.46 12.16
CA GLN A 45 -14.72 2.76 10.80
C GLN A 45 -13.69 3.51 9.95
N ALA A 46 -12.77 2.80 9.32
CA ALA A 46 -11.74 3.49 8.48
C ALA A 46 -11.50 2.70 7.18
N GLN A 47 -12.44 2.71 6.26
CA GLN A 47 -12.25 1.97 4.98
C GLN A 47 -12.46 2.90 3.78
N SER A 48 -12.04 4.15 3.89
CA SER A 48 -12.22 5.10 2.74
C SER A 48 -10.85 5.46 2.14
N LEU A 49 -9.92 5.92 2.96
CA LEU A 49 -8.55 6.27 2.42
C LEU A 49 -7.85 5.04 1.79
N ILE A 50 -8.25 3.82 2.14
CA ILE A 50 -7.58 2.62 1.51
C ILE A 50 -8.02 2.49 0.04
N ASP A 51 -9.31 2.53 -0.24
CA ASP A 51 -9.77 2.42 -1.67
C ASP A 51 -9.29 3.63 -2.47
N LYS A 52 -9.31 4.82 -1.89
CA LYS A 52 -8.84 6.03 -2.65
C LYS A 52 -7.40 5.84 -3.17
N THR A 53 -6.56 5.13 -2.44
CA THR A 53 -5.15 4.91 -2.91
C THR A 53 -5.05 3.64 -3.77
N THR A 54 -5.80 2.61 -3.46
CA THR A 54 -5.73 1.35 -4.28
C THR A 54 -6.57 1.51 -5.57
N ALA A 55 -7.71 2.16 -5.49
CA ALA A 55 -8.56 2.33 -6.72
C ALA A 55 -7.97 3.45 -7.60
N ALA A 56 -7.50 4.53 -7.00
CA ALA A 56 -6.91 5.66 -7.82
C ALA A 56 -5.86 5.12 -8.83
N PHE A 57 -5.16 4.06 -8.50
CA PHE A 57 -4.13 3.52 -9.46
C PHE A 57 -4.80 2.62 -10.50
N GLN A 58 -5.78 1.82 -10.11
CA GLN A 58 -6.46 0.93 -11.10
C GLN A 58 -7.98 0.92 -10.86
N GLN A 59 -8.69 1.95 -11.30
CA GLN A 59 -10.17 1.99 -11.09
C GLN A 59 -10.83 3.04 -12.00
N GLY A 60 -10.41 3.12 -13.25
CA GLY A 60 -11.02 4.13 -14.18
C GLY A 60 -9.91 4.80 -15.00
N LYS A 61 -8.98 5.48 -14.36
CA LYS A 61 -7.88 6.15 -15.12
C LYS A 61 -6.53 5.57 -14.72
ZN ZN B . 3.36 -3.39 0.66
N MET A 1 19.83 7.56 -4.29
CA MET A 1 19.34 6.33 -3.62
C MET A 1 17.90 6.02 -4.06
N PRO A 2 17.76 5.35 -5.18
CA PRO A 2 16.40 5.01 -5.68
C PRO A 2 15.78 3.90 -4.82
N LYS A 3 15.03 4.25 -3.80
CA LYS A 3 14.39 3.21 -2.93
C LYS A 3 12.92 3.54 -2.68
N PHE A 4 12.07 2.55 -2.56
CA PHE A 4 10.61 2.84 -2.33
C PHE A 4 10.24 2.46 -0.88
N TYR A 5 9.13 2.97 -0.38
CA TYR A 5 8.71 2.65 1.02
C TYR A 5 7.21 2.32 1.06
N CYS A 6 6.80 1.30 1.79
CA CYS A 6 5.35 0.96 1.86
C CYS A 6 4.85 1.06 3.30
N ASP A 7 4.24 2.17 3.69
CA ASP A 7 3.73 2.28 5.10
C ASP A 7 2.82 1.10 5.45
N TYR A 8 2.03 0.62 4.50
CA TYR A 8 1.12 -0.55 4.79
C TYR A 8 1.97 -1.77 5.21
N CYS A 9 3.17 -1.93 4.66
CA CYS A 9 4.01 -3.11 5.04
C CYS A 9 5.05 -2.76 6.14
N ASP A 10 5.16 -1.51 6.57
CA ASP A 10 6.16 -1.15 7.62
C ASP A 10 7.57 -1.64 7.22
N THR A 11 7.93 -1.53 5.95
CA THR A 11 9.29 -1.98 5.51
C THR A 11 9.83 -1.03 4.44
N TYR A 12 11.09 -1.16 4.08
CA TYR A 12 11.67 -0.24 3.04
C TYR A 12 12.13 -1.05 1.82
N LEU A 13 11.81 -0.60 0.62
CA LEU A 13 12.25 -1.35 -0.60
C LEU A 13 13.62 -0.83 -1.05
N THR A 14 14.34 -1.58 -1.87
CA THR A 14 15.68 -1.10 -2.33
C THR A 14 15.62 -0.47 -3.75
N HIS A 15 14.62 -0.78 -4.55
CA HIS A 15 14.54 -0.19 -5.91
C HIS A 15 13.29 0.71 -6.02
N ASP A 16 13.37 1.82 -6.74
CA ASP A 16 12.19 2.71 -6.88
C ASP A 16 11.90 2.94 -8.37
N SER A 17 11.04 2.15 -8.97
CA SER A 17 10.73 2.33 -10.41
C SER A 17 9.23 2.04 -10.67
N PRO A 18 8.81 2.20 -11.90
CA PRO A 18 7.38 1.94 -12.24
C PRO A 18 7.06 0.43 -12.17
N SER A 19 8.03 -0.44 -12.42
CA SER A 19 7.74 -1.91 -12.36
C SER A 19 8.02 -2.45 -10.94
N VAL A 20 9.11 -2.02 -10.33
CA VAL A 20 9.42 -2.52 -8.94
C VAL A 20 8.27 -2.15 -7.99
N ARG A 21 7.89 -0.89 -7.92
CA ARG A 21 6.75 -0.51 -6.99
C ARG A 21 5.50 -1.33 -7.33
N LYS A 22 5.11 -1.37 -8.58
CA LYS A 22 3.89 -2.19 -8.95
C LYS A 22 4.18 -3.66 -8.62
N THR A 23 5.38 -4.15 -8.89
CA THR A 23 5.71 -5.58 -8.53
C THR A 23 5.41 -5.80 -7.05
N HIS A 24 5.78 -4.86 -6.19
CA HIS A 24 5.47 -5.00 -4.74
C HIS A 24 3.94 -5.02 -4.56
N CYS A 25 3.21 -4.23 -5.33
CA CYS A 25 1.72 -4.22 -5.19
C CYS A 25 1.07 -5.10 -6.27
N SER A 26 1.58 -6.29 -6.50
CA SER A 26 0.98 -7.18 -7.54
C SER A 26 0.44 -8.45 -6.90
N GLY A 27 -0.16 -8.36 -5.71
CA GLY A 27 -0.70 -9.57 -5.06
C GLY A 27 -2.03 -9.23 -4.36
N ARG A 28 -3.08 -9.98 -4.61
CA ARG A 28 -4.40 -9.69 -3.93
C ARG A 28 -4.21 -9.66 -2.39
N LYS A 29 -3.25 -10.38 -1.85
CA LYS A 29 -3.06 -10.37 -0.35
C LYS A 29 -2.70 -8.96 0.13
N HIS A 30 -1.97 -8.17 -0.64
CA HIS A 30 -1.61 -6.78 -0.17
C HIS A 30 -2.86 -6.02 0.31
N LYS A 31 -3.98 -6.17 -0.38
CA LYS A 31 -5.22 -5.45 0.07
C LYS A 31 -5.62 -5.96 1.47
N GLU A 32 -5.79 -7.26 1.62
CA GLU A 32 -6.15 -7.80 2.98
C GLU A 32 -5.04 -7.43 3.98
N ASN A 33 -3.79 -7.51 3.57
CA ASN A 33 -2.66 -7.15 4.50
C ASN A 33 -2.85 -5.72 5.02
N VAL A 34 -3.32 -4.80 4.18
CA VAL A 34 -3.52 -3.38 4.66
C VAL A 34 -4.47 -3.37 5.88
N LYS A 35 -5.46 -4.25 5.93
CA LYS A 35 -6.39 -4.25 7.12
C LYS A 35 -5.59 -4.35 8.43
N ASP A 36 -4.60 -5.22 8.47
CA ASP A 36 -3.77 -5.33 9.72
C ASP A 36 -3.11 -3.97 10.06
N TYR A 37 -2.84 -3.13 9.07
CA TYR A 37 -2.20 -1.81 9.39
C TYR A 37 -3.22 -0.85 10.01
N TYR A 38 -4.38 -0.67 9.39
CA TYR A 38 -5.40 0.26 9.99
C TYR A 38 -6.48 -0.51 10.76
N GLN A 39 -6.13 -1.60 11.42
CA GLN A 39 -7.17 -2.35 12.22
C GLN A 39 -7.18 -1.82 13.66
N LYS A 40 -6.03 -1.57 14.24
CA LYS A 40 -5.99 -1.04 15.64
C LYS A 40 -5.47 0.42 15.65
N TRP A 41 -5.76 1.18 14.62
CA TRP A 41 -5.27 2.60 14.59
C TRP A 41 -6.38 3.56 15.06
N MET A 42 -7.61 3.35 14.64
CA MET A 42 -8.71 4.26 15.08
C MET A 42 -9.73 3.49 15.94
N GLU A 43 -10.47 2.56 15.35
CA GLU A 43 -11.47 1.79 16.16
C GLU A 43 -11.99 0.56 15.38
N GLU A 44 -12.61 0.76 14.23
CA GLU A 44 -13.13 -0.41 13.45
C GLU A 44 -13.65 0.03 12.07
N GLN A 45 -14.51 1.02 12.01
CA GLN A 45 -15.03 1.48 10.67
C GLN A 45 -14.02 2.41 9.99
N ALA A 46 -13.10 1.87 9.21
CA ALA A 46 -12.09 2.72 8.53
C ALA A 46 -11.73 2.13 7.16
N GLN A 47 -12.65 2.15 6.21
CA GLN A 47 -12.35 1.58 4.86
C GLN A 47 -12.55 2.65 3.77
N SER A 48 -12.25 3.90 4.05
CA SER A 48 -12.41 4.97 3.02
C SER A 48 -11.03 5.42 2.52
N LEU A 49 -10.14 5.79 3.43
CA LEU A 49 -8.76 6.23 2.98
C LEU A 49 -8.02 5.10 2.24
N ILE A 50 -8.40 3.85 2.42
CA ILE A 50 -7.67 2.74 1.70
C ILE A 50 -8.09 2.73 0.21
N ASP A 51 -9.37 2.62 -0.08
CA ASP A 51 -9.82 2.61 -1.52
C ASP A 51 -9.33 3.88 -2.24
N LYS A 52 -9.38 5.02 -1.58
CA LYS A 52 -8.92 6.29 -2.26
C LYS A 52 -7.46 6.14 -2.73
N THR A 53 -6.61 5.45 -1.99
CA THR A 53 -5.18 5.28 -2.42
C THR A 53 -5.03 3.99 -3.26
N THR A 54 -5.75 2.94 -2.94
CA THR A 54 -5.61 1.67 -3.74
C THR A 54 -6.38 1.80 -5.08
N ALA A 55 -7.54 2.41 -5.06
CA ALA A 55 -8.32 2.56 -6.35
C ALA A 55 -7.56 3.48 -7.31
N ALA A 56 -6.98 4.55 -6.82
CA ALA A 56 -6.22 5.48 -7.73
C ALA A 56 -5.09 4.73 -8.44
N PHE A 57 -4.41 3.82 -7.75
CA PHE A 57 -3.28 3.06 -8.41
C PHE A 57 -3.77 2.40 -9.72
N GLN A 58 -4.98 1.91 -9.76
CA GLN A 58 -5.49 1.27 -11.01
C GLN A 58 -6.63 2.11 -11.62
N GLN A 59 -6.33 3.30 -12.09
CA GLN A 59 -7.40 4.15 -12.69
C GLN A 59 -7.10 4.40 -14.18
N GLY A 60 -5.96 4.96 -14.50
CA GLY A 60 -5.62 5.21 -15.93
C GLY A 60 -6.62 6.24 -16.51
N LYS A 61 -6.48 7.50 -16.17
CA LYS A 61 -7.42 8.53 -16.70
C LYS A 61 -6.67 9.82 -17.04
ZN ZN B . 3.33 -3.19 0.76
N MET A 1 20.60 6.07 -2.72
CA MET A 1 19.92 5.63 -3.97
C MET A 1 18.40 5.75 -3.82
N PRO A 2 17.69 5.59 -4.93
CA PRO A 2 16.21 5.71 -4.88
C PRO A 2 15.59 4.48 -4.19
N LYS A 3 14.70 4.69 -3.25
CA LYS A 3 14.07 3.53 -2.54
C LYS A 3 12.58 3.81 -2.28
N PHE A 4 11.75 2.79 -2.27
CA PHE A 4 10.29 3.01 -2.01
C PHE A 4 9.92 2.42 -0.64
N TYR A 5 8.91 2.95 0.02
CA TYR A 5 8.52 2.41 1.36
C TYR A 5 7.02 2.10 1.40
N CYS A 6 6.62 0.97 1.94
CA CYS A 6 5.17 0.64 2.01
C CYS A 6 4.69 0.69 3.47
N ASP A 7 4.14 1.82 3.91
CA ASP A 7 3.65 1.90 5.34
C ASP A 7 2.71 0.73 5.66
N TYR A 8 1.92 0.28 4.71
CA TYR A 8 1.00 -0.88 4.99
C TYR A 8 1.82 -2.14 5.33
N CYS A 9 3.00 -2.29 4.77
CA CYS A 9 3.84 -3.49 5.08
C CYS A 9 4.91 -3.20 6.15
N ASP A 10 5.02 -1.98 6.65
CA ASP A 10 6.06 -1.67 7.70
C ASP A 10 7.46 -2.12 7.22
N THR A 11 7.76 -1.94 5.95
CA THR A 11 9.11 -2.36 5.43
C THR A 11 9.63 -1.33 4.43
N TYR A 12 10.87 -1.43 4.02
CA TYR A 12 11.42 -0.44 3.05
C TYR A 12 11.91 -1.15 1.77
N LEU A 13 11.35 -0.83 0.63
CA LEU A 13 11.80 -1.50 -0.64
C LEU A 13 13.15 -0.89 -1.07
N THR A 14 13.85 -1.52 -2.01
CA THR A 14 15.17 -0.95 -2.45
C THR A 14 15.05 -0.18 -3.77
N HIS A 15 14.14 -0.56 -4.65
CA HIS A 15 14.01 0.19 -5.95
C HIS A 15 12.68 0.94 -5.99
N ASP A 16 12.66 2.14 -6.55
CA ASP A 16 11.38 2.92 -6.62
C ASP A 16 11.05 3.22 -8.09
N SER A 17 10.31 2.36 -8.75
CA SER A 17 9.96 2.61 -10.18
C SER A 17 8.49 2.27 -10.43
N PRO A 18 8.03 2.48 -11.65
CA PRO A 18 6.62 2.17 -11.99
C PRO A 18 6.36 0.66 -12.01
N SER A 19 7.36 -0.16 -12.34
CA SER A 19 7.12 -1.64 -12.35
C SER A 19 7.46 -2.23 -10.97
N VAL A 20 8.55 -1.83 -10.36
CA VAL A 20 8.90 -2.38 -9.00
C VAL A 20 7.77 -2.07 -8.00
N ARG A 21 7.38 -0.81 -7.87
CA ARG A 21 6.27 -0.48 -6.90
C ARG A 21 5.02 -1.30 -7.24
N LYS A 22 4.59 -1.29 -8.50
CA LYS A 22 3.37 -2.10 -8.87
C LYS A 22 3.68 -3.58 -8.61
N THR A 23 4.88 -4.05 -8.91
CA THR A 23 5.22 -5.49 -8.65
C THR A 23 4.96 -5.79 -7.15
N HIS A 24 5.33 -4.88 -6.28
CA HIS A 24 5.05 -5.10 -4.81
C HIS A 24 3.54 -5.19 -4.59
N CYS A 25 2.76 -4.39 -5.30
CA CYS A 25 1.28 -4.43 -5.11
C CYS A 25 0.63 -5.35 -6.16
N SER A 26 1.08 -6.58 -6.27
CA SER A 26 0.49 -7.51 -7.27
C SER A 26 -0.12 -8.74 -6.55
N GLY A 27 -0.73 -8.54 -5.40
CA GLY A 27 -1.32 -9.70 -4.67
C GLY A 27 -2.67 -9.29 -4.07
N ARG A 28 -3.71 -10.06 -4.28
CA ARG A 28 -5.05 -9.69 -3.68
C ARG A 28 -4.97 -9.61 -2.14
N LYS A 29 -4.01 -10.29 -1.52
CA LYS A 29 -3.92 -10.23 -0.02
C LYS A 29 -3.42 -8.85 0.47
N HIS A 30 -2.64 -8.13 -0.33
CA HIS A 30 -2.13 -6.77 0.12
C HIS A 30 -3.29 -5.91 0.67
N LYS A 31 -4.46 -5.98 0.08
CA LYS A 31 -5.62 -5.17 0.61
C LYS A 31 -5.95 -5.63 2.02
N GLU A 32 -6.20 -6.92 2.22
CA GLU A 32 -6.50 -7.41 3.61
C GLU A 32 -5.30 -7.12 4.52
N ASN A 33 -4.08 -7.31 4.03
CA ASN A 33 -2.88 -7.02 4.88
C ASN A 33 -2.93 -5.56 5.39
N VAL A 34 -3.40 -4.63 4.58
CA VAL A 34 -3.47 -3.19 5.05
C VAL A 34 -4.29 -3.10 6.36
N LYS A 35 -5.31 -3.93 6.54
CA LYS A 35 -6.11 -3.85 7.82
C LYS A 35 -5.18 -3.95 9.03
N ASP A 36 -4.19 -4.82 8.99
CA ASP A 36 -3.25 -4.93 10.15
C ASP A 36 -2.54 -3.58 10.41
N TYR A 37 -2.38 -2.74 9.39
CA TYR A 37 -1.70 -1.42 9.62
C TYR A 37 -2.64 -0.46 10.37
N TYR A 38 -3.85 -0.25 9.88
CA TYR A 38 -4.79 0.69 10.59
C TYR A 38 -5.79 -0.07 11.48
N GLN A 39 -5.42 -1.21 12.04
CA GLN A 39 -6.37 -1.95 12.93
C GLN A 39 -6.48 -1.24 14.30
N LYS A 40 -5.38 -0.74 14.82
CA LYS A 40 -5.43 -0.04 16.15
C LYS A 40 -5.14 1.46 15.97
N TRP A 41 -5.54 2.05 14.87
CA TRP A 41 -5.27 3.51 14.66
C TRP A 41 -6.52 4.34 15.04
N MET A 42 -7.69 3.95 14.58
CA MET A 42 -8.93 4.72 14.93
C MET A 42 -10.14 3.77 15.01
N GLU A 43 -10.51 3.14 13.92
CA GLU A 43 -11.68 2.22 13.96
C GLU A 43 -11.26 0.80 13.55
N GLU A 44 -12.18 -0.13 13.48
CA GLU A 44 -11.80 -1.53 13.08
C GLU A 44 -12.08 -1.77 11.58
N GLN A 45 -13.15 -1.22 11.05
CA GLN A 45 -13.44 -1.43 9.59
C GLN A 45 -13.23 -0.12 8.81
N ALA A 46 -12.23 -0.07 7.96
CA ALA A 46 -11.98 1.19 7.17
C ALA A 46 -11.38 0.84 5.80
N GLN A 47 -12.18 0.38 4.86
CA GLN A 47 -11.64 0.04 3.51
C GLN A 47 -12.08 1.09 2.48
N SER A 48 -12.16 2.35 2.86
CA SER A 48 -12.56 3.42 1.89
C SER A 48 -11.35 4.34 1.63
N LEU A 49 -10.76 4.91 2.66
CA LEU A 49 -9.56 5.80 2.46
C LEU A 49 -8.39 5.03 1.81
N ILE A 50 -8.36 3.70 1.90
CA ILE A 50 -7.22 2.94 1.27
C ILE A 50 -7.35 2.99 -0.26
N ASP A 51 -8.55 2.78 -0.79
CA ASP A 51 -8.72 2.84 -2.29
C ASP A 51 -8.28 4.20 -2.83
N LYS A 52 -8.60 5.28 -2.14
CA LYS A 52 -8.18 6.64 -2.63
C LYS A 52 -6.65 6.74 -2.70
N THR A 53 -5.93 6.11 -1.78
CA THR A 53 -4.44 6.19 -1.83
C THR A 53 -3.87 5.08 -2.74
N THR A 54 -4.34 3.85 -2.59
CA THR A 54 -3.81 2.75 -3.46
C THR A 54 -4.04 3.07 -4.95
N ALA A 55 -5.16 3.67 -5.29
CA ALA A 55 -5.42 4.02 -6.73
C ALA A 55 -4.92 5.44 -7.04
N ALA A 56 -5.17 6.40 -6.17
CA ALA A 56 -4.70 7.80 -6.45
C ALA A 56 -3.40 8.11 -5.68
N PHE A 57 -2.52 7.15 -5.52
CA PHE A 57 -1.24 7.42 -4.77
C PHE A 57 -0.46 8.55 -5.46
N GLN A 58 -0.12 8.40 -6.73
CA GLN A 58 0.63 9.47 -7.43
C GLN A 58 0.08 9.69 -8.84
N GLN A 59 -1.05 10.36 -8.98
CA GLN A 59 -1.64 10.58 -10.33
C GLN A 59 -2.37 11.93 -10.38
N GLY A 60 -3.36 12.14 -9.54
CA GLY A 60 -4.10 13.44 -9.56
C GLY A 60 -3.96 14.11 -8.19
N LYS A 61 -4.45 13.48 -7.13
CA LYS A 61 -4.35 14.10 -5.78
C LYS A 61 -4.05 13.02 -4.73
ZN ZN B . 3.03 -3.44 0.83
N MET A 1 21.02 5.85 -3.85
CA MET A 1 20.20 4.83 -4.58
C MET A 1 18.70 5.10 -4.36
N PRO A 2 17.89 4.79 -5.35
CA PRO A 2 16.43 4.99 -5.21
C PRO A 2 15.82 3.97 -4.25
N LYS A 3 14.82 4.35 -3.48
CA LYS A 3 14.19 3.38 -2.53
C LYS A 3 12.69 3.70 -2.36
N PHE A 4 11.84 2.70 -2.27
CA PHE A 4 10.38 2.96 -2.10
C PHE A 4 9.92 2.51 -0.70
N TYR A 5 8.78 2.96 -0.23
CA TYR A 5 8.31 2.54 1.13
C TYR A 5 6.81 2.22 1.11
N CYS A 6 6.40 1.15 1.77
CA CYS A 6 4.94 0.80 1.81
C CYS A 6 4.41 0.93 3.24
N ASP A 7 3.72 2.02 3.56
CA ASP A 7 3.19 2.18 4.96
C ASP A 7 2.26 1.01 5.33
N TYR A 8 1.48 0.51 4.40
CA TYR A 8 0.56 -0.64 4.75
C TYR A 8 1.40 -1.86 5.17
N CYS A 9 2.56 -2.06 4.58
CA CYS A 9 3.40 -3.24 5.00
C CYS A 9 4.37 -2.88 6.14
N ASP A 10 4.43 -1.63 6.58
CA ASP A 10 5.38 -1.26 7.69
C ASP A 10 6.81 -1.70 7.36
N THR A 11 7.23 -1.56 6.11
CA THR A 11 8.61 -1.97 5.73
C THR A 11 9.19 -0.97 4.71
N TYR A 12 10.46 -1.08 4.38
CA TYR A 12 11.06 -0.14 3.41
C TYR A 12 11.59 -0.92 2.18
N LEU A 13 11.10 -0.62 0.99
CA LEU A 13 11.61 -1.36 -0.22
C LEU A 13 13.02 -0.86 -0.59
N THR A 14 13.73 -1.55 -1.44
CA THR A 14 15.11 -1.09 -1.82
C THR A 14 15.14 -0.36 -3.18
N HIS A 15 14.25 -0.70 -4.10
CA HIS A 15 14.26 -0.01 -5.43
C HIS A 15 12.97 0.80 -5.62
N ASP A 16 13.04 1.91 -6.33
CA ASP A 16 11.82 2.75 -6.55
C ASP A 16 11.59 2.95 -8.05
N SER A 17 10.73 2.16 -8.66
CA SER A 17 10.49 2.31 -10.13
C SER A 17 9.02 1.95 -10.46
N PRO A 18 8.66 2.09 -11.72
CA PRO A 18 7.27 1.77 -12.13
C PRO A 18 7.02 0.25 -12.07
N SER A 19 8.02 -0.58 -12.30
CA SER A 19 7.81 -2.07 -12.23
C SER A 19 8.05 -2.58 -10.80
N VAL A 20 9.06 -2.07 -10.13
CA VAL A 20 9.34 -2.54 -8.72
C VAL A 20 8.11 -2.25 -7.83
N ARG A 21 7.63 -1.03 -7.82
CA ARG A 21 6.42 -0.70 -6.97
C ARG A 21 5.25 -1.61 -7.37
N LYS A 22 4.95 -1.70 -8.65
CA LYS A 22 3.82 -2.60 -9.09
C LYS A 22 4.18 -4.05 -8.70
N THR A 23 5.42 -4.45 -8.91
CA THR A 23 5.83 -5.86 -8.52
C THR A 23 5.47 -6.08 -7.04
N HIS A 24 5.75 -5.11 -6.20
CA HIS A 24 5.38 -5.24 -4.75
C HIS A 24 3.85 -5.35 -4.62
N CYS A 25 3.11 -4.63 -5.44
CA CYS A 25 1.61 -4.69 -5.35
C CYS A 25 1.06 -5.66 -6.41
N SER A 26 1.59 -6.86 -6.49
CA SER A 26 1.09 -7.82 -7.52
C SER A 26 0.43 -9.04 -6.83
N GLY A 27 -0.27 -8.82 -5.73
CA GLY A 27 -0.93 -9.98 -5.03
C GLY A 27 -2.24 -9.52 -4.39
N ARG A 28 -3.34 -10.19 -4.67
CA ARG A 28 -4.64 -9.78 -4.04
C ARG A 28 -4.50 -9.72 -2.50
N LYS A 29 -3.61 -10.51 -1.92
CA LYS A 29 -3.45 -10.48 -0.42
C LYS A 29 -3.04 -9.07 0.05
N HIS A 30 -2.28 -8.33 -0.76
CA HIS A 30 -1.86 -6.94 -0.32
C HIS A 30 -3.06 -6.13 0.18
N LYS A 31 -4.22 -6.26 -0.43
CA LYS A 31 -5.41 -5.49 0.07
C LYS A 31 -5.71 -5.87 1.52
N GLU A 32 -5.87 -7.15 1.80
CA GLU A 32 -6.13 -7.57 3.23
C GLU A 32 -4.94 -7.12 4.10
N ASN A 33 -3.72 -7.23 3.60
CA ASN A 33 -2.54 -6.79 4.42
C ASN A 33 -2.70 -5.33 4.85
N VAL A 34 -3.25 -4.48 4.00
CA VAL A 34 -3.44 -3.03 4.40
C VAL A 34 -4.30 -2.95 5.68
N LYS A 35 -5.31 -3.80 5.81
CA LYS A 35 -6.17 -3.74 7.06
C LYS A 35 -5.28 -3.86 8.30
N ASP A 36 -4.28 -4.72 8.28
CA ASP A 36 -3.38 -4.84 9.48
C ASP A 36 -2.71 -3.49 9.76
N TYR A 37 -2.42 -2.69 8.74
CA TYR A 37 -1.76 -1.36 9.00
C TYR A 37 -2.72 -0.45 9.80
N TYR A 38 -3.94 -0.28 9.35
CA TYR A 38 -4.88 0.61 10.11
C TYR A 38 -5.85 -0.22 10.99
N GLN A 39 -5.40 -1.33 11.54
CA GLN A 39 -6.30 -2.15 12.42
C GLN A 39 -6.22 -1.63 13.87
N LYS A 40 -5.04 -1.27 14.32
CA LYS A 40 -4.89 -0.75 15.72
C LYS A 40 -4.46 0.72 15.70
N TRP A 41 -4.92 1.48 14.73
CA TRP A 41 -4.53 2.94 14.67
C TRP A 41 -5.51 3.79 15.49
N MET A 42 -6.80 3.60 15.32
CA MET A 42 -7.79 4.41 16.11
C MET A 42 -9.10 3.63 16.31
N GLU A 43 -9.81 3.32 15.25
CA GLU A 43 -11.09 2.57 15.39
C GLU A 43 -11.10 1.36 14.45
N GLU A 44 -12.22 0.67 14.32
CA GLU A 44 -12.28 -0.51 13.40
C GLU A 44 -13.14 -0.18 12.17
N GLN A 45 -13.31 -1.12 11.26
CA GLN A 45 -14.13 -0.86 10.04
C GLN A 45 -13.65 0.42 9.32
N ALA A 46 -12.53 0.35 8.63
CA ALA A 46 -12.01 1.55 7.91
C ALA A 46 -11.54 1.17 6.50
N GLN A 47 -12.47 0.91 5.60
CA GLN A 47 -12.07 0.55 4.20
C GLN A 47 -12.47 1.65 3.21
N SER A 48 -12.41 2.90 3.63
CA SER A 48 -12.78 4.02 2.70
C SER A 48 -11.51 4.79 2.30
N LEU A 49 -10.74 5.26 3.26
CA LEU A 49 -9.49 6.01 2.93
C LEU A 49 -8.50 5.12 2.13
N ILE A 50 -8.62 3.80 2.20
CA ILE A 50 -7.66 2.93 1.43
C ILE A 50 -8.03 2.97 -0.07
N ASP A 51 -9.31 2.89 -0.40
CA ASP A 51 -9.71 2.93 -1.85
C ASP A 51 -9.34 4.30 -2.46
N LYS A 52 -9.54 5.37 -1.73
CA LYS A 52 -9.19 6.73 -2.30
C LYS A 52 -7.68 6.83 -2.57
N THR A 53 -6.84 6.21 -1.77
CA THR A 53 -5.36 6.30 -2.01
C THR A 53 -4.90 5.16 -2.94
N THR A 54 -5.44 3.97 -2.79
CA THR A 54 -5.00 2.83 -3.68
C THR A 54 -5.25 3.20 -5.15
N ALA A 55 -6.35 3.86 -5.46
CA ALA A 55 -6.62 4.24 -6.89
C ALA A 55 -5.48 5.13 -7.43
N ALA A 56 -5.10 6.16 -6.70
CA ALA A 56 -3.99 7.05 -7.18
C ALA A 56 -2.70 6.23 -7.39
N PHE A 57 -2.42 5.26 -6.55
CA PHE A 57 -1.17 4.43 -6.72
C PHE A 57 -1.07 3.89 -8.16
N GLN A 58 -2.18 3.51 -8.76
CA GLN A 58 -2.13 2.97 -10.16
C GLN A 58 -3.19 3.65 -11.02
N GLN A 59 -2.95 4.88 -11.45
CA GLN A 59 -3.96 5.60 -12.29
C GLN A 59 -3.44 5.74 -13.73
N GLY A 60 -2.25 6.28 -13.92
CA GLY A 60 -1.71 6.43 -15.30
C GLY A 60 -0.95 7.76 -15.41
N LYS A 61 0.36 7.72 -15.52
CA LYS A 61 1.16 8.98 -15.62
C LYS A 61 1.97 8.99 -16.92
ZN ZN B . 3.01 -3.36 0.66
N MET A 1 12.02 11.05 -6.19
CA MET A 1 11.54 10.02 -5.22
C MET A 1 12.61 8.92 -5.07
N PRO A 2 13.54 9.12 -4.17
CA PRO A 2 14.61 8.12 -3.94
C PRO A 2 14.05 6.91 -3.17
N LYS A 3 14.22 5.71 -3.71
CA LYS A 3 13.69 4.48 -3.02
C LYS A 3 12.18 4.61 -2.76
N PHE A 4 11.53 3.52 -2.38
CA PHE A 4 10.07 3.59 -2.11
C PHE A 4 9.77 3.07 -0.69
N TYR A 5 8.60 3.37 -0.15
CA TYR A 5 8.27 2.90 1.23
C TYR A 5 6.80 2.45 1.31
N CYS A 6 6.53 1.29 1.88
CA CYS A 6 5.12 0.82 1.99
C CYS A 6 4.68 0.80 3.46
N ASP A 7 4.13 1.89 3.97
CA ASP A 7 3.68 1.90 5.42
C ASP A 7 2.79 0.69 5.72
N TYR A 8 1.97 0.26 4.77
CA TYR A 8 1.09 -0.94 5.03
C TYR A 8 1.97 -2.17 5.33
N CYS A 9 3.16 -2.25 4.77
CA CYS A 9 4.05 -3.44 5.03
C CYS A 9 5.11 -3.14 6.10
N ASP A 10 5.18 -1.93 6.65
CA ASP A 10 6.22 -1.63 7.69
C ASP A 10 7.63 -1.99 7.16
N THR A 11 7.90 -1.74 5.90
CA THR A 11 9.25 -2.06 5.34
C THR A 11 9.69 -0.98 4.35
N TYR A 12 10.92 -1.00 3.90
CA TYR A 12 11.39 0.04 2.94
C TYR A 12 11.89 -0.60 1.64
N LEU A 13 11.63 0.01 0.50
CA LEU A 13 12.12 -0.58 -0.79
C LEU A 13 13.36 0.19 -1.27
N THR A 14 14.20 -0.41 -2.08
CA THR A 14 15.43 0.32 -2.55
C THR A 14 15.23 0.92 -3.96
N HIS A 15 14.43 0.30 -4.81
CA HIS A 15 14.22 0.87 -6.18
C HIS A 15 12.79 1.39 -6.33
N ASP A 16 12.62 2.64 -6.74
CA ASP A 16 11.24 3.19 -6.90
C ASP A 16 10.93 3.38 -8.39
N SER A 17 10.34 2.39 -9.03
CA SER A 17 10.03 2.52 -10.49
C SER A 17 8.60 2.02 -10.76
N PRO A 18 8.18 2.06 -12.00
CA PRO A 18 6.82 1.59 -12.35
C PRO A 18 6.71 0.06 -12.25
N SER A 19 7.80 -0.68 -12.45
CA SER A 19 7.71 -2.18 -12.36
C SER A 19 8.02 -2.62 -10.92
N VAL A 20 9.04 -2.06 -10.29
CA VAL A 20 9.38 -2.48 -8.88
C VAL A 20 8.16 -2.23 -7.97
N ARG A 21 7.62 -1.02 -7.95
CA ARG A 21 6.43 -0.75 -7.06
C ARG A 21 5.29 -1.72 -7.41
N LYS A 22 4.94 -1.84 -8.68
CA LYS A 22 3.85 -2.82 -9.05
C LYS A 22 4.30 -4.24 -8.66
N THR A 23 5.55 -4.58 -8.88
CA THR A 23 6.04 -5.95 -8.47
C THR A 23 5.73 -6.15 -6.98
N HIS A 24 5.97 -5.14 -6.16
CA HIS A 24 5.65 -5.27 -4.70
C HIS A 24 4.12 -5.45 -4.55
N CYS A 25 3.34 -4.71 -5.32
CA CYS A 25 1.86 -4.83 -5.23
C CYS A 25 1.33 -5.84 -6.26
N SER A 26 1.82 -7.06 -6.22
CA SER A 26 1.34 -8.09 -7.19
C SER A 26 0.69 -9.27 -6.46
N GLY A 27 -0.02 -9.02 -5.38
CA GLY A 27 -0.66 -10.15 -4.63
C GLY A 27 -1.98 -9.68 -4.02
N ARG A 28 -3.08 -10.33 -4.32
CA ARG A 28 -4.40 -9.91 -3.72
C ARG A 28 -4.29 -9.78 -2.18
N LYS A 29 -3.42 -10.58 -1.56
CA LYS A 29 -3.29 -10.48 -0.06
C LYS A 29 -2.89 -9.05 0.36
N HIS A 30 -2.11 -8.35 -0.44
CA HIS A 30 -1.70 -6.95 -0.05
C HIS A 30 -2.93 -6.11 0.36
N LYS A 31 -4.02 -6.20 -0.38
CA LYS A 31 -5.25 -5.42 0.01
C LYS A 31 -5.73 -5.88 1.39
N GLU A 32 -5.95 -7.16 1.58
CA GLU A 32 -6.39 -7.66 2.93
C GLU A 32 -5.31 -7.32 3.96
N ASN A 33 -4.04 -7.45 3.60
CA ASN A 33 -2.95 -7.10 4.58
C ASN A 33 -3.11 -5.65 5.08
N VAL A 34 -3.51 -4.74 4.21
CA VAL A 34 -3.69 -3.32 4.66
C VAL A 34 -4.78 -3.25 5.75
N LYS A 35 -5.84 -4.02 5.62
CA LYS A 35 -6.92 -3.98 6.69
C LYS A 35 -6.30 -4.35 8.04
N ASP A 36 -5.50 -5.38 8.10
CA ASP A 36 -4.85 -5.76 9.41
C ASP A 36 -4.00 -4.58 9.94
N TYR A 37 -3.52 -3.70 9.09
CA TYR A 37 -2.69 -2.55 9.60
C TYR A 37 -3.59 -1.51 10.32
N TYR A 38 -4.66 -1.08 9.70
CA TYR A 38 -5.55 -0.07 10.39
C TYR A 38 -6.78 -0.74 11.02
N GLN A 39 -6.66 -1.95 11.52
CA GLN A 39 -7.84 -2.62 12.17
C GLN A 39 -7.90 -2.26 13.66
N LYS A 40 -6.76 -2.19 14.32
CA LYS A 40 -6.76 -1.83 15.78
C LYS A 40 -6.08 -0.46 16.00
N TRP A 41 -6.19 0.45 15.05
CA TRP A 41 -5.54 1.79 15.24
C TRP A 41 -6.47 2.73 16.02
N MET A 42 -7.77 2.68 15.78
CA MET A 42 -8.70 3.56 16.52
C MET A 42 -10.01 2.83 16.85
N GLU A 43 -10.81 2.48 15.84
CA GLU A 43 -12.08 1.76 16.12
C GLU A 43 -12.55 0.97 14.88
N GLU A 44 -11.63 0.37 14.13
CA GLU A 44 -12.03 -0.40 12.91
C GLU A 44 -12.91 0.45 11.98
N GLN A 45 -12.62 1.73 11.85
CA GLN A 45 -13.44 2.61 10.96
C GLN A 45 -12.54 3.49 10.08
N ALA A 46 -11.92 2.92 9.08
CA ALA A 46 -11.02 3.73 8.19
C ALA A 46 -10.92 3.10 6.80
N GLN A 47 -11.95 3.20 5.99
CA GLN A 47 -11.88 2.60 4.62
C GLN A 47 -11.94 3.71 3.54
N SER A 48 -11.36 4.85 3.80
CA SER A 48 -11.38 5.95 2.77
C SER A 48 -9.96 6.14 2.21
N LEU A 49 -8.98 6.36 3.06
CA LEU A 49 -7.57 6.54 2.55
C LEU A 49 -7.06 5.24 1.85
N ILE A 50 -7.66 4.09 2.12
CA ILE A 50 -7.17 2.83 1.44
C ILE A 50 -7.62 2.81 -0.02
N ASP A 51 -8.83 3.22 -0.31
CA ASP A 51 -9.31 3.22 -1.74
C ASP A 51 -8.53 4.26 -2.56
N LYS A 52 -8.25 5.42 -2.00
CA LYS A 52 -7.48 6.47 -2.77
C LYS A 52 -6.14 5.90 -3.26
N THR A 53 -5.48 5.07 -2.46
CA THR A 53 -4.17 4.49 -2.92
C THR A 53 -4.38 3.14 -3.62
N THR A 54 -5.33 2.34 -3.18
CA THR A 54 -5.56 1.01 -3.85
C THR A 54 -6.32 1.21 -5.18
N ALA A 55 -7.33 2.06 -5.19
CA ALA A 55 -8.09 2.29 -6.47
C ALA A 55 -7.15 2.85 -7.56
N ALA A 56 -6.27 3.75 -7.20
CA ALA A 56 -5.32 4.32 -8.23
C ALA A 56 -3.95 3.62 -8.19
N PHE A 57 -3.89 2.36 -7.82
CA PHE A 57 -2.55 1.65 -7.79
C PHE A 57 -2.30 0.93 -9.12
N GLN A 58 -3.18 0.03 -9.52
CA GLN A 58 -2.97 -0.69 -10.81
C GLN A 58 -4.33 -0.94 -11.50
N GLN A 59 -4.89 0.06 -12.14
CA GLN A 59 -6.20 -0.15 -12.82
C GLN A 59 -6.06 0.11 -14.33
N GLY A 60 -5.31 -0.73 -15.03
CA GLY A 60 -5.14 -0.53 -16.50
C GLY A 60 -5.87 -1.65 -17.26
N LYS A 61 -7.07 -2.00 -16.85
CA LYS A 61 -7.81 -3.08 -17.56
C LYS A 61 -9.30 -2.73 -17.65
ZN ZN B . 3.30 -3.39 0.73
N MET A 1 19.94 6.77 -4.90
CA MET A 1 19.40 5.50 -4.36
C MET A 1 17.91 5.35 -4.72
N PRO A 2 17.64 4.73 -5.85
CA PRO A 2 16.25 4.54 -6.29
C PRO A 2 15.55 3.47 -5.43
N LYS A 3 15.10 3.82 -4.24
CA LYS A 3 14.42 2.83 -3.37
C LYS A 3 13.01 3.32 -3.01
N PHE A 4 12.06 2.41 -2.86
CA PHE A 4 10.67 2.84 -2.51
C PHE A 4 10.31 2.38 -1.07
N TYR A 5 9.30 2.98 -0.48
CA TYR A 5 8.90 2.57 0.91
C TYR A 5 7.39 2.27 0.97
N CYS A 6 6.99 1.24 1.68
CA CYS A 6 5.54 0.91 1.77
C CYS A 6 5.07 1.01 3.24
N ASP A 7 4.47 2.12 3.64
CA ASP A 7 4.00 2.25 5.07
C ASP A 7 3.14 1.05 5.47
N TYR A 8 2.34 0.51 4.57
CA TYR A 8 1.49 -0.68 4.94
C TYR A 8 2.39 -1.88 5.29
N CYS A 9 3.56 -2.00 4.69
CA CYS A 9 4.46 -3.15 5.01
C CYS A 9 5.57 -2.77 6.01
N ASP A 10 5.77 -1.48 6.30
CA ASP A 10 6.85 -1.08 7.26
C ASP A 10 8.21 -1.61 6.78
N THR A 11 8.48 -1.54 5.49
CA THR A 11 9.79 -2.05 4.96
C THR A 11 10.28 -1.12 3.85
N TYR A 12 11.50 -1.33 3.36
CA TYR A 12 12.03 -0.46 2.29
C TYR A 12 12.35 -1.28 1.03
N LEU A 13 11.86 -0.89 -0.12
CA LEU A 13 12.17 -1.67 -1.37
C LEU A 13 13.54 -1.26 -1.92
N THR A 14 14.07 -1.98 -2.89
CA THR A 14 15.42 -1.61 -3.44
C THR A 14 15.28 -0.79 -4.74
N HIS A 15 14.26 -1.01 -5.54
CA HIS A 15 14.10 -0.21 -6.79
C HIS A 15 12.83 0.65 -6.73
N ASP A 16 12.90 1.89 -7.17
CA ASP A 16 11.68 2.76 -7.13
C ASP A 16 11.24 3.10 -8.57
N SER A 17 10.29 2.37 -9.11
CA SER A 17 9.83 2.66 -10.50
C SER A 17 8.32 2.40 -10.63
N PRO A 18 7.78 2.66 -11.79
CA PRO A 18 6.32 2.43 -12.01
C PRO A 18 5.99 0.93 -12.04
N SER A 19 6.90 0.09 -12.50
CA SER A 19 6.59 -1.39 -12.53
C SER A 19 6.96 -2.03 -11.18
N VAL A 20 8.07 -1.63 -10.58
CA VAL A 20 8.47 -2.24 -9.26
C VAL A 20 7.38 -1.95 -8.22
N ARG A 21 6.92 -0.71 -8.11
CA ARG A 21 5.85 -0.39 -7.09
C ARG A 21 4.61 -1.27 -7.35
N LYS A 22 4.09 -1.26 -8.56
CA LYS A 22 2.89 -2.13 -8.84
C LYS A 22 3.27 -3.60 -8.60
N THR A 23 4.47 -4.01 -9.00
CA THR A 23 4.90 -5.44 -8.75
C THR A 23 4.78 -5.73 -7.24
N HIS A 24 5.23 -4.80 -6.41
CA HIS A 24 5.09 -5.01 -4.92
C HIS A 24 3.60 -5.11 -4.56
N CYS A 25 2.74 -4.36 -5.22
CA CYS A 25 1.27 -4.44 -4.90
C CYS A 25 0.56 -5.37 -5.89
N SER A 26 1.08 -6.56 -6.12
CA SER A 26 0.41 -7.50 -7.07
C SER A 26 -0.02 -8.78 -6.35
N GLY A 27 -0.48 -8.68 -5.11
CA GLY A 27 -0.91 -9.90 -4.36
C GLY A 27 -2.16 -9.59 -3.54
N ARG A 28 -3.20 -10.40 -3.64
CA ARG A 28 -4.45 -10.13 -2.83
C ARG A 28 -4.10 -10.02 -1.33
N LYS A 29 -3.04 -10.69 -0.87
CA LYS A 29 -2.69 -10.60 0.59
C LYS A 29 -2.36 -9.15 0.97
N HIS A 30 -1.74 -8.38 0.08
CA HIS A 30 -1.39 -6.95 0.44
C HIS A 30 -2.63 -6.21 0.98
N LYS A 31 -3.80 -6.45 0.42
CA LYS A 31 -5.03 -5.75 0.94
C LYS A 31 -5.25 -6.14 2.40
N GLU A 32 -5.35 -7.42 2.70
CA GLU A 32 -5.54 -7.84 4.14
C GLU A 32 -4.36 -7.33 4.98
N ASN A 33 -3.15 -7.36 4.43
CA ASN A 33 -1.96 -6.84 5.20
C ASN A 33 -2.21 -5.39 5.64
N VAL A 34 -2.81 -4.58 4.80
CA VAL A 34 -3.06 -3.15 5.20
C VAL A 34 -4.01 -3.10 6.41
N LYS A 35 -4.99 -3.99 6.49
CA LYS A 35 -5.93 -3.97 7.68
C LYS A 35 -5.12 -4.00 8.97
N ASP A 36 -4.06 -4.79 9.03
CA ASP A 36 -3.23 -4.84 10.28
C ASP A 36 -2.70 -3.44 10.63
N TYR A 37 -2.48 -2.58 9.64
CA TYR A 37 -1.97 -1.19 9.96
C TYR A 37 -3.06 -0.39 10.66
N TYR A 38 -4.24 -0.28 10.07
CA TYR A 38 -5.34 0.50 10.73
C TYR A 38 -6.33 -0.44 11.46
N GLN A 39 -5.87 -1.55 12.02
CA GLN A 39 -6.81 -2.47 12.76
C GLN A 39 -7.18 -1.88 14.13
N LYS A 40 -6.24 -1.25 14.80
CA LYS A 40 -6.55 -0.65 16.14
C LYS A 40 -6.74 0.87 16.06
N TRP A 41 -7.06 1.41 14.90
CA TRP A 41 -7.25 2.89 14.78
C TRP A 41 -8.75 3.24 14.70
N MET A 42 -9.49 2.58 13.82
CA MET A 42 -10.96 2.89 13.71
C MET A 42 -11.79 1.79 14.40
N GLU A 43 -11.49 0.51 14.15
CA GLU A 43 -12.27 -0.59 14.80
C GLU A 43 -13.78 -0.42 14.54
N GLU A 44 -14.16 0.02 13.36
CA GLU A 44 -15.62 0.19 13.06
C GLU A 44 -15.87 0.14 11.55
N GLN A 45 -15.37 1.11 10.80
CA GLN A 45 -15.59 1.09 9.32
C GLN A 45 -14.63 2.05 8.61
N ALA A 46 -13.38 1.67 8.43
CA ALA A 46 -12.41 2.57 7.76
C ALA A 46 -11.81 1.88 6.52
N GLN A 47 -12.55 1.74 5.45
CA GLN A 47 -12.00 1.08 4.23
C GLN A 47 -12.07 2.04 3.03
N SER A 48 -11.86 3.32 3.25
CA SER A 48 -11.90 4.30 2.11
C SER A 48 -10.49 4.84 1.84
N LEU A 49 -9.83 5.37 2.85
CA LEU A 49 -8.43 5.91 2.62
C LEU A 49 -7.47 4.81 2.11
N ILE A 50 -7.77 3.54 2.33
CA ILE A 50 -6.84 2.47 1.83
C ILE A 50 -6.91 2.40 0.29
N ASP A 51 -8.08 2.55 -0.29
CA ASP A 51 -8.18 2.49 -1.79
C ASP A 51 -7.92 3.88 -2.40
N LYS A 52 -8.41 4.93 -1.77
CA LYS A 52 -8.16 6.31 -2.33
C LYS A 52 -6.66 6.65 -2.29
N THR A 53 -5.92 6.15 -1.31
CA THR A 53 -4.45 6.47 -1.25
C THR A 53 -3.65 5.47 -2.10
N THR A 54 -3.94 4.18 -1.99
CA THR A 54 -3.16 3.18 -2.81
C THR A 54 -3.24 3.52 -4.30
N ALA A 55 -4.36 4.02 -4.77
CA ALA A 55 -4.47 4.37 -6.24
C ALA A 55 -3.94 5.79 -6.48
N ALA A 56 -4.24 6.72 -5.59
CA ALA A 56 -3.73 8.13 -5.79
C ALA A 56 -2.18 8.16 -5.69
N PHE A 57 -1.60 7.37 -4.81
CA PHE A 57 -0.09 7.37 -4.68
C PHE A 57 0.57 7.18 -6.06
N GLN A 58 0.00 6.33 -6.91
CA GLN A 58 0.61 6.11 -8.26
C GLN A 58 -0.25 6.77 -9.35
N GLN A 59 -1.54 6.51 -9.37
CA GLN A 59 -2.41 7.14 -10.41
C GLN A 59 -3.40 8.13 -9.76
N GLY A 60 -2.90 9.21 -9.20
CA GLY A 60 -3.82 10.20 -8.56
C GLY A 60 -3.80 11.52 -9.36
N LYS A 61 -2.74 12.29 -9.26
CA LYS A 61 -2.69 13.58 -10.01
C LYS A 61 -1.30 13.75 -10.65
ZN ZN B . 3.48 -3.25 0.79
N MET A 1 11.38 11.92 -5.18
CA MET A 1 10.99 10.83 -4.23
C MET A 1 11.93 9.63 -4.39
N PRO A 2 13.05 9.67 -3.70
CA PRO A 2 14.03 8.56 -3.78
C PRO A 2 13.51 7.32 -3.05
N LYS A 3 13.75 6.13 -3.58
CA LYS A 3 13.26 4.88 -2.91
C LYS A 3 11.74 4.93 -2.70
N PHE A 4 11.13 3.84 -2.31
CA PHE A 4 9.65 3.83 -2.10
C PHE A 4 9.31 3.32 -0.68
N TYR A 5 8.12 3.57 -0.20
CA TYR A 5 7.74 3.11 1.17
C TYR A 5 6.29 2.62 1.19
N CYS A 6 6.02 1.46 1.76
CA CYS A 6 4.61 0.96 1.82
C CYS A 6 4.12 0.98 3.28
N ASP A 7 3.55 2.09 3.73
CA ASP A 7 3.06 2.15 5.16
C ASP A 7 2.18 0.94 5.51
N TYR A 8 1.38 0.47 4.57
CA TYR A 8 0.51 -0.73 4.88
C TYR A 8 1.38 -1.94 5.22
N CYS A 9 2.57 -2.04 4.65
CA CYS A 9 3.46 -3.22 4.96
C CYS A 9 4.52 -2.87 6.04
N ASP A 10 4.57 -1.65 6.54
CA ASP A 10 5.60 -1.28 7.57
C ASP A 10 7.01 -1.65 7.08
N THR A 11 7.31 -1.46 5.82
CA THR A 11 8.66 -1.79 5.30
C THR A 11 9.12 -0.71 4.31
N TYR A 12 10.39 -0.71 3.94
CA TYR A 12 10.88 0.32 2.98
C TYR A 12 11.45 -0.34 1.72
N LEU A 13 11.26 0.27 0.56
CA LEU A 13 11.81 -0.34 -0.70
C LEU A 13 13.02 0.48 -1.17
N THR A 14 14.07 -0.17 -1.66
CA THR A 14 15.28 0.59 -2.11
C THR A 14 15.35 0.73 -3.65
N HIS A 15 14.68 -0.11 -4.41
CA HIS A 15 14.74 0.02 -5.90
C HIS A 15 13.45 0.67 -6.43
N ASP A 16 13.20 1.92 -6.12
CA ASP A 16 11.94 2.58 -6.61
C ASP A 16 11.91 2.56 -8.14
N SER A 17 11.15 1.66 -8.74
CA SER A 17 11.09 1.59 -10.23
C SER A 17 9.70 1.09 -10.68
N PRO A 18 9.49 1.01 -11.98
CA PRO A 18 8.19 0.53 -12.50
C PRO A 18 8.02 -0.98 -12.26
N SER A 19 9.10 -1.74 -12.23
CA SER A 19 8.96 -3.22 -11.99
C SER A 19 9.06 -3.51 -10.48
N VAL A 20 9.94 -2.85 -9.76
CA VAL A 20 10.04 -3.12 -8.28
C VAL A 20 8.70 -2.80 -7.59
N ARG A 21 8.19 -1.59 -7.75
CA ARG A 21 6.87 -1.25 -7.09
C ARG A 21 5.79 -2.26 -7.53
N LYS A 22 5.65 -2.52 -8.81
CA LYS A 22 4.61 -3.52 -9.26
C LYS A 22 4.99 -4.89 -8.68
N THR A 23 6.27 -5.25 -8.67
CA THR A 23 6.68 -6.58 -8.08
C THR A 23 6.16 -6.64 -6.63
N HIS A 24 6.30 -5.55 -5.88
CA HIS A 24 5.77 -5.55 -4.47
C HIS A 24 4.24 -5.68 -4.52
N CYS A 25 3.58 -5.06 -5.48
CA CYS A 25 2.09 -5.16 -5.56
C CYS A 25 1.68 -6.23 -6.58
N SER A 26 2.13 -7.46 -6.41
CA SER A 26 1.76 -8.53 -7.37
C SER A 26 0.89 -9.60 -6.68
N GLY A 27 0.00 -9.20 -5.80
CA GLY A 27 -0.87 -10.19 -5.11
C GLY A 27 -2.17 -9.53 -4.64
N ARG A 28 -3.32 -10.02 -5.06
CA ARG A 28 -4.62 -9.40 -4.60
C ARG A 28 -4.64 -9.33 -3.05
N LYS A 29 -3.97 -10.24 -2.37
CA LYS A 29 -3.97 -10.19 -0.85
C LYS A 29 -3.45 -8.83 -0.36
N HIS A 30 -2.52 -8.19 -1.07
CA HIS A 30 -1.98 -6.86 -0.60
C HIS A 30 -3.12 -5.91 -0.18
N LYS A 31 -4.23 -5.91 -0.88
CA LYS A 31 -5.36 -5.00 -0.48
C LYS A 31 -5.87 -5.41 0.91
N GLU A 32 -6.25 -6.67 1.08
CA GLU A 32 -6.72 -7.12 2.44
C GLU A 32 -5.58 -6.90 3.47
N ASN A 33 -4.35 -7.16 3.09
CA ASN A 33 -3.21 -6.95 4.04
C ASN A 33 -3.23 -5.50 4.58
N VAL A 34 -3.60 -4.53 3.77
CA VAL A 34 -3.63 -3.10 4.27
C VAL A 34 -4.53 -3.01 5.53
N LYS A 35 -5.63 -3.73 5.57
CA LYS A 35 -6.52 -3.68 6.79
C LYS A 35 -5.69 -3.97 8.06
N ASP A 36 -4.79 -4.93 7.98
CA ASP A 36 -3.94 -5.23 9.20
C ASP A 36 -3.16 -3.98 9.62
N TYR A 37 -2.75 -3.13 8.68
CA TYR A 37 -1.98 -1.90 9.08
C TYR A 37 -2.85 -0.98 9.94
N TYR A 38 -4.05 -0.63 9.46
CA TYR A 38 -4.93 0.27 10.29
C TYR A 38 -6.01 -0.55 11.02
N GLN A 39 -5.71 -1.75 11.47
CA GLN A 39 -6.73 -2.55 12.22
C GLN A 39 -6.66 -2.22 13.72
N LYS A 40 -5.47 -2.06 14.25
CA LYS A 40 -5.35 -1.71 15.71
C LYS A 40 -4.74 -0.31 15.88
N TRP A 41 -5.03 0.61 15.00
CA TRP A 41 -4.45 1.99 15.12
C TRP A 41 -5.43 2.91 15.88
N MET A 42 -6.72 2.79 15.66
CA MET A 42 -7.69 3.66 16.39
C MET A 42 -9.00 2.89 16.67
N GLU A 43 -9.70 2.46 15.65
CA GLU A 43 -10.97 1.71 15.87
C GLU A 43 -11.14 0.60 14.81
N GLU A 44 -12.32 0.05 14.67
CA GLU A 44 -12.52 -1.03 13.64
C GLU A 44 -13.40 -0.52 12.50
N GLN A 45 -13.23 0.72 12.08
CA GLN A 45 -14.07 1.26 10.95
C GLN A 45 -13.29 2.32 10.16
N ALA A 46 -12.34 1.91 9.35
CA ALA A 46 -11.56 2.91 8.55
C ALA A 46 -11.33 2.39 7.12
N GLN A 47 -12.36 2.37 6.30
CA GLN A 47 -12.18 1.88 4.90
C GLN A 47 -12.48 3.01 3.90
N SER A 48 -12.13 4.24 4.23
CA SER A 48 -12.37 5.37 3.28
C SER A 48 -11.04 5.87 2.72
N LEU A 49 -10.09 6.24 3.58
CA LEU A 49 -8.76 6.72 3.07
C LEU A 49 -8.04 5.61 2.27
N ILE A 50 -8.39 4.35 2.45
CA ILE A 50 -7.69 3.26 1.66
C ILE A 50 -8.20 3.28 0.21
N ASP A 51 -9.50 3.19 0.00
CA ASP A 51 -10.04 3.21 -1.41
C ASP A 51 -9.55 4.47 -2.16
N LYS A 52 -9.51 5.60 -1.50
CA LYS A 52 -9.04 6.86 -2.20
C LYS A 52 -7.60 6.67 -2.70
N THR A 53 -6.75 5.98 -1.96
CA THR A 53 -5.34 5.79 -2.43
C THR A 53 -5.23 4.49 -3.25
N THR A 54 -5.89 3.44 -2.82
CA THR A 54 -5.81 2.15 -3.61
C THR A 54 -6.53 2.31 -4.96
N ALA A 55 -7.61 3.05 -5.03
CA ALA A 55 -8.32 3.23 -6.33
C ALA A 55 -7.77 4.46 -7.07
N ALA A 56 -7.53 5.56 -6.36
CA ALA A 56 -6.98 6.79 -7.04
C ALA A 56 -5.45 6.89 -6.87
N PHE A 57 -4.74 5.78 -6.79
CA PHE A 57 -3.25 5.87 -6.63
C PHE A 57 -2.62 6.60 -7.83
N GLN A 58 -2.83 6.09 -9.03
CA GLN A 58 -2.25 6.76 -10.24
C GLN A 58 -0.74 7.00 -10.08
N GLN A 59 -0.02 6.06 -9.48
CA GLN A 59 1.46 6.24 -9.30
C GLN A 59 1.76 7.59 -8.61
N GLY A 60 0.96 7.99 -7.65
CA GLY A 60 1.21 9.29 -6.96
C GLY A 60 2.28 9.11 -5.89
N LYS A 61 1.96 8.51 -4.76
CA LYS A 61 2.97 8.31 -3.68
C LYS A 61 3.18 6.82 -3.43
ZN ZN B . 2.93 -3.29 0.56
N MET A 1 20.70 6.33 -3.22
CA MET A 1 20.16 5.22 -4.06
C MET A 1 18.64 5.31 -4.14
N PRO A 2 18.08 4.97 -5.29
CA PRO A 2 16.60 5.04 -5.45
C PRO A 2 15.93 3.89 -4.68
N LYS A 3 15.22 4.20 -3.62
CA LYS A 3 14.55 3.12 -2.83
C LYS A 3 13.07 3.48 -2.61
N PHE A 4 12.21 2.48 -2.48
CA PHE A 4 10.75 2.78 -2.27
C PHE A 4 10.32 2.38 -0.85
N TYR A 5 9.21 2.91 -0.37
CA TYR A 5 8.75 2.56 1.01
C TYR A 5 7.24 2.27 1.01
N CYS A 6 6.81 1.20 1.66
CA CYS A 6 5.34 0.89 1.69
C CYS A 6 4.80 1.02 3.13
N ASP A 7 4.22 2.16 3.47
CA ASP A 7 3.68 2.32 4.88
C ASP A 7 2.73 1.16 5.23
N TYR A 8 1.95 0.67 4.27
CA TYR A 8 1.02 -0.47 4.58
C TYR A 8 1.82 -1.71 5.03
N CYS A 9 3.03 -1.90 4.51
CA CYS A 9 3.84 -3.09 4.92
C CYS A 9 4.86 -2.75 6.03
N ASP A 10 5.01 -1.48 6.41
CA ASP A 10 6.00 -1.13 7.49
C ASP A 10 7.39 -1.67 7.12
N THR A 11 7.77 -1.59 5.86
CA THR A 11 9.12 -2.09 5.45
C THR A 11 9.73 -1.16 4.40
N TYR A 12 10.98 -1.37 4.03
CA TYR A 12 11.61 -0.47 3.02
C TYR A 12 12.05 -1.29 1.79
N LEU A 13 11.84 -0.78 0.59
CA LEU A 13 12.27 -1.54 -0.63
C LEU A 13 13.64 -1.02 -1.10
N THR A 14 14.28 -1.73 -2.01
CA THR A 14 15.62 -1.26 -2.48
C THR A 14 15.54 -0.49 -3.83
N HIS A 15 14.58 -0.80 -4.68
CA HIS A 15 14.48 -0.08 -5.98
C HIS A 15 13.19 0.77 -6.02
N ASP A 16 13.21 1.88 -6.71
CA ASP A 16 11.99 2.74 -6.79
C ASP A 16 11.65 3.03 -8.26
N SER A 17 10.74 2.27 -8.84
CA SER A 17 10.38 2.49 -10.27
C SER A 17 8.92 2.09 -10.52
N PRO A 18 8.45 2.26 -11.74
CA PRO A 18 7.06 1.90 -12.08
C PRO A 18 6.87 0.38 -12.07
N SER A 19 7.89 -0.40 -12.44
CA SER A 19 7.73 -1.90 -12.43
C SER A 19 8.03 -2.44 -11.03
N VAL A 20 9.04 -1.92 -10.35
CA VAL A 20 9.37 -2.43 -8.98
C VAL A 20 8.17 -2.18 -8.04
N ARG A 21 7.65 -0.96 -8.00
CA ARG A 21 6.47 -0.67 -7.10
C ARG A 21 5.31 -1.62 -7.46
N LYS A 22 4.95 -1.72 -8.73
CA LYS A 22 3.84 -2.66 -9.11
C LYS A 22 4.26 -4.08 -8.74
N THR A 23 5.51 -4.45 -8.97
CA THR A 23 5.98 -5.84 -8.59
C THR A 23 5.67 -6.07 -7.10
N HIS A 24 5.94 -5.08 -6.26
CA HIS A 24 5.63 -5.23 -4.80
C HIS A 24 4.10 -5.38 -4.64
N CYS A 25 3.32 -4.63 -5.40
CA CYS A 25 1.84 -4.74 -5.29
C CYS A 25 1.29 -5.76 -6.31
N SER A 26 1.78 -6.99 -6.29
CA SER A 26 1.28 -8.00 -7.26
C SER A 26 0.67 -9.19 -6.51
N GLY A 27 -0.01 -8.95 -5.40
CA GLY A 27 -0.63 -10.08 -4.64
C GLY A 27 -1.97 -9.63 -4.04
N ARG A 28 -3.04 -10.36 -4.28
CA ARG A 28 -4.36 -9.96 -3.67
C ARG A 28 -4.23 -9.81 -2.15
N LYS A 29 -3.33 -10.54 -1.50
CA LYS A 29 -3.19 -10.39 -0.01
C LYS A 29 -2.81 -8.95 0.37
N HIS A 30 -2.05 -8.25 -0.46
CA HIS A 30 -1.66 -6.83 -0.08
C HIS A 30 -2.90 -6.01 0.33
N LYS A 31 -4.02 -6.18 -0.34
CA LYS A 31 -5.25 -5.40 0.06
C LYS A 31 -5.66 -5.83 1.48
N GLU A 32 -5.82 -7.11 1.72
CA GLU A 32 -6.18 -7.57 3.11
C GLU A 32 -5.07 -7.15 4.09
N ASN A 33 -3.82 -7.27 3.68
CA ASN A 33 -2.69 -6.85 4.59
C ASN A 33 -2.87 -5.38 5.02
N VAL A 34 -3.33 -4.52 4.13
CA VAL A 34 -3.53 -3.08 4.52
C VAL A 34 -4.48 -2.98 5.74
N LYS A 35 -5.48 -3.84 5.83
CA LYS A 35 -6.42 -3.78 7.01
C LYS A 35 -5.62 -3.81 8.32
N ASP A 36 -4.62 -4.66 8.41
CA ASP A 36 -3.80 -4.70 9.67
C ASP A 36 -3.19 -3.31 9.97
N TYR A 37 -2.89 -2.53 8.94
CA TYR A 37 -2.30 -1.17 9.21
C TYR A 37 -3.31 -0.29 9.95
N TYR A 38 -4.53 -0.17 9.46
CA TYR A 38 -5.55 0.67 10.17
C TYR A 38 -6.51 -0.19 11.01
N GLN A 39 -6.04 -1.28 11.57
CA GLN A 39 -6.96 -2.13 12.42
C GLN A 39 -6.87 -1.69 13.89
N LYS A 40 -5.69 -1.34 14.37
CA LYS A 40 -5.56 -0.90 15.80
C LYS A 40 -5.22 0.61 15.86
N TRP A 41 -5.64 1.39 14.89
CA TRP A 41 -5.32 2.86 14.93
C TRP A 41 -6.46 3.63 15.61
N MET A 42 -7.70 3.27 15.35
CA MET A 42 -8.84 3.99 15.99
C MET A 42 -10.00 3.02 16.28
N GLU A 43 -10.54 2.39 15.25
CA GLU A 43 -11.68 1.44 15.48
C GLU A 43 -11.61 0.28 14.46
N GLU A 44 -12.68 -0.48 14.31
CA GLU A 44 -12.65 -1.60 13.33
C GLU A 44 -13.56 -1.28 12.13
N GLN A 45 -13.57 -0.05 11.66
CA GLN A 45 -14.43 0.32 10.50
C GLN A 45 -13.81 1.49 9.72
N ALA A 46 -12.78 1.23 8.94
CA ALA A 46 -12.15 2.34 8.16
C ALA A 46 -11.79 1.86 6.74
N GLN A 47 -12.78 1.70 5.87
CA GLN A 47 -12.47 1.25 4.49
C GLN A 47 -12.75 2.37 3.48
N SER A 48 -12.48 3.62 3.85
CA SER A 48 -12.72 4.75 2.90
C SER A 48 -11.38 5.33 2.45
N LEU A 49 -10.52 5.72 3.38
CA LEU A 49 -9.18 6.29 2.98
C LEU A 49 -8.36 5.26 2.17
N ILE A 50 -8.64 3.97 2.28
CA ILE A 50 -7.84 2.96 1.49
C ILE A 50 -8.23 3.05 0.00
N ASP A 51 -9.51 2.92 -0.31
CA ASP A 51 -9.94 3.00 -1.75
C ASP A 51 -9.50 4.33 -2.37
N LYS A 52 -9.59 5.42 -1.64
CA LYS A 52 -9.16 6.75 -2.22
C LYS A 52 -7.66 6.74 -2.52
N THR A 53 -6.85 6.08 -1.72
CA THR A 53 -5.37 6.04 -2.00
C THR A 53 -5.02 4.85 -2.91
N THR A 54 -5.52 3.67 -2.60
CA THR A 54 -5.20 2.47 -3.48
C THR A 54 -5.58 2.75 -4.95
N ALA A 55 -6.64 3.50 -5.19
CA ALA A 55 -7.04 3.79 -6.61
C ALA A 55 -6.31 5.04 -7.12
N ALA A 56 -6.12 6.05 -6.27
CA ALA A 56 -5.41 7.29 -6.74
C ALA A 56 -3.94 7.26 -6.32
N PHE A 57 -3.28 6.11 -6.37
CA PHE A 57 -1.84 6.06 -5.98
C PHE A 57 -0.95 6.27 -7.22
N GLN A 58 -1.31 5.70 -8.35
CA GLN A 58 -0.49 5.88 -9.57
C GLN A 58 -1.25 6.70 -10.63
N GLN A 59 -1.52 7.95 -10.35
CA GLN A 59 -2.26 8.79 -11.34
C GLN A 59 -1.41 10.01 -11.75
N GLY A 60 -0.11 9.82 -11.95
CA GLY A 60 0.75 10.96 -12.34
C GLY A 60 1.03 10.89 -13.86
N LYS A 61 0.01 10.94 -14.68
CA LYS A 61 0.23 10.88 -16.15
C LYS A 61 -0.59 11.95 -16.86
ZN ZN B . 3.28 -3.25 0.61
N MET A 1 20.43 6.91 -4.05
CA MET A 1 19.48 6.47 -5.12
C MET A 1 18.03 6.62 -4.64
N PRO A 2 17.10 6.63 -5.57
CA PRO A 2 15.66 6.76 -5.20
C PRO A 2 15.15 5.45 -4.56
N LYS A 3 14.21 5.54 -3.65
CA LYS A 3 13.68 4.31 -3.00
C LYS A 3 12.18 4.45 -2.73
N PHE A 4 11.46 3.36 -2.56
CA PHE A 4 9.99 3.46 -2.27
C PHE A 4 9.69 2.92 -0.87
N TYR A 5 8.62 3.35 -0.25
CA TYR A 5 8.30 2.86 1.13
C TYR A 5 6.83 2.41 1.21
N CYS A 6 6.55 1.32 1.91
CA CYS A 6 5.14 0.84 2.03
C CYS A 6 4.72 0.86 3.51
N ASP A 7 4.12 1.94 3.99
CA ASP A 7 3.70 2.00 5.44
C ASP A 7 2.83 0.77 5.81
N TYR A 8 1.99 0.30 4.92
CA TYR A 8 1.15 -0.90 5.26
C TYR A 8 2.04 -2.11 5.53
N CYS A 9 3.18 -2.22 4.87
CA CYS A 9 4.08 -3.39 5.13
C CYS A 9 5.18 -3.06 6.16
N ASP A 10 5.24 -1.85 6.69
CA ASP A 10 6.30 -1.50 7.69
C ASP A 10 7.71 -1.83 7.14
N THR A 11 7.93 -1.60 5.86
CA THR A 11 9.27 -1.90 5.26
C THR A 11 9.63 -0.83 4.22
N TYR A 12 10.84 -0.85 3.72
CA TYR A 12 11.24 0.18 2.71
C TYR A 12 11.89 -0.52 1.49
N LEU A 13 11.46 -0.18 0.28
CA LEU A 13 12.06 -0.83 -0.93
C LEU A 13 13.30 -0.05 -1.40
N THR A 14 14.16 -0.66 -2.19
CA THR A 14 15.39 0.09 -2.65
C THR A 14 15.19 0.69 -4.06
N HIS A 15 14.38 0.09 -4.90
CA HIS A 15 14.17 0.67 -6.27
C HIS A 15 12.77 1.31 -6.36
N ASP A 16 12.67 2.53 -6.84
CA ASP A 16 11.34 3.19 -6.94
C ASP A 16 10.98 3.42 -8.42
N SER A 17 10.57 2.38 -9.12
CA SER A 17 10.21 2.54 -10.56
C SER A 17 8.73 2.14 -10.77
N PRO A 18 8.28 2.21 -12.01
CA PRO A 18 6.87 1.85 -12.31
C PRO A 18 6.65 0.33 -12.22
N SER A 19 7.67 -0.49 -12.45
CA SER A 19 7.46 -1.97 -12.36
C SER A 19 7.77 -2.48 -10.94
N VAL A 20 8.84 -2.00 -10.33
CA VAL A 20 9.17 -2.46 -8.93
C VAL A 20 7.98 -2.18 -7.99
N ARG A 21 7.50 -0.95 -7.93
CA ARG A 21 6.34 -0.64 -7.02
C ARG A 21 5.16 -1.57 -7.34
N LYS A 22 4.75 -1.66 -8.60
CA LYS A 22 3.62 -2.58 -8.95
C LYS A 22 4.03 -4.02 -8.60
N THR A 23 5.27 -4.41 -8.88
CA THR A 23 5.72 -5.80 -8.52
C THR A 23 5.45 -6.02 -7.02
N HIS A 24 5.76 -5.04 -6.19
CA HIS A 24 5.48 -5.19 -4.72
C HIS A 24 3.96 -5.33 -4.51
N CYS A 25 3.16 -4.61 -5.28
CA CYS A 25 1.67 -4.71 -5.12
C CYS A 25 1.09 -5.68 -6.16
N SER A 26 1.63 -6.88 -6.25
CA SER A 26 1.09 -7.86 -7.26
C SER A 26 0.49 -9.08 -6.53
N GLY A 27 -0.18 -8.87 -5.41
CA GLY A 27 -0.79 -10.02 -4.69
C GLY A 27 -2.09 -9.59 -4.01
N ARG A 28 -3.18 -10.29 -4.24
CA ARG A 28 -4.48 -9.91 -3.57
C ARG A 28 -4.30 -9.81 -2.04
N LYS A 29 -3.37 -10.57 -1.47
CA LYS A 29 -3.17 -10.49 0.03
C LYS A 29 -2.75 -9.07 0.45
N HIS A 30 -2.00 -8.35 -0.38
CA HIS A 30 -1.56 -6.96 0.01
C HIS A 30 -2.77 -6.12 0.49
N LYS A 31 -3.90 -6.22 -0.18
CA LYS A 31 -5.10 -5.42 0.28
C LYS A 31 -5.48 -5.85 1.70
N GLU A 32 -5.74 -7.13 1.92
CA GLU A 32 -6.10 -7.60 3.30
C GLU A 32 -4.93 -7.26 4.26
N ASN A 33 -3.70 -7.39 3.81
CA ASN A 33 -2.53 -7.05 4.70
C ASN A 33 -2.65 -5.60 5.20
N VAL A 34 -3.09 -4.69 4.36
CA VAL A 34 -3.23 -3.25 4.84
C VAL A 34 -4.28 -3.19 5.96
N LYS A 35 -5.36 -3.94 5.86
CA LYS A 35 -6.39 -3.91 6.97
C LYS A 35 -5.74 -4.35 8.29
N ASP A 36 -4.92 -5.38 8.25
CA ASP A 36 -4.24 -5.82 9.52
C ASP A 36 -3.39 -4.68 10.10
N TYR A 37 -2.84 -3.80 9.26
CA TYR A 37 -2.01 -2.68 9.81
C TYR A 37 -2.90 -1.66 10.55
N TYR A 38 -3.96 -1.19 9.91
CA TYR A 38 -4.85 -0.20 10.60
C TYR A 38 -6.11 -0.89 11.18
N GLN A 39 -6.01 -2.12 11.62
CA GLN A 39 -7.23 -2.81 12.20
C GLN A 39 -7.37 -2.44 13.69
N LYS A 40 -6.27 -2.38 14.42
CA LYS A 40 -6.36 -2.00 15.87
C LYS A 40 -6.24 -0.47 16.04
N TRP A 41 -5.52 0.21 15.15
CA TRP A 41 -5.36 1.71 15.28
C TRP A 41 -6.70 2.41 15.55
N MET A 42 -7.80 1.90 15.01
CA MET A 42 -9.12 2.56 15.24
C MET A 42 -10.27 1.54 15.17
N GLU A 43 -10.39 0.81 14.08
CA GLU A 43 -11.51 -0.19 13.96
C GLU A 43 -12.87 0.53 14.07
N GLU A 44 -13.00 1.70 13.49
CA GLU A 44 -14.31 2.43 13.56
C GLU A 44 -14.54 3.23 12.28
N GLN A 45 -15.12 2.63 11.25
CA GLN A 45 -15.36 3.36 9.97
C GLN A 45 -14.06 4.01 9.46
N ALA A 46 -13.15 3.23 8.92
CA ALA A 46 -11.87 3.82 8.42
C ALA A 46 -11.42 3.08 7.14
N GLN A 47 -12.13 3.24 6.05
CA GLN A 47 -11.73 2.57 4.79
C GLN A 47 -11.69 3.57 3.62
N SER A 48 -11.33 4.81 3.87
CA SER A 48 -11.26 5.81 2.76
C SER A 48 -9.79 6.04 2.37
N LEU A 49 -8.92 6.27 3.34
CA LEU A 49 -7.47 6.50 3.01
C LEU A 49 -6.86 5.28 2.28
N ILE A 50 -7.44 4.09 2.42
CA ILE A 50 -6.85 2.90 1.71
C ILE A 50 -7.35 2.85 0.26
N ASP A 51 -8.62 3.14 0.03
CA ASP A 51 -9.15 3.10 -1.39
C ASP A 51 -8.35 4.08 -2.27
N LYS A 52 -8.01 5.25 -1.77
CA LYS A 52 -7.23 6.24 -2.61
C LYS A 52 -5.92 5.59 -3.11
N THR A 53 -5.29 4.75 -2.31
CA THR A 53 -4.01 4.11 -2.77
C THR A 53 -4.31 2.78 -3.48
N THR A 54 -5.29 2.02 -3.04
CA THR A 54 -5.60 0.71 -3.71
C THR A 54 -6.36 0.97 -5.04
N ALA A 55 -7.28 1.91 -5.05
CA ALA A 55 -8.04 2.18 -6.33
C ALA A 55 -7.07 2.63 -7.43
N ALA A 56 -6.08 3.44 -7.10
CA ALA A 56 -5.10 3.89 -8.16
C ALA A 56 -4.49 2.68 -8.90
N PHE A 57 -4.27 1.57 -8.22
CA PHE A 57 -3.68 0.38 -8.93
C PHE A 57 -4.79 -0.49 -9.53
N GLN A 58 -5.93 -0.61 -8.87
CA GLN A 58 -7.04 -1.46 -9.44
C GLN A 58 -7.73 -0.70 -10.60
N GLN A 59 -7.95 0.59 -10.45
CA GLN A 59 -8.61 1.37 -11.55
C GLN A 59 -7.66 2.43 -12.10
N GLY A 60 -6.54 2.03 -12.67
CA GLY A 60 -5.59 3.04 -13.22
C GLY A 60 -5.69 3.07 -14.75
N LYS A 61 -4.68 2.56 -15.45
CA LYS A 61 -4.74 2.56 -16.94
C LYS A 61 -4.59 1.13 -17.47
ZN ZN B . 3.34 -3.36 0.79
N MET A 1 17.67 8.71 -4.50
CA MET A 1 18.12 7.30 -4.68
C MET A 1 16.94 6.41 -5.10
N PRO A 2 17.23 5.38 -5.88
CA PRO A 2 16.15 4.47 -6.33
C PRO A 2 15.67 3.58 -5.17
N LYS A 3 14.86 4.12 -4.28
CA LYS A 3 14.36 3.31 -3.13
C LYS A 3 12.90 3.66 -2.83
N PHE A 4 12.03 2.68 -2.71
CA PHE A 4 10.59 2.98 -2.42
C PHE A 4 10.22 2.52 -1.00
N TYR A 5 9.19 3.09 -0.41
CA TYR A 5 8.81 2.67 0.98
C TYR A 5 7.30 2.35 1.04
N CYS A 6 6.92 1.28 1.73
CA CYS A 6 5.47 0.94 1.82
C CYS A 6 4.99 1.04 3.28
N ASP A 7 4.40 2.17 3.67
CA ASP A 7 3.92 2.31 5.09
C ASP A 7 3.00 1.13 5.46
N TYR A 8 2.18 0.66 4.54
CA TYR A 8 1.27 -0.49 4.86
C TYR A 8 2.11 -1.73 5.27
N CYS A 9 3.28 -1.90 4.68
CA CYS A 9 4.13 -3.10 5.06
C CYS A 9 5.16 -2.74 6.15
N ASP A 10 5.21 -1.52 6.65
CA ASP A 10 6.22 -1.16 7.70
C ASP A 10 7.63 -1.56 7.28
N THR A 11 7.97 -1.42 6.01
CA THR A 11 9.33 -1.80 5.54
C THR A 11 9.78 -0.88 4.41
N TYR A 12 11.03 -0.95 3.99
CA TYR A 12 11.51 -0.06 2.90
C TYR A 12 11.98 -0.91 1.69
N LEU A 13 11.44 -0.67 0.52
CA LEU A 13 11.88 -1.47 -0.68
C LEU A 13 13.28 -1.01 -1.12
N THR A 14 13.94 -1.75 -1.98
CA THR A 14 15.31 -1.34 -2.42
C THR A 14 15.29 -0.67 -3.81
N HIS A 15 14.37 -1.01 -4.68
CA HIS A 15 14.34 -0.37 -6.03
C HIS A 15 13.12 0.55 -6.16
N ASP A 16 13.25 1.66 -6.86
CA ASP A 16 12.08 2.59 -7.01
C ASP A 16 11.78 2.80 -8.51
N SER A 17 10.90 2.02 -9.08
CA SER A 17 10.57 2.18 -10.52
C SER A 17 9.08 1.97 -10.76
N PRO A 18 8.63 2.11 -11.99
CA PRO A 18 7.20 1.92 -12.31
C PRO A 18 6.82 0.44 -12.23
N SER A 19 7.72 -0.47 -12.54
CA SER A 19 7.36 -1.93 -12.46
C SER A 19 7.65 -2.47 -11.04
N VAL A 20 8.76 -2.08 -10.43
CA VAL A 20 9.07 -2.59 -9.04
C VAL A 20 7.93 -2.21 -8.08
N ARG A 21 7.57 -0.93 -8.02
CA ARG A 21 6.46 -0.53 -7.08
C ARG A 21 5.18 -1.32 -7.41
N LYS A 22 4.76 -1.35 -8.66
CA LYS A 22 3.53 -2.15 -9.00
C LYS A 22 3.79 -3.63 -8.70
N THR A 23 4.98 -4.13 -8.98
CA THR A 23 5.29 -5.57 -8.66
C THR A 23 5.02 -5.80 -7.15
N HIS A 24 5.44 -4.86 -6.31
CA HIS A 24 5.17 -5.02 -4.85
C HIS A 24 3.65 -5.02 -4.61
N CYS A 25 2.90 -4.22 -5.36
CA CYS A 25 1.41 -4.18 -5.16
C CYS A 25 0.71 -5.05 -6.20
N SER A 26 1.18 -6.26 -6.44
CA SER A 26 0.51 -7.14 -7.45
C SER A 26 -0.08 -8.38 -6.76
N GLY A 27 -0.64 -8.23 -5.57
CA GLY A 27 -1.22 -9.40 -4.87
C GLY A 27 -2.47 -8.98 -4.08
N ARG A 28 -3.59 -9.63 -4.29
CA ARG A 28 -4.83 -9.25 -3.51
C ARG A 28 -4.53 -9.29 -1.98
N LYS A 29 -3.61 -10.12 -1.55
CA LYS A 29 -3.29 -10.18 -0.07
C LYS A 29 -2.85 -8.79 0.44
N HIS A 30 -2.16 -8.00 -0.36
CA HIS A 30 -1.70 -6.64 0.12
C HIS A 30 -2.88 -5.86 0.74
N LYS A 31 -4.08 -5.98 0.18
CA LYS A 31 -5.25 -5.24 0.77
C LYS A 31 -5.49 -5.74 2.20
N GLU A 32 -5.67 -7.04 2.39
CA GLU A 32 -5.88 -7.57 3.79
C GLU A 32 -4.65 -7.21 4.64
N ASN A 33 -3.45 -7.30 4.09
CA ASN A 33 -2.23 -6.94 4.88
C ASN A 33 -2.35 -5.51 5.42
N VAL A 34 -2.91 -4.59 4.66
CA VAL A 34 -3.05 -3.17 5.16
C VAL A 34 -3.86 -3.16 6.48
N LYS A 35 -4.88 -4.00 6.61
CA LYS A 35 -5.67 -4.02 7.90
C LYS A 35 -4.72 -4.23 9.09
N ASP A 36 -3.73 -5.10 8.94
CA ASP A 36 -2.77 -5.33 10.07
C ASP A 36 -2.07 -4.00 10.45
N TYR A 37 -1.90 -3.08 9.52
CA TYR A 37 -1.23 -1.78 9.87
C TYR A 37 -2.16 -0.94 10.76
N TYR A 38 -3.37 -0.67 10.32
CA TYR A 38 -4.30 0.15 11.17
C TYR A 38 -5.30 -0.75 11.95
N GLN A 39 -4.94 -1.98 12.26
CA GLN A 39 -5.89 -2.86 13.03
C GLN A 39 -6.18 -2.26 14.42
N LYS A 40 -5.19 -1.65 15.05
CA LYS A 40 -5.42 -1.04 16.40
C LYS A 40 -5.40 0.50 16.32
N TRP A 41 -5.76 1.07 15.19
CA TRP A 41 -5.75 2.57 15.08
C TRP A 41 -7.19 3.11 15.16
N MET A 42 -8.11 2.56 14.39
CA MET A 42 -9.52 3.05 14.45
C MET A 42 -10.50 1.90 14.14
N GLU A 43 -10.37 1.26 12.99
CA GLU A 43 -11.30 0.13 12.63
C GLU A 43 -12.76 0.59 12.71
N GLU A 44 -13.71 -0.32 12.73
CA GLU A 44 -15.16 0.08 12.80
C GLU A 44 -15.49 1.09 11.69
N GLN A 45 -15.99 0.63 10.56
CA GLN A 45 -16.32 1.56 9.44
C GLN A 45 -15.09 2.40 9.05
N ALA A 46 -14.09 1.79 8.46
CA ALA A 46 -12.86 2.56 8.07
C ALA A 46 -12.23 1.94 6.81
N GLN A 47 -12.89 2.07 5.67
CA GLN A 47 -12.31 1.50 4.42
C GLN A 47 -12.36 2.53 3.27
N SER A 48 -12.22 3.81 3.59
CA SER A 48 -12.24 4.85 2.50
C SER A 48 -10.81 5.32 2.22
N LEU A 49 -10.06 5.69 3.26
CA LEU A 49 -8.65 6.15 3.03
C LEU A 49 -7.78 5.04 2.39
N ILE A 50 -8.17 3.78 2.50
CA ILE A 50 -7.34 2.69 1.87
C ILE A 50 -7.69 2.56 0.38
N ASP A 51 -8.96 2.66 0.01
CA ASP A 51 -9.32 2.55 -1.44
C ASP A 51 -8.97 3.85 -2.18
N LYS A 52 -9.21 5.00 -1.57
CA LYS A 52 -8.88 6.29 -2.26
C LYS A 52 -7.39 6.34 -2.64
N THR A 53 -6.52 5.75 -1.85
CA THR A 53 -5.06 5.78 -2.20
C THR A 53 -4.68 4.56 -3.07
N THR A 54 -5.17 3.38 -2.73
CA THR A 54 -4.82 2.17 -3.56
C THR A 54 -5.32 2.36 -5.00
N ALA A 55 -6.50 2.92 -5.18
CA ALA A 55 -7.02 3.13 -6.59
C ALA A 55 -6.07 4.05 -7.37
N ALA A 56 -5.55 5.09 -6.74
CA ALA A 56 -4.61 6.02 -7.48
C ALA A 56 -3.47 5.24 -8.17
N PHE A 57 -3.03 4.14 -7.59
CA PHE A 57 -1.92 3.35 -8.25
C PHE A 57 -2.49 2.31 -9.23
N GLN A 58 -3.63 1.73 -8.93
CA GLN A 58 -4.21 0.71 -9.88
C GLN A 58 -5.33 1.34 -10.72
N GLN A 59 -6.39 1.81 -10.10
CA GLN A 59 -7.52 2.44 -10.86
C GLN A 59 -8.01 1.51 -11.98
N GLY A 60 -8.12 0.22 -11.71
CA GLY A 60 -8.58 -0.73 -12.77
C GLY A 60 -7.75 -2.02 -12.70
N LYS A 61 -6.45 -1.93 -12.89
CA LYS A 61 -5.60 -3.16 -12.83
C LYS A 61 -4.61 -3.06 -11.66
ZN ZN B . 3.35 -3.19 0.79
N MET A 1 19.29 7.93 -2.54
CA MET A 1 19.13 6.85 -3.58
C MET A 1 17.64 6.62 -3.86
N PRO A 2 17.34 6.10 -5.03
CA PRO A 2 15.92 5.84 -5.40
C PRO A 2 15.38 4.62 -4.62
N LYS A 3 14.50 4.84 -3.68
CA LYS A 3 13.93 3.70 -2.90
C LYS A 3 12.43 3.91 -2.67
N PHE A 4 11.66 2.85 -2.57
CA PHE A 4 10.19 2.99 -2.34
C PHE A 4 9.83 2.61 -0.90
N TYR A 5 8.68 3.02 -0.40
CA TYR A 5 8.30 2.68 0.99
C TYR A 5 6.81 2.27 1.06
N CYS A 6 6.48 1.24 1.79
CA CYS A 6 5.05 0.81 1.89
C CYS A 6 4.58 0.86 3.36
N ASP A 7 4.00 1.97 3.80
CA ASP A 7 3.53 2.05 5.23
C ASP A 7 2.62 0.84 5.57
N TYR A 8 1.81 0.39 4.63
CA TYR A 8 0.92 -0.79 4.93
C TYR A 8 1.79 -2.02 5.29
N CYS A 9 2.96 -2.17 4.70
CA CYS A 9 3.82 -3.35 5.03
C CYS A 9 4.85 -3.02 6.15
N ASP A 10 4.91 -1.79 6.64
CA ASP A 10 5.91 -1.46 7.71
C ASP A 10 7.33 -1.85 7.28
N THR A 11 7.68 -1.62 6.03
CA THR A 11 9.05 -1.99 5.55
C THR A 11 9.53 -0.99 4.49
N TYR A 12 10.80 -1.04 4.12
CA TYR A 12 11.32 -0.08 3.10
C TYR A 12 11.87 -0.82 1.88
N LEU A 13 11.64 -0.31 0.68
CA LEU A 13 12.17 -1.01 -0.54
C LEU A 13 13.49 -0.34 -0.96
N THR A 14 14.27 -0.99 -1.81
CA THR A 14 15.58 -0.37 -2.23
C THR A 14 15.49 0.28 -3.63
N HIS A 15 14.55 -0.11 -4.48
CA HIS A 15 14.47 0.51 -5.83
C HIS A 15 13.09 1.15 -6.03
N ASP A 16 13.03 2.34 -6.62
CA ASP A 16 11.72 2.99 -6.84
C ASP A 16 11.45 3.15 -8.35
N SER A 17 10.87 2.16 -8.97
CA SER A 17 10.61 2.26 -10.44
C SER A 17 9.16 1.84 -10.75
N PRO A 18 8.78 1.90 -11.99
CA PRO A 18 7.39 1.52 -12.38
C PRO A 18 7.18 -0.01 -12.27
N SER A 19 8.23 -0.81 -12.42
CA SER A 19 8.04 -2.30 -12.31
C SER A 19 8.30 -2.75 -10.86
N VAL A 20 9.35 -2.24 -10.23
CA VAL A 20 9.63 -2.66 -8.80
C VAL A 20 8.41 -2.34 -7.91
N ARG A 21 7.94 -1.10 -7.91
CA ARG A 21 6.76 -0.76 -7.05
C ARG A 21 5.57 -1.67 -7.40
N LYS A 22 5.24 -1.80 -8.67
CA LYS A 22 4.10 -2.71 -9.05
C LYS A 22 4.46 -4.14 -8.64
N THR A 23 5.71 -4.55 -8.84
CA THR A 23 6.12 -5.95 -8.41
C THR A 23 5.76 -6.13 -6.93
N HIS A 24 6.03 -5.13 -6.11
CA HIS A 24 5.66 -5.23 -4.66
C HIS A 24 4.13 -5.34 -4.54
N CYS A 25 3.40 -4.61 -5.37
CA CYS A 25 1.90 -4.67 -5.30
C CYS A 25 1.35 -5.61 -6.38
N SER A 26 1.91 -6.79 -6.52
CA SER A 26 1.41 -7.74 -7.57
C SER A 26 0.82 -8.99 -6.89
N GLY A 27 0.11 -8.82 -5.79
CA GLY A 27 -0.49 -10.00 -5.10
C GLY A 27 -1.93 -9.70 -4.68
N ARG A 28 -2.80 -10.69 -4.67
CA ARG A 28 -4.22 -10.43 -4.24
C ARG A 28 -4.33 -10.31 -2.70
N LYS A 29 -3.28 -10.63 -1.94
CA LYS A 29 -3.37 -10.51 -0.45
C LYS A 29 -2.95 -9.09 0.01
N HIS A 30 -2.12 -8.38 -0.73
CA HIS A 30 -1.70 -6.99 -0.29
C HIS A 30 -2.92 -6.15 0.11
N LYS A 31 -4.02 -6.24 -0.62
CA LYS A 31 -5.23 -5.43 -0.23
C LYS A 31 -5.71 -5.88 1.15
N GLU A 32 -5.99 -7.16 1.33
CA GLU A 32 -6.43 -7.63 2.69
C GLU A 32 -5.33 -7.34 3.72
N ASN A 33 -4.07 -7.49 3.35
CA ASN A 33 -2.96 -7.18 4.32
C ASN A 33 -3.08 -5.73 4.83
N VAL A 34 -3.48 -4.80 3.98
CA VAL A 34 -3.61 -3.37 4.44
C VAL A 34 -4.56 -3.29 5.65
N LYS A 35 -5.61 -4.10 5.69
CA LYS A 35 -6.55 -4.05 6.87
C LYS A 35 -5.77 -4.27 8.17
N ASP A 36 -4.82 -5.19 8.17
CA ASP A 36 -4.01 -5.42 9.43
C ASP A 36 -3.30 -4.11 9.85
N TYR A 37 -3.00 -3.21 8.92
CA TYR A 37 -2.31 -1.94 9.33
C TYR A 37 -3.27 -1.00 10.08
N TYR A 38 -4.44 -0.71 9.52
CA TYR A 38 -5.39 0.19 10.23
C TYR A 38 -6.50 -0.61 10.96
N GLN A 39 -6.21 -1.82 11.42
CA GLN A 39 -7.27 -2.60 12.14
C GLN A 39 -7.47 -2.02 13.54
N LYS A 40 -6.42 -1.64 14.23
CA LYS A 40 -6.56 -1.06 15.59
C LYS A 40 -6.02 0.38 15.64
N TRP A 41 -5.95 1.07 14.51
CA TRP A 41 -5.41 2.49 14.53
C TRP A 41 -6.23 3.36 15.51
N MET A 42 -7.54 3.31 15.43
CA MET A 42 -8.38 4.13 16.36
C MET A 42 -9.60 3.33 16.84
N GLU A 43 -9.48 2.03 17.03
CA GLU A 43 -10.65 1.21 17.49
C GLU A 43 -11.90 1.49 16.62
N GLU A 44 -11.73 1.69 15.33
CA GLU A 44 -12.91 1.97 14.46
C GLU A 44 -12.73 1.30 13.09
N GLN A 45 -13.61 1.56 12.14
CA GLN A 45 -13.47 0.93 10.80
C GLN A 45 -13.05 2.00 9.76
N ALA A 46 -11.87 1.89 9.21
CA ALA A 46 -11.42 2.90 8.20
C ALA A 46 -11.27 2.24 6.82
N GLN A 47 -12.36 1.98 6.13
CA GLN A 47 -12.26 1.34 4.78
C GLN A 47 -12.61 2.36 3.68
N SER A 48 -12.26 3.62 3.85
CA SER A 48 -12.56 4.64 2.81
C SER A 48 -11.26 5.14 2.17
N LEU A 49 -10.33 5.63 2.97
CA LEU A 49 -9.02 6.12 2.39
C LEU A 49 -8.25 4.96 1.70
N ILE A 50 -8.53 3.70 2.04
CA ILE A 50 -7.79 2.58 1.37
C ILE A 50 -8.22 2.48 -0.11
N ASP A 51 -9.51 2.64 -0.40
CA ASP A 51 -9.96 2.56 -1.83
C ASP A 51 -9.59 3.85 -2.57
N LYS A 52 -9.72 5.00 -1.92
CA LYS A 52 -9.36 6.29 -2.63
C LYS A 52 -7.83 6.39 -2.81
N THR A 53 -7.05 5.89 -1.88
CA THR A 53 -5.55 5.97 -2.05
C THR A 53 -5.06 4.87 -2.99
N THR A 54 -5.59 3.67 -2.88
CA THR A 54 -5.13 2.56 -3.80
C THR A 54 -5.44 2.91 -5.26
N ALA A 55 -6.57 3.54 -5.53
CA ALA A 55 -6.91 3.90 -6.95
C ALA A 55 -6.42 5.32 -7.26
N ALA A 56 -6.63 6.27 -6.37
CA ALA A 56 -6.15 7.67 -6.63
C ALA A 56 -4.75 7.88 -6.02
N PHE A 57 -3.79 7.08 -6.40
CA PHE A 57 -2.41 7.24 -5.84
C PHE A 57 -1.58 8.16 -6.75
N GLN A 58 -1.72 8.04 -8.06
CA GLN A 58 -0.93 8.92 -8.98
C GLN A 58 -1.86 9.59 -10.00
N GLN A 59 -3.01 10.06 -9.58
CA GLN A 59 -3.96 10.73 -10.53
C GLN A 59 -4.64 11.91 -9.85
N GLY A 60 -3.93 12.69 -9.05
CA GLY A 60 -4.56 13.86 -8.37
C GLY A 60 -3.58 15.03 -8.35
N LYS A 61 -2.89 15.23 -7.24
CA LYS A 61 -1.90 16.37 -7.16
C LYS A 61 -0.49 15.83 -6.96
ZN ZN B . 3.22 -3.39 0.72
N MET A 1 12.80 10.82 -4.13
CA MET A 1 13.54 10.11 -3.05
C MET A 1 14.01 8.72 -3.56
N PRO A 2 15.22 8.34 -3.19
CA PRO A 2 15.75 7.02 -3.64
C PRO A 2 15.04 5.88 -2.90
N LYS A 3 14.99 4.70 -3.49
CA LYS A 3 14.32 3.53 -2.83
C LYS A 3 12.85 3.85 -2.51
N PHE A 4 12.03 2.83 -2.30
CA PHE A 4 10.59 3.09 -2.00
C PHE A 4 10.23 2.60 -0.58
N TYR A 5 9.12 3.06 -0.03
CA TYR A 5 8.74 2.61 1.35
C TYR A 5 7.24 2.28 1.40
N CYS A 6 6.86 1.16 1.99
CA CYS A 6 5.41 0.81 2.06
C CYS A 6 4.93 0.84 3.53
N ASP A 7 4.35 1.94 3.97
CA ASP A 7 3.85 2.00 5.40
C ASP A 7 2.93 0.80 5.69
N TYR A 8 2.14 0.36 4.74
CA TYR A 8 1.24 -0.82 4.99
C TYR A 8 2.07 -2.06 5.34
N CYS A 9 3.27 -2.19 4.78
CA CYS A 9 4.12 -3.39 5.10
C CYS A 9 5.18 -3.09 6.18
N ASP A 10 5.32 -1.86 6.65
CA ASP A 10 6.35 -1.55 7.70
C ASP A 10 7.74 -2.03 7.24
N THR A 11 8.06 -1.86 5.98
CA THR A 11 9.40 -2.30 5.47
C THR A 11 9.94 -1.29 4.44
N TYR A 12 11.16 -1.45 4.01
CA TYR A 12 11.73 -0.49 3.02
C TYR A 12 12.13 -1.21 1.73
N LEU A 13 11.80 -0.66 0.57
CA LEU A 13 12.18 -1.33 -0.71
C LEU A 13 13.50 -0.73 -1.24
N THR A 14 14.15 -1.38 -2.18
CA THR A 14 15.44 -0.82 -2.70
C THR A 14 15.25 -0.05 -4.04
N HIS A 15 14.20 -0.33 -4.78
CA HIS A 15 14.00 0.40 -6.08
C HIS A 15 12.71 1.23 -6.03
N ASP A 16 12.69 2.38 -6.67
CA ASP A 16 11.46 3.22 -6.66
C ASP A 16 11.07 3.59 -8.11
N SER A 17 10.21 2.80 -8.73
CA SER A 17 9.81 3.10 -10.13
C SER A 17 8.33 2.73 -10.35
N PRO A 18 7.84 2.97 -11.55
CA PRO A 18 6.42 2.63 -11.84
C PRO A 18 6.21 1.10 -11.91
N SER A 19 7.23 0.33 -12.23
CA SER A 19 7.05 -1.16 -12.29
C SER A 19 7.42 -1.78 -10.93
N VAL A 20 8.50 -1.33 -10.31
CA VAL A 20 8.89 -1.92 -8.97
C VAL A 20 7.75 -1.68 -7.96
N ARG A 21 7.30 -0.45 -7.79
CA ARG A 21 6.19 -0.19 -6.82
C ARG A 21 4.97 -1.07 -7.16
N LYS A 22 4.53 -1.06 -8.40
CA LYS A 22 3.37 -1.94 -8.78
C LYS A 22 3.76 -3.40 -8.56
N THR A 23 4.98 -3.79 -8.90
CA THR A 23 5.42 -5.22 -8.66
C THR A 23 5.20 -5.54 -7.17
N HIS A 24 5.57 -4.62 -6.29
CA HIS A 24 5.35 -4.88 -4.83
C HIS A 24 3.83 -5.01 -4.57
N CYS A 25 3.02 -4.22 -5.24
CA CYS A 25 1.54 -4.30 -5.03
C CYS A 25 0.90 -5.20 -6.11
N SER A 26 1.40 -6.40 -6.29
CA SER A 26 0.81 -7.32 -7.32
C SER A 26 0.29 -8.60 -6.66
N GLY A 27 -0.28 -8.50 -5.47
CA GLY A 27 -0.80 -9.72 -4.80
C GLY A 27 -2.10 -9.39 -4.06
N ARG A 28 -3.16 -10.15 -4.28
CA ARG A 28 -4.45 -9.87 -3.55
C ARG A 28 -4.22 -9.81 -2.03
N LYS A 29 -3.23 -10.53 -1.51
CA LYS A 29 -2.98 -10.49 -0.02
C LYS A 29 -2.66 -9.06 0.43
N HIS A 30 -1.94 -8.29 -0.38
CA HIS A 30 -1.60 -6.88 0.05
C HIS A 30 -2.87 -6.13 0.47
N LYS A 31 -3.98 -6.31 -0.23
CA LYS A 31 -5.24 -5.60 0.18
C LYS A 31 -5.66 -6.08 1.56
N GLU A 32 -5.83 -7.39 1.73
CA GLU A 32 -6.21 -7.91 3.09
C GLU A 32 -5.13 -7.53 4.11
N ASN A 33 -3.86 -7.58 3.73
CA ASN A 33 -2.77 -7.20 4.68
C ASN A 33 -2.99 -5.75 5.18
N VAL A 34 -3.43 -4.86 4.32
CA VAL A 34 -3.67 -3.43 4.77
C VAL A 34 -4.72 -3.43 5.90
N LYS A 35 -5.75 -4.25 5.81
CA LYS A 35 -6.79 -4.26 6.91
C LYS A 35 -6.11 -4.54 8.25
N ASP A 36 -5.28 -5.56 8.32
CA ASP A 36 -4.57 -5.86 9.61
C ASP A 36 -3.77 -4.63 10.09
N TYR A 37 -3.32 -3.77 9.18
CA TYR A 37 -2.53 -2.57 9.62
C TYR A 37 -3.46 -1.52 10.26
N TYR A 38 -4.55 -1.16 9.61
CA TYR A 38 -5.47 -0.14 10.22
C TYR A 38 -6.69 -0.81 10.89
N GLN A 39 -6.53 -1.98 11.48
CA GLN A 39 -7.70 -2.64 12.15
C GLN A 39 -7.85 -2.09 13.58
N LYS A 40 -6.75 -1.89 14.28
CA LYS A 40 -6.84 -1.33 15.67
C LYS A 40 -6.19 0.06 15.76
N TRP A 41 -6.20 0.81 14.68
CA TRP A 41 -5.57 2.19 14.72
C TRP A 41 -6.09 3.00 15.92
N MET A 42 -7.39 3.14 16.06
CA MET A 42 -7.92 3.92 17.22
C MET A 42 -9.24 3.30 17.72
N GLU A 43 -10.32 3.41 16.98
CA GLU A 43 -11.63 2.80 17.45
C GLU A 43 -12.70 2.88 16.34
N GLU A 44 -12.37 2.54 15.11
CA GLU A 44 -13.39 2.61 14.02
C GLU A 44 -12.92 1.83 12.78
N GLN A 45 -13.58 1.99 11.66
CA GLN A 45 -13.16 1.26 10.42
C GLN A 45 -12.70 2.26 9.35
N ALA A 46 -11.51 2.09 8.81
CA ALA A 46 -11.02 3.03 7.76
C ALA A 46 -10.82 2.30 6.43
N GLN A 47 -11.89 1.97 5.73
CA GLN A 47 -11.74 1.27 4.42
C GLN A 47 -12.10 2.21 3.27
N SER A 48 -11.78 3.48 3.37
CA SER A 48 -12.09 4.43 2.25
C SER A 48 -10.79 4.92 1.59
N LEU A 49 -9.86 5.44 2.38
CA LEU A 49 -8.57 5.92 1.77
C LEU A 49 -7.80 4.77 1.08
N ILE A 50 -8.07 3.52 1.43
CA ILE A 50 -7.31 2.39 0.75
C ILE A 50 -7.75 2.29 -0.71
N ASP A 51 -9.04 2.29 -0.98
CA ASP A 51 -9.51 2.19 -2.42
C ASP A 51 -8.93 3.35 -3.25
N LYS A 52 -8.84 4.54 -2.69
CA LYS A 52 -8.27 5.69 -3.49
C LYS A 52 -6.76 5.51 -3.68
N THR A 53 -6.05 4.96 -2.70
CA THR A 53 -4.57 4.78 -2.86
C THR A 53 -4.28 3.47 -3.63
N THR A 54 -5.02 2.42 -3.37
CA THR A 54 -4.76 1.12 -4.10
C THR A 54 -4.94 1.34 -5.62
N ALA A 55 -5.93 2.12 -6.03
CA ALA A 55 -6.13 2.34 -7.50
C ALA A 55 -4.89 3.04 -8.10
N ALA A 56 -4.31 3.99 -7.39
CA ALA A 56 -3.09 4.70 -7.95
C ALA A 56 -2.00 3.68 -8.34
N PHE A 57 -1.83 2.61 -7.58
CA PHE A 57 -0.77 1.60 -7.93
C PHE A 57 -1.00 1.07 -9.37
N GLN A 58 -2.23 0.88 -9.77
CA GLN A 58 -2.50 0.37 -11.16
C GLN A 58 -3.24 1.44 -11.98
N GLN A 59 -2.74 2.67 -12.01
CA GLN A 59 -3.42 3.74 -12.80
C GLN A 59 -4.90 3.85 -12.41
N GLY A 60 -5.23 4.62 -11.38
CA GLY A 60 -6.65 4.75 -10.97
C GLY A 60 -7.23 6.05 -11.54
N LYS A 61 -6.55 7.17 -11.37
CA LYS A 61 -7.06 8.46 -11.90
C LYS A 61 -6.06 9.07 -12.88
ZN ZN B . 3.36 -3.30 0.83
N MET A 1 19.33 8.81 -5.89
CA MET A 1 18.85 7.43 -5.62
C MET A 1 17.43 7.47 -5.03
N PRO A 2 16.43 7.31 -5.89
CA PRO A 2 15.02 7.33 -5.41
C PRO A 2 14.69 6.05 -4.63
N LYS A 3 13.79 6.12 -3.68
CA LYS A 3 13.43 4.90 -2.89
C LYS A 3 11.91 4.85 -2.66
N PHE A 4 11.34 3.68 -2.52
CA PHE A 4 9.86 3.59 -2.29
C PHE A 4 9.59 2.98 -0.90
N TYR A 5 8.44 3.25 -0.32
CA TYR A 5 8.13 2.69 1.04
C TYR A 5 6.66 2.24 1.11
N CYS A 6 6.40 1.13 1.76
CA CYS A 6 4.97 0.66 1.88
C CYS A 6 4.52 0.72 3.35
N ASP A 7 3.81 1.77 3.74
CA ASP A 7 3.36 1.88 5.17
C ASP A 7 2.53 0.64 5.58
N TYR A 8 1.73 0.09 4.68
CA TYR A 8 0.92 -1.13 5.06
C TYR A 8 1.86 -2.30 5.40
N CYS A 9 3.00 -2.41 4.75
CA CYS A 9 3.95 -3.54 5.07
C CYS A 9 5.02 -3.11 6.11
N ASP A 10 5.05 -1.85 6.55
CA ASP A 10 6.07 -1.43 7.56
C ASP A 10 7.49 -1.78 7.05
N THR A 11 7.75 -1.61 5.77
CA THR A 11 9.10 -1.92 5.23
C THR A 11 9.57 -0.81 4.29
N TYR A 12 10.81 -0.83 3.85
CA TYR A 12 11.30 0.25 2.94
C TYR A 12 11.85 -0.36 1.65
N LEU A 13 11.29 0.00 0.50
CA LEU A 13 11.82 -0.56 -0.79
C LEU A 13 13.04 0.25 -1.25
N THR A 14 13.85 -0.28 -2.13
CA THR A 14 15.06 0.48 -2.59
C THR A 14 14.83 1.15 -3.96
N HIS A 15 14.03 0.57 -4.84
CA HIS A 15 13.81 1.20 -6.18
C HIS A 15 12.34 1.62 -6.32
N ASP A 16 12.09 2.80 -6.87
CA ASP A 16 10.69 3.26 -7.05
C ASP A 16 10.36 3.41 -8.54
N SER A 17 9.89 2.36 -9.18
CA SER A 17 9.58 2.44 -10.64
C SER A 17 8.17 1.87 -10.90
N PRO A 18 7.76 1.88 -12.15
CA PRO A 18 6.42 1.34 -12.51
C PRO A 18 6.39 -0.20 -12.38
N SER A 19 7.51 -0.89 -12.58
CA SER A 19 7.50 -2.38 -12.45
C SER A 19 7.87 -2.78 -11.01
N VAL A 20 8.89 -2.18 -10.43
CA VAL A 20 9.28 -2.56 -9.03
C VAL A 20 8.08 -2.32 -8.07
N ARG A 21 7.50 -1.14 -8.08
CA ARG A 21 6.32 -0.90 -7.16
C ARG A 21 5.21 -1.92 -7.47
N LYS A 22 4.83 -2.07 -8.72
CA LYS A 22 3.76 -3.08 -9.05
C LYS A 22 4.26 -4.48 -8.64
N THR A 23 5.52 -4.78 -8.87
CA THR A 23 6.05 -6.13 -8.45
C THR A 23 5.76 -6.34 -6.96
N HIS A 24 5.94 -5.31 -6.14
CA HIS A 24 5.62 -5.45 -4.68
C HIS A 24 4.11 -5.70 -4.53
N CYS A 25 3.29 -5.03 -5.32
CA CYS A 25 1.81 -5.24 -5.22
C CYS A 25 1.35 -6.30 -6.23
N SER A 26 1.90 -7.50 -6.16
CA SER A 26 1.48 -8.57 -7.12
C SER A 26 0.75 -9.70 -6.39
N GLY A 27 -0.06 -9.39 -5.39
CA GLY A 27 -0.78 -10.46 -4.65
C GLY A 27 -2.09 -9.91 -4.06
N ARG A 28 -3.21 -10.52 -4.33
CA ARG A 28 -4.51 -10.01 -3.74
C ARG A 28 -4.39 -9.93 -2.21
N LYS A 29 -3.56 -10.76 -1.58
CA LYS A 29 -3.42 -10.69 -0.08
C LYS A 29 -2.98 -9.27 0.35
N HIS A 30 -2.17 -8.59 -0.45
CA HIS A 30 -1.70 -7.21 -0.05
C HIS A 30 -2.90 -6.33 0.38
N LYS A 31 -4.00 -6.37 -0.36
CA LYS A 31 -5.19 -5.53 0.04
C LYS A 31 -5.66 -5.97 1.43
N GLU A 32 -5.94 -7.25 1.62
CA GLU A 32 -6.37 -7.72 2.99
C GLU A 32 -5.27 -7.41 4.00
N ASN A 33 -4.01 -7.56 3.63
CA ASN A 33 -2.89 -7.26 4.58
C ASN A 33 -3.00 -5.80 5.08
N VAL A 34 -3.41 -4.87 4.23
CA VAL A 34 -3.53 -3.45 4.70
C VAL A 34 -4.58 -3.35 5.83
N LYS A 35 -5.67 -4.10 5.76
CA LYS A 35 -6.70 -4.03 6.86
C LYS A 35 -6.02 -4.28 8.23
N ASP A 36 -5.12 -5.24 8.30
CA ASP A 36 -4.43 -5.50 9.61
C ASP A 36 -3.68 -4.23 10.08
N TYR A 37 -3.24 -3.37 9.17
CA TYR A 37 -2.51 -2.13 9.62
C TYR A 37 -3.49 -1.15 10.28
N TYR A 38 -4.59 -0.81 9.63
CA TYR A 38 -5.57 0.13 10.25
C TYR A 38 -6.76 -0.61 10.87
N GLN A 39 -6.55 -1.79 11.43
CA GLN A 39 -7.69 -2.54 12.06
C GLN A 39 -7.84 -2.14 13.54
N LYS A 40 -6.75 -1.92 14.24
CA LYS A 40 -6.85 -1.52 15.68
C LYS A 40 -6.35 -0.08 15.89
N TRP A 41 -6.45 0.78 14.89
CA TRP A 41 -5.97 2.19 15.07
C TRP A 41 -6.90 2.95 16.02
N MET A 42 -8.20 2.79 15.88
CA MET A 42 -9.15 3.51 16.79
C MET A 42 -10.46 2.72 16.95
N GLU A 43 -10.40 1.39 16.99
CA GLU A 43 -11.65 0.57 17.14
C GLU A 43 -12.72 1.00 16.14
N GLU A 44 -12.33 1.32 14.91
CA GLU A 44 -13.35 1.74 13.90
C GLU A 44 -13.00 1.15 12.52
N GLN A 45 -13.73 1.53 11.48
CA GLN A 45 -13.42 0.98 10.12
C GLN A 45 -12.91 2.11 9.21
N ALA A 46 -11.67 2.01 8.75
CA ALA A 46 -11.12 3.09 7.87
C ALA A 46 -10.82 2.52 6.47
N GLN A 47 -11.84 2.25 5.68
CA GLN A 47 -11.59 1.70 4.31
C GLN A 47 -11.81 2.81 3.25
N SER A 48 -11.44 4.04 3.56
CA SER A 48 -11.63 5.14 2.56
C SER A 48 -10.25 5.64 2.09
N LEU A 49 -9.40 6.06 3.02
CA LEU A 49 -8.04 6.55 2.60
C LEU A 49 -7.23 5.42 1.90
N ILE A 50 -7.57 4.16 2.10
CA ILE A 50 -6.80 3.07 1.40
C ILE A 50 -7.06 3.16 -0.12
N ASP A 51 -8.29 3.39 -0.52
CA ASP A 51 -8.58 3.49 -2.00
C ASP A 51 -7.76 4.65 -2.61
N LYS A 52 -7.69 5.78 -1.93
CA LYS A 52 -6.90 6.93 -2.49
C LYS A 52 -5.43 6.52 -2.70
N THR A 53 -4.88 5.71 -1.81
CA THR A 53 -3.44 5.29 -1.98
C THR A 53 -3.36 4.08 -2.93
N THR A 54 -4.28 3.13 -2.82
CA THR A 54 -4.23 1.93 -3.73
C THR A 54 -4.56 2.37 -5.17
N ALA A 55 -5.51 3.27 -5.35
CA ALA A 55 -5.87 3.73 -6.75
C ALA A 55 -4.62 4.30 -7.46
N ALA A 56 -3.73 4.96 -6.73
CA ALA A 56 -2.51 5.52 -7.40
C ALA A 56 -1.36 4.49 -7.36
N PHE A 57 -1.24 3.71 -6.29
CA PHE A 57 -0.13 2.69 -6.21
C PHE A 57 -0.08 1.83 -7.50
N GLN A 58 -1.22 1.53 -8.09
CA GLN A 58 -1.22 0.70 -9.33
C GLN A 58 -1.60 1.56 -10.55
N GLN A 59 -2.71 2.25 -10.50
CA GLN A 59 -3.12 3.10 -11.66
C GLN A 59 -3.11 4.59 -11.27
N GLY A 60 -1.95 5.15 -11.01
CA GLY A 60 -1.88 6.59 -10.62
C GLY A 60 -1.16 7.38 -11.72
N LYS A 61 -1.74 7.49 -12.90
CA LYS A 61 -1.07 8.25 -14.00
C LYS A 61 -2.07 9.20 -14.67
ZN ZN B . 3.25 -3.63 0.78
N MET A 1 15.06 9.84 -4.00
CA MET A 1 14.55 9.44 -5.35
C MET A 1 14.67 7.92 -5.56
N PRO A 2 15.84 7.37 -5.31
CA PRO A 2 16.03 5.91 -5.48
C PRO A 2 15.45 5.15 -4.28
N LYS A 3 15.32 3.83 -4.37
CA LYS A 3 14.76 3.01 -3.24
C LYS A 3 13.31 3.45 -2.94
N PHE A 4 12.37 2.51 -2.93
CA PHE A 4 10.95 2.88 -2.64
C PHE A 4 10.57 2.46 -1.21
N TYR A 5 9.51 3.02 -0.65
CA TYR A 5 9.11 2.66 0.74
C TYR A 5 7.60 2.38 0.81
N CYS A 6 7.19 1.34 1.51
CA CYS A 6 5.73 1.06 1.61
C CYS A 6 5.26 1.25 3.07
N ASP A 7 4.65 2.38 3.39
CA ASP A 7 4.18 2.60 4.80
C ASP A 7 3.21 1.47 5.22
N TYR A 8 2.39 0.99 4.32
CA TYR A 8 1.44 -0.13 4.69
C TYR A 8 2.24 -1.37 5.15
N CYS A 9 3.42 -1.60 4.59
CA CYS A 9 4.22 -2.79 5.02
C CYS A 9 5.28 -2.43 6.10
N ASP A 10 5.37 -1.17 6.53
CA ASP A 10 6.38 -0.80 7.57
C ASP A 10 7.79 -1.28 7.16
N THR A 11 8.12 -1.22 5.89
CA THR A 11 9.47 -1.67 5.44
C THR A 11 9.97 -0.77 4.30
N TYR A 12 11.23 -0.92 3.90
CA TYR A 12 11.74 -0.06 2.79
C TYR A 12 12.20 -0.93 1.61
N LEU A 13 11.69 -0.68 0.42
CA LEU A 13 12.13 -1.51 -0.75
C LEU A 13 13.54 -1.09 -1.19
N THR A 14 14.16 -1.84 -2.09
CA THR A 14 15.55 -1.47 -2.53
C THR A 14 15.54 -0.74 -3.89
N HIS A 15 14.61 -1.04 -4.77
CA HIS A 15 14.58 -0.35 -6.09
C HIS A 15 13.29 0.46 -6.25
N ASP A 16 13.36 1.63 -6.86
CA ASP A 16 12.13 2.46 -7.04
C ASP A 16 11.85 2.66 -8.53
N SER A 17 11.02 1.81 -9.13
CA SER A 17 10.72 1.95 -10.59
C SER A 17 9.22 1.73 -10.83
N PRO A 18 8.81 1.86 -12.08
CA PRO A 18 7.38 1.66 -12.41
C PRO A 18 6.99 0.18 -12.32
N SER A 19 7.91 -0.74 -12.58
CA SER A 19 7.55 -2.20 -12.48
C SER A 19 7.84 -2.71 -11.06
N VAL A 20 8.96 -2.32 -10.47
CA VAL A 20 9.27 -2.80 -9.07
C VAL A 20 8.15 -2.38 -8.11
N ARG A 21 7.83 -1.10 -8.05
CA ARG A 21 6.74 -0.64 -7.11
C ARG A 21 5.43 -1.40 -7.42
N LYS A 22 5.02 -1.45 -8.67
CA LYS A 22 3.76 -2.21 -8.99
C LYS A 22 3.98 -3.69 -8.66
N THR A 23 5.15 -4.24 -8.95
CA THR A 23 5.41 -5.69 -8.61
C THR A 23 5.14 -5.88 -7.09
N HIS A 24 5.59 -4.95 -6.27
CA HIS A 24 5.32 -5.07 -4.80
C HIS A 24 3.80 -5.03 -4.56
N CYS A 25 3.06 -4.25 -5.32
CA CYS A 25 1.58 -4.17 -5.12
C CYS A 25 0.85 -5.05 -6.16
N SER A 26 1.34 -6.24 -6.43
CA SER A 26 0.65 -7.11 -7.44
C SER A 26 0.10 -8.37 -6.75
N GLY A 27 -0.41 -8.25 -5.54
CA GLY A 27 -0.96 -9.45 -4.84
C GLY A 27 -2.22 -9.06 -4.05
N ARG A 28 -3.31 -9.78 -4.23
CA ARG A 28 -4.56 -9.44 -3.46
C ARG A 28 -4.25 -9.40 -1.94
N LYS A 29 -3.28 -10.17 -1.47
CA LYS A 29 -2.97 -10.15 0.00
C LYS A 29 -2.58 -8.74 0.45
N HIS A 30 -1.90 -7.96 -0.38
CA HIS A 30 -1.50 -6.56 0.05
C HIS A 30 -2.72 -5.79 0.56
N LYS A 31 -3.87 -5.95 -0.06
CA LYS A 31 -5.09 -5.21 0.44
C LYS A 31 -5.40 -5.68 1.86
N GLU A 32 -5.54 -6.97 2.08
CA GLU A 32 -5.82 -7.47 3.48
C GLU A 32 -4.66 -7.05 4.40
N ASN A 33 -3.42 -7.12 3.92
CA ASN A 33 -2.25 -6.71 4.76
C ASN A 33 -2.44 -5.27 5.26
N VAL A 34 -2.96 -4.39 4.42
CA VAL A 34 -3.17 -2.96 4.87
C VAL A 34 -4.10 -2.94 6.11
N LYS A 35 -5.13 -3.78 6.14
CA LYS A 35 -6.05 -3.80 7.34
C LYS A 35 -5.22 -4.01 8.62
N ASP A 36 -4.21 -4.87 8.57
CA ASP A 36 -3.37 -5.08 9.79
C ASP A 36 -2.73 -3.75 10.23
N TYR A 37 -2.39 -2.87 9.29
CA TYR A 37 -1.77 -1.56 9.70
C TYR A 37 -2.78 -0.74 10.53
N TYR A 38 -3.97 -0.52 10.02
CA TYR A 38 -4.99 0.26 10.79
C TYR A 38 -6.02 -0.69 11.46
N GLN A 39 -5.60 -1.86 11.91
CA GLN A 39 -6.57 -2.80 12.58
C GLN A 39 -6.84 -2.33 14.03
N LYS A 40 -5.85 -1.81 14.70
CA LYS A 40 -6.08 -1.33 16.11
C LYS A 40 -6.23 0.20 16.18
N TRP A 41 -6.56 0.86 15.08
CA TRP A 41 -6.70 2.35 15.12
C TRP A 41 -8.20 2.73 15.04
N MET A 42 -8.91 2.22 14.05
CA MET A 42 -10.37 2.55 13.93
C MET A 42 -11.14 1.31 13.47
N GLU A 43 -11.01 0.19 14.16
CA GLU A 43 -11.75 -1.06 13.73
C GLU A 43 -13.25 -0.78 13.50
N GLU A 44 -13.85 0.11 14.27
CA GLU A 44 -15.32 0.40 14.08
C GLU A 44 -15.61 0.75 12.61
N GLN A 45 -15.02 1.82 12.09
CA GLN A 45 -15.28 2.20 10.67
C GLN A 45 -14.03 2.85 10.05
N ALA A 46 -13.20 2.10 9.35
CA ALA A 46 -11.98 2.69 8.74
C ALA A 46 -11.66 2.02 7.39
N GLN A 47 -12.46 2.27 6.37
CA GLN A 47 -12.18 1.66 5.04
C GLN A 47 -12.39 2.68 3.91
N SER A 48 -12.07 3.94 4.15
CA SER A 48 -12.25 4.97 3.07
C SER A 48 -10.87 5.41 2.55
N LEU A 49 -9.98 5.82 3.43
CA LEU A 49 -8.62 6.25 2.97
C LEU A 49 -7.85 5.09 2.28
N ILE A 50 -8.23 3.84 2.52
CA ILE A 50 -7.50 2.71 1.86
C ILE A 50 -7.93 2.61 0.37
N ASP A 51 -9.20 2.80 0.08
CA ASP A 51 -9.65 2.72 -1.36
C ASP A 51 -9.23 3.99 -2.12
N LYS A 52 -9.34 5.15 -1.49
CA LYS A 52 -8.94 6.42 -2.20
C LYS A 52 -7.47 6.35 -2.65
N THR A 53 -6.61 5.71 -1.89
CA THR A 53 -5.17 5.62 -2.31
C THR A 53 -4.94 4.35 -3.16
N THR A 54 -5.56 3.24 -2.82
CA THR A 54 -5.37 2.00 -3.63
C THR A 54 -6.06 2.13 -5.00
N ALA A 55 -7.19 2.80 -5.07
CA ALA A 55 -7.89 2.95 -6.40
C ALA A 55 -7.43 4.23 -7.10
N ALA A 56 -7.23 5.32 -6.38
CA ALA A 56 -6.77 6.59 -7.04
C ALA A 56 -5.24 6.72 -6.93
N PHE A 57 -4.49 5.71 -7.32
CA PHE A 57 -3.00 5.80 -7.24
C PHE A 57 -2.43 6.31 -8.57
N GLN A 58 -2.68 5.61 -9.67
CA GLN A 58 -2.14 6.06 -10.99
C GLN A 58 -3.08 5.64 -12.12
N GLN A 59 -4.36 5.95 -12.01
CA GLN A 59 -5.32 5.56 -13.10
C GLN A 59 -5.97 6.81 -13.70
N GLY A 60 -6.64 7.61 -12.90
CA GLY A 60 -7.29 8.84 -13.44
C GLY A 60 -7.18 9.99 -12.43
N LYS A 61 -7.73 9.83 -11.24
CA LYS A 61 -7.65 10.91 -10.22
C LYS A 61 -6.89 10.42 -8.98
ZN ZN B . 3.50 -3.06 0.75
N MET A 1 20.70 5.12 -3.56
CA MET A 1 19.93 4.53 -4.70
C MET A 1 18.44 4.82 -4.54
N PRO A 2 17.71 4.77 -5.63
CA PRO A 2 16.25 5.04 -5.59
C PRO A 2 15.51 3.88 -4.90
N LYS A 3 14.89 4.12 -3.76
CA LYS A 3 14.16 3.01 -3.07
C LYS A 3 12.73 3.45 -2.75
N PHE A 4 11.79 2.52 -2.66
CA PHE A 4 10.39 2.89 -2.36
C PHE A 4 10.00 2.42 -0.94
N TYR A 5 8.94 2.97 -0.37
CA TYR A 5 8.54 2.56 1.01
C TYR A 5 7.04 2.20 1.04
N CYS A 6 6.67 1.13 1.72
CA CYS A 6 5.22 0.74 1.79
C CYS A 6 4.72 0.82 3.24
N ASP A 7 4.10 1.93 3.63
CA ASP A 7 3.58 2.04 5.05
C ASP A 7 2.74 0.81 5.42
N TYR A 8 1.97 0.27 4.50
CA TYR A 8 1.14 -0.95 4.83
C TYR A 8 2.05 -2.13 5.21
N CYS A 9 3.23 -2.22 4.64
CA CYS A 9 4.16 -3.36 4.99
C CYS A 9 5.20 -2.95 6.05
N ASP A 10 5.33 -1.67 6.41
CA ASP A 10 6.35 -1.26 7.43
C ASP A 10 7.75 -1.72 7.00
N THR A 11 8.07 -1.59 5.72
CA THR A 11 9.41 -2.03 5.24
C THR A 11 9.90 -1.11 4.10
N TYR A 12 11.11 -1.28 3.64
CA TYR A 12 11.63 -0.41 2.53
C TYR A 12 11.95 -1.25 1.29
N LEU A 13 11.61 -0.77 0.11
CA LEU A 13 11.93 -1.56 -1.13
C LEU A 13 13.28 -1.11 -1.71
N THR A 14 13.80 -1.80 -2.69
CA THR A 14 15.13 -1.39 -3.28
C THR A 14 14.94 -0.53 -4.55
N HIS A 15 13.87 -0.72 -5.30
CA HIS A 15 13.67 0.10 -6.54
C HIS A 15 12.45 1.02 -6.37
N ASP A 16 12.47 2.18 -6.98
CA ASP A 16 11.30 3.10 -6.85
C ASP A 16 10.81 3.53 -8.25
N SER A 17 9.80 2.87 -8.77
CA SER A 17 9.29 3.24 -10.13
C SER A 17 7.80 2.88 -10.27
N PRO A 18 7.22 3.18 -11.41
CA PRO A 18 5.78 2.87 -11.62
C PRO A 18 5.57 1.35 -11.77
N SER A 19 6.51 0.64 -12.35
CA SER A 19 6.34 -0.85 -12.50
C SER A 19 6.78 -1.57 -11.21
N VAL A 20 7.84 -1.10 -10.56
CA VAL A 20 8.29 -1.78 -9.29
C VAL A 20 7.19 -1.64 -8.22
N ARG A 21 6.63 -0.46 -8.05
CA ARG A 21 5.54 -0.30 -7.01
C ARG A 21 4.40 -1.28 -7.29
N LYS A 22 3.89 -1.30 -8.52
CA LYS A 22 2.79 -2.27 -8.84
C LYS A 22 3.31 -3.70 -8.63
N THR A 23 4.54 -3.98 -9.04
CA THR A 23 5.11 -5.37 -8.83
C THR A 23 5.00 -5.71 -7.33
N HIS A 24 5.34 -4.78 -6.47
CA HIS A 24 5.21 -5.05 -5.00
C HIS A 24 3.73 -5.34 -4.65
N CYS A 25 2.80 -4.66 -5.29
CA CYS A 25 1.36 -4.91 -4.99
C CYS A 25 0.78 -5.92 -5.99
N SER A 26 1.38 -7.09 -6.12
CA SER A 26 0.85 -8.11 -7.06
C SER A 26 0.46 -9.38 -6.30
N GLY A 27 -0.12 -9.24 -5.12
CA GLY A 27 -0.52 -10.46 -4.34
C GLY A 27 -1.97 -10.31 -3.87
N ARG A 28 -2.59 -11.40 -3.46
CA ARG A 28 -4.00 -11.31 -2.97
C ARG A 28 -4.04 -11.03 -1.45
N LYS A 29 -2.93 -11.15 -0.74
CA LYS A 29 -2.94 -10.88 0.73
C LYS A 29 -2.61 -9.40 1.02
N HIS A 30 -1.86 -8.72 0.16
CA HIS A 30 -1.51 -7.27 0.43
C HIS A 30 -2.78 -6.46 0.80
N LYS A 31 -3.90 -6.73 0.16
CA LYS A 31 -5.15 -5.98 0.51
C LYS A 31 -5.55 -6.31 1.95
N GLU A 32 -5.68 -7.59 2.27
CA GLU A 32 -6.05 -7.96 3.69
C GLU A 32 -4.94 -7.45 4.63
N ASN A 33 -3.69 -7.57 4.23
CA ASN A 33 -2.56 -7.07 5.12
C ASN A 33 -2.78 -5.58 5.46
N VAL A 34 -3.27 -4.78 4.53
CA VAL A 34 -3.50 -3.32 4.84
C VAL A 34 -4.50 -3.19 5.99
N LYS A 35 -5.52 -4.03 6.06
CA LYS A 35 -6.51 -3.92 7.20
C LYS A 35 -5.76 -3.99 8.55
N ASP A 36 -4.77 -4.86 8.66
CA ASP A 36 -4.00 -4.95 9.95
C ASP A 36 -3.37 -3.59 10.29
N TYR A 37 -2.99 -2.81 9.30
CA TYR A 37 -2.36 -1.47 9.61
C TYR A 37 -3.39 -0.55 10.28
N TYR A 38 -4.57 -0.37 9.69
CA TYR A 38 -5.59 0.50 10.33
C TYR A 38 -6.66 -0.33 11.06
N GLN A 39 -6.29 -1.45 11.66
CA GLN A 39 -7.31 -2.28 12.40
C GLN A 39 -7.56 -1.69 13.80
N LYS A 40 -6.53 -1.21 14.46
CA LYS A 40 -6.72 -0.63 15.83
C LYS A 40 -6.49 0.89 15.84
N TRP A 41 -6.58 1.56 14.72
CA TRP A 41 -6.34 3.05 14.71
C TRP A 41 -7.38 3.75 15.61
N MET A 42 -8.65 3.40 15.49
CA MET A 42 -9.68 4.05 16.36
C MET A 42 -10.89 3.11 16.57
N GLU A 43 -10.66 1.80 16.69
CA GLU A 43 -11.79 0.85 16.90
C GLU A 43 -12.91 1.07 15.86
N GLU A 44 -12.56 1.20 14.60
CA GLU A 44 -13.62 1.42 13.55
C GLU A 44 -13.21 0.73 12.23
N GLN A 45 -13.94 0.96 11.17
CA GLN A 45 -13.59 0.32 9.86
C GLN A 45 -13.10 1.40 8.87
N ALA A 46 -12.43 1.00 7.81
CA ALA A 46 -11.93 2.01 6.82
C ALA A 46 -11.43 1.33 5.53
N GLN A 47 -12.32 0.91 4.65
CA GLN A 47 -11.86 0.26 3.38
C GLN A 47 -12.15 1.19 2.18
N SER A 48 -12.04 2.48 2.35
CA SER A 48 -12.28 3.42 1.21
C SER A 48 -10.99 4.20 0.93
N LEU A 49 -10.46 4.92 1.91
CA LEU A 49 -9.19 5.69 1.68
C LEU A 49 -8.07 4.78 1.14
N ILE A 50 -8.10 3.48 1.42
CA ILE A 50 -7.01 2.58 0.90
C ILE A 50 -7.02 2.60 -0.65
N ASP A 51 -8.19 2.58 -1.26
CA ASP A 51 -8.24 2.60 -2.77
C ASP A 51 -7.59 3.88 -3.32
N LYS A 52 -7.76 5.01 -2.66
CA LYS A 52 -7.14 6.28 -3.18
C LYS A 52 -5.74 6.48 -2.59
N THR A 53 -5.54 6.18 -1.32
CA THR A 53 -4.18 6.36 -0.71
C THR A 53 -3.15 5.46 -1.42
N THR A 54 -3.52 4.25 -1.77
CA THR A 54 -2.53 3.34 -2.46
C THR A 54 -2.02 3.99 -3.76
N ALA A 55 -2.87 4.69 -4.49
CA ALA A 55 -2.41 5.35 -5.76
C ALA A 55 -1.95 6.79 -5.47
N ALA A 56 -2.66 7.52 -4.62
CA ALA A 56 -2.25 8.92 -4.30
C ALA A 56 -1.39 8.95 -3.03
N PHE A 57 -0.32 8.19 -3.00
CA PHE A 57 0.56 8.19 -1.77
C PHE A 57 1.71 9.21 -1.95
N GLN A 58 2.28 9.31 -3.14
CA GLN A 58 3.39 10.28 -3.35
C GLN A 58 2.96 11.38 -4.33
N GLN A 59 2.01 12.21 -3.95
CA GLN A 59 1.55 13.30 -4.88
C GLN A 59 1.44 14.63 -4.12
N GLY A 60 0.63 14.70 -3.08
CA GLY A 60 0.49 15.97 -2.32
C GLY A 60 0.61 15.69 -0.82
N LYS A 61 1.77 15.23 -0.36
CA LYS A 61 1.95 14.94 1.11
C LYS A 61 0.84 13.99 1.61
ZN ZN B . 3.34 -3.48 0.75
N MET A 1 19.78 9.01 -3.15
CA MET A 1 19.39 7.59 -2.86
C MET A 1 17.94 7.35 -3.29
N PRO A 2 17.75 6.94 -4.52
CA PRO A 2 16.38 6.66 -5.03
C PRO A 2 15.82 5.37 -4.41
N LYS A 3 14.81 5.46 -3.56
CA LYS A 3 14.25 4.23 -2.94
C LYS A 3 12.73 4.40 -2.72
N PHE A 4 11.99 3.30 -2.68
CA PHE A 4 10.51 3.41 -2.47
C PHE A 4 10.15 2.88 -1.08
N TYR A 5 9.03 3.30 -0.52
CA TYR A 5 8.65 2.81 0.84
C TYR A 5 7.13 2.52 0.90
N CYS A 6 6.75 1.41 1.50
CA CYS A 6 5.28 1.10 1.60
C CYS A 6 4.80 1.21 3.05
N ASP A 7 4.28 2.37 3.44
CA ASP A 7 3.80 2.53 4.87
C ASP A 7 2.83 1.39 5.24
N TYR A 8 2.01 0.94 4.31
CA TYR A 8 1.06 -0.19 4.64
C TYR A 8 1.85 -1.44 5.05
N CYS A 9 3.03 -1.65 4.49
CA CYS A 9 3.84 -2.86 4.86
C CYS A 9 4.91 -2.54 5.93
N ASP A 10 5.03 -1.30 6.39
CA ASP A 10 6.07 -0.98 7.43
C ASP A 10 7.46 -1.47 6.97
N THR A 11 7.78 -1.32 5.69
CA THR A 11 9.11 -1.78 5.20
C THR A 11 9.69 -0.74 4.22
N TYR A 12 10.93 -0.91 3.80
CA TYR A 12 11.53 0.08 2.85
C TYR A 12 12.00 -0.63 1.57
N LEU A 13 11.47 -0.26 0.42
CA LEU A 13 11.92 -0.92 -0.86
C LEU A 13 13.23 -0.28 -1.34
N THR A 14 14.12 -1.04 -1.95
CA THR A 14 15.42 -0.46 -2.42
C THR A 14 15.44 -0.22 -3.95
N HIS A 15 14.61 -0.89 -4.72
CA HIS A 15 14.64 -0.67 -6.21
C HIS A 15 13.42 0.16 -6.65
N ASP A 16 13.38 1.43 -6.31
CA ASP A 16 12.21 2.28 -6.73
C ASP A 16 12.12 2.32 -8.27
N SER A 17 11.22 1.55 -8.85
CA SER A 17 11.09 1.56 -10.34
C SER A 17 9.62 1.29 -10.75
N PRO A 18 9.37 1.34 -12.04
CA PRO A 18 7.99 1.10 -12.54
C PRO A 18 7.61 -0.39 -12.38
N SER A 19 8.55 -1.30 -12.48
CA SER A 19 8.19 -2.76 -12.32
C SER A 19 8.35 -3.18 -10.86
N VAL A 20 9.37 -2.71 -10.16
CA VAL A 20 9.53 -3.10 -8.71
C VAL A 20 8.30 -2.66 -7.91
N ARG A 21 7.88 -1.40 -8.05
CA ARG A 21 6.67 -0.94 -7.28
C ARG A 21 5.46 -1.81 -7.64
N LYS A 22 5.17 -1.98 -8.91
CA LYS A 22 4.01 -2.86 -9.30
C LYS A 22 4.28 -4.28 -8.82
N THR A 23 5.51 -4.76 -8.96
CA THR A 23 5.82 -6.16 -8.47
C THR A 23 5.45 -6.24 -6.98
N HIS A 24 5.79 -5.23 -6.21
CA HIS A 24 5.41 -5.25 -4.76
C HIS A 24 3.87 -5.24 -4.63
N CYS A 25 3.17 -4.55 -5.51
CA CYS A 25 1.68 -4.51 -5.42
C CYS A 25 1.06 -5.48 -6.44
N SER A 26 1.60 -6.68 -6.57
CA SER A 26 1.01 -7.65 -7.54
C SER A 26 0.44 -8.87 -6.80
N GLY A 27 -0.18 -8.67 -5.65
CA GLY A 27 -0.75 -9.82 -4.90
C GLY A 27 -2.05 -9.40 -4.22
N ARG A 28 -3.13 -10.14 -4.43
CA ARG A 28 -4.44 -9.78 -3.76
C ARG A 28 -4.24 -9.66 -2.23
N LYS A 29 -3.29 -10.39 -1.66
CA LYS A 29 -3.07 -10.30 -0.18
C LYS A 29 -2.73 -8.85 0.24
N HIS A 30 -2.03 -8.10 -0.60
CA HIS A 30 -1.68 -6.67 -0.21
C HIS A 30 -2.93 -5.91 0.27
N LYS A 31 -4.07 -6.12 -0.36
CA LYS A 31 -5.31 -5.41 0.10
C LYS A 31 -5.65 -5.85 1.52
N GLU A 32 -5.76 -7.13 1.77
CA GLU A 32 -6.06 -7.61 3.16
C GLU A 32 -4.93 -7.16 4.10
N ASN A 33 -3.68 -7.22 3.64
CA ASN A 33 -2.54 -6.77 4.52
C ASN A 33 -2.75 -5.31 4.96
N VAL A 34 -3.29 -4.46 4.10
CA VAL A 34 -3.52 -3.03 4.51
C VAL A 34 -4.44 -2.98 5.76
N LYS A 35 -5.42 -3.86 5.86
CA LYS A 35 -6.32 -3.84 7.07
C LYS A 35 -5.48 -3.90 8.34
N ASP A 36 -4.44 -4.69 8.37
CA ASP A 36 -3.57 -4.76 9.60
C ASP A 36 -2.99 -3.36 9.92
N TYR A 37 -2.78 -2.52 8.92
CA TYR A 37 -2.22 -1.16 9.21
C TYR A 37 -3.25 -0.30 9.96
N TYR A 38 -4.46 -0.18 9.45
CA TYR A 38 -5.49 0.65 10.17
C TYR A 38 -6.45 -0.25 10.97
N GLN A 39 -6.00 -1.36 11.52
CA GLN A 39 -6.92 -2.22 12.33
C GLN A 39 -6.93 -1.75 13.79
N LYS A 40 -5.82 -1.85 14.48
CA LYS A 40 -5.78 -1.39 15.91
C LYS A 40 -6.01 0.14 15.98
N TRP A 41 -5.54 0.89 15.00
CA TRP A 41 -5.75 2.39 15.04
C TRP A 41 -7.23 2.75 15.24
N MET A 42 -8.13 2.15 14.48
CA MET A 42 -9.58 2.49 14.64
C MET A 42 -10.34 1.36 15.38
N GLU A 43 -10.12 0.11 15.01
CA GLU A 43 -10.85 -1.02 15.67
C GLU A 43 -12.38 -0.79 15.64
N GLU A 44 -12.90 -0.24 14.56
CA GLU A 44 -14.38 0.01 14.49
C GLU A 44 -14.83 0.19 13.03
N GLN A 45 -14.41 1.24 12.38
CA GLN A 45 -14.83 1.45 10.96
C GLN A 45 -13.85 2.39 10.22
N ALA A 46 -13.01 1.86 9.36
CA ALA A 46 -12.04 2.74 8.63
C ALA A 46 -11.79 2.19 7.21
N GLN A 47 -12.77 2.29 6.33
CA GLN A 47 -12.59 1.78 4.95
C GLN A 47 -12.77 2.92 3.93
N SER A 48 -12.33 4.13 4.26
CA SER A 48 -12.49 5.27 3.30
C SER A 48 -11.11 5.68 2.77
N LEU A 49 -10.16 5.97 3.65
CA LEU A 49 -8.78 6.37 3.16
C LEU A 49 -8.12 5.23 2.35
N ILE A 50 -8.55 3.99 2.48
CA ILE A 50 -7.91 2.89 1.68
C ILE A 50 -8.34 3.00 0.21
N ASP A 51 -9.61 3.31 -0.05
CA ASP A 51 -10.06 3.43 -1.48
C ASP A 51 -9.35 4.62 -2.16
N LYS A 52 -9.19 5.72 -1.47
CA LYS A 52 -8.49 6.90 -2.12
C LYS A 52 -7.03 6.56 -2.45
N THR A 53 -6.36 5.76 -1.63
CA THR A 53 -4.94 5.41 -1.93
C THR A 53 -4.88 4.16 -2.84
N THR A 54 -5.73 3.18 -2.61
CA THR A 54 -5.71 1.95 -3.48
C THR A 54 -5.97 2.33 -4.95
N ALA A 55 -6.84 3.31 -5.19
CA ALA A 55 -7.12 3.71 -6.61
C ALA A 55 -6.17 4.83 -7.04
N ALA A 56 -5.95 5.82 -6.20
CA ALA A 56 -5.01 6.94 -6.57
C ALA A 56 -3.60 6.64 -6.04
N PHE A 57 -3.02 5.52 -6.44
CA PHE A 57 -1.63 5.18 -5.97
C PHE A 57 -0.54 5.69 -6.93
N GLN A 58 -0.86 6.54 -7.90
CA GLN A 58 0.18 7.05 -8.85
C GLN A 58 0.91 5.87 -9.52
N GLN A 59 0.47 5.44 -10.68
CA GLN A 59 1.17 4.30 -11.36
C GLN A 59 2.32 4.82 -12.23
N GLY A 60 2.13 5.94 -12.92
CA GLY A 60 3.22 6.48 -13.77
C GLY A 60 3.82 7.73 -13.10
N LYS A 61 3.61 8.90 -13.66
CA LYS A 61 4.17 10.14 -13.04
C LYS A 61 3.37 11.38 -13.47
ZN ZN B . 3.17 -3.02 0.56
N MET A 1 19.51 8.19 -5.06
CA MET A 1 19.10 6.83 -4.60
C MET A 1 17.57 6.68 -4.64
N PRO A 2 17.06 6.17 -5.74
CA PRO A 2 15.59 5.99 -5.88
C PRO A 2 15.10 4.84 -4.98
N LYS A 3 14.52 5.15 -3.84
CA LYS A 3 14.04 4.07 -2.93
C LYS A 3 12.52 4.20 -2.71
N PHE A 4 11.81 3.10 -2.55
CA PHE A 4 10.33 3.19 -2.32
C PHE A 4 9.99 2.66 -0.92
N TYR A 5 8.87 3.08 -0.35
CA TYR A 5 8.50 2.59 1.01
C TYR A 5 7.02 2.20 1.07
N CYS A 6 6.68 1.08 1.68
CA CYS A 6 5.24 0.68 1.77
C CYS A 6 4.76 0.77 3.22
N ASP A 7 4.16 1.88 3.62
CA ASP A 7 3.67 1.99 5.04
C ASP A 7 2.76 0.80 5.39
N TYR A 8 1.98 0.31 4.45
CA TYR A 8 1.09 -0.86 4.76
C TYR A 8 1.94 -2.08 5.16
N CYS A 9 3.13 -2.23 4.60
CA CYS A 9 4.00 -3.40 4.97
C CYS A 9 5.04 -3.03 6.05
N ASP A 10 5.09 -1.80 6.52
CA ASP A 10 6.10 -1.43 7.57
C ASP A 10 7.51 -1.83 7.12
N THR A 11 7.83 -1.66 5.85
CA THR A 11 9.20 -2.03 5.36
C THR A 11 9.70 -0.96 4.37
N TYR A 12 10.95 -1.04 3.97
CA TYR A 12 11.49 -0.03 3.00
C TYR A 12 12.01 -0.73 1.75
N LEU A 13 11.48 -0.42 0.58
CA LEU A 13 11.98 -1.08 -0.68
C LEU A 13 13.30 -0.42 -1.10
N THR A 14 14.04 -1.02 -2.02
CA THR A 14 15.35 -0.41 -2.45
C THR A 14 15.22 0.30 -3.81
N HIS A 15 14.36 -0.16 -4.70
CA HIS A 15 14.24 0.50 -6.03
C HIS A 15 12.86 1.16 -6.18
N ASP A 16 12.81 2.35 -6.76
CA ASP A 16 11.49 3.03 -6.93
C ASP A 16 11.17 3.18 -8.43
N SER A 17 10.43 2.27 -9.00
CA SER A 17 10.11 2.37 -10.46
C SER A 17 8.67 1.89 -10.72
N PRO A 18 8.22 1.99 -11.95
CA PRO A 18 6.85 1.54 -12.30
C PRO A 18 6.73 0.01 -12.22
N SER A 19 7.79 -0.74 -12.48
CA SER A 19 7.68 -2.23 -12.39
C SER A 19 7.97 -2.70 -10.96
N VAL A 20 8.96 -2.12 -10.31
CA VAL A 20 9.27 -2.56 -8.90
C VAL A 20 8.04 -2.33 -8.00
N ARG A 21 7.45 -1.14 -8.02
CA ARG A 21 6.25 -0.89 -7.15
C ARG A 21 5.15 -1.90 -7.51
N LYS A 22 4.80 -2.03 -8.77
CA LYS A 22 3.73 -3.03 -9.15
C LYS A 22 4.21 -4.43 -8.76
N THR A 23 5.48 -4.75 -8.96
CA THR A 23 5.99 -6.11 -8.54
C THR A 23 5.68 -6.30 -7.05
N HIS A 24 5.91 -5.29 -6.24
CA HIS A 24 5.58 -5.42 -4.78
C HIS A 24 4.06 -5.61 -4.62
N CYS A 25 3.26 -4.90 -5.40
CA CYS A 25 1.78 -5.04 -5.27
C CYS A 25 1.26 -6.09 -6.27
N SER A 26 1.77 -7.31 -6.21
CA SER A 26 1.29 -8.36 -7.16
C SER A 26 0.61 -9.50 -6.39
N GLY A 27 -0.15 -9.19 -5.34
CA GLY A 27 -0.82 -10.27 -4.57
C GLY A 27 -2.14 -9.75 -3.99
N ARG A 28 -3.25 -10.41 -4.27
CA ARG A 28 -4.56 -9.92 -3.69
C ARG A 28 -4.46 -9.80 -2.16
N LYS A 29 -3.61 -10.58 -1.50
CA LYS A 29 -3.49 -10.47 -0.01
C LYS A 29 -3.05 -9.07 0.41
N HIS A 30 -2.25 -8.37 -0.41
CA HIS A 30 -1.78 -6.99 -0.01
C HIS A 30 -2.98 -6.12 0.42
N LYS A 31 -4.09 -6.17 -0.28
CA LYS A 31 -5.27 -5.34 0.14
C LYS A 31 -5.74 -5.80 1.52
N GLU A 32 -5.99 -7.07 1.71
CA GLU A 32 -6.42 -7.56 3.07
C GLU A 32 -5.30 -7.26 4.08
N ASN A 33 -4.05 -7.45 3.69
CA ASN A 33 -2.91 -7.14 4.64
C ASN A 33 -3.00 -5.68 5.12
N VAL A 34 -3.39 -4.76 4.25
CA VAL A 34 -3.50 -3.32 4.69
C VAL A 34 -4.45 -3.20 5.91
N LYS A 35 -5.48 -4.02 5.99
CA LYS A 35 -6.42 -3.92 7.18
C LYS A 35 -5.62 -4.07 8.48
N ASP A 36 -4.68 -5.00 8.52
CA ASP A 36 -3.85 -5.14 9.78
C ASP A 36 -3.12 -3.82 10.09
N TYR A 37 -2.81 -3.01 9.10
CA TYR A 37 -2.09 -1.72 9.40
C TYR A 37 -3.04 -0.75 10.14
N TYR A 38 -4.22 -0.49 9.61
CA TYR A 38 -5.16 0.45 10.32
C TYR A 38 -6.22 -0.32 11.12
N GLN A 39 -5.90 -1.49 11.66
CA GLN A 39 -6.92 -2.23 12.48
C GLN A 39 -6.94 -1.68 13.91
N LYS A 40 -5.79 -1.34 14.46
CA LYS A 40 -5.76 -0.78 15.86
C LYS A 40 -5.42 0.72 15.84
N TRP A 41 -5.80 1.43 14.79
CA TRP A 41 -5.48 2.90 14.73
C TRP A 41 -6.56 3.71 15.46
N MET A 42 -7.82 3.35 15.31
CA MET A 42 -8.91 4.11 16.02
C MET A 42 -10.31 3.48 15.78
N GLU A 43 -10.64 3.09 14.57
CA GLU A 43 -11.98 2.49 14.32
C GLU A 43 -11.84 1.03 13.85
N GLU A 44 -12.95 0.34 13.65
CA GLU A 44 -12.87 -1.09 13.20
C GLU A 44 -13.14 -1.19 11.69
N GLN A 45 -14.12 -0.48 11.18
CA GLN A 45 -14.42 -0.56 9.71
C GLN A 45 -13.93 0.71 9.00
N ALA A 46 -12.66 0.78 8.65
CA ALA A 46 -12.13 2.00 7.97
C ALA A 46 -11.63 1.63 6.56
N GLN A 47 -12.52 1.41 5.62
CA GLN A 47 -12.08 1.06 4.24
C GLN A 47 -12.35 2.24 3.27
N SER A 48 -12.19 3.46 3.74
CA SER A 48 -12.41 4.64 2.83
C SER A 48 -11.07 5.32 2.54
N LEU A 49 -10.33 5.69 3.57
CA LEU A 49 -8.99 6.36 3.33
C LEU A 49 -8.03 5.41 2.58
N ILE A 50 -8.24 4.11 2.61
CA ILE A 50 -7.31 3.18 1.87
C ILE A 50 -7.53 3.33 0.35
N ASP A 51 -8.77 3.34 -0.10
CA ASP A 51 -9.02 3.49 -1.57
C ASP A 51 -8.46 4.83 -2.08
N LYS A 52 -8.57 5.89 -1.30
CA LYS A 52 -8.03 7.22 -1.76
C LYS A 52 -6.53 7.10 -2.12
N THR A 53 -5.77 6.28 -1.42
CA THR A 53 -4.32 6.15 -1.75
C THR A 53 -4.11 5.01 -2.76
N THR A 54 -4.82 3.91 -2.63
CA THR A 54 -4.64 2.77 -3.60
C THR A 54 -5.29 3.12 -4.96
N ALA A 55 -6.40 3.84 -4.97
CA ALA A 55 -7.05 4.19 -6.27
C ALA A 55 -6.49 5.52 -6.80
N ALA A 56 -6.23 6.49 -5.93
CA ALA A 56 -5.68 7.81 -6.40
C ALA A 56 -4.16 7.83 -6.24
N PHE A 57 -3.46 6.79 -6.65
CA PHE A 57 -1.96 6.78 -6.51
C PHE A 57 -1.32 7.30 -7.81
N GLN A 58 -1.57 6.66 -8.94
CA GLN A 58 -0.95 7.13 -10.21
C GLN A 58 -1.91 6.88 -11.39
N GLN A 59 -2.99 7.62 -11.49
CA GLN A 59 -3.95 7.41 -12.62
C GLN A 59 -4.57 8.74 -13.04
N GLY A 60 -3.89 9.51 -13.87
CA GLY A 60 -4.45 10.81 -14.32
C GLY A 60 -5.32 10.59 -15.57
N LYS A 61 -4.80 10.86 -16.75
CA LYS A 61 -5.60 10.66 -17.98
C LYS A 61 -4.72 10.11 -19.11
ZN ZN B . 3.29 -3.52 0.70
N MET A 1 21.36 4.66 -5.89
CA MET A 1 20.55 3.54 -5.34
C MET A 1 19.21 4.05 -4.81
N PRO A 2 18.27 4.26 -5.71
CA PRO A 2 16.94 4.75 -5.29
C PRO A 2 16.14 3.65 -4.56
N LYS A 3 15.42 3.99 -3.51
CA LYS A 3 14.64 2.96 -2.77
C LYS A 3 13.18 3.42 -2.60
N PHE A 4 12.26 2.49 -2.45
CA PHE A 4 10.82 2.89 -2.28
C PHE A 4 10.34 2.52 -0.86
N TYR A 5 9.25 3.11 -0.41
CA TYR A 5 8.74 2.79 0.97
C TYR A 5 7.24 2.48 0.92
N CYS A 6 6.80 1.45 1.64
CA CYS A 6 5.35 1.11 1.63
C CYS A 6 4.77 1.29 3.05
N ASP A 7 4.12 2.41 3.33
CA ASP A 7 3.55 2.61 4.71
C ASP A 7 2.67 1.41 5.13
N TYR A 8 1.96 0.81 4.21
CA TYR A 8 1.11 -0.37 4.58
C TYR A 8 1.99 -1.54 5.08
N CYS A 9 3.19 -1.68 4.55
CA CYS A 9 4.08 -2.80 5.00
C CYS A 9 5.11 -2.33 6.07
N ASP A 10 5.24 -1.03 6.30
CA ASP A 10 6.23 -0.56 7.34
C ASP A 10 7.63 -1.09 7.00
N THR A 11 8.02 -1.09 5.74
CA THR A 11 9.37 -1.60 5.36
C THR A 11 9.95 -0.73 4.23
N TYR A 12 11.21 -0.92 3.90
CA TYR A 12 11.82 -0.10 2.81
C TYR A 12 12.25 -1.00 1.64
N LEU A 13 11.79 -0.73 0.43
CA LEU A 13 12.20 -1.59 -0.74
C LEU A 13 13.59 -1.16 -1.23
N THR A 14 14.20 -1.92 -2.11
CA THR A 14 15.56 -1.54 -2.61
C THR A 14 15.47 -0.78 -3.95
N HIS A 15 14.49 -1.04 -4.78
CA HIS A 15 14.38 -0.31 -6.08
C HIS A 15 13.13 0.57 -6.10
N ASP A 16 13.19 1.71 -6.76
CA ASP A 16 12.00 2.61 -6.80
C ASP A 16 11.65 2.94 -8.26
N SER A 17 10.75 2.19 -8.86
CA SER A 17 10.39 2.46 -10.29
C SER A 17 8.91 2.11 -10.54
N PRO A 18 8.45 2.31 -11.75
CA PRO A 18 7.03 2.00 -12.08
C PRO A 18 6.79 0.48 -12.10
N SER A 19 7.77 -0.32 -12.50
CA SER A 19 7.57 -1.81 -12.52
C SER A 19 7.87 -2.40 -11.14
N VAL A 20 8.90 -1.91 -10.46
CA VAL A 20 9.21 -2.48 -9.10
C VAL A 20 8.06 -2.17 -8.13
N ARG A 21 7.57 -0.94 -8.09
CA ARG A 21 6.44 -0.60 -7.16
C ARG A 21 5.24 -1.51 -7.46
N LYS A 22 4.80 -1.59 -8.70
CA LYS A 22 3.64 -2.49 -9.04
C LYS A 22 4.02 -3.93 -8.68
N THR A 23 5.25 -4.34 -8.95
CA THR A 23 5.67 -5.75 -8.58
C THR A 23 5.40 -5.95 -7.08
N HIS A 24 5.76 -4.98 -6.26
CA HIS A 24 5.47 -5.10 -4.79
C HIS A 24 3.95 -5.20 -4.58
N CYS A 25 3.16 -4.47 -5.35
CA CYS A 25 1.68 -4.53 -5.18
C CYS A 25 1.06 -5.48 -6.22
N SER A 26 1.60 -6.69 -6.36
CA SER A 26 1.03 -7.64 -7.36
C SER A 26 0.45 -8.87 -6.64
N GLY A 27 -0.17 -8.69 -5.49
CA GLY A 27 -0.74 -9.85 -4.76
C GLY A 27 -2.04 -9.43 -4.05
N ARG A 28 -3.13 -10.15 -4.25
CA ARG A 28 -4.40 -9.78 -3.55
C ARG A 28 -4.18 -9.70 -2.02
N LYS A 29 -3.23 -10.45 -1.48
CA LYS A 29 -2.97 -10.38 0.00
C LYS A 29 -2.61 -8.95 0.42
N HIS A 30 -1.89 -8.20 -0.40
CA HIS A 30 -1.52 -6.79 -0.01
C HIS A 30 -2.77 -6.01 0.44
N LYS A 31 -3.88 -6.17 -0.25
CA LYS A 31 -5.13 -5.42 0.16
C LYS A 31 -5.54 -5.90 1.57
N GLU A 32 -5.66 -7.20 1.77
CA GLU A 32 -6.03 -7.70 3.14
C GLU A 32 -4.92 -7.30 4.13
N ASN A 33 -3.67 -7.37 3.73
CA ASN A 33 -2.56 -6.96 4.66
C ASN A 33 -2.77 -5.50 5.13
N VAL A 34 -3.24 -4.63 4.26
CA VAL A 34 -3.47 -3.20 4.69
C VAL A 34 -4.47 -3.17 5.86
N LYS A 35 -5.49 -4.01 5.84
CA LYS A 35 -6.47 -4.00 6.99
C LYS A 35 -5.72 -4.28 8.30
N ASP A 36 -4.83 -5.25 8.31
CA ASP A 36 -4.04 -5.52 9.57
C ASP A 36 -3.30 -4.24 10.03
N TYR A 37 -2.89 -3.38 9.11
CA TYR A 37 -2.18 -2.12 9.54
C TYR A 37 -3.13 -1.25 10.36
N TYR A 38 -4.31 -0.93 9.84
CA TYR A 38 -5.26 -0.08 10.62
C TYR A 38 -6.35 -0.93 11.31
N GLN A 39 -6.06 -2.18 11.65
CA GLN A 39 -7.12 -3.02 12.34
C GLN A 39 -7.60 -2.32 13.62
N LYS A 40 -6.69 -1.73 14.38
CA LYS A 40 -7.09 -1.03 15.63
C LYS A 40 -6.56 0.41 15.65
N TRP A 41 -6.38 1.04 14.52
CA TRP A 41 -5.85 2.46 14.51
C TRP A 41 -6.70 3.36 15.42
N MET A 42 -8.00 3.15 15.48
CA MET A 42 -8.85 4.01 16.36
C MET A 42 -9.89 3.15 17.10
N GLU A 43 -10.86 2.58 16.39
CA GLU A 43 -11.90 1.74 17.08
C GLU A 43 -12.77 1.00 16.05
N GLU A 44 -13.34 1.70 15.09
CA GLU A 44 -14.20 1.02 14.07
C GLU A 44 -13.36 0.63 12.84
N GLN A 45 -13.98 0.22 11.75
CA GLN A 45 -13.19 -0.16 10.54
C GLN A 45 -13.08 1.02 9.57
N ALA A 46 -11.97 1.19 8.89
CA ALA A 46 -11.81 2.33 7.94
C ALA A 46 -11.47 1.81 6.53
N GLN A 47 -12.46 1.43 5.75
CA GLN A 47 -12.15 0.92 4.37
C GLN A 47 -12.52 1.98 3.32
N SER A 48 -12.37 3.25 3.62
CA SER A 48 -12.70 4.32 2.62
C SER A 48 -11.41 5.03 2.19
N LEU A 49 -10.64 5.55 3.13
CA LEU A 49 -9.36 6.23 2.74
C LEU A 49 -8.40 5.28 2.00
N ILE A 50 -8.54 3.96 2.17
CA ILE A 50 -7.61 3.02 1.44
C ILE A 50 -7.89 3.08 -0.07
N ASP A 51 -9.15 2.99 -0.47
CA ASP A 51 -9.48 3.04 -1.93
C ASP A 51 -8.98 4.36 -2.55
N LYS A 52 -9.11 5.46 -1.83
CA LYS A 52 -8.65 6.78 -2.40
C LYS A 52 -7.15 6.71 -2.78
N THR A 53 -6.34 6.00 -2.02
CA THR A 53 -4.88 5.92 -2.38
C THR A 53 -4.62 4.69 -3.26
N THR A 54 -5.15 3.53 -2.91
CA THR A 54 -4.90 2.31 -3.76
C THR A 54 -5.39 2.54 -5.20
N ALA A 55 -6.49 3.26 -5.38
CA ALA A 55 -6.98 3.51 -6.79
C ALA A 55 -6.19 4.66 -7.42
N ALA A 56 -5.92 5.71 -6.68
CA ALA A 56 -5.14 6.86 -7.26
C ALA A 56 -3.66 6.74 -6.90
N PHE A 57 -3.06 5.59 -7.09
CA PHE A 57 -1.60 5.42 -6.74
C PHE A 57 -0.72 5.71 -7.98
N GLN A 58 -0.92 4.98 -9.07
CA GLN A 58 -0.09 5.23 -10.28
C GLN A 58 -0.98 5.59 -11.48
N GLN A 59 -1.91 4.73 -11.84
CA GLN A 59 -2.81 5.05 -12.99
C GLN A 59 -4.27 5.15 -12.52
N GLY A 60 -4.60 6.15 -11.74
CA GLY A 60 -6.00 6.29 -11.26
C GLY A 60 -6.88 6.87 -12.38
N LYS A 61 -6.38 7.84 -13.11
CA LYS A 61 -7.19 8.44 -14.21
C LYS A 61 -6.34 8.56 -15.48
ZN ZN B . 3.40 -3.12 0.72
N MET A 1 20.80 6.65 -5.13
CA MET A 1 20.14 5.36 -4.77
C MET A 1 18.71 5.61 -4.26
N PRO A 2 17.77 5.72 -5.16
CA PRO A 2 16.37 5.97 -4.76
C PRO A 2 15.75 4.70 -4.14
N LYS A 3 14.85 4.84 -3.19
CA LYS A 3 14.22 3.64 -2.57
C LYS A 3 12.73 3.90 -2.31
N PHE A 4 11.93 2.86 -2.21
CA PHE A 4 10.46 3.06 -1.96
C PHE A 4 10.09 2.57 -0.54
N TYR A 5 8.97 3.01 -0.01
CA TYR A 5 8.57 2.59 1.36
C TYR A 5 7.07 2.24 1.39
N CYS A 6 6.70 1.12 1.98
CA CYS A 6 5.25 0.76 2.04
C CYS A 6 4.76 0.78 3.50
N ASP A 7 4.18 1.89 3.95
CA ASP A 7 3.69 1.93 5.38
C ASP A 7 2.76 0.74 5.67
N TYR A 8 1.95 0.33 4.70
CA TYR A 8 1.04 -0.85 4.94
C TYR A 8 1.86 -2.10 5.28
N CYS A 9 3.05 -2.24 4.72
CA CYS A 9 3.89 -3.45 5.04
C CYS A 9 4.93 -3.17 6.15
N ASP A 10 5.05 -1.95 6.65
CA ASP A 10 6.06 -1.66 7.72
C ASP A 10 7.45 -2.13 7.27
N THR A 11 7.80 -1.93 6.01
CA THR A 11 9.15 -2.36 5.53
C THR A 11 9.69 -1.33 4.53
N TYR A 12 10.95 -1.45 4.15
CA TYR A 12 11.52 -0.45 3.17
C TYR A 12 11.98 -1.17 1.90
N LEU A 13 11.70 -0.61 0.74
CA LEU A 13 12.15 -1.25 -0.53
C LEU A 13 13.47 -0.62 -1.00
N THR A 14 14.21 -1.28 -1.87
CA THR A 14 15.51 -0.68 -2.35
C THR A 14 15.37 0.02 -3.71
N HIS A 15 14.35 -0.30 -4.51
CA HIS A 15 14.20 0.37 -5.82
C HIS A 15 12.91 1.22 -5.83
N ASP A 16 12.93 2.37 -6.49
CA ASP A 16 11.71 3.21 -6.52
C ASP A 16 11.34 3.53 -7.99
N SER A 17 10.49 2.73 -8.60
CA SER A 17 10.11 2.99 -10.02
C SER A 17 8.65 2.54 -10.27
N PRO A 18 8.18 2.75 -11.48
CA PRO A 18 6.79 2.36 -11.81
C PRO A 18 6.65 0.83 -11.87
N SER A 19 7.68 0.12 -12.30
CA SER A 19 7.57 -1.39 -12.35
C SER A 19 7.89 -1.99 -10.97
N VAL A 20 8.87 -1.45 -10.27
CA VAL A 20 9.21 -2.02 -8.91
C VAL A 20 8.02 -1.82 -7.96
N ARG A 21 7.43 -0.64 -7.93
CA ARG A 21 6.25 -0.41 -7.02
C ARG A 21 5.13 -1.40 -7.38
N LYS A 22 4.73 -1.45 -8.64
CA LYS A 22 3.65 -2.43 -9.03
C LYS A 22 4.11 -3.84 -8.70
N THR A 23 5.38 -4.16 -8.93
CA THR A 23 5.89 -5.54 -8.57
C THR A 23 5.59 -5.80 -7.09
N HIS A 24 5.84 -4.83 -6.23
CA HIS A 24 5.51 -5.02 -4.78
C HIS A 24 4.00 -5.20 -4.62
N CYS A 25 3.20 -4.45 -5.36
CA CYS A 25 1.71 -4.59 -5.25
C CYS A 25 1.20 -5.59 -6.30
N SER A 26 1.70 -6.81 -6.29
CA SER A 26 1.22 -7.82 -7.28
C SER A 26 0.49 -8.97 -6.57
N GLY A 27 -0.27 -8.69 -5.54
CA GLY A 27 -0.99 -9.78 -4.82
C GLY A 27 -2.28 -9.25 -4.21
N ARG A 28 -3.41 -9.83 -4.54
CA ARG A 28 -4.71 -9.33 -3.94
C ARG A 28 -4.61 -9.30 -2.39
N LYS A 29 -3.80 -10.17 -1.80
CA LYS A 29 -3.66 -10.15 -0.30
C LYS A 29 -3.20 -8.76 0.20
N HIS A 30 -2.39 -8.05 -0.57
CA HIS A 30 -1.92 -6.69 -0.11
C HIS A 30 -3.11 -5.82 0.36
N LYS A 31 -4.22 -5.85 -0.35
CA LYS A 31 -5.40 -5.03 0.10
C LYS A 31 -5.87 -5.54 1.48
N GLU A 32 -6.15 -6.82 1.60
CA GLU A 32 -6.58 -7.35 2.94
C GLU A 32 -5.46 -7.11 3.97
N ASN A 33 -4.21 -7.30 3.57
CA ASN A 33 -3.08 -7.05 4.53
C ASN A 33 -3.15 -5.61 5.08
N VAL A 34 -3.53 -4.65 4.26
CA VAL A 34 -3.61 -3.23 4.75
C VAL A 34 -4.56 -3.14 5.97
N LYS A 35 -5.63 -3.92 5.99
CA LYS A 35 -6.56 -3.87 7.18
C LYS A 35 -5.79 -4.18 8.47
N ASP A 36 -4.96 -5.20 8.44
CA ASP A 36 -4.15 -5.53 9.67
C ASP A 36 -3.28 -4.32 10.09
N TYR A 37 -2.92 -3.45 9.15
CA TYR A 37 -2.05 -2.28 9.55
C TYR A 37 -2.88 -1.21 10.29
N TYR A 38 -4.02 -0.81 9.76
CA TYR A 38 -4.83 0.23 10.48
C TYR A 38 -6.00 -0.41 11.26
N GLN A 39 -5.83 -1.61 11.79
CA GLN A 39 -6.94 -2.25 12.58
C GLN A 39 -6.89 -1.75 14.03
N LYS A 40 -5.72 -1.59 14.60
CA LYS A 40 -5.62 -1.10 16.01
C LYS A 40 -5.02 0.33 16.05
N TRP A 41 -5.25 1.13 15.03
CA TRP A 41 -4.68 2.53 15.04
C TRP A 41 -5.67 3.51 15.69
N MET A 42 -6.96 3.35 15.45
CA MET A 42 -7.95 4.29 16.06
C MET A 42 -9.29 3.58 16.29
N GLU A 43 -9.95 3.16 15.22
CA GLU A 43 -11.27 2.46 15.38
C GLU A 43 -11.37 1.30 14.39
N GLU A 44 -12.54 0.67 14.28
CA GLU A 44 -12.68 -0.47 13.31
C GLU A 44 -13.56 -0.06 12.13
N GLN A 45 -13.41 1.16 11.65
CA GLN A 45 -14.25 1.60 10.49
C GLN A 45 -13.46 2.58 9.61
N ALA A 46 -12.51 2.10 8.83
CA ALA A 46 -11.71 3.00 7.95
C ALA A 46 -11.42 2.32 6.61
N GLN A 47 -12.41 2.18 5.76
CA GLN A 47 -12.17 1.54 4.43
C GLN A 47 -12.38 2.55 3.29
N SER A 48 -12.02 3.80 3.49
CA SER A 48 -12.19 4.82 2.41
C SER A 48 -10.80 5.24 1.88
N LEU A 49 -9.92 5.69 2.75
CA LEU A 49 -8.55 6.11 2.27
C LEU A 49 -7.78 4.90 1.68
N ILE A 50 -8.15 3.66 1.99
CA ILE A 50 -7.41 2.50 1.40
C ILE A 50 -7.76 2.35 -0.09
N ASP A 51 -9.03 2.29 -0.42
CA ASP A 51 -9.42 2.14 -1.87
C ASP A 51 -8.87 3.33 -2.68
N LYS A 52 -8.94 4.53 -2.14
CA LYS A 52 -8.42 5.73 -2.90
C LYS A 52 -6.93 5.52 -3.30
N THR A 53 -6.16 4.82 -2.51
CA THR A 53 -4.71 4.60 -2.87
C THR A 53 -4.56 3.39 -3.82
N THR A 54 -5.37 2.36 -3.65
CA THR A 54 -5.24 1.17 -4.56
C THR A 54 -6.04 1.39 -5.85
N ALA A 55 -7.24 1.94 -5.75
CA ALA A 55 -8.06 2.19 -7.00
C ALA A 55 -7.29 3.11 -7.97
N ALA A 56 -6.54 4.06 -7.47
CA ALA A 56 -5.78 4.97 -8.39
C ALA A 56 -4.38 4.40 -8.71
N PHE A 57 -3.75 3.69 -7.78
CA PHE A 57 -2.38 3.12 -8.06
C PHE A 57 -2.35 2.38 -9.41
N GLN A 58 -3.42 1.67 -9.75
CA GLN A 58 -3.43 0.94 -11.05
C GLN A 58 -4.57 1.47 -11.95
N GLN A 59 -5.81 1.24 -11.59
CA GLN A 59 -6.94 1.74 -12.44
C GLN A 59 -8.29 1.56 -11.72
N GLY A 60 -8.67 0.34 -11.39
CA GLY A 60 -9.97 0.12 -10.69
C GLY A 60 -9.86 -1.10 -9.75
N LYS A 61 -9.89 -2.30 -10.29
CA LYS A 61 -9.79 -3.52 -9.43
C LYS A 61 -8.89 -4.56 -10.08
ZN ZN B . 3.21 -3.33 0.75
N MET A 1 19.74 8.12 -5.01
CA MET A 1 19.17 6.75 -4.79
C MET A 1 17.70 6.85 -4.34
N PRO A 2 16.80 6.89 -5.29
CA PRO A 2 15.35 6.98 -4.96
C PRO A 2 14.84 5.64 -4.39
N LYS A 3 14.26 5.66 -3.21
CA LYS A 3 13.75 4.39 -2.62
C LYS A 3 12.24 4.49 -2.39
N PHE A 4 11.56 3.38 -2.19
CA PHE A 4 10.08 3.43 -1.97
C PHE A 4 9.74 2.93 -0.55
N TYR A 5 8.56 3.23 -0.04
CA TYR A 5 8.19 2.78 1.33
C TYR A 5 6.71 2.33 1.37
N CYS A 6 6.43 1.17 1.95
CA CYS A 6 5.01 0.71 2.02
C CYS A 6 4.53 0.69 3.48
N ASP A 7 3.98 1.77 3.97
CA ASP A 7 3.49 1.78 5.41
C ASP A 7 2.58 0.56 5.67
N TYR A 8 1.79 0.16 4.71
CA TYR A 8 0.90 -1.05 4.93
C TYR A 8 1.75 -2.28 5.25
N CYS A 9 2.96 -2.37 4.72
CA CYS A 9 3.83 -3.56 5.03
C CYS A 9 4.87 -3.27 6.13
N ASP A 10 4.90 -2.07 6.70
CA ASP A 10 5.90 -1.76 7.78
C ASP A 10 7.33 -2.12 7.31
N THR A 11 7.65 -1.86 6.06
CA THR A 11 9.02 -2.18 5.55
C THR A 11 9.49 -1.09 4.57
N TYR A 12 10.73 -1.14 4.15
CA TYR A 12 11.23 -0.10 3.20
C TYR A 12 11.80 -0.75 1.92
N LEU A 13 11.54 -0.17 0.76
CA LEU A 13 12.07 -0.76 -0.51
C LEU A 13 13.31 0.03 -0.94
N THR A 14 14.13 -0.52 -1.83
CA THR A 14 15.37 0.22 -2.26
C THR A 14 15.18 0.91 -3.62
N HIS A 15 14.37 0.36 -4.51
CA HIS A 15 14.18 1.02 -5.84
C HIS A 15 12.74 1.53 -5.99
N ASP A 16 12.56 2.75 -6.47
CA ASP A 16 11.18 3.29 -6.63
C ASP A 16 10.88 3.52 -8.12
N SER A 17 10.48 2.49 -8.83
CA SER A 17 10.18 2.64 -10.28
C SER A 17 8.77 2.11 -10.58
N PRO A 18 8.37 2.18 -11.84
CA PRO A 18 7.01 1.69 -12.21
C PRO A 18 6.94 0.15 -12.15
N SER A 19 8.04 -0.54 -12.37
CA SER A 19 7.98 -2.04 -12.30
C SER A 19 8.25 -2.52 -10.87
N VAL A 20 9.27 -1.99 -10.22
CA VAL A 20 9.57 -2.43 -8.80
C VAL A 20 8.34 -2.17 -7.90
N ARG A 21 7.84 -0.94 -7.86
CA ARG A 21 6.64 -0.66 -6.98
C ARG A 21 5.49 -1.61 -7.36
N LYS A 22 5.15 -1.70 -8.62
CA LYS A 22 4.04 -2.64 -9.02
C LYS A 22 4.46 -4.08 -8.66
N THR A 23 5.71 -4.44 -8.87
CA THR A 23 6.17 -5.84 -8.48
C THR A 23 5.83 -6.06 -7.00
N HIS A 24 6.07 -5.08 -6.16
CA HIS A 24 5.72 -5.24 -4.70
C HIS A 24 4.20 -5.43 -4.57
N CYS A 25 3.42 -4.70 -5.36
CA CYS A 25 1.94 -4.85 -5.27
C CYS A 25 1.43 -5.84 -6.33
N SER A 26 1.98 -7.04 -6.37
CA SER A 26 1.51 -8.05 -7.37
C SER A 26 0.92 -9.27 -6.65
N GLY A 27 0.16 -9.05 -5.58
CA GLY A 27 -0.43 -10.20 -4.85
C GLY A 27 -1.90 -9.91 -4.51
N ARG A 28 -2.72 -10.92 -4.36
CA ARG A 28 -4.17 -10.67 -4.01
C ARG A 28 -4.34 -10.48 -2.48
N LYS A 29 -3.33 -10.75 -1.68
CA LYS A 29 -3.48 -10.55 -0.20
C LYS A 29 -3.07 -9.13 0.23
N HIS A 30 -2.21 -8.45 -0.54
CA HIS A 30 -1.78 -7.06 -0.14
C HIS A 30 -3.00 -6.19 0.22
N LYS A 31 -4.10 -6.32 -0.50
CA LYS A 31 -5.32 -5.51 -0.15
C LYS A 31 -5.83 -5.93 1.22
N GLU A 32 -6.08 -7.21 1.42
CA GLU A 32 -6.56 -7.67 2.78
C GLU A 32 -5.48 -7.35 3.82
N ASN A 33 -4.21 -7.52 3.48
CA ASN A 33 -3.12 -7.20 4.47
C ASN A 33 -3.23 -5.74 4.93
N VAL A 34 -3.61 -4.83 4.05
CA VAL A 34 -3.74 -3.39 4.48
C VAL A 34 -4.76 -3.27 5.63
N LYS A 35 -5.89 -3.95 5.54
CA LYS A 35 -6.89 -3.87 6.65
C LYS A 35 -6.25 -4.43 7.94
N ASP A 36 -5.55 -5.54 7.84
CA ASP A 36 -4.88 -6.10 9.07
C ASP A 36 -3.88 -5.07 9.64
N TYR A 37 -3.35 -4.16 8.84
CA TYR A 37 -2.36 -3.17 9.38
C TYR A 37 -3.09 -2.08 10.20
N TYR A 38 -4.11 -1.45 9.65
CA TYR A 38 -4.84 -0.39 10.43
C TYR A 38 -6.14 -0.95 11.06
N GLN A 39 -6.20 -2.23 11.38
CA GLN A 39 -7.46 -2.78 12.00
C GLN A 39 -7.67 -2.12 13.38
N LYS A 40 -6.63 -1.95 14.15
CA LYS A 40 -6.78 -1.31 15.49
C LYS A 40 -5.98 0.01 15.57
N TRP A 41 -5.74 0.67 14.46
CA TRP A 41 -4.96 1.96 14.50
C TRP A 41 -5.64 2.96 15.45
N MET A 42 -6.96 3.03 15.44
CA MET A 42 -7.65 4.00 16.35
C MET A 42 -9.01 3.43 16.82
N GLU A 43 -9.12 2.13 17.00
CA GLU A 43 -10.41 1.53 17.46
C GLU A 43 -11.59 2.03 16.61
N GLU A 44 -11.40 2.20 15.31
CA GLU A 44 -12.51 2.68 14.45
C GLU A 44 -12.44 2.02 13.06
N GLN A 45 -13.26 2.47 12.12
CA GLN A 45 -13.22 1.87 10.75
C GLN A 45 -12.65 2.88 9.74
N ALA A 46 -11.66 2.49 8.97
CA ALA A 46 -11.07 3.45 7.98
C ALA A 46 -10.98 2.79 6.59
N GLN A 47 -12.09 2.67 5.89
CA GLN A 47 -12.05 2.04 4.53
C GLN A 47 -12.28 3.10 3.45
N SER A 48 -11.80 4.31 3.64
CA SER A 48 -11.98 5.38 2.61
C SER A 48 -10.64 5.71 1.97
N LEU A 49 -9.65 6.07 2.77
CA LEU A 49 -8.29 6.39 2.18
C LEU A 49 -7.68 5.15 1.49
N ILE A 50 -8.12 3.94 1.83
CA ILE A 50 -7.52 2.72 1.16
C ILE A 50 -8.01 2.65 -0.30
N ASP A 51 -9.30 2.78 -0.53
CA ASP A 51 -9.82 2.72 -1.95
C ASP A 51 -9.34 3.96 -2.73
N LYS A 52 -9.37 5.12 -2.14
CA LYS A 52 -8.90 6.35 -2.87
C LYS A 52 -7.43 6.21 -3.30
N THR A 53 -6.60 5.55 -2.51
CA THR A 53 -5.16 5.40 -2.90
C THR A 53 -4.96 4.09 -3.69
N THR A 54 -5.60 3.01 -3.29
CA THR A 54 -5.42 1.72 -4.05
C THR A 54 -5.99 1.85 -5.47
N ALA A 55 -7.11 2.53 -5.64
CA ALA A 55 -7.69 2.69 -7.02
C ALA A 55 -6.66 3.34 -7.97
N ALA A 56 -5.90 4.29 -7.49
CA ALA A 56 -4.87 4.94 -8.38
C ALA A 56 -3.48 4.30 -8.18
N PHE A 57 -3.40 2.99 -8.20
CA PHE A 57 -2.07 2.32 -8.02
C PHE A 57 -1.41 2.06 -9.38
N GLN A 58 -2.18 1.70 -10.39
CA GLN A 58 -1.58 1.43 -11.73
C GLN A 58 -2.01 2.51 -12.74
N GLN A 59 -1.60 3.75 -12.53
CA GLN A 59 -2.00 4.83 -13.48
C GLN A 59 -0.75 5.42 -14.17
N GLY A 60 0.14 4.58 -14.66
CA GLY A 60 1.37 5.09 -15.35
C GLY A 60 1.01 5.60 -16.75
N LYS A 61 0.16 4.89 -17.47
CA LYS A 61 -0.21 5.34 -18.85
C LYS A 61 -1.70 5.73 -18.88
ZN ZN B . 3.24 -3.50 0.72
N MET A 1 21.47 3.96 -5.10
CA MET A 1 20.28 3.54 -5.89
C MET A 1 18.98 4.06 -5.23
N PRO A 2 17.98 4.29 -6.04
CA PRO A 2 16.68 4.79 -5.49
C PRO A 2 15.95 3.66 -4.74
N LYS A 3 15.22 3.99 -3.68
CA LYS A 3 14.49 2.92 -2.92
C LYS A 3 13.05 3.36 -2.66
N PHE A 4 12.13 2.43 -2.51
CA PHE A 4 10.70 2.80 -2.26
C PHE A 4 10.27 2.41 -0.84
N TYR A 5 9.19 2.97 -0.34
CA TYR A 5 8.73 2.62 1.05
C TYR A 5 7.22 2.31 1.05
N CYS A 6 6.80 1.30 1.79
CA CYS A 6 5.35 0.96 1.84
C CYS A 6 4.83 1.05 3.28
N ASP A 7 4.23 2.17 3.66
CA ASP A 7 3.70 2.29 5.08
C ASP A 7 2.77 1.11 5.41
N TYR A 8 1.99 0.63 4.46
CA TYR A 8 1.08 -0.54 4.76
C TYR A 8 1.92 -1.76 5.17
N CYS A 9 3.12 -1.91 4.64
CA CYS A 9 3.98 -3.10 5.02
C CYS A 9 4.98 -2.76 6.13
N ASP A 10 5.12 -1.51 6.54
CA ASP A 10 6.10 -1.16 7.62
C ASP A 10 7.51 -1.65 7.24
N THR A 11 7.88 -1.54 5.98
CA THR A 11 9.24 -2.00 5.56
C THR A 11 9.79 -1.07 4.46
N TYR A 12 11.05 -1.20 4.12
CA TYR A 12 11.63 -0.31 3.06
C TYR A 12 12.06 -1.14 1.83
N LEU A 13 11.65 -0.73 0.65
CA LEU A 13 12.05 -1.50 -0.59
C LEU A 13 13.45 -1.05 -1.06
N THR A 14 14.06 -1.76 -1.99
CA THR A 14 15.43 -1.36 -2.45
C THR A 14 15.38 -0.61 -3.81
N HIS A 15 14.33 -0.76 -4.60
CA HIS A 15 14.27 -0.04 -5.90
C HIS A 15 12.97 0.77 -6.02
N ASP A 16 13.01 1.93 -6.62
CA ASP A 16 11.77 2.76 -6.75
C ASP A 16 11.48 3.01 -8.24
N SER A 17 10.70 2.17 -8.88
CA SER A 17 10.40 2.37 -10.33
C SER A 17 8.92 2.06 -10.59
N PRO A 18 8.50 2.23 -11.84
CA PRO A 18 7.09 1.96 -12.19
C PRO A 18 6.78 0.45 -12.16
N SER A 19 7.75 -0.40 -12.44
CA SER A 19 7.48 -1.87 -12.39
C SER A 19 7.76 -2.43 -10.98
N VAL A 20 8.83 -2.00 -10.35
CA VAL A 20 9.13 -2.53 -8.96
C VAL A 20 7.97 -2.18 -8.01
N ARG A 21 7.53 -0.94 -7.98
CA ARG A 21 6.39 -0.57 -7.07
C ARG A 21 5.17 -1.43 -7.40
N LYS A 22 4.76 -1.48 -8.65
CA LYS A 22 3.57 -2.34 -9.01
C LYS A 22 3.90 -3.81 -8.68
N THR A 23 5.12 -4.25 -8.96
CA THR A 23 5.49 -5.68 -8.60
C THR A 23 5.23 -5.89 -7.10
N HIS A 24 5.59 -4.94 -6.27
CA HIS A 24 5.31 -5.08 -4.80
C HIS A 24 3.78 -5.13 -4.59
N CYS A 25 3.03 -4.33 -5.33
CA CYS A 25 1.54 -4.34 -5.16
C CYS A 25 0.89 -5.25 -6.22
N SER A 26 1.36 -6.48 -6.34
CA SER A 26 0.74 -7.41 -7.35
C SER A 26 0.13 -8.62 -6.65
N GLY A 27 -0.49 -8.44 -5.49
CA GLY A 27 -1.10 -9.59 -4.78
C GLY A 27 -2.38 -9.14 -4.07
N ARG A 28 -3.49 -9.82 -4.30
CA ARG A 28 -4.76 -9.42 -3.59
C ARG A 28 -4.54 -9.38 -2.06
N LYS A 29 -3.62 -10.18 -1.53
CA LYS A 29 -3.39 -10.16 -0.03
C LYS A 29 -2.98 -8.75 0.42
N HIS A 30 -2.23 -8.01 -0.39
CA HIS A 30 -1.80 -6.62 0.04
C HIS A 30 -3.00 -5.80 0.51
N LYS A 31 -4.14 -5.92 -0.16
CA LYS A 31 -5.34 -5.14 0.29
C LYS A 31 -5.75 -5.62 1.68
N GLU A 32 -5.98 -6.90 1.86
CA GLU A 32 -6.35 -7.42 3.22
C GLU A 32 -5.21 -7.10 4.22
N ASN A 33 -3.97 -7.25 3.78
CA ASN A 33 -2.82 -6.94 4.70
C ASN A 33 -2.93 -5.48 5.21
N VAL A 34 -3.36 -4.56 4.37
CA VAL A 34 -3.49 -3.13 4.84
C VAL A 34 -4.40 -3.04 6.08
N LYS A 35 -5.42 -3.89 6.18
CA LYS A 35 -6.33 -3.83 7.38
C LYS A 35 -5.49 -3.93 8.67
N ASP A 36 -4.49 -4.77 8.69
CA ASP A 36 -3.63 -4.87 9.93
C ASP A 36 -2.98 -3.51 10.24
N TYR A 37 -2.72 -2.68 9.24
CA TYR A 37 -2.08 -1.35 9.53
C TYR A 37 -3.06 -0.44 10.29
N TYR A 38 -4.27 -0.28 9.79
CA TYR A 38 -5.25 0.60 10.52
C TYR A 38 -6.24 -0.25 11.35
N GLN A 39 -5.81 -1.35 11.92
CA GLN A 39 -6.74 -2.18 12.76
C GLN A 39 -6.73 -1.68 14.21
N LYS A 40 -5.59 -1.28 14.73
CA LYS A 40 -5.52 -0.77 16.13
C LYS A 40 -5.24 0.74 16.16
N TRP A 41 -5.65 1.47 15.15
CA TRP A 41 -5.39 2.95 15.13
C TRP A 41 -6.60 3.71 15.72
N MET A 42 -7.80 3.32 15.37
CA MET A 42 -9.00 4.03 15.92
C MET A 42 -10.16 3.03 16.12
N GLU A 43 -10.62 2.39 15.07
CA GLU A 43 -11.74 1.41 15.22
C GLU A 43 -11.58 0.25 14.23
N GLU A 44 -12.58 -0.61 14.10
CA GLU A 44 -12.44 -1.75 13.14
C GLU A 44 -13.33 -1.50 11.90
N GLN A 45 -13.38 -0.28 11.42
CA GLN A 45 -14.22 0.00 10.21
C GLN A 45 -13.62 1.18 9.41
N ALA A 46 -12.56 0.94 8.67
CA ALA A 46 -11.95 2.05 7.87
C ALA A 46 -11.48 1.53 6.51
N GLN A 47 -12.40 1.26 5.60
CA GLN A 47 -12.00 0.76 4.25
C GLN A 47 -12.41 1.75 3.15
N SER A 48 -12.35 3.05 3.43
CA SER A 48 -12.72 4.06 2.39
C SER A 48 -11.47 4.80 1.93
N LEU A 49 -10.72 5.39 2.85
CA LEU A 49 -9.46 6.12 2.44
C LEU A 49 -8.45 5.17 1.75
N ILE A 50 -8.54 3.86 1.96
CA ILE A 50 -7.56 2.93 1.30
C ILE A 50 -7.87 2.87 -0.21
N ASP A 51 -9.13 2.77 -0.59
CA ASP A 51 -9.47 2.71 -2.06
C ASP A 51 -9.07 4.02 -2.75
N LYS A 52 -9.29 5.15 -2.12
CA LYS A 52 -8.92 6.46 -2.76
C LYS A 52 -7.40 6.55 -2.98
N THR A 53 -6.60 6.01 -2.07
CA THR A 53 -5.11 6.08 -2.26
C THR A 53 -4.60 4.85 -3.03
N THR A 54 -5.14 3.68 -2.78
CA THR A 54 -4.66 2.45 -3.52
C THR A 54 -4.82 2.65 -5.04
N ALA A 55 -5.89 3.30 -5.48
CA ALA A 55 -6.07 3.51 -6.97
C ALA A 55 -4.88 4.30 -7.54
N ALA A 56 -4.39 5.30 -6.82
CA ALA A 56 -3.22 6.09 -7.35
C ALA A 56 -1.99 5.18 -7.48
N PHE A 57 -1.77 4.28 -6.53
CA PHE A 57 -0.56 3.38 -6.64
C PHE A 57 -0.53 2.65 -7.99
N GLN A 58 -1.68 2.27 -8.53
CA GLN A 58 -1.68 1.57 -9.85
C GLN A 58 -1.98 2.56 -10.98
N GLN A 59 -2.94 3.46 -10.80
CA GLN A 59 -3.28 4.45 -11.87
C GLN A 59 -3.58 3.73 -13.21
N GLY A 60 -4.82 3.35 -13.43
CA GLY A 60 -5.16 2.65 -14.71
C GLY A 60 -6.02 3.58 -15.58
N LYS A 61 -5.49 4.69 -16.02
CA LYS A 61 -6.29 5.62 -16.88
C LYS A 61 -5.64 5.76 -18.26
ZN ZN B . 3.30 -3.19 0.75
N MET A 1 13.13 9.94 -6.82
CA MET A 1 13.02 9.34 -5.46
C MET A 1 13.60 7.92 -5.46
N PRO A 2 14.85 7.79 -5.05
CA PRO A 2 15.50 6.46 -5.02
C PRO A 2 14.94 5.63 -3.87
N LYS A 3 14.87 4.31 -4.02
CA LYS A 3 14.33 3.42 -2.93
C LYS A 3 12.86 3.77 -2.64
N PHE A 4 12.00 2.77 -2.55
CA PHE A 4 10.55 3.05 -2.28
C PHE A 4 10.16 2.52 -0.89
N TYR A 5 9.18 3.12 -0.24
CA TYR A 5 8.77 2.63 1.12
C TYR A 5 7.27 2.34 1.15
N CYS A 6 6.87 1.24 1.76
CA CYS A 6 5.40 0.92 1.83
C CYS A 6 4.92 0.95 3.29
N ASP A 7 4.42 2.09 3.75
CA ASP A 7 3.94 2.17 5.18
C ASP A 7 2.96 1.01 5.47
N TYR A 8 2.14 0.62 4.52
CA TYR A 8 1.19 -0.52 4.77
C TYR A 8 1.98 -1.79 5.12
N CYS A 9 3.17 -1.96 4.59
CA CYS A 9 3.98 -3.20 4.91
C CYS A 9 5.04 -2.93 6.01
N ASP A 10 5.14 -1.73 6.56
CA ASP A 10 6.16 -1.47 7.63
C ASP A 10 7.57 -1.90 7.15
N THR A 11 7.88 -1.68 5.89
CA THR A 11 9.23 -2.09 5.38
C THR A 11 9.70 -1.10 4.29
N TYR A 12 10.93 -1.21 3.85
CA TYR A 12 11.42 -0.26 2.81
C TYR A 12 11.99 -1.04 1.61
N LEU A 13 11.51 -0.76 0.40
CA LEU A 13 12.06 -1.50 -0.80
C LEU A 13 13.43 -0.93 -1.18
N THR A 14 14.16 -1.62 -2.04
CA THR A 14 15.52 -1.10 -2.44
C THR A 14 15.47 -0.39 -3.82
N HIS A 15 14.59 -0.78 -4.72
CA HIS A 15 14.54 -0.10 -6.05
C HIS A 15 13.25 0.71 -6.18
N ASP A 16 13.30 1.85 -6.84
CA ASP A 16 12.06 2.68 -7.00
C ASP A 16 11.77 2.89 -8.50
N SER A 17 10.92 2.07 -9.08
CA SER A 17 10.60 2.23 -10.54
C SER A 17 9.11 1.94 -10.80
N PRO A 18 8.69 2.08 -12.03
CA PRO A 18 7.28 1.81 -12.37
C PRO A 18 6.97 0.31 -12.31
N SER A 19 7.93 -0.55 -12.63
CA SER A 19 7.65 -2.03 -12.57
C SER A 19 7.93 -2.56 -11.15
N VAL A 20 8.98 -2.09 -10.51
CA VAL A 20 9.27 -2.59 -9.12
C VAL A 20 8.10 -2.24 -8.18
N ARG A 21 7.59 -1.02 -8.24
CA ARG A 21 6.43 -0.65 -7.34
C ARG A 21 5.25 -1.57 -7.65
N LYS A 22 4.82 -1.66 -8.89
CA LYS A 22 3.66 -2.57 -9.22
C LYS A 22 4.04 -4.01 -8.83
N THR A 23 5.27 -4.43 -9.06
CA THR A 23 5.69 -5.82 -8.65
C THR A 23 5.39 -6.00 -7.16
N HIS A 24 5.71 -5.00 -6.35
CA HIS A 24 5.40 -5.11 -4.88
C HIS A 24 3.88 -5.20 -4.69
N CYS A 25 3.10 -4.50 -5.49
CA CYS A 25 1.61 -4.57 -5.33
C CYS A 25 1.01 -5.56 -6.34
N SER A 26 1.55 -6.75 -6.44
CA SER A 26 0.99 -7.74 -7.41
C SER A 26 0.40 -8.96 -6.66
N GLY A 27 -0.23 -8.74 -5.53
CA GLY A 27 -0.81 -9.88 -4.76
C GLY A 27 -2.11 -9.44 -4.07
N ARG A 28 -3.21 -10.14 -4.28
CA ARG A 28 -4.49 -9.75 -3.60
C ARG A 28 -4.28 -9.63 -2.08
N LYS A 29 -3.35 -10.38 -1.50
CA LYS A 29 -3.11 -10.28 -0.02
C LYS A 29 -2.74 -8.84 0.38
N HIS A 30 -2.03 -8.11 -0.46
CA HIS A 30 -1.65 -6.69 -0.09
C HIS A 30 -2.88 -5.90 0.37
N LYS A 31 -4.02 -6.09 -0.27
CA LYS A 31 -5.25 -5.33 0.17
C LYS A 31 -5.61 -5.75 1.59
N GLU A 32 -5.75 -7.03 1.85
CA GLU A 32 -6.08 -7.48 3.26
C GLU A 32 -4.95 -7.04 4.20
N ASN A 33 -3.70 -7.14 3.75
CA ASN A 33 -2.56 -6.69 4.63
C ASN A 33 -2.75 -5.24 5.07
N VAL A 34 -3.25 -4.38 4.21
CA VAL A 34 -3.47 -2.94 4.62
C VAL A 34 -4.46 -2.90 5.80
N LYS A 35 -5.47 -3.76 5.83
CA LYS A 35 -6.45 -3.73 6.98
C LYS A 35 -5.69 -3.81 8.32
N ASP A 36 -4.65 -4.61 8.39
CA ASP A 36 -3.88 -4.70 9.68
C ASP A 36 -3.33 -3.32 10.07
N TYR A 37 -2.98 -2.48 9.11
CA TYR A 37 -2.46 -1.12 9.46
C TYR A 37 -3.54 -0.30 10.17
N TYR A 38 -4.72 -0.19 9.59
CA TYR A 38 -5.81 0.59 10.26
C TYR A 38 -6.81 -0.34 10.97
N GLN A 39 -6.36 -1.46 11.51
CA GLN A 39 -7.32 -2.38 12.23
C GLN A 39 -7.56 -1.88 13.65
N LYS A 40 -6.54 -1.39 14.32
CA LYS A 40 -6.72 -0.88 15.72
C LYS A 40 -6.44 0.64 15.83
N TRP A 41 -6.49 1.37 14.74
CA TRP A 41 -6.20 2.85 14.82
C TRP A 41 -7.20 3.53 15.78
N MET A 42 -8.46 3.13 15.73
CA MET A 42 -9.47 3.75 16.65
C MET A 42 -10.58 2.75 16.99
N GLU A 43 -10.25 1.48 17.18
CA GLU A 43 -11.30 0.47 17.52
C GLU A 43 -12.48 0.53 16.53
N GLU A 44 -12.20 0.75 15.25
CA GLU A 44 -13.31 0.83 14.26
C GLU A 44 -12.86 0.26 12.91
N GLN A 45 -13.67 0.38 11.87
CA GLN A 45 -13.27 -0.16 10.54
C GLN A 45 -13.08 1.00 9.54
N ALA A 46 -11.93 1.10 8.91
CA ALA A 46 -11.69 2.21 7.95
C ALA A 46 -11.28 1.65 6.57
N GLN A 47 -12.22 1.11 5.81
CA GLN A 47 -11.86 0.56 4.47
C GLN A 47 -12.37 1.49 3.35
N SER A 48 -12.34 2.80 3.57
CA SER A 48 -12.80 3.75 2.51
C SER A 48 -11.61 4.56 1.99
N LEU A 49 -10.88 5.23 2.86
CA LEU A 49 -9.70 6.04 2.38
C LEU A 49 -8.66 5.14 1.66
N ILE A 50 -8.64 3.83 1.91
CA ILE A 50 -7.63 2.96 1.20
C ILE A 50 -7.98 2.90 -0.29
N ASP A 51 -9.23 2.66 -0.64
CA ASP A 51 -9.62 2.59 -2.09
C ASP A 51 -9.24 3.89 -2.82
N LYS A 52 -9.38 5.03 -2.16
CA LYS A 52 -9.01 6.33 -2.84
C LYS A 52 -7.49 6.52 -2.86
N THR A 53 -6.78 6.08 -1.84
CA THR A 53 -5.28 6.26 -1.85
C THR A 53 -4.62 5.14 -2.67
N THR A 54 -5.11 3.92 -2.58
CA THR A 54 -4.48 2.80 -3.37
C THR A 54 -4.47 3.14 -4.87
N ALA A 55 -5.52 3.78 -5.38
CA ALA A 55 -5.53 4.12 -6.84
C ALA A 55 -4.69 5.39 -7.09
N ALA A 56 -4.76 6.37 -6.21
CA ALA A 56 -3.94 7.63 -6.41
C ALA A 56 -2.44 7.28 -6.58
N PHE A 57 -1.95 6.27 -5.89
CA PHE A 57 -0.50 5.91 -6.03
C PHE A 57 -0.33 4.85 -7.13
N GLN A 58 -1.22 3.87 -7.20
CA GLN A 58 -1.08 2.81 -8.27
C GLN A 58 -1.12 3.45 -9.67
N GLN A 59 -2.16 4.18 -9.98
CA GLN A 59 -2.25 4.83 -11.33
C GLN A 59 -2.86 6.22 -11.21
N GLY A 60 -4.07 6.34 -10.72
CA GLY A 60 -4.71 7.68 -10.59
C GLY A 60 -5.55 7.98 -11.83
N LYS A 61 -6.29 7.01 -12.34
CA LYS A 61 -7.12 7.25 -13.55
C LYS A 61 -8.47 6.53 -13.43
ZN ZN B . 3.31 -3.15 0.61
N MET A 1 19.76 7.70 -3.05
CA MET A 1 19.03 6.64 -2.27
C MET A 1 17.77 6.19 -3.05
N PRO A 2 17.98 5.52 -4.16
CA PRO A 2 16.84 5.04 -4.96
C PRO A 2 16.13 3.86 -4.25
N LYS A 3 15.30 4.14 -3.27
CA LYS A 3 14.60 3.04 -2.55
C LYS A 3 13.11 3.40 -2.34
N PHE A 4 12.24 2.41 -2.28
CA PHE A 4 10.79 2.72 -2.07
C PHE A 4 10.35 2.28 -0.66
N TYR A 5 9.23 2.78 -0.18
CA TYR A 5 8.76 2.40 1.19
C TYR A 5 7.25 2.12 1.18
N CYS A 6 6.81 1.06 1.82
CA CYS A 6 5.34 0.75 1.84
C CYS A 6 4.82 0.80 3.29
N ASP A 7 4.32 1.94 3.74
CA ASP A 7 3.80 2.02 5.15
C ASP A 7 2.79 0.88 5.42
N TYR A 8 2.00 0.51 4.44
CA TYR A 8 1.02 -0.61 4.66
C TYR A 8 1.78 -1.91 5.03
N CYS A 9 2.98 -2.11 4.52
CA CYS A 9 3.75 -3.36 4.86
C CYS A 9 4.74 -3.12 6.01
N ASP A 10 4.88 -1.90 6.54
CA ASP A 10 5.85 -1.66 7.65
C ASP A 10 7.25 -2.16 7.26
N THR A 11 7.65 -1.97 6.02
CA THR A 11 9.01 -2.44 5.59
C THR A 11 9.61 -1.47 4.56
N TYR A 12 10.86 -1.63 4.20
CA TYR A 12 11.49 -0.70 3.21
C TYR A 12 11.94 -1.46 1.96
N LEU A 13 11.75 -0.90 0.79
CA LEU A 13 12.18 -1.60 -0.47
C LEU A 13 13.58 -1.11 -0.88
N THR A 14 14.24 -1.79 -1.81
CA THR A 14 15.60 -1.33 -2.24
C THR A 14 15.55 -0.55 -3.56
N HIS A 15 14.62 -0.83 -4.45
CA HIS A 15 14.56 -0.08 -5.74
C HIS A 15 13.29 0.78 -5.81
N ASP A 16 13.37 1.93 -6.47
CA ASP A 16 12.17 2.81 -6.56
C ASP A 16 11.89 3.13 -8.04
N SER A 17 11.03 2.38 -8.69
CA SER A 17 10.71 2.65 -10.13
C SER A 17 9.25 2.30 -10.44
N PRO A 18 8.84 2.54 -11.66
CA PRO A 18 7.44 2.23 -12.05
C PRO A 18 7.20 0.70 -12.11
N SER A 19 8.22 -0.09 -12.37
CA SER A 19 8.01 -1.58 -12.42
C SER A 19 8.27 -2.19 -11.04
N VAL A 20 9.27 -1.73 -10.32
CA VAL A 20 9.55 -2.32 -8.95
C VAL A 20 8.35 -2.06 -8.03
N ARG A 21 7.86 -0.84 -7.96
CA ARG A 21 6.68 -0.56 -7.07
C ARG A 21 5.50 -1.46 -7.47
N LYS A 22 5.18 -1.53 -8.75
CA LYS A 22 4.04 -2.43 -9.18
C LYS A 22 4.40 -3.88 -8.82
N THR A 23 5.64 -4.29 -9.04
CA THR A 23 6.05 -5.69 -8.67
C THR A 23 5.69 -5.93 -7.18
N HIS A 24 5.98 -4.97 -6.33
CA HIS A 24 5.61 -5.13 -4.88
C HIS A 24 4.08 -5.23 -4.76
N CYS A 25 3.33 -4.45 -5.54
CA CYS A 25 1.85 -4.52 -5.47
C CYS A 25 1.29 -5.47 -6.54
N SER A 26 1.77 -6.69 -6.59
CA SER A 26 1.26 -7.65 -7.62
C SER A 26 0.58 -8.85 -6.94
N GLY A 27 -0.14 -8.63 -5.85
CA GLY A 27 -0.81 -9.77 -5.17
C GLY A 27 -2.10 -9.30 -4.50
N ARG A 28 -3.22 -9.94 -4.78
CA ARG A 28 -4.52 -9.51 -4.12
C ARG A 28 -4.34 -9.51 -2.59
N LYS A 29 -3.47 -10.35 -2.05
CA LYS A 29 -3.27 -10.36 -0.55
C LYS A 29 -2.87 -8.97 -0.04
N HIS A 30 -2.14 -8.19 -0.83
CA HIS A 30 -1.72 -6.81 -0.36
C HIS A 30 -2.93 -6.03 0.20
N LYS A 31 -4.09 -6.17 -0.42
CA LYS A 31 -5.29 -5.42 0.10
C LYS A 31 -5.58 -5.85 1.54
N GLU A 32 -5.76 -7.13 1.79
CA GLU A 32 -6.01 -7.58 3.21
C GLU A 32 -4.82 -7.18 4.08
N ASN A 33 -3.61 -7.28 3.58
CA ASN A 33 -2.41 -6.87 4.39
C ASN A 33 -2.55 -5.41 4.86
N VAL A 34 -3.11 -4.54 4.04
CA VAL A 34 -3.27 -3.10 4.47
C VAL A 34 -4.06 -3.02 5.79
N LYS A 35 -5.03 -3.89 6.02
CA LYS A 35 -5.81 -3.82 7.31
C LYS A 35 -4.84 -3.84 8.51
N ASP A 36 -3.80 -4.64 8.46
CA ASP A 36 -2.82 -4.67 9.60
C ASP A 36 -2.24 -3.26 9.86
N TYR A 37 -2.14 -2.42 8.84
CA TYR A 37 -1.59 -1.04 9.08
C TYR A 37 -2.57 -0.21 9.91
N TYR A 38 -3.82 -0.11 9.49
CA TYR A 38 -4.81 0.68 10.29
C TYR A 38 -5.70 -0.24 11.15
N GLN A 39 -5.15 -1.32 11.69
CA GLN A 39 -5.99 -2.22 12.55
C GLN A 39 -6.04 -1.69 14.00
N LYS A 40 -4.95 -1.14 14.49
CA LYS A 40 -4.97 -0.59 15.89
C LYS A 40 -5.04 0.94 15.90
N TRP A 41 -5.54 1.56 14.84
CA TRP A 41 -5.63 3.06 14.83
C TRP A 41 -7.08 3.52 15.05
N MET A 42 -8.03 2.97 14.30
CA MET A 42 -9.45 3.39 14.49
C MET A 42 -10.24 2.31 15.26
N GLU A 43 -10.12 1.05 14.85
CA GLU A 43 -10.87 -0.04 15.56
C GLU A 43 -12.38 0.27 15.61
N GLU A 44 -12.93 0.83 14.55
CA GLU A 44 -14.39 1.15 14.56
C GLU A 44 -14.96 1.12 13.13
N GLN A 45 -14.53 2.02 12.27
CA GLN A 45 -15.06 2.02 10.86
C GLN A 45 -14.16 2.88 9.94
N ALA A 46 -13.07 2.34 9.46
CA ALA A 46 -12.17 3.13 8.56
C ALA A 46 -11.85 2.35 7.29
N GLN A 47 -12.81 2.23 6.38
CA GLN A 47 -12.55 1.48 5.12
C GLN A 47 -12.77 2.38 3.89
N SER A 48 -12.49 3.67 4.00
CA SER A 48 -12.68 4.59 2.83
C SER A 48 -11.31 5.00 2.25
N LEU A 49 -10.40 5.46 3.08
CA LEU A 49 -9.04 5.86 2.56
C LEU A 49 -8.31 4.66 1.90
N ILE A 50 -8.67 3.44 2.22
CA ILE A 50 -7.96 2.26 1.59
C ILE A 50 -8.42 2.10 0.13
N ASP A 51 -9.69 2.31 -0.16
CA ASP A 51 -10.17 2.16 -1.58
C ASP A 51 -9.91 3.46 -2.36
N LYS A 52 -10.10 4.61 -1.74
CA LYS A 52 -9.84 5.90 -2.48
C LYS A 52 -8.36 6.01 -2.84
N THR A 53 -7.46 5.57 -1.97
CA THR A 53 -5.99 5.66 -2.31
C THR A 53 -5.60 4.55 -3.29
N THR A 54 -6.19 3.37 -3.18
CA THR A 54 -5.82 2.26 -4.14
C THR A 54 -6.59 2.43 -5.46
N ALA A 55 -7.85 2.82 -5.40
CA ALA A 55 -8.64 3.00 -6.67
C ALA A 55 -7.96 4.05 -7.58
N ALA A 56 -7.43 5.12 -7.00
CA ALA A 56 -6.76 6.17 -7.85
C ALA A 56 -5.64 5.54 -8.70
N PHE A 57 -4.88 4.60 -8.14
CA PHE A 57 -3.78 3.96 -8.93
C PHE A 57 -4.37 3.18 -10.11
N GLN A 58 -5.09 2.10 -9.84
CA GLN A 58 -5.69 1.28 -10.95
C GLN A 58 -4.64 0.93 -12.01
N GLN A 59 -3.53 0.34 -11.61
CA GLN A 59 -2.47 -0.03 -12.61
C GLN A 59 -2.08 -1.51 -12.45
N GLY A 60 -2.94 -2.42 -12.89
CA GLY A 60 -2.61 -3.87 -12.77
C GLY A 60 -2.42 -4.48 -14.16
N LYS A 61 -3.34 -5.29 -14.61
CA LYS A 61 -3.18 -5.92 -15.98
C LYS A 61 -4.36 -5.50 -16.87
ZN ZN B . 3.21 -3.30 0.56
N MET A 1 20.95 1.92 -2.97
CA MET A 1 20.64 3.37 -2.72
C MET A 1 19.17 3.68 -3.06
N PRO A 2 18.78 3.43 -4.30
CA PRO A 2 17.37 3.70 -4.71
C PRO A 2 16.43 2.65 -4.11
N LYS A 3 15.76 2.96 -3.03
CA LYS A 3 14.82 1.96 -2.41
C LYS A 3 13.47 2.63 -2.10
N PHE A 4 12.38 1.86 -2.07
CA PHE A 4 11.06 2.46 -1.78
C PHE A 4 10.57 2.02 -0.39
N TYR A 5 9.60 2.71 0.19
CA TYR A 5 9.09 2.33 1.54
C TYR A 5 7.57 2.13 1.50
N CYS A 6 7.06 1.06 2.08
CA CYS A 6 5.58 0.84 2.07
C CYS A 6 5.04 0.92 3.51
N ASP A 7 4.46 2.05 3.90
CA ASP A 7 3.91 2.14 5.30
C ASP A 7 2.95 0.98 5.60
N TYR A 8 2.18 0.54 4.62
CA TYR A 8 1.25 -0.62 4.88
C TYR A 8 2.05 -1.89 5.24
N CYS A 9 3.26 -2.04 4.73
CA CYS A 9 4.07 -3.26 5.07
C CYS A 9 5.12 -2.97 6.17
N ASP A 10 5.37 -1.72 6.52
CA ASP A 10 6.40 -1.42 7.58
C ASP A 10 7.75 -2.03 7.18
N THR A 11 8.13 -1.92 5.92
CA THR A 11 9.44 -2.48 5.47
C THR A 11 10.08 -1.57 4.41
N TYR A 12 11.29 -1.87 4.00
CA TYR A 12 11.95 -1.00 2.97
C TYR A 12 12.20 -1.81 1.69
N LEU A 13 11.52 -1.46 0.61
CA LEU A 13 11.75 -2.22 -0.68
C LEU A 13 13.18 -1.98 -1.18
N THR A 14 13.61 -2.70 -2.20
CA THR A 14 15.01 -2.50 -2.72
C THR A 14 15.02 -1.56 -3.94
N HIS A 15 13.97 -1.53 -4.74
CA HIS A 15 13.97 -0.64 -5.94
C HIS A 15 12.88 0.43 -5.80
N ASP A 16 13.09 1.61 -6.35
CA ASP A 16 12.07 2.69 -6.25
C ASP A 16 11.73 3.21 -7.65
N SER A 17 10.70 2.68 -8.27
CA SER A 17 10.32 3.16 -9.65
C SER A 17 8.80 3.07 -9.84
N PRO A 18 8.33 3.48 -11.00
CA PRO A 18 6.88 3.44 -11.28
C PRO A 18 6.39 1.99 -11.46
N SER A 19 7.22 1.10 -11.98
CA SER A 19 6.77 -0.33 -12.15
C SER A 19 7.06 -1.12 -10.87
N VAL A 20 8.18 -0.89 -10.21
CA VAL A 20 8.48 -1.66 -8.96
C VAL A 20 7.40 -1.36 -7.90
N ARG A 21 7.05 -0.09 -7.72
CA ARG A 21 5.99 0.23 -6.70
C ARG A 21 4.68 -0.50 -7.06
N LYS A 22 4.21 -0.35 -8.29
CA LYS A 22 2.94 -1.07 -8.68
C LYS A 22 3.19 -2.58 -8.57
N THR A 23 4.34 -3.06 -8.99
CA THR A 23 4.62 -4.54 -8.87
C THR A 23 4.46 -4.94 -7.39
N HIS A 24 4.98 -4.14 -6.48
CA HIS A 24 4.81 -4.47 -5.02
C HIS A 24 3.31 -4.48 -4.67
N CYS A 25 2.51 -3.63 -5.29
CA CYS A 25 1.05 -3.59 -4.97
C CYS A 25 0.25 -4.34 -6.06
N SER A 26 0.74 -5.47 -6.53
CA SER A 26 -0.01 -6.23 -7.57
C SER A 26 -0.43 -7.60 -7.03
N GLY A 27 -0.82 -7.68 -5.77
CA GLY A 27 -1.22 -9.00 -5.20
C GLY A 27 -2.45 -8.80 -4.30
N ARG A 28 -3.49 -9.60 -4.48
CA ARG A 28 -4.70 -9.46 -3.60
C ARG A 28 -4.30 -9.55 -2.11
N LYS A 29 -3.24 -10.27 -1.79
CA LYS A 29 -2.84 -10.39 -0.34
C LYS A 29 -2.52 -9.00 0.24
N HIS A 30 -1.92 -8.10 -0.53
CA HIS A 30 -1.59 -6.73 0.02
C HIS A 30 -2.84 -6.09 0.66
N LYS A 31 -4.03 -6.31 0.11
CA LYS A 31 -5.26 -5.71 0.72
C LYS A 31 -5.37 -6.14 2.20
N GLU A 32 -5.29 -7.42 2.48
CA GLU A 32 -5.37 -7.87 3.91
C GLU A 32 -4.20 -7.26 4.69
N ASN A 33 -3.01 -7.21 4.10
CA ASN A 33 -1.84 -6.60 4.82
C ASN A 33 -2.16 -5.15 5.24
N VAL A 34 -2.89 -4.40 4.41
CA VAL A 34 -3.22 -2.99 4.81
C VAL A 34 -4.12 -2.98 6.05
N LYS A 35 -5.04 -3.92 6.18
CA LYS A 35 -5.93 -3.94 7.41
C LYS A 35 -5.07 -3.92 8.68
N ASP A 36 -4.00 -4.69 8.71
CA ASP A 36 -3.12 -4.68 9.93
C ASP A 36 -2.59 -3.26 10.21
N TYR A 37 -2.44 -2.43 9.19
CA TYR A 37 -1.91 -1.03 9.45
C TYR A 37 -2.99 -0.18 10.14
N TYR A 38 -4.20 -0.12 9.60
CA TYR A 38 -5.26 0.71 10.26
C TYR A 38 -6.21 -0.15 11.12
N GLN A 39 -5.71 -1.20 11.75
CA GLN A 39 -6.61 -2.05 12.60
C GLN A 39 -6.68 -1.47 14.03
N LYS A 40 -5.59 -0.99 14.56
CA LYS A 40 -5.59 -0.41 15.93
C LYS A 40 -5.24 1.08 15.90
N TRP A 41 -5.64 1.79 14.86
CA TRP A 41 -5.31 3.26 14.79
C TRP A 41 -6.44 4.09 15.41
N MET A 42 -7.69 3.71 15.19
CA MET A 42 -8.82 4.50 15.79
C MET A 42 -10.06 3.60 15.98
N GLU A 43 -10.68 3.16 14.91
CA GLU A 43 -11.88 2.29 15.05
C GLU A 43 -11.78 1.09 14.10
N GLU A 44 -12.85 0.31 13.96
CA GLU A 44 -12.79 -0.86 13.04
C GLU A 44 -13.69 -0.62 11.82
N GLN A 45 -13.72 0.59 11.30
CA GLN A 45 -14.58 0.88 10.11
C GLN A 45 -13.91 1.93 9.20
N ALA A 46 -12.88 1.54 8.47
CA ALA A 46 -12.20 2.53 7.58
C ALA A 46 -11.72 1.85 6.29
N GLN A 47 -12.63 1.53 5.39
CA GLN A 47 -12.22 0.86 4.11
C GLN A 47 -12.47 1.81 2.92
N SER A 48 -12.29 3.10 3.10
CA SER A 48 -12.50 4.05 1.96
C SER A 48 -11.15 4.62 1.50
N LEU A 49 -10.37 5.18 2.41
CA LEU A 49 -9.03 5.72 2.02
C LEU A 49 -8.11 4.63 1.45
N ILE A 50 -8.37 3.36 1.75
CA ILE A 50 -7.48 2.27 1.19
C ILE A 50 -7.78 2.07 -0.31
N ASP A 51 -9.04 1.97 -0.68
CA ASP A 51 -9.37 1.78 -2.15
C ASP A 51 -8.80 2.94 -2.97
N LYS A 52 -8.87 4.16 -2.48
CA LYS A 52 -8.31 5.32 -3.26
C LYS A 52 -6.83 5.10 -3.58
N THR A 53 -6.07 4.49 -2.68
CA THR A 53 -4.62 4.26 -2.97
C THR A 53 -4.41 2.89 -3.63
N THR A 54 -5.13 1.87 -3.21
CA THR A 54 -4.96 0.52 -3.86
C THR A 54 -5.53 0.53 -5.28
N ALA A 55 -6.62 1.26 -5.52
CA ALA A 55 -7.19 1.28 -6.91
C ALA A 55 -6.59 2.44 -7.71
N ALA A 56 -6.43 3.61 -7.11
CA ALA A 56 -5.83 4.76 -7.85
C ALA A 56 -4.31 4.83 -7.59
N PHE A 57 -3.59 3.77 -7.87
CA PHE A 57 -2.11 3.79 -7.65
C PHE A 57 -1.38 4.22 -8.93
N GLN A 58 -1.59 3.53 -10.02
CA GLN A 58 -0.91 3.91 -11.30
C GLN A 58 -1.83 3.67 -12.51
N GLN A 59 -2.87 4.48 -12.68
CA GLN A 59 -3.80 4.28 -13.84
C GLN A 59 -4.33 2.84 -13.87
N GLY A 60 -5.23 2.49 -12.96
CA GLY A 60 -5.77 1.09 -12.96
C GLY A 60 -7.18 1.09 -13.58
N LYS A 61 -8.21 0.92 -12.79
CA LYS A 61 -9.60 0.91 -13.34
C LYS A 61 -10.49 1.89 -12.59
ZN ZN B . 3.30 -3.13 0.82
N MET A 1 19.37 4.77 -9.16
CA MET A 1 17.87 4.74 -9.08
C MET A 1 17.44 5.01 -7.62
N PRO A 2 16.33 5.72 -7.46
CA PRO A 2 15.84 6.02 -6.09
C PRO A 2 15.24 4.77 -5.45
N LYS A 3 14.92 4.82 -4.18
CA LYS A 3 14.34 3.62 -3.49
C LYS A 3 12.87 3.90 -3.09
N PHE A 4 12.07 2.86 -2.94
CA PHE A 4 10.64 3.08 -2.56
C PHE A 4 10.39 2.46 -1.17
N TYR A 5 9.35 2.87 -0.48
CA TYR A 5 9.08 2.29 0.88
C TYR A 5 7.58 2.00 1.05
N CYS A 6 7.24 0.88 1.65
CA CYS A 6 5.79 0.55 1.86
C CYS A 6 5.44 0.60 3.35
N ASP A 7 4.89 1.70 3.83
CA ASP A 7 4.53 1.79 5.30
C ASP A 7 3.60 0.62 5.69
N TYR A 8 2.71 0.21 4.81
CA TYR A 8 1.81 -0.95 5.16
C TYR A 8 2.65 -2.21 5.44
N CYS A 9 3.78 -2.38 4.78
CA CYS A 9 4.63 -3.60 5.03
C CYS A 9 5.77 -3.32 6.03
N ASP A 10 5.93 -2.09 6.52
CA ASP A 10 7.04 -1.82 7.49
C ASP A 10 8.40 -2.27 6.91
N THR A 11 8.61 -2.08 5.63
CA THR A 11 9.90 -2.50 5.01
C THR A 11 10.37 -1.44 3.99
N TYR A 12 11.55 -1.60 3.43
CA TYR A 12 12.04 -0.59 2.44
C TYR A 12 12.31 -1.27 1.08
N LEU A 13 11.67 -0.83 0.02
CA LEU A 13 11.92 -1.45 -1.32
C LEU A 13 13.21 -0.87 -1.92
N THR A 14 13.74 -1.48 -2.96
CA THR A 14 15.01 -0.95 -3.57
C THR A 14 14.75 -0.13 -4.85
N HIS A 15 13.69 -0.43 -5.59
CA HIS A 15 13.43 0.35 -6.84
C HIS A 15 12.14 1.17 -6.67
N ASP A 16 12.08 2.34 -7.29
CA ASP A 16 10.85 3.19 -7.16
C ASP A 16 10.32 3.54 -8.56
N SER A 17 9.38 2.76 -9.08
CA SER A 17 8.84 3.05 -10.43
C SER A 17 7.36 2.66 -10.51
N PRO A 18 6.74 2.88 -11.65
CA PRO A 18 5.31 2.54 -11.80
C PRO A 18 5.12 1.01 -11.87
N SER A 19 6.08 0.28 -12.41
CA SER A 19 5.92 -1.21 -12.48
C SER A 19 6.43 -1.87 -11.18
N VAL A 20 7.52 -1.38 -10.61
CA VAL A 20 8.03 -1.98 -9.33
C VAL A 20 6.97 -1.81 -8.23
N ARG A 21 6.44 -0.61 -8.05
CA ARG A 21 5.40 -0.42 -6.98
C ARG A 21 4.21 -1.35 -7.24
N LYS A 22 3.67 -1.37 -8.44
CA LYS A 22 2.52 -2.30 -8.73
C LYS A 22 3.00 -3.75 -8.55
N THR A 23 4.21 -4.07 -9.01
CA THR A 23 4.73 -5.47 -8.82
C THR A 23 4.69 -5.81 -7.32
N HIS A 24 5.10 -4.88 -6.47
CA HIS A 24 5.03 -5.14 -4.99
C HIS A 24 3.56 -5.35 -4.58
N CYS A 25 2.64 -4.59 -5.16
CA CYS A 25 1.20 -4.75 -4.80
C CYS A 25 0.51 -5.74 -5.77
N SER A 26 1.03 -6.95 -5.88
CA SER A 26 0.39 -7.94 -6.80
C SER A 26 -0.08 -9.17 -6.01
N GLY A 27 -0.59 -8.99 -4.81
CA GLY A 27 -1.05 -10.15 -4.01
C GLY A 27 -2.31 -9.77 -3.21
N ARG A 28 -3.37 -10.54 -3.31
CA ARG A 28 -4.62 -10.20 -2.52
C ARG A 28 -4.29 -10.05 -1.02
N LYS A 29 -3.27 -10.73 -0.52
CA LYS A 29 -2.94 -10.60 0.94
C LYS A 29 -2.54 -9.14 1.28
N HIS A 30 -1.89 -8.43 0.37
CA HIS A 30 -1.49 -7.01 0.68
C HIS A 30 -2.70 -6.20 1.19
N LYS A 31 -3.86 -6.37 0.59
CA LYS A 31 -5.06 -5.60 1.07
C LYS A 31 -5.37 -6.01 2.52
N GLU A 32 -5.54 -7.29 2.77
CA GLU A 32 -5.81 -7.73 4.20
C GLU A 32 -4.63 -7.31 5.09
N ASN A 33 -3.41 -7.42 4.59
CA ASN A 33 -2.22 -7.00 5.42
C ASN A 33 -2.38 -5.55 5.87
N VAL A 34 -2.91 -4.68 5.03
CA VAL A 34 -3.09 -3.24 5.46
C VAL A 34 -4.12 -3.15 6.59
N LYS A 35 -5.15 -3.99 6.59
CA LYS A 35 -6.17 -3.93 7.71
C LYS A 35 -5.46 -3.98 9.07
N ASP A 36 -4.44 -4.81 9.20
CA ASP A 36 -3.70 -4.87 10.52
C ASP A 36 -3.14 -3.48 10.88
N TYR A 37 -2.80 -2.66 9.90
CA TYR A 37 -2.25 -1.29 10.24
C TYR A 37 -3.35 -0.39 10.81
N TYR A 38 -4.47 -0.25 10.11
CA TYR A 38 -5.57 0.63 10.64
C TYR A 38 -6.68 -0.21 11.32
N GLN A 39 -6.33 -1.33 11.94
CA GLN A 39 -7.40 -2.16 12.62
C GLN A 39 -7.80 -1.50 13.95
N LYS A 40 -6.84 -0.96 14.69
CA LYS A 40 -7.18 -0.30 15.99
C LYS A 40 -7.01 1.22 15.88
N TRP A 41 -7.25 1.79 14.72
CA TRP A 41 -7.11 3.28 14.56
C TRP A 41 -8.49 3.94 14.41
N MET A 42 -9.26 3.54 13.43
CA MET A 42 -10.61 4.15 13.25
C MET A 42 -11.70 3.06 13.29
N GLU A 43 -11.73 2.25 14.34
CA GLU A 43 -12.77 1.18 14.43
C GLU A 43 -12.74 0.28 13.17
N GLU A 44 -13.71 -0.61 13.02
CA GLU A 44 -13.71 -1.49 11.80
C GLU A 44 -14.33 -0.75 10.62
N GLN A 45 -14.56 -1.42 9.50
CA GLN A 45 -15.16 -0.75 8.29
C GLN A 45 -14.34 0.49 7.92
N ALA A 46 -13.17 0.31 7.33
CA ALA A 46 -12.33 1.48 6.92
C ALA A 46 -11.50 1.15 5.67
N GLN A 47 -12.15 1.01 4.53
CA GLN A 47 -11.38 0.70 3.28
C GLN A 47 -11.45 1.88 2.29
N SER A 48 -11.49 3.10 2.78
CA SER A 48 -11.54 4.28 1.85
C SER A 48 -10.17 4.97 1.82
N LEU A 49 -9.63 5.30 2.98
CA LEU A 49 -8.27 5.97 3.01
C LEU A 49 -7.19 5.08 2.37
N ILE A 50 -7.39 3.76 2.28
CA ILE A 50 -6.34 2.89 1.66
C ILE A 50 -6.44 2.99 0.12
N ASP A 51 -7.64 2.89 -0.43
CA ASP A 51 -7.77 2.97 -1.93
C ASP A 51 -7.26 4.33 -2.43
N LYS A 52 -7.50 5.41 -1.70
CA LYS A 52 -7.01 6.76 -2.16
C LYS A 52 -5.49 6.88 -1.93
N THR A 53 -4.96 6.32 -0.87
CA THR A 53 -3.48 6.44 -0.63
C THR A 53 -2.73 5.37 -1.44
N THR A 54 -3.25 4.16 -1.52
CA THR A 54 -2.55 3.09 -2.30
C THR A 54 -2.38 3.52 -3.76
N ALA A 55 -3.36 4.18 -4.34
CA ALA A 55 -3.23 4.64 -5.77
C ALA A 55 -2.67 6.07 -5.81
N ALA A 56 -3.15 6.95 -4.96
CA ALA A 56 -2.62 8.37 -4.96
C ALA A 56 -1.50 8.51 -3.93
N PHE A 57 -0.47 7.70 -4.01
CA PHE A 57 0.66 7.82 -3.03
C PHE A 57 1.76 8.73 -3.59
N GLN A 58 2.21 8.49 -4.81
CA GLN A 58 3.29 9.36 -5.39
C GLN A 58 2.77 10.06 -6.65
N GLN A 59 1.59 10.67 -6.61
CA GLN A 59 1.04 11.36 -7.82
C GLN A 59 1.04 10.43 -9.04
N GLY A 60 0.08 9.55 -9.14
CA GLY A 60 0.03 8.62 -10.31
C GLY A 60 -1.12 9.02 -11.25
N LYS A 61 -2.32 9.13 -10.73
CA LYS A 61 -3.48 9.52 -11.61
C LYS A 61 -4.20 10.72 -11.01
ZN ZN B . 3.57 -3.53 0.84
N MET A 1 12.35 11.07 -3.43
CA MET A 1 12.02 9.93 -2.52
C MET A 1 12.67 8.64 -3.05
N PRO A 2 13.94 8.45 -2.75
CA PRO A 2 14.65 7.23 -3.22
C PRO A 2 14.19 6.01 -2.41
N LYS A 3 14.40 4.80 -2.92
CA LYS A 3 13.98 3.57 -2.18
C LYS A 3 12.48 3.64 -1.83
N PHE A 4 11.63 2.97 -2.59
CA PHE A 4 10.15 3.01 -2.30
C PHE A 4 9.87 2.59 -0.84
N TYR A 5 8.75 3.00 -0.28
CA TYR A 5 8.40 2.62 1.12
C TYR A 5 6.91 2.26 1.20
N CYS A 6 6.58 1.12 1.77
CA CYS A 6 5.13 0.73 1.85
C CYS A 6 4.64 0.81 3.32
N ASP A 7 4.08 1.93 3.73
CA ASP A 7 3.58 2.04 5.14
C ASP A 7 2.61 0.88 5.46
N TYR A 8 1.83 0.44 4.49
CA TYR A 8 0.89 -0.72 4.75
C TYR A 8 1.70 -1.97 5.16
N CYS A 9 2.88 -2.15 4.60
CA CYS A 9 3.70 -3.36 4.97
C CYS A 9 4.74 -3.05 6.07
N ASP A 10 4.83 -1.82 6.57
CA ASP A 10 5.83 -1.50 7.64
C ASP A 10 7.24 -1.95 7.20
N THR A 11 7.59 -1.79 5.94
CA THR A 11 8.94 -2.20 5.47
C THR A 11 9.51 -1.16 4.49
N TYR A 12 10.78 -1.23 4.18
CA TYR A 12 11.37 -0.23 3.24
C TYR A 12 11.96 -0.94 2.01
N LEU A 13 11.59 -0.55 0.81
CA LEU A 13 12.16 -1.22 -0.41
C LEU A 13 13.50 -0.58 -0.78
N THR A 14 14.27 -1.19 -1.66
CA THR A 14 15.60 -0.59 -2.03
C THR A 14 15.52 0.19 -3.36
N HIS A 15 14.68 -0.22 -4.29
CA HIS A 15 14.60 0.53 -5.58
C HIS A 15 13.19 1.12 -5.77
N ASP A 16 13.10 2.34 -6.27
CA ASP A 16 11.76 2.96 -6.49
C ASP A 16 11.51 3.17 -7.98
N SER A 17 10.85 2.23 -8.64
CA SER A 17 10.58 2.38 -10.10
C SER A 17 9.16 1.91 -10.43
N PRO A 18 8.78 2.00 -11.69
CA PRO A 18 7.42 1.57 -12.09
C PRO A 18 7.30 0.03 -12.04
N SER A 19 8.37 -0.70 -12.31
CA SER A 19 8.27 -2.20 -12.24
C SER A 19 8.53 -2.68 -10.80
N VAL A 20 9.54 -2.14 -10.13
CA VAL A 20 9.80 -2.58 -8.72
C VAL A 20 8.57 -2.29 -7.84
N ARG A 21 8.06 -1.07 -7.87
CA ARG A 21 6.85 -0.75 -7.02
C ARG A 21 5.70 -1.68 -7.41
N LYS A 22 5.39 -1.79 -8.69
CA LYS A 22 4.28 -2.72 -9.11
C LYS A 22 4.66 -4.15 -8.70
N THR A 23 5.91 -4.55 -8.85
CA THR A 23 6.33 -5.93 -8.43
C THR A 23 5.92 -6.14 -6.95
N HIS A 24 6.14 -5.14 -6.12
CA HIS A 24 5.73 -5.27 -4.68
C HIS A 24 4.19 -5.42 -4.62
N CYS A 25 3.47 -4.68 -5.44
CA CYS A 25 1.97 -4.78 -5.42
C CYS A 25 1.50 -5.80 -6.47
N SER A 26 1.97 -7.03 -6.41
CA SER A 26 1.53 -8.04 -7.41
C SER A 26 0.76 -9.18 -6.72
N GLY A 27 -0.05 -8.87 -5.72
CA GLY A 27 -0.81 -9.94 -5.02
C GLY A 27 -2.14 -9.38 -4.50
N ARG A 28 -3.26 -9.98 -4.87
CA ARG A 28 -4.58 -9.47 -4.36
C ARG A 28 -4.57 -9.40 -2.81
N LYS A 29 -3.80 -10.24 -2.14
CA LYS A 29 -3.76 -10.18 -0.64
C LYS A 29 -3.29 -8.81 -0.15
N HIS A 30 -2.42 -8.12 -0.89
CA HIS A 30 -1.94 -6.77 -0.43
C HIS A 30 -3.12 -5.87 0.00
N LYS A 31 -4.23 -5.93 -0.70
CA LYS A 31 -5.40 -5.07 -0.29
C LYS A 31 -5.89 -5.51 1.09
N GLU A 32 -6.19 -6.78 1.27
CA GLU A 32 -6.64 -7.26 2.63
C GLU A 32 -5.52 -7.01 3.65
N ASN A 33 -4.26 -7.23 3.25
CA ASN A 33 -3.13 -6.98 4.21
C ASN A 33 -3.18 -5.52 4.73
N VAL A 34 -3.55 -4.58 3.89
CA VAL A 34 -3.61 -3.14 4.35
C VAL A 34 -4.52 -3.04 5.60
N LYS A 35 -5.60 -3.79 5.67
CA LYS A 35 -6.49 -3.71 6.89
C LYS A 35 -5.66 -4.02 8.15
N ASP A 36 -4.80 -5.03 8.09
CA ASP A 36 -3.96 -5.34 9.29
C ASP A 36 -3.10 -4.12 9.68
N TYR A 37 -2.76 -3.25 8.75
CA TYR A 37 -1.93 -2.05 9.12
C TYR A 37 -2.74 -1.07 9.97
N TYR A 38 -3.92 -0.67 9.53
CA TYR A 38 -4.74 0.29 10.34
C TYR A 38 -5.80 -0.44 11.19
N GLN A 39 -5.65 -1.72 11.45
CA GLN A 39 -6.69 -2.44 12.29
C GLN A 39 -6.75 -1.81 13.69
N LYS A 40 -5.62 -1.46 14.25
CA LYS A 40 -5.62 -0.83 15.62
C LYS A 40 -5.03 0.59 15.56
N TRP A 41 -5.20 1.30 14.47
CA TRP A 41 -4.63 2.69 14.39
C TRP A 41 -5.52 3.67 15.17
N MET A 42 -6.78 3.79 14.81
CA MET A 42 -7.68 4.75 15.55
C MET A 42 -9.05 4.10 15.80
N GLU A 43 -9.75 3.72 14.76
CA GLU A 43 -11.10 3.10 14.95
C GLU A 43 -11.09 1.63 14.49
N GLU A 44 -12.23 0.98 14.48
CA GLU A 44 -12.26 -0.46 14.02
C GLU A 44 -12.69 -0.56 12.55
N GLN A 45 -13.59 0.29 12.09
CA GLN A 45 -14.02 0.21 10.66
C GLN A 45 -13.42 1.37 9.85
N ALA A 46 -12.19 1.23 9.39
CA ALA A 46 -11.56 2.33 8.59
C ALA A 46 -11.29 1.85 7.16
N GLN A 47 -12.34 1.66 6.37
CA GLN A 47 -12.14 1.20 4.96
C GLN A 47 -12.58 2.29 3.96
N SER A 48 -12.39 3.55 4.29
CA SER A 48 -12.78 4.64 3.35
C SER A 48 -11.52 5.26 2.74
N LEU A 49 -10.59 5.70 3.56
CA LEU A 49 -9.32 6.31 3.00
C LEU A 49 -8.53 5.27 2.16
N ILE A 50 -8.75 3.98 2.35
CA ILE A 50 -7.99 2.97 1.54
C ILE A 50 -8.58 2.89 0.12
N ASP A 51 -9.89 2.91 -0.02
CA ASP A 51 -10.50 2.83 -1.39
C ASP A 51 -10.00 3.99 -2.27
N LYS A 52 -9.84 5.17 -1.72
CA LYS A 52 -9.34 6.32 -2.57
C LYS A 52 -7.83 6.15 -2.86
N THR A 53 -7.06 5.65 -1.91
CA THR A 53 -5.59 5.47 -2.17
C THR A 53 -5.35 4.23 -3.05
N THR A 54 -6.13 3.18 -2.88
CA THR A 54 -5.92 1.96 -3.74
C THR A 54 -6.49 2.19 -5.14
N ALA A 55 -7.66 2.79 -5.25
CA ALA A 55 -8.25 3.04 -6.62
C ALA A 55 -7.31 3.95 -7.43
N ALA A 56 -6.75 4.97 -6.82
CA ALA A 56 -5.82 5.88 -7.57
C ALA A 56 -4.35 5.52 -7.31
N PHE A 57 -4.03 4.26 -7.11
CA PHE A 57 -2.59 3.88 -6.86
C PHE A 57 -1.91 3.50 -8.18
N GLN A 58 -2.56 2.69 -9.01
CA GLN A 58 -1.93 2.30 -10.32
C GLN A 58 -2.85 2.69 -11.49
N GLN A 59 -3.24 3.94 -11.58
CA GLN A 59 -4.13 4.35 -12.71
C GLN A 59 -3.53 5.58 -13.44
N GLY A 60 -3.31 6.68 -12.74
CA GLY A 60 -2.73 7.87 -13.39
C GLY A 60 -3.86 8.80 -13.88
N LYS A 61 -4.23 9.79 -13.08
CA LYS A 61 -5.33 10.72 -13.50
C LYS A 61 -4.90 12.18 -13.29
ZN ZN B . 3.14 -3.42 0.66
N MET A 1 20.40 6.75 -4.93
CA MET A 1 19.88 5.44 -4.44
C MET A 1 18.36 5.39 -4.56
N PRO A 2 17.86 4.82 -5.64
CA PRO A 2 16.39 4.73 -5.83
C PRO A 2 15.78 3.70 -4.87
N LYS A 3 14.92 4.13 -3.97
CA LYS A 3 14.30 3.17 -3.00
C LYS A 3 12.85 3.60 -2.68
N PHE A 4 11.94 2.66 -2.60
CA PHE A 4 10.51 3.02 -2.29
C PHE A 4 10.12 2.52 -0.89
N TYR A 5 9.12 3.10 -0.28
CA TYR A 5 8.71 2.65 1.09
C TYR A 5 7.21 2.30 1.12
N CYS A 6 6.85 1.20 1.74
CA CYS A 6 5.40 0.81 1.80
C CYS A 6 4.90 0.88 3.26
N ASP A 7 4.31 1.99 3.66
CA ASP A 7 3.81 2.09 5.08
C ASP A 7 2.90 0.88 5.42
N TYR A 8 2.11 0.42 4.47
CA TYR A 8 1.21 -0.76 4.76
C TYR A 8 2.07 -1.97 5.15
N CYS A 9 3.26 -2.12 4.60
CA CYS A 9 4.13 -3.29 4.97
C CYS A 9 5.13 -2.95 6.09
N ASP A 10 5.16 -1.72 6.60
CA ASP A 10 6.13 -1.37 7.68
C ASP A 10 7.57 -1.75 7.26
N THR A 11 7.92 -1.57 6.01
CA THR A 11 9.30 -1.92 5.56
C THR A 11 9.74 -0.99 4.41
N TYR A 12 11.00 -1.04 4.02
CA TYR A 12 11.46 -0.14 2.92
C TYR A 12 11.91 -0.97 1.71
N LEU A 13 11.36 -0.72 0.54
CA LEU A 13 11.80 -1.51 -0.68
C LEU A 13 13.18 -1.04 -1.14
N THR A 14 13.80 -1.75 -2.05
CA THR A 14 15.16 -1.32 -2.52
C THR A 14 15.11 -0.59 -3.88
N HIS A 15 14.07 -0.76 -4.68
CA HIS A 15 14.01 -0.05 -5.99
C HIS A 15 12.79 0.88 -6.04
N ASP A 16 12.88 2.00 -6.73
CA ASP A 16 11.72 2.93 -6.81
C ASP A 16 11.36 3.20 -8.28
N SER A 17 10.43 2.47 -8.84
CA SER A 17 10.05 2.69 -10.27
C SER A 17 8.57 2.38 -10.49
N PRO A 18 8.10 2.60 -11.71
CA PRO A 18 6.67 2.34 -12.02
C PRO A 18 6.37 0.82 -12.02
N SER A 19 7.33 -0.01 -12.42
CA SER A 19 7.07 -1.49 -12.43
C SER A 19 7.41 -2.08 -11.04
N VAL A 20 8.47 -1.62 -10.41
CA VAL A 20 8.82 -2.19 -9.05
C VAL A 20 7.65 -1.94 -8.08
N ARG A 21 7.15 -0.71 -8.00
CA ARG A 21 6.01 -0.44 -7.06
C ARG A 21 4.82 -1.35 -7.40
N LYS A 22 4.41 -1.38 -8.66
CA LYS A 22 3.27 -2.29 -9.03
C LYS A 22 3.68 -3.75 -8.76
N THR A 23 4.91 -4.12 -9.09
CA THR A 23 5.36 -5.53 -8.80
C THR A 23 5.16 -5.82 -7.30
N HIS A 24 5.51 -4.87 -6.45
CA HIS A 24 5.31 -5.09 -4.97
C HIS A 24 3.80 -5.25 -4.69
N CYS A 25 2.94 -4.54 -5.41
CA CYS A 25 1.47 -4.66 -5.17
C CYS A 25 0.85 -5.65 -6.17
N SER A 26 1.40 -6.84 -6.28
CA SER A 26 0.83 -7.84 -7.24
C SER A 26 0.28 -9.06 -6.48
N GLY A 27 -0.32 -8.86 -5.32
CA GLY A 27 -0.86 -10.03 -4.55
C GLY A 27 -2.14 -9.61 -3.83
N ARG A 28 -3.22 -10.35 -4.01
CA ARG A 28 -4.50 -9.98 -3.30
C ARG A 28 -4.26 -9.88 -1.77
N LYS A 29 -3.30 -10.60 -1.23
CA LYS A 29 -3.04 -10.53 0.25
C LYS A 29 -2.67 -9.09 0.65
N HIS A 30 -1.98 -8.35 -0.19
CA HIS A 30 -1.58 -6.93 0.18
C HIS A 30 -2.82 -6.15 0.67
N LYS A 31 -3.96 -6.33 0.03
CA LYS A 31 -5.18 -5.58 0.49
C LYS A 31 -5.53 -6.01 1.92
N GLU A 32 -5.71 -7.30 2.16
CA GLU A 32 -6.02 -7.75 3.56
C GLU A 32 -4.87 -7.35 4.49
N ASN A 33 -3.63 -7.46 4.03
CA ASN A 33 -2.47 -7.05 4.90
C ASN A 33 -2.63 -5.59 5.36
N VAL A 34 -3.12 -4.71 4.48
CA VAL A 34 -3.29 -3.27 4.90
C VAL A 34 -4.22 -3.18 6.14
N LYS A 35 -5.23 -4.04 6.23
CA LYS A 35 -6.15 -3.98 7.44
C LYS A 35 -5.31 -4.01 8.74
N ASP A 36 -4.28 -4.82 8.78
CA ASP A 36 -3.42 -4.86 10.02
C ASP A 36 -2.85 -3.46 10.33
N TYR A 37 -2.61 -2.64 9.31
CA TYR A 37 -2.05 -1.27 9.60
C TYR A 37 -3.11 -0.41 10.31
N TYR A 38 -4.30 -0.30 9.76
CA TYR A 38 -5.36 0.54 10.44
C TYR A 38 -6.35 -0.36 11.21
N GLN A 39 -5.89 -1.45 11.81
CA GLN A 39 -6.83 -2.32 12.59
C GLN A 39 -6.94 -1.81 14.04
N LYS A 40 -5.85 -1.36 14.62
CA LYS A 40 -5.90 -0.84 16.03
C LYS A 40 -5.79 0.70 16.05
N TRP A 41 -6.17 1.38 15.01
CA TRP A 41 -6.07 2.88 14.99
C TRP A 41 -7.47 3.49 15.14
N MET A 42 -8.39 3.15 14.27
CA MET A 42 -9.78 3.73 14.37
C MET A 42 -10.81 2.58 14.33
N GLU A 43 -10.69 1.62 15.23
CA GLU A 43 -11.67 0.48 15.25
C GLU A 43 -11.72 -0.22 13.88
N GLU A 44 -12.73 -1.01 13.61
CA GLU A 44 -12.81 -1.70 12.28
C GLU A 44 -13.77 -0.94 11.34
N GLN A 45 -13.62 0.36 11.23
CA GLN A 45 -14.51 1.14 10.33
C GLN A 45 -13.70 2.22 9.58
N ALA A 46 -12.90 1.82 8.62
CA ALA A 46 -12.09 2.84 7.86
C ALA A 46 -11.65 2.27 6.50
N GLN A 47 -12.56 2.17 5.55
CA GLN A 47 -12.18 1.64 4.21
C GLN A 47 -12.27 2.75 3.14
N SER A 48 -11.97 3.98 3.50
CA SER A 48 -12.04 5.09 2.49
C SER A 48 -10.61 5.54 2.13
N LEU A 49 -9.80 5.88 3.11
CA LEU A 49 -8.39 6.32 2.80
C LEU A 49 -7.59 5.20 2.08
N ILE A 50 -8.00 3.93 2.19
CA ILE A 50 -7.22 2.84 1.49
C ILE A 50 -7.51 2.89 -0.02
N ASP A 51 -8.77 3.01 -0.41
CA ASP A 51 -9.09 3.05 -1.88
C ASP A 51 -8.49 4.32 -2.51
N LYS A 52 -8.56 5.45 -1.84
CA LYS A 52 -7.98 6.71 -2.43
C LYS A 52 -6.48 6.54 -2.73
N THR A 53 -5.76 5.82 -1.90
CA THR A 53 -4.29 5.62 -2.16
C THR A 53 -4.06 4.35 -2.98
N THR A 54 -4.80 3.28 -2.72
CA THR A 54 -4.59 2.02 -3.51
C THR A 54 -5.07 2.21 -4.95
N ALA A 55 -6.15 2.94 -5.16
CA ALA A 55 -6.65 3.14 -6.57
C ALA A 55 -5.78 4.19 -7.28
N ALA A 56 -5.44 5.28 -6.62
CA ALA A 56 -4.58 6.33 -7.29
C ALA A 56 -3.27 5.70 -7.82
N PHE A 57 -2.71 4.73 -7.14
CA PHE A 57 -1.44 4.10 -7.63
C PHE A 57 -1.72 2.88 -8.53
N GLN A 58 -2.80 2.16 -8.29
CA GLN A 58 -3.10 0.96 -9.15
C GLN A 58 -4.11 1.33 -10.25
N GLN A 59 -5.26 1.87 -9.88
CA GLN A 59 -6.27 2.24 -10.91
C GLN A 59 -6.48 3.76 -10.94
N GLY A 60 -5.41 4.54 -10.98
CA GLY A 60 -5.56 6.01 -11.00
C GLY A 60 -4.82 6.59 -12.22
N LYS A 61 -3.72 7.30 -12.01
CA LYS A 61 -2.97 7.87 -13.16
C LYS A 61 -1.49 7.44 -13.09
ZN ZN B . 3.43 -3.36 0.70
N MET A 1 18.58 9.86 -5.57
CA MET A 1 18.03 8.47 -5.61
C MET A 1 16.79 8.35 -4.74
N PRO A 2 15.63 8.57 -5.33
CA PRO A 2 14.36 8.49 -4.57
C PRO A 2 14.01 7.02 -4.26
N LYS A 3 13.34 6.75 -3.15
CA LYS A 3 12.98 5.35 -2.81
C LYS A 3 11.48 5.25 -2.49
N PHE A 4 10.93 4.06 -2.39
CA PHE A 4 9.48 3.93 -2.09
C PHE A 4 9.29 3.33 -0.67
N TYR A 5 8.12 3.50 -0.09
CA TYR A 5 7.89 2.94 1.28
C TYR A 5 6.44 2.43 1.42
N CYS A 6 6.26 1.22 1.92
CA CYS A 6 4.87 0.69 2.09
C CYS A 6 4.52 0.61 3.59
N ASP A 7 4.00 1.69 4.15
CA ASP A 7 3.64 1.67 5.62
C ASP A 7 2.79 0.44 5.97
N TYR A 8 1.90 0.02 5.08
CA TYR A 8 1.06 -1.20 5.39
C TYR A 8 1.98 -2.42 5.58
N CYS A 9 3.10 -2.49 4.92
CA CYS A 9 4.02 -3.67 5.09
C CYS A 9 5.17 -3.38 6.08
N ASP A 10 5.24 -2.19 6.67
CA ASP A 10 6.35 -1.88 7.64
C ASP A 10 7.72 -2.19 7.00
N THR A 11 7.90 -1.91 5.73
CA THR A 11 9.22 -2.19 5.08
C THR A 11 9.58 -1.03 4.13
N TYR A 12 10.81 -0.99 3.64
CA TYR A 12 11.19 0.13 2.72
C TYR A 12 11.67 -0.42 1.37
N LEU A 13 11.32 0.22 0.28
CA LEU A 13 11.77 -0.27 -1.06
C LEU A 13 12.86 0.68 -1.61
N THR A 14 13.76 0.18 -2.45
CA THR A 14 14.84 1.06 -2.98
C THR A 14 14.51 1.58 -4.39
N HIS A 15 13.78 0.83 -5.20
CA HIS A 15 13.44 1.31 -6.57
C HIS A 15 11.94 1.61 -6.68
N ASP A 16 11.58 2.81 -7.09
CA ASP A 16 10.12 3.15 -7.22
C ASP A 16 9.75 3.28 -8.70
N SER A 17 9.37 2.21 -9.33
CA SER A 17 9.00 2.28 -10.79
C SER A 17 7.68 1.53 -11.02
N PRO A 18 7.24 1.50 -12.26
CA PRO A 18 5.97 0.79 -12.59
C PRO A 18 6.15 -0.74 -12.48
N SER A 19 7.35 -1.26 -12.69
CA SER A 19 7.54 -2.75 -12.58
C SER A 19 7.90 -3.13 -11.14
N VAL A 20 8.73 -2.35 -10.47
CA VAL A 20 9.10 -2.71 -9.05
C VAL A 20 7.88 -2.51 -8.14
N ARG A 21 7.20 -1.39 -8.22
CA ARG A 21 6.00 -1.17 -7.34
C ARG A 21 4.96 -2.29 -7.60
N LYS A 22 4.60 -2.52 -8.84
CA LYS A 22 3.62 -3.62 -9.14
C LYS A 22 4.19 -4.96 -8.63
N THR A 23 5.48 -5.19 -8.82
CA THR A 23 6.09 -6.47 -8.29
C THR A 23 5.79 -6.58 -6.79
N HIS A 24 5.91 -5.49 -6.05
CA HIS A 24 5.57 -5.53 -4.59
C HIS A 24 4.05 -5.78 -4.45
N CYS A 25 3.25 -5.14 -5.28
CA CYS A 25 1.76 -5.34 -5.19
C CYS A 25 1.32 -6.45 -6.15
N SER A 26 1.87 -7.64 -6.04
CA SER A 26 1.46 -8.75 -6.96
C SER A 26 0.73 -9.85 -6.18
N GLY A 27 -0.09 -9.49 -5.22
CA GLY A 27 -0.83 -10.53 -4.44
C GLY A 27 -2.14 -9.96 -3.89
N ARG A 28 -3.27 -10.57 -4.19
CA ARG A 28 -4.57 -10.03 -3.65
C ARG A 28 -4.49 -9.88 -2.11
N LYS A 29 -3.69 -10.69 -1.44
CA LYS A 29 -3.59 -10.57 0.06
C LYS A 29 -3.11 -9.17 0.45
N HIS A 30 -2.29 -8.51 -0.36
CA HIS A 30 -1.79 -7.14 0.02
C HIS A 30 -2.95 -6.22 0.46
N LYS A 31 -4.03 -6.16 -0.29
CA LYS A 31 -5.18 -5.29 0.13
C LYS A 31 -5.68 -5.73 1.52
N GLU A 32 -5.99 -7.00 1.70
CA GLU A 32 -6.45 -7.47 3.06
C GLU A 32 -5.33 -7.21 4.08
N ASN A 33 -4.07 -7.43 3.69
CA ASN A 33 -2.93 -7.17 4.65
C ASN A 33 -2.99 -5.72 5.16
N VAL A 34 -3.32 -4.76 4.30
CA VAL A 34 -3.38 -3.33 4.77
C VAL A 34 -4.42 -3.20 5.90
N LYS A 35 -5.54 -3.91 5.81
CA LYS A 35 -6.58 -3.80 6.92
C LYS A 35 -5.92 -4.09 8.28
N ASP A 36 -5.02 -5.06 8.34
CA ASP A 36 -4.35 -5.35 9.66
C ASP A 36 -3.61 -4.10 10.17
N TYR A 37 -3.06 -3.28 9.29
CA TYR A 37 -2.34 -2.05 9.77
C TYR A 37 -3.33 -1.10 10.46
N TYR A 38 -4.43 -0.76 9.79
CA TYR A 38 -5.43 0.15 10.43
C TYR A 38 -6.63 -0.63 11.00
N GLN A 39 -6.40 -1.83 11.52
CA GLN A 39 -7.55 -2.61 12.10
C GLN A 39 -7.81 -2.19 13.55
N LYS A 40 -6.77 -1.91 14.31
CA LYS A 40 -6.98 -1.48 15.74
C LYS A 40 -6.60 0.00 15.94
N TRP A 41 -6.58 0.81 14.91
CA TRP A 41 -6.21 2.26 15.09
C TRP A 41 -7.21 2.93 16.05
N MET A 42 -8.49 2.73 15.86
CA MET A 42 -9.50 3.37 16.76
C MET A 42 -10.78 2.51 16.84
N GLU A 43 -10.66 1.20 16.83
CA GLU A 43 -11.88 0.32 16.90
C GLU A 43 -12.93 0.75 15.86
N GLU A 44 -12.52 1.07 14.66
CA GLU A 44 -13.50 1.49 13.61
C GLU A 44 -13.11 0.90 12.24
N GLN A 45 -13.74 1.36 11.17
CA GLN A 45 -13.39 0.82 9.83
C GLN A 45 -12.83 1.93 8.94
N ALA A 46 -11.65 1.75 8.37
CA ALA A 46 -11.06 2.80 7.50
C ALA A 46 -10.69 2.21 6.13
N GLN A 47 -11.65 1.99 5.27
CA GLN A 47 -11.33 1.42 3.92
C GLN A 47 -11.54 2.48 2.82
N SER A 48 -11.25 3.73 3.10
CA SER A 48 -11.42 4.80 2.07
C SER A 48 -10.04 5.34 1.67
N LEU A 49 -9.27 5.82 2.62
CA LEU A 49 -7.89 6.35 2.27
C LEU A 49 -7.01 5.24 1.66
N ILE A 50 -7.31 3.97 1.88
CA ILE A 50 -6.46 2.88 1.28
C ILE A 50 -6.68 2.85 -0.24
N ASP A 51 -7.91 2.99 -0.70
CA ASP A 51 -8.17 2.97 -2.18
C ASP A 51 -7.63 4.26 -2.83
N LYS A 52 -7.75 5.40 -2.17
CA LYS A 52 -7.24 6.67 -2.78
C LYS A 52 -5.71 6.77 -2.59
N THR A 53 -5.17 6.32 -1.47
CA THR A 53 -3.69 6.41 -1.26
C THR A 53 -2.96 5.37 -2.14
N THR A 54 -3.52 4.20 -2.30
CA THR A 54 -2.82 3.16 -3.16
C THR A 54 -2.77 3.62 -4.62
N ALA A 55 -3.82 4.24 -5.12
CA ALA A 55 -3.80 4.70 -6.55
C ALA A 55 -3.32 6.15 -6.62
N ALA A 56 -3.74 7.00 -5.71
CA ALA A 56 -3.30 8.43 -5.74
C ALA A 56 -2.09 8.64 -4.82
N PHE A 57 -1.05 7.85 -4.97
CA PHE A 57 0.16 8.02 -4.10
C PHE A 57 1.17 8.97 -4.78
N GLN A 58 1.37 8.84 -6.08
CA GLN A 58 2.33 9.73 -6.78
C GLN A 58 1.69 10.31 -8.04
N GLN A 59 0.42 10.69 -7.99
CA GLN A 59 -0.26 11.25 -9.19
C GLN A 59 -0.10 10.33 -10.41
N GLY A 60 -0.20 9.03 -10.22
CA GLY A 60 -0.04 8.08 -11.37
C GLY A 60 -1.42 7.49 -11.73
N LYS A 61 -1.62 6.22 -11.47
CA LYS A 61 -2.95 5.59 -11.80
C LYS A 61 -3.36 4.62 -10.69
ZN ZN B . 3.15 -3.52 0.75
N MET A 1 20.55 6.15 -3.17
CA MET A 1 20.04 5.43 -4.37
C MET A 1 18.51 5.48 -4.41
N PRO A 2 17.94 5.08 -5.53
CA PRO A 2 16.46 5.09 -5.66
C PRO A 2 15.83 3.96 -4.82
N LYS A 3 15.05 4.28 -3.81
CA LYS A 3 14.43 3.22 -2.97
C LYS A 3 12.96 3.58 -2.68
N PHE A 4 12.09 2.59 -2.59
CA PHE A 4 10.65 2.90 -2.30
C PHE A 4 10.29 2.48 -0.87
N TYR A 5 9.20 3.00 -0.32
CA TYR A 5 8.81 2.64 1.07
C TYR A 5 7.30 2.31 1.12
N CYS A 6 6.92 1.23 1.78
CA CYS A 6 5.46 0.89 1.86
C CYS A 6 4.98 0.98 3.32
N ASP A 7 4.38 2.10 3.72
CA ASP A 7 3.89 2.22 5.14
C ASP A 7 2.97 1.04 5.49
N TYR A 8 2.17 0.56 4.56
CA TYR A 8 1.27 -0.61 4.87
C TYR A 8 2.12 -1.83 5.26
N CYS A 9 3.30 -2.00 4.70
CA CYS A 9 4.15 -3.18 5.06
C CYS A 9 5.21 -2.84 6.13
N ASP A 10 5.33 -1.59 6.56
CA ASP A 10 6.35 -1.24 7.60
C ASP A 10 7.75 -1.74 7.16
N THR A 11 8.09 -1.61 5.90
CA THR A 11 9.42 -2.07 5.42
C THR A 11 9.97 -1.10 4.37
N TYR A 12 11.22 -1.26 3.97
CA TYR A 12 11.79 -0.34 2.94
C TYR A 12 12.19 -1.12 1.68
N LEU A 13 11.84 -0.64 0.51
CA LEU A 13 12.22 -1.37 -0.75
C LEU A 13 13.59 -0.88 -1.23
N THR A 14 14.23 -1.60 -2.13
CA THR A 14 15.58 -1.15 -2.62
C THR A 14 15.47 -0.41 -3.97
N HIS A 15 14.51 -0.72 -4.81
CA HIS A 15 14.39 -0.01 -6.12
C HIS A 15 13.14 0.89 -6.14
N ASP A 16 13.21 2.03 -6.81
CA ASP A 16 12.02 2.92 -6.85
C ASP A 16 11.64 3.22 -8.32
N SER A 17 10.75 2.45 -8.89
CA SER A 17 10.35 2.70 -10.31
C SER A 17 8.85 2.40 -10.51
N PRO A 18 8.37 2.60 -11.72
CA PRO A 18 6.94 2.34 -12.00
C PRO A 18 6.64 0.83 -11.99
N SER A 19 7.59 -0.01 -12.37
CA SER A 19 7.31 -1.49 -12.35
C SER A 19 7.68 -2.08 -10.98
N VAL A 20 8.78 -1.65 -10.38
CA VAL A 20 9.15 -2.21 -9.03
C VAL A 20 8.03 -1.92 -8.02
N ARG A 21 7.57 -0.68 -7.92
CA ARG A 21 6.47 -0.36 -6.94
C ARG A 21 5.24 -1.21 -7.27
N LYS A 22 4.80 -1.22 -8.51
CA LYS A 22 3.61 -2.07 -8.87
C LYS A 22 3.94 -3.54 -8.61
N THR A 23 5.15 -3.98 -8.93
CA THR A 23 5.54 -5.41 -8.65
C THR A 23 5.29 -5.69 -7.15
N HIS A 24 5.67 -4.77 -6.29
CA HIS A 24 5.40 -4.97 -4.82
C HIS A 24 3.88 -5.05 -4.59
N CYS A 25 3.11 -4.25 -5.30
CA CYS A 25 1.62 -4.28 -5.11
C CYS A 25 0.96 -5.15 -6.19
N SER A 26 1.46 -6.35 -6.41
CA SER A 26 0.84 -7.23 -7.45
C SER A 26 0.29 -8.51 -6.80
N GLY A 27 -0.28 -8.41 -5.61
CA GLY A 27 -0.83 -9.61 -4.94
C GLY A 27 -2.11 -9.26 -4.18
N ARG A 28 -3.20 -9.98 -4.41
CA ARG A 28 -4.47 -9.66 -3.66
C ARG A 28 -4.22 -9.66 -2.13
N LYS A 29 -3.25 -10.43 -1.65
CA LYS A 29 -2.99 -10.44 -0.17
C LYS A 29 -2.62 -9.03 0.32
N HIS A 30 -1.92 -8.24 -0.48
CA HIS A 30 -1.54 -6.85 -0.01
C HIS A 30 -2.79 -6.09 0.49
N LYS A 31 -3.92 -6.25 -0.16
CA LYS A 31 -5.16 -5.53 0.31
C LYS A 31 -5.51 -6.03 1.72
N GLU A 32 -5.69 -7.32 1.90
CA GLU A 32 -6.02 -7.85 3.27
C GLU A 32 -4.87 -7.47 4.23
N ASN A 33 -3.63 -7.56 3.78
CA ASN A 33 -2.47 -7.20 4.68
C ASN A 33 -2.63 -5.76 5.19
N VAL A 34 -3.13 -4.85 4.37
CA VAL A 34 -3.30 -3.42 4.83
C VAL A 34 -4.19 -3.38 6.08
N LYS A 35 -5.20 -4.22 6.17
CA LYS A 35 -6.09 -4.20 7.40
C LYS A 35 -5.22 -4.37 8.66
N ASP A 36 -4.22 -5.24 8.62
CA ASP A 36 -3.33 -5.41 9.82
C ASP A 36 -2.67 -4.07 10.20
N TYR A 37 -2.43 -3.18 9.24
CA TYR A 37 -1.78 -1.87 9.58
C TYR A 37 -2.76 -0.99 10.37
N TYR A 38 -3.95 -0.76 9.86
CA TYR A 38 -4.93 0.10 10.61
C TYR A 38 -5.96 -0.77 11.38
N GLN A 39 -5.59 -1.95 11.84
CA GLN A 39 -6.56 -2.80 12.61
C GLN A 39 -6.79 -2.22 14.01
N LYS A 40 -5.77 -1.66 14.63
CA LYS A 40 -5.96 -1.09 16.00
C LYS A 40 -5.93 0.46 15.96
N TRP A 41 -6.30 1.06 14.85
CA TRP A 41 -6.29 2.56 14.76
C TRP A 41 -7.73 3.09 14.73
N MET A 42 -8.53 2.64 13.78
CA MET A 42 -9.94 3.13 13.70
C MET A 42 -10.87 1.98 13.31
N GLU A 43 -10.89 0.90 14.08
CA GLU A 43 -11.78 -0.27 13.73
C GLU A 43 -13.23 0.19 13.48
N GLU A 44 -13.71 1.18 14.22
CA GLU A 44 -15.13 1.66 14.01
C GLU A 44 -15.36 2.01 12.53
N GLN A 45 -14.59 2.93 11.99
CA GLN A 45 -14.78 3.31 10.55
C GLN A 45 -13.42 3.62 9.91
N ALA A 46 -12.74 2.63 9.38
CA ALA A 46 -11.41 2.88 8.74
C ALA A 46 -11.35 2.22 7.35
N GLN A 47 -12.07 2.77 6.38
CA GLN A 47 -12.02 2.18 5.01
C GLN A 47 -12.11 3.29 3.95
N SER A 48 -11.53 4.45 4.20
CA SER A 48 -11.57 5.55 3.19
C SER A 48 -10.17 5.74 2.58
N LEU A 49 -9.17 5.93 3.40
CA LEU A 49 -7.77 6.10 2.85
C LEU A 49 -7.30 4.83 2.10
N ILE A 50 -7.90 3.68 2.34
CA ILE A 50 -7.45 2.44 1.61
C ILE A 50 -8.01 2.46 0.17
N ASP A 51 -9.30 2.65 0.02
CA ASP A 51 -9.88 2.67 -1.38
C ASP A 51 -9.26 3.82 -2.19
N LYS A 52 -9.04 4.97 -1.58
CA LYS A 52 -8.43 6.12 -2.35
C LYS A 52 -7.07 5.71 -2.95
N THR A 53 -6.29 4.92 -2.24
CA THR A 53 -4.96 4.50 -2.80
C THR A 53 -5.08 3.16 -3.54
N THR A 54 -5.78 2.20 -2.98
CA THR A 54 -5.93 0.87 -3.69
C THR A 54 -6.64 1.07 -5.04
N ALA A 55 -7.65 1.93 -5.09
CA ALA A 55 -8.37 2.15 -6.39
C ALA A 55 -7.47 2.94 -7.37
N ALA A 56 -6.71 3.90 -6.88
CA ALA A 56 -5.81 4.68 -7.81
C ALA A 56 -4.37 4.14 -7.80
N PHE A 57 -4.17 2.86 -7.53
CA PHE A 57 -2.77 2.31 -7.52
C PHE A 57 -2.42 1.75 -8.91
N GLN A 58 -3.34 1.07 -9.56
CA GLN A 58 -3.05 0.51 -10.92
C GLN A 58 -3.81 1.29 -12.00
N GLN A 59 -5.12 1.45 -11.84
CA GLN A 59 -5.92 2.20 -12.87
C GLN A 59 -5.70 1.61 -14.28
N GLY A 60 -5.87 0.30 -14.43
CA GLY A 60 -5.67 -0.32 -15.77
C GLY A 60 -7.05 -0.73 -16.34
N LYS A 61 -8.04 0.13 -16.25
CA LYS A 61 -9.39 -0.23 -16.79
C LYS A 61 -9.76 0.71 -17.93
ZN ZN B . 3.41 -3.26 0.78
N MET A 1 12.71 11.03 -2.69
CA MET A 1 13.87 10.35 -2.05
C MET A 1 14.19 9.04 -2.79
N PRO A 2 15.38 8.52 -2.57
CA PRO A 2 15.78 7.25 -3.24
C PRO A 2 15.04 6.06 -2.61
N LYS A 3 15.12 4.89 -3.21
CA LYS A 3 14.42 3.69 -2.64
C LYS A 3 12.92 3.97 -2.46
N PHE A 4 12.13 2.95 -2.15
CA PHE A 4 10.67 3.17 -1.98
C PHE A 4 10.21 2.69 -0.58
N TYR A 5 9.06 3.12 -0.13
CA TYR A 5 8.58 2.70 1.22
C TYR A 5 7.07 2.36 1.18
N CYS A 6 6.66 1.25 1.77
CA CYS A 6 5.21 0.89 1.76
C CYS A 6 4.64 0.97 3.18
N ASP A 7 4.06 2.09 3.57
CA ASP A 7 3.48 2.21 4.97
C ASP A 7 2.54 1.02 5.27
N TYR A 8 1.79 0.56 4.28
CA TYR A 8 0.88 -0.61 4.53
C TYR A 8 1.69 -1.85 4.96
N CYS A 9 2.91 -2.00 4.47
CA CYS A 9 3.74 -3.19 4.85
C CYS A 9 4.76 -2.86 5.97
N ASP A 10 4.88 -1.62 6.41
CA ASP A 10 5.86 -1.29 7.49
C ASP A 10 7.27 -1.78 7.11
N THR A 11 7.65 -1.68 5.84
CA THR A 11 9.00 -2.14 5.42
C THR A 11 9.60 -1.14 4.41
N TYR A 12 10.86 -1.29 4.06
CA TYR A 12 11.47 -0.33 3.10
C TYR A 12 11.93 -1.06 1.82
N LEU A 13 11.65 -0.50 0.65
CA LEU A 13 12.08 -1.18 -0.61
C LEU A 13 13.35 -0.49 -1.14
N THR A 14 14.36 -1.25 -1.53
CA THR A 14 15.62 -0.61 -2.05
C THR A 14 15.45 -0.07 -3.48
N HIS A 15 14.52 -0.58 -4.26
CA HIS A 15 14.35 -0.06 -5.65
C HIS A 15 13.03 0.70 -5.79
N ASP A 16 13.02 1.83 -6.46
CA ASP A 16 11.77 2.60 -6.62
C ASP A 16 11.51 2.86 -8.12
N SER A 17 10.86 1.93 -8.80
CA SER A 17 10.60 2.12 -10.25
C SER A 17 9.16 1.71 -10.59
N PRO A 18 8.77 1.83 -11.84
CA PRO A 18 7.40 1.45 -12.24
C PRO A 18 7.22 -0.09 -12.19
N SER A 19 8.25 -0.86 -12.47
CA SER A 19 8.11 -2.35 -12.42
C SER A 19 8.33 -2.85 -10.98
N VAL A 20 9.37 -2.38 -10.31
CA VAL A 20 9.61 -2.85 -8.90
C VAL A 20 8.40 -2.48 -8.02
N ARG A 21 7.98 -1.23 -8.01
CA ARG A 21 6.79 -0.84 -7.16
C ARG A 21 5.58 -1.72 -7.53
N LYS A 22 5.23 -1.79 -8.80
CA LYS A 22 4.07 -2.66 -9.19
C LYS A 22 4.38 -4.12 -8.79
N THR A 23 5.60 -4.57 -8.99
CA THR A 23 5.95 -5.98 -8.58
C THR A 23 5.59 -6.15 -7.09
N HIS A 24 5.92 -5.18 -6.26
CA HIS A 24 5.55 -5.28 -4.81
C HIS A 24 4.01 -5.32 -4.70
N CYS A 25 3.30 -4.55 -5.50
CA CYS A 25 1.82 -4.54 -5.43
C CYS A 25 1.22 -5.48 -6.50
N SER A 26 1.70 -6.71 -6.58
CA SER A 26 1.15 -7.65 -7.61
C SER A 26 0.50 -8.86 -6.92
N GLY A 27 -0.17 -8.66 -5.80
CA GLY A 27 -0.83 -9.80 -5.10
C GLY A 27 -2.13 -9.34 -4.46
N ARG A 28 -3.24 -10.02 -4.73
CA ARG A 28 -4.54 -9.59 -4.10
C ARG A 28 -4.39 -9.54 -2.56
N LYS A 29 -3.51 -10.33 -1.98
CA LYS A 29 -3.34 -10.29 -0.48
C LYS A 29 -2.94 -8.88 -0.02
N HIS A 30 -2.16 -8.14 -0.81
CA HIS A 30 -1.75 -6.76 -0.38
C HIS A 30 -2.96 -5.93 0.07
N LYS A 31 -4.09 -6.05 -0.60
CA LYS A 31 -5.30 -5.26 -0.17
C LYS A 31 -5.71 -5.72 1.24
N GLU A 32 -5.94 -7.01 1.43
CA GLU A 32 -6.32 -7.49 2.81
C GLU A 32 -5.18 -7.16 3.79
N ASN A 33 -3.94 -7.31 3.37
CA ASN A 33 -2.79 -6.98 4.29
C ASN A 33 -2.91 -5.54 4.79
N VAL A 34 -3.35 -4.62 3.95
CA VAL A 34 -3.49 -3.19 4.41
C VAL A 34 -4.37 -3.12 5.67
N LYS A 35 -5.40 -3.94 5.78
CA LYS A 35 -6.27 -3.91 7.02
C LYS A 35 -5.39 -4.08 8.27
N ASP A 36 -4.42 -4.97 8.22
CA ASP A 36 -3.53 -5.15 9.42
C ASP A 36 -2.83 -3.82 9.77
N TYR A 37 -2.60 -2.94 8.81
CA TYR A 37 -1.92 -1.64 9.16
C TYR A 37 -2.87 -0.72 9.94
N TYR A 38 -4.06 -0.47 9.42
CA TYR A 38 -5.02 0.42 10.16
C TYR A 38 -6.06 -0.41 10.95
N GLN A 39 -5.72 -1.60 11.42
CA GLN A 39 -6.72 -2.41 12.21
C GLN A 39 -6.93 -1.79 13.59
N LYS A 40 -5.86 -1.31 14.22
CA LYS A 40 -6.01 -0.70 15.58
C LYS A 40 -5.56 0.78 15.57
N TRP A 41 -5.64 1.46 14.45
CA TRP A 41 -5.21 2.90 14.41
C TRP A 41 -6.21 3.76 15.19
N MET A 42 -7.50 3.52 15.05
CA MET A 42 -8.50 4.34 15.80
C MET A 42 -9.78 3.52 16.06
N GLU A 43 -9.65 2.26 16.41
CA GLU A 43 -10.85 1.42 16.68
C GLU A 43 -11.85 1.49 15.51
N GLU A 44 -13.04 0.92 15.66
CA GLU A 44 -14.04 0.96 14.55
C GLU A 44 -13.43 0.41 13.25
N GLN A 45 -14.14 0.52 12.14
CA GLN A 45 -13.60 0.00 10.85
C GLN A 45 -13.34 1.16 9.88
N ALA A 46 -12.17 1.22 9.28
CA ALA A 46 -11.86 2.32 8.31
C ALA A 46 -11.54 1.75 6.93
N GLN A 47 -12.54 1.30 6.19
CA GLN A 47 -12.26 0.74 4.83
C GLN A 47 -12.76 1.71 3.74
N SER A 48 -12.62 3.01 3.95
CA SER A 48 -13.07 3.99 2.93
C SER A 48 -11.86 4.74 2.35
N LEU A 49 -11.06 5.36 3.20
CA LEU A 49 -9.85 6.09 2.68
C LEU A 49 -8.87 5.13 1.96
N ILE A 50 -8.92 3.84 2.21
CA ILE A 50 -7.97 2.90 1.50
C ILE A 50 -8.32 2.86 0.01
N ASP A 51 -9.60 2.81 -0.33
CA ASP A 51 -9.98 2.78 -1.78
C ASP A 51 -9.55 4.08 -2.48
N LYS A 52 -9.69 5.22 -1.83
CA LYS A 52 -9.26 6.50 -2.49
C LYS A 52 -7.73 6.53 -2.67
N THR A 53 -6.98 5.99 -1.73
CA THR A 53 -5.48 6.00 -1.89
C THR A 53 -5.03 4.79 -2.72
N THR A 54 -5.63 3.63 -2.52
CA THR A 54 -5.21 2.42 -3.33
C THR A 54 -5.39 2.70 -4.83
N ALA A 55 -6.44 3.42 -5.21
CA ALA A 55 -6.65 3.70 -6.68
C ALA A 55 -5.99 5.03 -7.04
N ALA A 56 -6.08 6.04 -6.20
CA ALA A 56 -5.43 7.36 -6.52
C ALA A 56 -4.04 7.46 -5.86
N PHE A 57 -3.20 6.47 -6.07
CA PHE A 57 -1.83 6.53 -5.45
C PHE A 57 -0.83 7.16 -6.43
N GLN A 58 -0.67 6.59 -7.61
CA GLN A 58 0.30 7.18 -8.60
C GLN A 58 -0.13 6.84 -10.04
N GLN A 59 -1.41 6.90 -10.34
CA GLN A 59 -1.87 6.58 -11.72
C GLN A 59 -2.63 7.77 -12.31
N GLY A 60 -1.96 8.86 -12.61
CA GLY A 60 -2.66 10.05 -13.17
C GLY A 60 -2.71 11.17 -12.14
N LYS A 61 -1.98 12.25 -12.33
CA LYS A 61 -2.01 13.36 -11.33
C LYS A 61 -1.53 14.68 -11.96
ZN ZN B . 3.22 -3.25 0.55
N MET A 1 18.68 8.93 -3.53
CA MET A 1 18.10 7.76 -2.80
C MET A 1 16.88 7.21 -3.56
N PRO A 2 17.13 6.61 -4.70
CA PRO A 2 16.01 6.05 -5.50
C PRO A 2 15.44 4.79 -4.83
N LYS A 3 14.64 4.96 -3.80
CA LYS A 3 14.06 3.77 -3.11
C LYS A 3 12.57 4.02 -2.78
N PHE A 4 11.79 2.99 -2.58
CA PHE A 4 10.34 3.18 -2.27
C PHE A 4 10.02 2.69 -0.85
N TYR A 5 8.90 3.11 -0.28
CA TYR A 5 8.54 2.68 1.10
C TYR A 5 7.04 2.32 1.17
N CYS A 6 6.69 1.19 1.75
CA CYS A 6 5.25 0.82 1.85
C CYS A 6 4.79 0.87 3.31
N ASP A 7 4.24 1.98 3.76
CA ASP A 7 3.77 2.06 5.20
C ASP A 7 2.83 0.88 5.53
N TYR A 8 2.02 0.45 4.59
CA TYR A 8 1.11 -0.72 4.87
C TYR A 8 1.94 -1.97 5.21
N CYS A 9 3.14 -2.10 4.67
CA CYS A 9 3.98 -3.31 4.99
C CYS A 9 5.07 -3.00 6.04
N ASP A 10 5.21 -1.78 6.51
CA ASP A 10 6.27 -1.47 7.52
C ASP A 10 7.65 -1.94 7.03
N THR A 11 7.93 -1.79 5.74
CA THR A 11 9.26 -2.23 5.21
C THR A 11 9.76 -1.20 4.18
N TYR A 12 11.01 -1.29 3.78
CA TYR A 12 11.54 -0.31 2.79
C TYR A 12 11.98 -1.01 1.50
N LEU A 13 11.76 -0.41 0.35
CA LEU A 13 12.18 -1.07 -0.94
C LEU A 13 13.49 -0.44 -1.43
N THR A 14 14.21 -1.11 -2.31
CA THR A 14 15.51 -0.52 -2.81
C THR A 14 15.36 0.07 -4.22
N HIS A 15 14.49 -0.45 -5.07
CA HIS A 15 14.36 0.11 -6.44
C HIS A 15 12.97 0.76 -6.62
N ASP A 16 12.92 2.07 -6.76
CA ASP A 16 11.59 2.74 -6.93
C ASP A 16 11.26 2.91 -8.44
N SER A 17 11.05 1.82 -9.13
CA SER A 17 10.73 1.91 -10.59
C SER A 17 9.24 1.59 -10.82
N PRO A 18 8.80 1.66 -12.06
CA PRO A 18 7.38 1.37 -12.38
C PRO A 18 7.08 -0.13 -12.25
N SER A 19 8.05 -1.00 -12.50
CA SER A 19 7.76 -2.48 -12.37
C SER A 19 8.00 -2.94 -10.92
N VAL A 20 9.04 -2.46 -10.27
CA VAL A 20 9.30 -2.89 -8.84
C VAL A 20 8.09 -2.53 -7.96
N ARG A 21 7.69 -1.26 -7.91
CA ARG A 21 6.51 -0.88 -7.06
C ARG A 21 5.30 -1.76 -7.41
N LYS A 22 4.96 -1.87 -8.68
CA LYS A 22 3.78 -2.74 -9.05
C LYS A 22 4.10 -4.19 -8.67
N THR A 23 5.33 -4.64 -8.89
CA THR A 23 5.68 -6.05 -8.49
C THR A 23 5.38 -6.22 -6.99
N HIS A 24 5.73 -5.24 -6.18
CA HIS A 24 5.40 -5.34 -4.72
C HIS A 24 3.86 -5.36 -4.55
N CYS A 25 3.14 -4.61 -5.35
CA CYS A 25 1.64 -4.60 -5.23
C CYS A 25 1.02 -5.53 -6.28
N SER A 26 1.50 -6.76 -6.38
CA SER A 26 0.92 -7.70 -7.38
C SER A 26 0.29 -8.92 -6.68
N GLY A 27 -0.35 -8.71 -5.54
CA GLY A 27 -0.97 -9.87 -4.82
C GLY A 27 -2.26 -9.42 -4.13
N ARG A 28 -3.36 -10.10 -4.37
CA ARG A 28 -4.65 -9.70 -3.69
C ARG A 28 -4.45 -9.64 -2.16
N LYS A 29 -3.54 -10.43 -1.60
CA LYS A 29 -3.32 -10.38 -0.11
C LYS A 29 -2.92 -8.97 0.33
N HIS A 30 -2.17 -8.23 -0.49
CA HIS A 30 -1.74 -6.83 -0.07
C HIS A 30 -2.95 -6.02 0.42
N LYS A 31 -4.09 -6.15 -0.21
CA LYS A 31 -5.30 -5.38 0.27
C LYS A 31 -5.65 -5.81 1.69
N GLU A 32 -5.88 -7.10 1.90
CA GLU A 32 -6.20 -7.56 3.31
C GLU A 32 -5.03 -7.21 4.24
N ASN A 33 -3.79 -7.33 3.77
CA ASN A 33 -2.63 -6.97 4.65
C ASN A 33 -2.76 -5.52 5.15
N VAL A 34 -3.24 -4.61 4.31
CA VAL A 34 -3.38 -3.18 4.78
C VAL A 34 -4.30 -3.11 6.03
N LYS A 35 -5.32 -3.96 6.11
CA LYS A 35 -6.22 -3.91 7.33
C LYS A 35 -5.38 -4.02 8.61
N ASP A 36 -4.36 -4.85 8.62
CA ASP A 36 -3.51 -4.96 9.85
C ASP A 36 -2.90 -3.58 10.21
N TYR A 37 -2.68 -2.71 9.24
CA TYR A 37 -2.08 -1.37 9.58
C TYR A 37 -3.11 -0.50 10.31
N TYR A 38 -4.31 -0.33 9.77
CA TYR A 38 -5.33 0.53 10.46
C TYR A 38 -6.35 -0.35 11.24
N GLN A 39 -5.93 -1.46 11.80
CA GLN A 39 -6.90 -2.31 12.58
C GLN A 39 -7.08 -1.73 13.99
N LYS A 40 -6.02 -1.26 14.61
CA LYS A 40 -6.13 -0.69 15.99
C LYS A 40 -5.73 0.79 15.98
N TRP A 41 -6.02 1.52 14.93
CA TRP A 41 -5.64 2.96 14.87
C TRP A 41 -6.80 3.85 15.39
N MET A 42 -8.00 3.62 14.91
CA MET A 42 -9.15 4.47 15.39
C MET A 42 -10.45 3.64 15.45
N GLU A 43 -10.90 3.11 14.33
CA GLU A 43 -12.16 2.30 14.35
C GLU A 43 -11.90 0.89 13.83
N GLU A 44 -12.93 0.07 13.70
CA GLU A 44 -12.73 -1.32 13.20
C GLU A 44 -13.09 -1.43 11.71
N GLN A 45 -14.11 -0.73 11.24
CA GLN A 45 -14.47 -0.83 9.79
C GLN A 45 -14.02 0.45 9.05
N ALA A 46 -12.76 0.56 8.72
CA ALA A 46 -12.26 1.77 8.00
C ALA A 46 -11.75 1.39 6.61
N GLN A 47 -12.63 1.09 5.67
CA GLN A 47 -12.16 0.71 4.30
C GLN A 47 -12.47 1.82 3.29
N SER A 48 -12.39 3.08 3.70
CA SER A 48 -12.66 4.20 2.74
C SER A 48 -11.35 4.93 2.44
N LEU A 49 -10.64 5.39 3.45
CA LEU A 49 -9.33 6.09 3.19
C LEU A 49 -8.31 5.16 2.50
N ILE A 50 -8.47 3.85 2.58
CA ILE A 50 -7.48 2.94 1.90
C ILE A 50 -7.70 2.99 0.38
N ASP A 51 -8.93 3.02 -0.08
CA ASP A 51 -9.17 3.07 -1.57
C ASP A 51 -8.86 4.47 -2.10
N LYS A 52 -9.24 5.51 -1.38
CA LYS A 52 -8.94 6.91 -1.87
C LYS A 52 -7.43 7.11 -2.08
N THR A 53 -6.59 6.50 -1.26
CA THR A 53 -5.10 6.68 -1.45
C THR A 53 -4.55 5.60 -2.40
N THR A 54 -4.95 4.34 -2.23
CA THR A 54 -4.42 3.28 -3.15
C THR A 54 -4.74 3.60 -4.62
N ALA A 55 -5.85 4.28 -4.89
CA ALA A 55 -6.19 4.60 -6.32
C ALA A 55 -5.61 5.98 -6.72
N ALA A 56 -5.54 6.93 -5.82
CA ALA A 56 -4.97 8.27 -6.19
C ALA A 56 -3.45 8.30 -6.00
N PHE A 57 -2.93 7.66 -4.96
CA PHE A 57 -1.44 7.65 -4.75
C PHE A 57 -0.71 7.16 -6.02
N GLN A 58 -1.27 6.20 -6.73
CA GLN A 58 -0.60 5.70 -7.96
C GLN A 58 -1.40 6.10 -9.22
N GLN A 59 -1.95 7.30 -9.24
CA GLN A 59 -2.74 7.73 -10.44
C GLN A 59 -2.71 9.26 -10.58
N GLY A 60 -1.59 9.84 -10.97
CA GLY A 60 -1.52 11.32 -11.12
C GLY A 60 -2.20 11.73 -12.43
N LYS A 61 -1.46 11.88 -13.51
CA LYS A 61 -2.07 12.28 -14.80
C LYS A 61 -1.59 11.37 -15.93
ZN ZN B . 3.22 -3.32 0.71
N MET A 1 20.26 4.27 -5.29
CA MET A 1 20.00 5.58 -4.59
C MET A 1 18.49 5.77 -4.32
N PRO A 2 17.69 5.62 -5.34
CA PRO A 2 16.22 5.80 -5.17
C PRO A 2 15.59 4.54 -4.57
N LYS A 3 14.71 4.68 -3.59
CA LYS A 3 14.08 3.48 -2.97
C LYS A 3 12.59 3.75 -2.72
N PHE A 4 11.79 2.72 -2.55
CA PHE A 4 10.33 2.93 -2.30
C PHE A 4 9.97 2.51 -0.86
N TYR A 5 8.84 2.95 -0.35
CA TYR A 5 8.44 2.59 1.04
C TYR A 5 6.94 2.23 1.09
N CYS A 6 6.58 1.13 1.72
CA CYS A 6 5.14 0.75 1.79
C CYS A 6 4.64 0.86 3.24
N ASP A 7 4.06 1.98 3.62
CA ASP A 7 3.56 2.12 5.05
C ASP A 7 2.65 0.93 5.42
N TYR A 8 1.86 0.43 4.48
CA TYR A 8 0.97 -0.74 4.81
C TYR A 8 1.82 -1.95 5.22
N CYS A 9 3.00 -2.12 4.65
CA CYS A 9 3.87 -3.29 5.03
C CYS A 9 4.91 -2.92 6.10
N ASP A 10 5.00 -1.67 6.53
CA ASP A 10 6.03 -1.29 7.57
C ASP A 10 7.42 -1.77 7.15
N THR A 11 7.76 -1.66 5.88
CA THR A 11 9.11 -2.11 5.42
C THR A 11 9.66 -1.13 4.36
N TYR A 12 10.89 -1.29 3.95
CA TYR A 12 11.46 -0.36 2.93
C TYR A 12 11.87 -1.14 1.66
N LEU A 13 11.61 -0.59 0.50
CA LEU A 13 12.00 -1.30 -0.77
C LEU A 13 13.32 -0.72 -1.30
N THR A 14 13.95 -1.38 -2.27
CA THR A 14 15.24 -0.83 -2.80
C THR A 14 15.03 -0.05 -4.11
N HIS A 15 14.05 -0.39 -4.92
CA HIS A 15 13.83 0.35 -6.20
C HIS A 15 12.48 1.08 -6.15
N ASP A 16 12.37 2.23 -6.80
CA ASP A 16 11.08 2.97 -6.80
C ASP A 16 10.65 3.27 -8.24
N SER A 17 9.88 2.40 -8.86
CA SER A 17 9.45 2.65 -10.26
C SER A 17 8.04 2.05 -10.49
N PRO A 18 7.51 2.24 -11.68
CA PRO A 18 6.17 1.69 -11.99
C PRO A 18 6.20 0.16 -12.08
N SER A 19 7.31 -0.43 -12.50
CA SER A 19 7.38 -1.93 -12.57
C SER A 19 7.73 -2.51 -11.19
N VAL A 20 8.60 -1.86 -10.43
CA VAL A 20 8.95 -2.40 -9.08
C VAL A 20 7.78 -2.21 -8.10
N ARG A 21 7.22 -1.01 -8.04
CA ARG A 21 6.06 -0.79 -7.09
C ARG A 21 4.93 -1.78 -7.41
N LYS A 22 4.50 -1.85 -8.66
CA LYS A 22 3.39 -2.83 -9.00
C LYS A 22 3.86 -4.25 -8.66
N THR A 23 5.12 -4.59 -8.91
CA THR A 23 5.62 -5.96 -8.55
C THR A 23 5.36 -6.18 -7.04
N HIS A 24 5.64 -5.19 -6.21
CA HIS A 24 5.36 -5.34 -4.74
C HIS A 24 3.85 -5.51 -4.54
N CYS A 25 3.04 -4.78 -5.29
CA CYS A 25 1.55 -4.92 -5.13
C CYS A 25 1.00 -5.92 -6.14
N SER A 26 1.50 -7.14 -6.15
CA SER A 26 0.98 -8.15 -7.12
C SER A 26 0.37 -9.35 -6.36
N GLY A 27 -0.31 -9.10 -5.26
CA GLY A 27 -0.92 -10.23 -4.51
C GLY A 27 -2.23 -9.77 -3.86
N ARG A 28 -3.32 -10.48 -4.07
CA ARG A 28 -4.62 -10.07 -3.44
C ARG A 28 -4.46 -9.95 -1.90
N LYS A 29 -3.54 -10.69 -1.31
CA LYS A 29 -3.35 -10.59 0.18
C LYS A 29 -2.95 -9.16 0.59
N HIS A 30 -2.21 -8.45 -0.25
CA HIS A 30 -1.80 -7.04 0.13
C HIS A 30 -3.01 -6.22 0.59
N LYS A 31 -4.17 -6.39 -0.04
CA LYS A 31 -5.38 -5.61 0.40
C LYS A 31 -5.72 -5.99 1.85
N GLU A 32 -5.93 -7.26 2.13
CA GLU A 32 -6.25 -7.66 3.55
C GLU A 32 -5.08 -7.24 4.46
N ASN A 33 -3.85 -7.37 3.99
CA ASN A 33 -2.67 -6.96 4.85
C ASN A 33 -2.82 -5.49 5.27
N VAL A 34 -3.32 -4.63 4.40
CA VAL A 34 -3.48 -3.18 4.78
C VAL A 34 -4.39 -3.06 6.03
N LYS A 35 -5.40 -3.90 6.15
CA LYS A 35 -6.29 -3.81 7.38
C LYS A 35 -5.44 -3.92 8.64
N ASP A 36 -4.47 -4.81 8.67
CA ASP A 36 -3.60 -4.93 9.89
C ASP A 36 -2.90 -3.59 10.18
N TYR A 37 -2.66 -2.76 9.18
CA TYR A 37 -1.97 -1.44 9.45
C TYR A 37 -2.92 -0.50 10.21
N TYR A 38 -4.12 -0.29 9.70
CA TYR A 38 -5.07 0.63 10.42
C TYR A 38 -6.09 -0.17 11.26
N GLN A 39 -5.70 -1.30 11.82
CA GLN A 39 -6.68 -2.07 12.67
C GLN A 39 -6.73 -1.49 14.09
N LYS A 40 -5.61 -1.06 14.63
CA LYS A 40 -5.60 -0.48 16.01
C LYS A 40 -5.35 1.03 15.97
N TRP A 41 -5.74 1.72 14.91
CA TRP A 41 -5.49 3.20 14.83
C TRP A 41 -6.71 3.95 15.41
N MET A 42 -7.91 3.50 15.13
CA MET A 42 -9.12 4.20 15.68
C MET A 42 -10.31 3.24 15.78
N GLU A 43 -10.82 2.76 14.66
CA GLU A 43 -11.98 1.83 14.71
C GLU A 43 -11.64 0.52 13.95
N GLU A 44 -12.62 -0.28 13.62
CA GLU A 44 -12.33 -1.55 12.88
C GLU A 44 -13.19 -1.63 11.60
N GLN A 45 -13.39 -0.53 10.91
CA GLN A 45 -14.22 -0.58 9.66
C GLN A 45 -13.90 0.64 8.77
N ALA A 46 -12.77 0.63 8.10
CA ALA A 46 -12.41 1.79 7.22
C ALA A 46 -11.82 1.29 5.89
N GLN A 47 -12.66 0.93 4.93
CA GLN A 47 -12.13 0.44 3.63
C GLN A 47 -12.39 1.48 2.52
N SER A 48 -12.31 2.76 2.84
CA SER A 48 -12.54 3.81 1.80
C SER A 48 -11.25 4.59 1.56
N LEU A 49 -10.67 5.17 2.60
CA LEU A 49 -9.39 5.93 2.41
C LEU A 49 -8.27 5.04 1.84
N ILE A 50 -8.35 3.72 2.00
CA ILE A 50 -7.28 2.83 1.42
C ILE A 50 -7.33 2.91 -0.11
N ASP A 51 -8.50 2.94 -0.70
CA ASP A 51 -8.59 3.02 -2.21
C ASP A 51 -8.18 4.42 -2.69
N LYS A 52 -8.52 5.46 -1.96
CA LYS A 52 -8.13 6.85 -2.41
C LYS A 52 -6.63 7.11 -2.13
N THR A 53 -6.09 6.59 -1.05
CA THR A 53 -4.63 6.83 -0.77
C THR A 53 -3.76 5.90 -1.63
N THR A 54 -4.16 4.66 -1.82
CA THR A 54 -3.34 3.73 -2.67
C THR A 54 -3.22 4.27 -4.10
N ALA A 55 -4.28 4.83 -4.64
CA ALA A 55 -4.19 5.39 -6.03
C ALA A 55 -3.81 6.87 -6.00
N ALA A 56 -4.40 7.65 -5.10
CA ALA A 56 -4.04 9.10 -5.02
C ALA A 56 -2.93 9.31 -3.97
N PHE A 57 -1.81 8.67 -4.12
CA PHE A 57 -0.70 8.84 -3.13
C PHE A 57 0.27 9.95 -3.59
N GLN A 58 0.57 10.01 -4.87
CA GLN A 58 1.49 11.07 -5.38
C GLN A 58 0.75 12.05 -6.30
N GLN A 59 -0.40 12.54 -5.88
CA GLN A 59 -1.16 13.49 -6.74
C GLN A 59 -1.57 14.72 -5.92
N GLY A 60 -2.35 14.55 -4.87
CA GLY A 60 -2.78 15.72 -4.04
C GLY A 60 -4.23 16.06 -4.37
N LYS A 61 -5.18 15.21 -4.00
CA LYS A 61 -6.62 15.49 -4.26
C LYS A 61 -6.84 15.80 -5.76
ZN ZN B . 3.17 -3.44 0.75
N MET A 1 21.33 4.67 -3.20
CA MET A 1 20.52 4.18 -4.35
C MET A 1 19.03 4.53 -4.13
N PRO A 2 18.29 4.60 -5.21
CA PRO A 2 16.85 4.93 -5.10
C PRO A 2 16.07 3.74 -4.51
N LYS A 3 15.39 3.94 -3.40
CA LYS A 3 14.61 2.82 -2.79
C LYS A 3 13.18 3.28 -2.47
N PHE A 4 12.23 2.37 -2.34
CA PHE A 4 10.82 2.77 -2.05
C PHE A 4 10.42 2.28 -0.64
N TYR A 5 9.38 2.85 -0.07
CA TYR A 5 8.94 2.42 1.30
C TYR A 5 7.43 2.16 1.31
N CYS A 6 6.97 1.09 1.95
CA CYS A 6 5.51 0.80 2.00
C CYS A 6 5.00 0.87 3.44
N ASP A 7 4.43 1.99 3.85
CA ASP A 7 3.93 2.10 5.27
C ASP A 7 3.01 0.92 5.62
N TYR A 8 2.23 0.43 4.68
CA TYR A 8 1.33 -0.74 4.99
C TYR A 8 2.17 -1.99 5.33
N CYS A 9 3.35 -2.13 4.75
CA CYS A 9 4.20 -3.33 5.07
C CYS A 9 5.29 -3.00 6.11
N ASP A 10 5.49 -1.74 6.49
CA ASP A 10 6.55 -1.41 7.49
C ASP A 10 7.91 -1.96 7.04
N THR A 11 8.23 -1.85 5.77
CA THR A 11 9.53 -2.37 5.26
C THR A 11 10.10 -1.43 4.18
N TYR A 12 11.31 -1.67 3.73
CA TYR A 12 11.90 -0.77 2.69
C TYR A 12 12.24 -1.56 1.43
N LEU A 13 11.84 -1.08 0.26
CA LEU A 13 12.17 -1.83 -1.01
C LEU A 13 13.53 -1.37 -1.53
N THR A 14 14.07 -2.04 -2.53
CA THR A 14 15.41 -1.63 -3.08
C THR A 14 15.24 -0.74 -4.34
N HIS A 15 14.21 -0.94 -5.13
CA HIS A 15 14.03 -0.10 -6.35
C HIS A 15 12.80 0.82 -6.20
N ASP A 16 12.83 2.01 -6.75
CA ASP A 16 11.66 2.93 -6.63
C ASP A 16 11.21 3.39 -8.02
N SER A 17 10.26 2.72 -8.63
CA SER A 17 9.79 3.12 -9.99
C SER A 17 8.31 2.79 -10.17
N PRO A 18 7.76 3.13 -11.31
CA PRO A 18 6.32 2.85 -11.58
C PRO A 18 6.09 1.34 -11.75
N SER A 19 7.03 0.60 -12.29
CA SER A 19 6.84 -0.88 -12.46
C SER A 19 7.20 -1.61 -11.15
N VAL A 20 8.25 -1.19 -10.49
CA VAL A 20 8.64 -1.88 -9.20
C VAL A 20 7.54 -1.64 -8.14
N ARG A 21 7.09 -0.41 -7.96
CA ARG A 21 6.01 -0.15 -6.94
C ARG A 21 4.79 -1.01 -7.25
N LYS A 22 4.30 -0.99 -8.47
CA LYS A 22 3.12 -1.86 -8.81
C LYS A 22 3.49 -3.33 -8.60
N THR A 23 4.70 -3.72 -8.99
CA THR A 23 5.12 -5.15 -8.77
C THR A 23 4.95 -5.48 -7.27
N HIS A 24 5.34 -4.58 -6.39
CA HIS A 24 5.15 -4.83 -4.92
C HIS A 24 3.64 -4.97 -4.63
N CYS A 25 2.81 -4.17 -5.29
CA CYS A 25 1.33 -4.26 -5.04
C CYS A 25 0.67 -5.16 -6.09
N SER A 26 1.17 -6.36 -6.30
CA SER A 26 0.55 -7.26 -7.31
C SER A 26 0.00 -8.53 -6.63
N GLY A 27 -0.57 -8.41 -5.44
CA GLY A 27 -1.11 -9.61 -4.75
C GLY A 27 -2.36 -9.23 -3.96
N ARG A 28 -3.46 -9.94 -4.13
CA ARG A 28 -4.71 -9.61 -3.36
C ARG A 28 -4.41 -9.59 -1.84
N LYS A 29 -3.43 -10.37 -1.38
CA LYS A 29 -3.11 -10.37 0.10
C LYS A 29 -2.72 -8.97 0.56
N HIS A 30 -2.04 -8.19 -0.27
CA HIS A 30 -1.62 -6.80 0.17
C HIS A 30 -2.83 -6.02 0.72
N LYS A 31 -3.99 -6.17 0.12
CA LYS A 31 -5.20 -5.44 0.66
C LYS A 31 -5.48 -5.91 2.09
N GLU A 32 -5.65 -7.20 2.30
CA GLU A 32 -5.88 -7.70 3.69
C GLU A 32 -4.70 -7.33 4.59
N ASN A 33 -3.48 -7.40 4.08
CA ASN A 33 -2.28 -7.01 4.91
C ASN A 33 -2.43 -5.56 5.41
N VAL A 34 -2.98 -4.67 4.59
CA VAL A 34 -3.13 -3.24 5.06
C VAL A 34 -3.97 -3.18 6.36
N LYS A 35 -4.96 -4.05 6.52
CA LYS A 35 -5.79 -4.01 7.78
C LYS A 35 -4.86 -4.07 9.01
N ASP A 36 -3.81 -4.88 8.96
CA ASP A 36 -2.87 -4.95 10.14
C ASP A 36 -2.28 -3.56 10.43
N TYR A 37 -2.15 -2.69 9.45
CA TYR A 37 -1.57 -1.33 9.73
C TYR A 37 -2.62 -0.47 10.48
N TYR A 38 -3.81 -0.34 9.95
CA TYR A 38 -4.84 0.49 10.66
C TYR A 38 -5.83 -0.39 11.47
N GLN A 39 -5.37 -1.53 11.98
CA GLN A 39 -6.31 -2.40 12.78
C GLN A 39 -6.56 -1.75 14.17
N LYS A 40 -5.55 -1.16 14.76
CA LYS A 40 -5.75 -0.51 16.10
C LYS A 40 -5.82 1.03 15.95
N TRP A 41 -6.17 1.54 14.78
CA TRP A 41 -6.26 3.03 14.62
C TRP A 41 -7.73 3.47 14.67
N MET A 42 -8.59 2.82 13.91
CA MET A 42 -10.04 3.21 13.93
C MET A 42 -10.88 2.09 14.56
N GLU A 43 -10.76 0.86 14.09
CA GLU A 43 -11.55 -0.27 14.67
C GLU A 43 -13.05 0.06 14.65
N GLU A 44 -13.55 0.68 13.60
CA GLU A 44 -15.00 1.02 13.54
C GLU A 44 -15.49 1.00 12.07
N GLN A 45 -15.02 1.91 11.25
CA GLN A 45 -15.48 1.93 9.82
C GLN A 45 -14.56 2.84 8.97
N ALA A 46 -13.38 2.39 8.61
CA ALA A 46 -12.48 3.23 7.79
C ALA A 46 -11.91 2.43 6.60
N GLN A 47 -12.72 2.16 5.60
CA GLN A 47 -12.21 1.38 4.43
C GLN A 47 -12.23 2.25 3.16
N SER A 48 -12.00 3.54 3.28
CA SER A 48 -11.99 4.43 2.07
C SER A 48 -10.55 4.85 1.73
N LEU A 49 -9.81 5.35 2.70
CA LEU A 49 -8.38 5.75 2.42
C LEU A 49 -7.54 4.56 1.92
N ILE A 50 -7.94 3.33 2.18
CA ILE A 50 -7.13 2.16 1.69
C ILE A 50 -7.37 1.94 0.19
N ASP A 51 -8.60 2.09 -0.26
CA ASP A 51 -8.87 1.89 -1.74
C ASP A 51 -8.49 3.16 -2.51
N LYS A 52 -8.77 4.33 -1.98
CA LYS A 52 -8.41 5.60 -2.72
C LYS A 52 -6.89 5.65 -2.98
N THR A 53 -6.08 5.11 -2.09
CA THR A 53 -4.58 5.15 -2.33
C THR A 53 -4.16 3.93 -3.16
N THR A 54 -4.70 2.76 -2.90
CA THR A 54 -4.30 1.55 -3.71
C THR A 54 -4.61 1.79 -5.20
N ALA A 55 -5.72 2.43 -5.52
CA ALA A 55 -6.05 2.68 -6.96
C ALA A 55 -5.47 4.04 -7.41
N ALA A 56 -5.56 5.06 -6.58
CA ALA A 56 -5.01 6.41 -6.98
C ALA A 56 -3.59 6.57 -6.43
N PHE A 57 -2.70 5.64 -6.72
CA PHE A 57 -1.29 5.76 -6.21
C PHE A 57 -0.41 6.44 -7.27
N GLN A 58 -0.48 6.01 -8.51
CA GLN A 58 0.36 6.65 -9.57
C GLN A 58 -0.49 6.96 -10.81
N GLN A 59 -1.33 7.98 -10.76
CA GLN A 59 -2.18 8.31 -11.94
C GLN A 59 -1.95 9.77 -12.36
N GLY A 60 -2.21 10.72 -11.49
CA GLY A 60 -2.00 12.15 -11.86
C GLY A 60 -3.36 12.88 -11.89
N LYS A 61 -3.98 13.10 -10.75
CA LYS A 61 -5.29 13.80 -10.73
C LYS A 61 -5.40 14.71 -9.51
ZN ZN B . 3.36 -3.25 0.81
N MET A 1 20.91 6.66 -5.00
CA MET A 1 20.26 5.36 -4.67
C MET A 1 18.75 5.57 -4.41
N PRO A 2 17.95 5.35 -5.42
CA PRO A 2 16.48 5.53 -5.27
C PRO A 2 15.89 4.40 -4.40
N LYS A 3 14.88 4.69 -3.60
CA LYS A 3 14.29 3.62 -2.75
C LYS A 3 12.77 3.86 -2.56
N PHE A 4 11.97 2.82 -2.50
CA PHE A 4 10.51 3.01 -2.31
C PHE A 4 10.09 2.46 -0.93
N TYR A 5 9.00 2.96 -0.37
CA TYR A 5 8.56 2.46 0.97
C TYR A 5 7.05 2.16 0.98
N CYS A 6 6.63 1.09 1.61
CA CYS A 6 5.17 0.77 1.65
C CYS A 6 4.63 0.94 3.08
N ASP A 7 4.01 2.07 3.38
CA ASP A 7 3.46 2.27 4.78
C ASP A 7 2.54 1.09 5.16
N TYR A 8 1.78 0.54 4.22
CA TYR A 8 0.89 -0.62 4.57
C TYR A 8 1.72 -1.83 5.03
N CYS A 9 2.91 -2.00 4.49
CA CYS A 9 3.76 -3.18 4.92
C CYS A 9 4.83 -2.77 5.96
N ASP A 10 4.94 -1.50 6.33
CA ASP A 10 5.97 -1.09 7.34
C ASP A 10 7.38 -1.57 6.91
N THR A 11 7.68 -1.53 5.64
CA THR A 11 9.04 -1.99 5.18
C THR A 11 9.66 -0.94 4.25
N TYR A 12 10.92 -1.09 3.88
CA TYR A 12 11.55 -0.10 2.97
C TYR A 12 12.14 -0.81 1.74
N LEU A 13 11.52 -0.67 0.58
CA LEU A 13 12.08 -1.36 -0.64
C LEU A 13 13.44 -0.74 -1.02
N THR A 14 14.19 -1.38 -1.90
CA THR A 14 15.52 -0.80 -2.28
C THR A 14 15.46 -0.08 -3.64
N HIS A 15 14.60 -0.49 -4.55
CA HIS A 15 14.52 0.22 -5.86
C HIS A 15 13.14 0.88 -6.04
N ASP A 16 13.10 2.08 -6.58
CA ASP A 16 11.78 2.77 -6.78
C ASP A 16 11.51 2.96 -8.28
N SER A 17 10.82 2.02 -8.90
CA SER A 17 10.54 2.16 -10.36
C SER A 17 9.09 1.73 -10.65
N PRO A 18 8.69 1.84 -11.90
CA PRO A 18 7.30 1.45 -12.27
C PRO A 18 7.12 -0.07 -12.20
N SER A 19 8.15 -0.85 -12.46
CA SER A 19 8.00 -2.36 -12.38
C SER A 19 8.27 -2.83 -10.94
N VAL A 20 9.30 -2.32 -10.30
CA VAL A 20 9.58 -2.76 -8.88
C VAL A 20 8.38 -2.44 -7.98
N ARG A 21 7.87 -1.21 -8.03
CA ARG A 21 6.70 -0.86 -7.16
C ARG A 21 5.51 -1.78 -7.51
N LYS A 22 5.17 -1.89 -8.79
CA LYS A 22 4.03 -2.80 -9.17
C LYS A 22 4.39 -4.24 -8.76
N THR A 23 5.64 -4.65 -8.93
CA THR A 23 6.05 -6.05 -8.51
C THR A 23 5.68 -6.23 -7.02
N HIS A 24 5.93 -5.23 -6.20
CA HIS A 24 5.54 -5.34 -4.75
C HIS A 24 4.02 -5.47 -4.64
N CYS A 25 3.27 -4.76 -5.48
CA CYS A 25 1.78 -4.86 -5.40
C CYS A 25 1.25 -5.87 -6.44
N SER A 26 1.80 -7.06 -6.48
CA SER A 26 1.31 -8.07 -7.46
C SER A 26 0.71 -9.27 -6.72
N GLY A 27 -0.02 -9.02 -5.65
CA GLY A 27 -0.62 -10.16 -4.88
C GLY A 27 -2.08 -9.83 -4.51
N ARG A 28 -2.93 -10.83 -4.41
CA ARG A 28 -4.36 -10.54 -4.03
C ARG A 28 -4.49 -10.36 -2.51
N LYS A 29 -3.45 -10.62 -1.71
CA LYS A 29 -3.57 -10.44 -0.24
C LYS A 29 -3.12 -9.01 0.19
N HIS A 30 -2.32 -8.32 -0.61
CA HIS A 30 -1.87 -6.93 -0.20
C HIS A 30 -3.06 -6.08 0.28
N LYS A 31 -4.21 -6.20 -0.35
CA LYS A 31 -5.40 -5.40 0.11
C LYS A 31 -5.76 -5.80 1.55
N GLU A 32 -5.98 -7.08 1.79
CA GLU A 32 -6.30 -7.52 3.20
C GLU A 32 -5.13 -7.14 4.13
N ASN A 33 -3.89 -7.29 3.66
CA ASN A 33 -2.71 -6.93 4.52
C ASN A 33 -2.83 -5.46 4.98
N VAL A 34 -3.32 -4.57 4.14
CA VAL A 34 -3.45 -3.13 4.56
C VAL A 34 -4.31 -3.04 5.84
N LYS A 35 -5.32 -3.89 6.00
CA LYS A 35 -6.16 -3.82 7.25
C LYS A 35 -5.27 -3.87 8.50
N ASP A 36 -4.23 -4.69 8.49
CA ASP A 36 -3.31 -4.76 9.68
C ASP A 36 -2.72 -3.36 9.98
N TYR A 37 -2.55 -2.52 8.98
CA TYR A 37 -1.97 -1.15 9.26
C TYR A 37 -2.99 -0.30 10.04
N TYR A 38 -4.21 -0.17 9.54
CA TYR A 38 -5.22 0.65 10.27
C TYR A 38 -6.19 -0.24 11.09
N GLN A 39 -5.71 -1.35 11.63
CA GLN A 39 -6.62 -2.23 12.44
C GLN A 39 -6.71 -1.71 13.89
N LYS A 40 -5.62 -1.18 14.44
CA LYS A 40 -5.67 -0.66 15.84
C LYS A 40 -5.69 0.89 15.87
N TRP A 41 -6.13 1.53 14.80
CA TRP A 41 -6.15 3.03 14.80
C TRP A 41 -7.58 3.54 15.09
N MET A 42 -8.59 2.95 14.46
CA MET A 42 -9.99 3.41 14.73
C MET A 42 -10.85 2.22 15.16
N GLU A 43 -10.33 1.36 16.02
CA GLU A 43 -11.12 0.17 16.50
C GLU A 43 -11.47 -0.77 15.33
N GLU A 44 -12.44 -0.42 14.49
CA GLU A 44 -12.80 -1.32 13.35
C GLU A 44 -13.75 -0.61 12.36
N GLN A 45 -13.46 0.64 12.02
CA GLN A 45 -14.35 1.37 11.06
C GLN A 45 -13.52 2.35 10.21
N ALA A 46 -12.79 1.86 9.24
CA ALA A 46 -11.97 2.77 8.38
C ALA A 46 -11.68 2.14 7.01
N GLN A 47 -12.66 2.08 6.13
CA GLN A 47 -12.42 1.46 4.79
C GLN A 47 -12.65 2.50 3.68
N SER A 48 -12.28 3.75 3.91
CA SER A 48 -12.48 4.80 2.86
C SER A 48 -11.10 5.28 2.36
N LEU A 49 -10.24 5.74 3.24
CA LEU A 49 -8.88 6.21 2.79
C LEU A 49 -8.09 5.07 2.12
N ILE A 50 -8.41 3.82 2.37
CA ILE A 50 -7.65 2.70 1.70
C ILE A 50 -7.96 2.70 0.20
N ASP A 51 -9.21 2.91 -0.19
CA ASP A 51 -9.55 2.91 -1.65
C ASP A 51 -9.26 4.30 -2.24
N LYS A 52 -9.59 5.36 -1.53
CA LYS A 52 -9.33 6.74 -2.08
C LYS A 52 -7.81 6.94 -2.31
N THR A 53 -6.96 6.33 -1.50
CA THR A 53 -5.49 6.51 -1.70
C THR A 53 -4.95 5.46 -2.69
N THR A 54 -5.41 4.23 -2.61
CA THR A 54 -4.90 3.18 -3.57
C THR A 54 -5.39 3.49 -4.99
N ALA A 55 -6.61 3.95 -5.15
CA ALA A 55 -7.12 4.27 -6.53
C ALA A 55 -6.19 5.28 -7.24
N ALA A 56 -5.59 6.19 -6.51
CA ALA A 56 -4.67 7.18 -7.18
C ALA A 56 -3.23 6.64 -7.22
N PHE A 57 -2.78 5.99 -6.17
CA PHE A 57 -1.37 5.45 -6.17
C PHE A 57 -1.17 4.49 -7.36
N GLN A 58 -2.17 3.70 -7.69
CA GLN A 58 -2.01 2.75 -8.85
C GLN A 58 -2.96 3.16 -9.99
N GLN A 59 -4.26 3.20 -9.75
CA GLN A 59 -5.23 3.58 -10.83
C GLN A 59 -5.00 2.75 -12.10
N GLY A 60 -5.34 1.47 -12.06
CA GLY A 60 -5.13 0.61 -13.26
C GLY A 60 -6.49 0.03 -13.70
N LYS A 61 -7.54 0.82 -13.68
CA LYS A 61 -8.88 0.29 -14.10
C LYS A 61 -9.47 1.17 -15.20
ZN ZN B . 3.09 -3.36 0.61
N MET A 1 20.08 6.47 -5.95
CA MET A 1 19.27 5.24 -5.78
C MET A 1 17.99 5.55 -5.00
N PRO A 2 16.90 5.79 -5.70
CA PRO A 2 15.62 6.09 -5.03
C PRO A 2 15.03 4.83 -4.39
N LYS A 3 14.32 4.96 -3.29
CA LYS A 3 13.72 3.77 -2.62
C LYS A 3 12.22 3.98 -2.39
N PHE A 4 11.43 2.93 -2.41
CA PHE A 4 9.96 3.09 -2.17
C PHE A 4 9.61 2.61 -0.75
N TYR A 5 8.61 3.20 -0.13
CA TYR A 5 8.25 2.79 1.26
C TYR A 5 6.76 2.39 1.33
N CYS A 6 6.45 1.24 1.89
CA CYS A 6 5.02 0.83 2.00
C CYS A 6 4.57 0.88 3.47
N ASP A 7 3.98 1.98 3.90
CA ASP A 7 3.53 2.08 5.34
C ASP A 7 2.67 0.86 5.73
N TYR A 8 1.84 0.37 4.84
CA TYR A 8 0.99 -0.83 5.20
C TYR A 8 1.89 -2.04 5.51
N CYS A 9 3.03 -2.17 4.84
CA CYS A 9 3.93 -3.34 5.13
C CYS A 9 5.05 -2.98 6.13
N ASP A 10 5.17 -1.71 6.56
CA ASP A 10 6.25 -1.35 7.52
C ASP A 10 7.64 -1.79 6.99
N THR A 11 7.93 -1.51 5.73
CA THR A 11 9.26 -1.90 5.17
C THR A 11 9.80 -0.80 4.25
N TYR A 12 11.04 -0.92 3.81
CA TYR A 12 11.62 0.12 2.92
C TYR A 12 12.19 -0.55 1.64
N LEU A 13 11.49 -0.43 0.53
CA LEU A 13 12.01 -1.07 -0.73
C LEU A 13 13.33 -0.40 -1.15
N THR A 14 14.10 -1.02 -2.02
CA THR A 14 15.40 -0.41 -2.46
C THR A 14 15.26 0.31 -3.82
N HIS A 15 14.41 -0.16 -4.70
CA HIS A 15 14.27 0.52 -6.03
C HIS A 15 12.86 1.15 -6.15
N ASP A 16 12.77 2.36 -6.65
CA ASP A 16 11.43 3.00 -6.80
C ASP A 16 11.11 3.21 -8.28
N SER A 17 10.44 2.26 -8.90
CA SER A 17 10.11 2.40 -10.36
C SER A 17 8.66 1.98 -10.61
N PRO A 18 8.23 2.07 -11.85
CA PRO A 18 6.83 1.68 -12.20
C PRO A 18 6.65 0.15 -12.12
N SER A 19 7.69 -0.62 -12.40
CA SER A 19 7.54 -2.12 -12.32
C SER A 19 7.86 -2.61 -10.90
N VAL A 20 8.92 -2.10 -10.29
CA VAL A 20 9.27 -2.55 -8.90
C VAL A 20 8.10 -2.25 -7.94
N ARG A 21 7.62 -1.03 -7.91
CA ARG A 21 6.46 -0.70 -6.98
C ARG A 21 5.27 -1.61 -7.32
N LYS A 22 4.89 -1.69 -8.58
CA LYS A 22 3.74 -2.60 -8.94
C LYS A 22 4.10 -4.04 -8.57
N THR A 23 5.34 -4.45 -8.82
CA THR A 23 5.75 -5.86 -8.44
C THR A 23 5.44 -6.07 -6.94
N HIS A 24 5.74 -5.09 -6.11
CA HIS A 24 5.41 -5.24 -4.65
C HIS A 24 3.88 -5.35 -4.48
N CYS A 25 3.11 -4.61 -5.28
CA CYS A 25 1.62 -4.70 -5.16
C CYS A 25 1.06 -5.67 -6.21
N SER A 26 1.57 -6.88 -6.28
CA SER A 26 1.05 -7.86 -7.29
C SER A 26 0.39 -9.05 -6.58
N GLY A 27 -0.31 -8.82 -5.48
CA GLY A 27 -0.96 -9.95 -4.77
C GLY A 27 -2.27 -9.48 -4.12
N ARG A 28 -3.38 -10.13 -4.39
CA ARG A 28 -4.68 -9.69 -3.76
C ARG A 28 -4.53 -9.63 -2.22
N LYS A 29 -3.65 -10.42 -1.63
CA LYS A 29 -3.48 -10.38 -0.13
C LYS A 29 -3.03 -8.98 0.31
N HIS A 30 -2.27 -8.25 -0.50
CA HIS A 30 -1.80 -6.88 -0.08
C HIS A 30 -2.97 -6.04 0.44
N LYS A 31 -4.15 -6.14 -0.17
CA LYS A 31 -5.31 -5.34 0.34
C LYS A 31 -5.63 -5.75 1.78
N GLU A 32 -5.84 -7.03 2.02
CA GLU A 32 -6.13 -7.49 3.43
C GLU A 32 -4.92 -7.12 4.32
N ASN A 33 -3.71 -7.26 3.82
CA ASN A 33 -2.51 -6.90 4.65
C ASN A 33 -2.61 -5.45 5.14
N VAL A 34 -3.11 -4.54 4.32
CA VAL A 34 -3.23 -3.10 4.76
C VAL A 34 -4.12 -3.03 6.01
N LYS A 35 -5.20 -3.79 6.07
CA LYS A 35 -6.08 -3.75 7.30
C LYS A 35 -5.24 -4.00 8.55
N ASP A 36 -4.31 -4.93 8.50
CA ASP A 36 -3.44 -5.20 9.71
C ASP A 36 -2.71 -3.91 10.12
N TYR A 37 -2.32 -3.07 9.18
CA TYR A 37 -1.62 -1.79 9.58
C TYR A 37 -2.56 -0.93 10.44
N TYR A 38 -3.77 -0.66 9.96
CA TYR A 38 -4.72 0.17 10.78
C TYR A 38 -5.75 -0.73 11.49
N GLN A 39 -5.35 -1.89 11.96
CA GLN A 39 -6.33 -2.77 12.69
C GLN A 39 -6.38 -2.40 14.17
N LYS A 40 -5.26 -2.04 14.77
CA LYS A 40 -5.28 -1.65 16.22
C LYS A 40 -5.32 -0.12 16.38
N TRP A 41 -5.71 0.63 15.36
CA TRP A 41 -5.76 2.11 15.50
C TRP A 41 -7.22 2.58 15.62
N MET A 42 -8.05 2.24 14.66
CA MET A 42 -9.48 2.67 14.73
C MET A 42 -10.39 1.55 14.18
N GLU A 43 -10.33 0.37 14.77
CA GLU A 43 -11.19 -0.77 14.26
C GLU A 43 -12.68 -0.38 14.35
N GLU A 44 -13.22 0.24 13.31
CA GLU A 44 -14.67 0.64 13.35
C GLU A 44 -15.15 1.11 11.96
N GLN A 45 -14.52 2.12 11.40
CA GLN A 45 -14.95 2.61 10.06
C GLN A 45 -13.82 3.44 9.39
N ALA A 46 -12.79 2.77 8.88
CA ALA A 46 -11.68 3.53 8.23
C ALA A 46 -11.27 2.85 6.92
N GLN A 47 -12.10 2.93 5.90
CA GLN A 47 -11.74 2.30 4.59
C GLN A 47 -11.80 3.33 3.45
N SER A 48 -11.48 4.59 3.73
CA SER A 48 -11.51 5.62 2.65
C SER A 48 -10.07 5.95 2.21
N LEU A 49 -9.18 6.20 3.14
CA LEU A 49 -7.75 6.50 2.76
C LEU A 49 -7.11 5.33 1.99
N ILE A 50 -7.61 4.11 2.13
CA ILE A 50 -6.99 2.96 1.38
C ILE A 50 -7.51 2.93 -0.07
N ASP A 51 -8.82 2.93 -0.26
CA ASP A 51 -9.37 2.90 -1.66
C ASP A 51 -8.82 4.08 -2.48
N LYS A 52 -8.72 5.25 -1.88
CA LYS A 52 -8.19 6.45 -2.65
C LYS A 52 -6.79 6.13 -3.22
N THR A 53 -5.97 5.41 -2.50
CA THR A 53 -4.59 5.09 -3.03
C THR A 53 -4.61 3.76 -3.80
N THR A 54 -5.36 2.78 -3.35
CA THR A 54 -5.39 1.46 -4.08
C THR A 54 -6.19 1.60 -5.40
N ALA A 55 -7.23 2.41 -5.43
CA ALA A 55 -8.02 2.56 -6.70
C ALA A 55 -7.37 3.63 -7.60
N ALA A 56 -6.89 4.72 -7.04
CA ALA A 56 -6.24 5.78 -7.89
C ALA A 56 -5.08 5.19 -8.71
N PHE A 57 -4.36 4.23 -8.16
CA PHE A 57 -3.21 3.63 -8.94
C PHE A 57 -3.70 2.47 -9.81
N GLN A 58 -4.68 1.71 -9.36
CA GLN A 58 -5.18 0.56 -10.20
C GLN A 58 -6.50 0.94 -10.89
N GLN A 59 -6.51 2.02 -11.67
CA GLN A 59 -7.75 2.44 -12.36
C GLN A 59 -7.57 2.35 -13.88
N GLY A 60 -6.59 3.04 -14.43
CA GLY A 60 -6.36 2.99 -15.90
C GLY A 60 -5.07 2.21 -16.20
N LYS A 61 -3.95 2.66 -15.68
CA LYS A 61 -2.67 1.95 -15.93
C LYS A 61 -1.93 1.68 -14.62
ZN ZN B . 3.13 -3.35 0.79
N MET A 1 21.98 4.42 -5.23
CA MET A 1 21.02 3.29 -5.09
C MET A 1 19.69 3.79 -4.51
N PRO A 2 18.74 4.05 -5.39
CA PRO A 2 17.41 4.55 -4.92
C PRO A 2 16.62 3.42 -4.25
N LYS A 3 15.72 3.74 -3.35
CA LYS A 3 14.92 2.68 -2.67
C LYS A 3 13.49 3.16 -2.41
N PHE A 4 12.53 2.26 -2.33
CA PHE A 4 11.12 2.69 -2.06
C PHE A 4 10.67 2.17 -0.68
N TYR A 5 9.73 2.82 -0.04
CA TYR A 5 9.27 2.36 1.30
C TYR A 5 7.75 2.16 1.31
N CYS A 6 7.28 1.04 1.85
CA CYS A 6 5.79 0.81 1.90
C CYS A 6 5.29 0.91 3.34
N ASP A 7 4.76 2.05 3.75
CA ASP A 7 4.24 2.16 5.17
C ASP A 7 3.23 1.04 5.47
N TYR A 8 2.42 0.66 4.50
CA TYR A 8 1.43 -0.45 4.77
C TYR A 8 2.17 -1.74 5.15
N CYS A 9 3.37 -1.97 4.62
CA CYS A 9 4.12 -3.22 4.97
C CYS A 9 5.15 -2.98 6.09
N ASP A 10 5.31 -1.76 6.59
CA ASP A 10 6.33 -1.51 7.67
C ASP A 10 7.70 -2.04 7.26
N THR A 11 8.07 -1.87 5.99
CA THR A 11 9.40 -2.37 5.53
C THR A 11 9.98 -1.43 4.46
N TYR A 12 11.18 -1.67 4.00
CA TYR A 12 11.78 -0.78 2.97
C TYR A 12 12.17 -1.59 1.72
N LEU A 13 11.63 -1.24 0.56
CA LEU A 13 12.00 -1.99 -0.69
C LEU A 13 13.40 -1.58 -1.15
N THR A 14 13.97 -2.27 -2.12
CA THR A 14 15.35 -1.89 -2.60
C THR A 14 15.30 -1.07 -3.90
N HIS A 15 14.30 -1.26 -4.74
CA HIS A 15 14.24 -0.47 -6.02
C HIS A 15 13.07 0.52 -5.98
N ASP A 16 13.22 1.67 -6.59
CA ASP A 16 12.12 2.67 -6.58
C ASP A 16 11.77 3.08 -8.03
N SER A 17 10.80 2.43 -8.63
CA SER A 17 10.43 2.77 -10.04
C SER A 17 8.92 2.55 -10.27
N PRO A 18 8.45 2.89 -11.45
CA PRO A 18 7.01 2.71 -11.76
C PRO A 18 6.65 1.21 -11.86
N SER A 19 7.57 0.37 -12.32
CA SER A 19 7.24 -1.09 -12.42
C SER A 19 7.52 -1.78 -11.07
N VAL A 20 8.60 -1.43 -10.39
CA VAL A 20 8.89 -2.08 -9.06
C VAL A 20 7.76 -1.76 -8.07
N ARG A 21 7.35 -0.50 -7.96
CA ARG A 21 6.25 -0.16 -6.99
C ARG A 21 4.99 -0.97 -7.34
N LYS A 22 4.55 -0.93 -8.58
CA LYS A 22 3.33 -1.74 -8.95
C LYS A 22 3.63 -3.23 -8.73
N THR A 23 4.82 -3.69 -9.08
CA THR A 23 5.16 -5.14 -8.84
C THR A 23 4.96 -5.45 -7.34
N HIS A 24 5.40 -4.56 -6.48
CA HIS A 24 5.19 -4.79 -5.01
C HIS A 24 3.68 -4.84 -4.71
N CYS A 25 2.87 -4.06 -5.40
CA CYS A 25 1.40 -4.07 -5.14
C CYS A 25 0.68 -4.95 -6.19
N SER A 26 1.20 -6.11 -6.49
CA SER A 26 0.53 -7.00 -7.49
C SER A 26 0.08 -8.30 -6.81
N GLY A 27 -0.42 -8.22 -5.59
CA GLY A 27 -0.86 -9.46 -4.89
C GLY A 27 -2.29 -9.28 -4.36
N ARG A 28 -2.96 -10.37 -4.02
CA ARG A 28 -4.36 -10.24 -3.48
C ARG A 28 -4.33 -10.07 -1.94
N LYS A 29 -3.19 -10.30 -1.28
CA LYS A 29 -3.16 -10.14 0.21
C LYS A 29 -2.77 -8.70 0.60
N HIS A 30 -2.03 -7.97 -0.24
CA HIS A 30 -1.63 -6.56 0.14
C HIS A 30 -2.86 -5.75 0.59
N LYS A 31 -3.99 -5.91 -0.06
CA LYS A 31 -5.22 -5.15 0.39
C LYS A 31 -5.60 -5.60 1.80
N GLU A 32 -5.79 -6.89 2.01
CA GLU A 32 -6.14 -7.37 3.40
C GLU A 32 -5.00 -7.00 4.36
N ASN A 33 -3.76 -7.12 3.92
CA ASN A 33 -2.61 -6.75 4.83
C ASN A 33 -2.74 -5.29 5.29
N VAL A 34 -3.21 -4.40 4.42
CA VAL A 34 -3.36 -2.96 4.84
C VAL A 34 -4.28 -2.86 6.07
N LYS A 35 -5.32 -3.67 6.14
CA LYS A 35 -6.24 -3.61 7.34
C LYS A 35 -5.41 -3.79 8.63
N ASP A 36 -4.46 -4.69 8.63
CA ASP A 36 -3.62 -4.88 9.86
C ASP A 36 -2.91 -3.57 10.23
N TYR A 37 -2.56 -2.74 9.25
CA TYR A 37 -1.87 -1.45 9.60
C TYR A 37 -2.84 -0.51 10.34
N TYR A 38 -4.01 -0.27 9.79
CA TYR A 38 -4.98 0.65 10.50
C TYR A 38 -6.06 -0.17 11.26
N GLN A 39 -5.73 -1.34 11.77
CA GLN A 39 -6.76 -2.14 12.53
C GLN A 39 -6.92 -1.58 13.95
N LYS A 40 -5.84 -1.15 14.58
CA LYS A 40 -5.94 -0.60 15.96
C LYS A 40 -5.64 0.91 15.98
N TRP A 41 -5.94 1.63 14.92
CA TRP A 41 -5.67 3.11 14.91
C TRP A 41 -6.81 3.87 15.60
N MET A 42 -8.05 3.46 15.39
CA MET A 42 -9.19 4.19 16.04
C MET A 42 -10.40 3.25 16.22
N GLU A 43 -11.00 2.78 15.14
CA GLU A 43 -12.18 1.87 15.28
C GLU A 43 -12.02 0.67 14.34
N GLU A 44 -13.09 -0.07 14.09
CA GLU A 44 -12.99 -1.25 13.18
C GLU A 44 -13.78 -1.00 11.89
N GLN A 45 -13.75 0.21 11.37
CA GLN A 45 -14.51 0.49 10.10
C GLN A 45 -13.82 1.61 9.30
N ALA A 46 -12.70 1.32 8.67
CA ALA A 46 -12.00 2.38 7.88
C ALA A 46 -11.47 1.79 6.56
N GLN A 47 -12.36 1.47 5.64
CA GLN A 47 -11.89 0.91 4.33
C GLN A 47 -12.21 1.88 3.18
N SER A 48 -12.14 3.17 3.42
CA SER A 48 -12.43 4.16 2.32
C SER A 48 -11.11 4.80 1.87
N LEU A 49 -10.35 5.36 2.79
CA LEU A 49 -9.05 5.99 2.39
C LEU A 49 -8.09 4.97 1.76
N ILE A 50 -8.27 3.67 2.00
CA ILE A 50 -7.35 2.65 1.38
C ILE A 50 -7.73 2.45 -0.10
N ASP A 51 -8.98 2.12 -0.38
CA ASP A 51 -9.40 1.91 -1.81
C ASP A 51 -9.19 3.21 -2.60
N LYS A 52 -9.52 4.35 -2.03
CA LYS A 52 -9.32 5.65 -2.77
C LYS A 52 -7.84 5.82 -3.18
N THR A 53 -6.91 5.39 -2.34
CA THR A 53 -5.45 5.53 -2.71
C THR A 53 -5.00 4.36 -3.59
N THR A 54 -5.50 3.16 -3.34
CA THR A 54 -5.07 1.99 -4.19
C THR A 54 -5.74 2.06 -5.58
N ALA A 55 -6.98 2.53 -5.66
CA ALA A 55 -7.65 2.60 -7.01
C ALA A 55 -7.38 3.97 -7.66
N ALA A 56 -7.41 5.04 -6.89
CA ALA A 56 -7.15 6.40 -7.49
C ALA A 56 -5.67 6.77 -7.34
N PHE A 57 -4.77 5.94 -7.81
CA PHE A 57 -3.31 6.26 -7.71
C PHE A 57 -2.84 6.97 -8.98
N GLN A 58 -3.29 6.55 -10.14
CA GLN A 58 -2.87 7.22 -11.41
C GLN A 58 -4.08 7.49 -12.31
N GLN A 59 -4.86 8.51 -12.01
CA GLN A 59 -6.06 8.81 -12.86
C GLN A 59 -5.87 10.17 -13.54
N GLY A 60 -5.79 11.25 -12.78
CA GLY A 60 -5.62 12.59 -13.42
C GLY A 60 -6.49 13.62 -12.69
N LYS A 61 -5.90 14.53 -11.94
CA LYS A 61 -6.71 15.54 -11.21
C LYS A 61 -6.14 16.95 -11.45
ZN ZN B . 3.44 -3.12 0.70
N MET A 1 9.69 9.52 -5.10
CA MET A 1 10.90 9.67 -4.24
C MET A 1 11.87 8.50 -4.50
N PRO A 2 13.09 8.63 -4.01
CA PRO A 2 14.09 7.56 -4.21
C PRO A 2 13.76 6.35 -3.32
N LYS A 3 14.00 5.13 -3.79
CA LYS A 3 13.70 3.92 -2.96
C LYS A 3 12.22 3.92 -2.55
N PHE A 4 11.38 3.18 -3.23
CA PHE A 4 9.91 3.15 -2.86
C PHE A 4 9.72 2.79 -1.37
N TYR A 5 8.59 3.13 -0.80
CA TYR A 5 8.33 2.81 0.64
C TYR A 5 6.85 2.39 0.82
N CYS A 6 6.59 1.28 1.49
CA CYS A 6 5.18 0.85 1.69
C CYS A 6 4.80 0.93 3.17
N ASP A 7 4.24 2.05 3.62
CA ASP A 7 3.85 2.16 5.08
C ASP A 7 2.93 0.97 5.47
N TYR A 8 2.08 0.52 4.57
CA TYR A 8 1.19 -0.65 4.91
C TYR A 8 2.05 -1.89 5.27
N CYS A 9 3.18 -2.07 4.62
CA CYS A 9 4.05 -3.26 4.94
C CYS A 9 5.14 -2.92 5.98
N ASP A 10 5.19 -1.70 6.50
CA ASP A 10 6.25 -1.35 7.52
C ASP A 10 7.65 -1.74 7.00
N THR A 11 7.91 -1.55 5.72
CA THR A 11 9.26 -1.90 5.18
C THR A 11 9.71 -0.85 4.16
N TYR A 12 10.95 -0.87 3.74
CA TYR A 12 11.44 0.14 2.75
C TYR A 12 12.01 -0.57 1.52
N LEU A 13 11.64 -0.14 0.32
CA LEU A 13 12.20 -0.81 -0.91
C LEU A 13 13.50 -0.11 -1.33
N THR A 14 14.30 -0.74 -2.18
CA THR A 14 15.60 -0.10 -2.60
C THR A 14 15.47 0.58 -3.98
N HIS A 15 14.63 0.07 -4.86
CA HIS A 15 14.50 0.72 -6.21
C HIS A 15 13.09 1.30 -6.38
N ASP A 16 12.98 2.50 -6.92
CA ASP A 16 11.62 3.11 -7.11
C ASP A 16 11.32 3.24 -8.61
N SER A 17 10.68 2.26 -9.20
CA SER A 17 10.37 2.33 -10.66
C SER A 17 8.94 1.81 -10.92
N PRO A 18 8.53 1.84 -12.17
CA PRO A 18 7.17 1.36 -12.52
C PRO A 18 7.07 -0.18 -12.38
N SER A 19 8.16 -0.90 -12.59
CA SER A 19 8.08 -2.40 -12.46
C SER A 19 8.37 -2.81 -11.00
N VAL A 20 9.37 -2.22 -10.37
CA VAL A 20 9.67 -2.60 -8.94
C VAL A 20 8.45 -2.31 -8.06
N ARG A 21 7.91 -1.10 -8.10
CA ARG A 21 6.70 -0.79 -7.24
C ARG A 21 5.57 -1.76 -7.59
N LYS A 22 5.25 -1.93 -8.86
CA LYS A 22 4.15 -2.90 -9.23
C LYS A 22 4.57 -4.31 -8.78
N THR A 23 5.84 -4.67 -8.95
CA THR A 23 6.29 -6.03 -8.48
C THR A 23 5.92 -6.20 -7.00
N HIS A 24 6.13 -5.17 -6.20
CA HIS A 24 5.75 -5.27 -4.74
C HIS A 24 4.22 -5.45 -4.64
N CYS A 25 3.45 -4.78 -5.48
CA CYS A 25 1.97 -4.92 -5.41
C CYS A 25 1.48 -5.98 -6.41
N SER A 26 2.03 -7.18 -6.37
CA SER A 26 1.58 -8.23 -7.32
C SER A 26 0.94 -9.39 -6.55
N GLY A 27 0.16 -9.09 -5.53
CA GLY A 27 -0.50 -10.19 -4.74
C GLY A 27 -1.94 -9.79 -4.40
N ARG A 28 -2.84 -10.76 -4.32
CA ARG A 28 -4.26 -10.42 -3.97
C ARG A 28 -4.42 -10.22 -2.45
N LYS A 29 -3.42 -10.55 -1.64
CA LYS A 29 -3.57 -10.36 -0.15
C LYS A 29 -3.06 -8.97 0.28
N HIS A 30 -2.25 -8.29 -0.51
CA HIS A 30 -1.74 -6.92 -0.09
C HIS A 30 -2.90 -6.03 0.40
N LYS A 31 -4.04 -6.07 -0.26
CA LYS A 31 -5.20 -5.23 0.20
C LYS A 31 -5.63 -5.71 1.59
N GLU A 32 -5.89 -7.00 1.76
CA GLU A 32 -6.28 -7.51 3.12
C GLU A 32 -5.12 -7.24 4.10
N ASN A 33 -3.88 -7.42 3.67
CA ASN A 33 -2.71 -7.16 4.58
C ASN A 33 -2.80 -5.73 5.14
N VAL A 34 -3.22 -4.77 4.35
CA VAL A 34 -3.31 -3.35 4.88
C VAL A 34 -4.25 -3.31 6.11
N LYS A 35 -5.32 -4.09 6.11
CA LYS A 35 -6.24 -4.07 7.31
C LYS A 35 -5.44 -4.38 8.59
N ASP A 36 -4.50 -5.31 8.52
CA ASP A 36 -3.68 -5.62 9.75
C ASP A 36 -2.93 -4.35 10.22
N TYR A 37 -2.61 -3.42 9.33
CA TYR A 37 -1.89 -2.19 9.78
C TYR A 37 -2.82 -1.28 10.60
N TYR A 38 -3.99 -0.95 10.06
CA TYR A 38 -4.93 -0.08 10.83
C TYR A 38 -6.04 -0.92 11.51
N GLN A 39 -5.74 -2.13 11.93
CA GLN A 39 -6.80 -2.96 12.61
C GLN A 39 -6.92 -2.56 14.09
N LYS A 40 -5.83 -2.25 14.74
CA LYS A 40 -5.90 -1.84 16.19
C LYS A 40 -5.83 -0.30 16.34
N TRP A 41 -6.13 0.46 15.29
CA TRP A 41 -6.08 1.94 15.41
C TRP A 41 -7.50 2.51 15.56
N MET A 42 -8.43 2.10 14.72
CA MET A 42 -9.83 2.61 14.83
C MET A 42 -10.81 1.45 14.95
N GLU A 43 -10.84 0.54 13.98
CA GLU A 43 -11.78 -0.63 14.06
C GLU A 43 -13.23 -0.15 14.25
N GLU A 44 -13.62 0.94 13.61
CA GLU A 44 -15.02 1.44 13.77
C GLU A 44 -15.51 2.07 12.45
N GLN A 45 -14.86 3.11 11.98
CA GLN A 45 -15.29 3.76 10.71
C GLN A 45 -14.10 4.41 10.00
N ALA A 46 -13.24 3.62 9.38
CA ALA A 46 -12.05 4.20 8.69
C ALA A 46 -11.71 3.39 7.43
N GLN A 47 -12.54 3.47 6.40
CA GLN A 47 -12.24 2.70 5.15
C GLN A 47 -12.16 3.65 3.93
N SER A 48 -11.71 4.87 4.12
CA SER A 48 -11.60 5.82 2.96
C SER A 48 -10.13 5.95 2.53
N LEU A 49 -9.22 6.17 3.46
CA LEU A 49 -7.77 6.29 3.08
C LEU A 49 -7.25 4.99 2.42
N ILE A 50 -7.90 3.86 2.62
CA ILE A 50 -7.40 2.59 1.97
C ILE A 50 -7.87 2.53 0.51
N ASP A 51 -9.11 2.93 0.23
CA ASP A 51 -9.59 2.89 -1.20
C ASP A 51 -9.07 4.11 -1.96
N LYS A 52 -9.07 5.27 -1.34
CA LYS A 52 -8.56 6.50 -2.07
C LYS A 52 -7.11 6.30 -2.52
N THR A 53 -6.31 5.56 -1.76
CA THR A 53 -4.87 5.34 -2.18
C THR A 53 -4.75 4.09 -3.04
N THR A 54 -5.48 3.03 -2.73
CA THR A 54 -5.38 1.78 -3.56
C THR A 54 -5.99 2.02 -4.96
N ALA A 55 -7.07 2.78 -5.06
CA ALA A 55 -7.69 3.03 -6.40
C ALA A 55 -6.81 4.00 -7.21
N ALA A 56 -6.28 5.04 -6.58
CA ALA A 56 -5.41 6.00 -7.33
C ALA A 56 -3.93 5.65 -7.15
N PHE A 57 -3.56 4.42 -7.38
CA PHE A 57 -2.11 4.02 -7.23
C PHE A 57 -1.38 4.14 -8.57
N GLN A 58 -2.01 3.76 -9.66
CA GLN A 58 -1.34 3.86 -11.00
C GLN A 58 -2.06 4.87 -11.90
N GLN A 59 -3.33 4.65 -12.18
CA GLN A 59 -4.08 5.60 -13.06
C GLN A 59 -5.48 5.87 -12.49
N GLY A 60 -6.30 4.85 -12.32
CA GLY A 60 -7.67 5.07 -11.78
C GLY A 60 -8.46 6.01 -12.71
N LYS A 61 -9.05 5.47 -13.76
CA LYS A 61 -9.82 6.33 -14.70
C LYS A 61 -11.21 5.72 -14.95
ZN ZN B . 3.26 -3.36 0.64
N MET A 1 20.21 8.27 -3.62
CA MET A 1 19.62 6.91 -3.66
C MET A 1 18.10 6.98 -3.40
N PRO A 2 17.33 7.02 -4.47
CA PRO A 2 15.85 7.08 -4.32
C PRO A 2 15.30 5.73 -3.84
N LYS A 3 14.60 5.71 -2.72
CA LYS A 3 14.04 4.42 -2.20
C LYS A 3 12.52 4.54 -2.02
N PHE A 4 11.81 3.44 -1.93
CA PHE A 4 10.32 3.51 -1.74
C PHE A 4 9.94 2.93 -0.37
N TYR A 5 8.76 3.24 0.12
CA TYR A 5 8.34 2.72 1.47
C TYR A 5 6.85 2.36 1.45
N CYS A 6 6.48 1.18 1.93
CA CYS A 6 5.03 0.81 1.95
C CYS A 6 4.50 0.83 3.39
N ASP A 7 3.95 1.94 3.85
CA ASP A 7 3.42 2.01 5.27
C ASP A 7 2.47 0.82 5.53
N TYR A 8 1.69 0.39 4.55
CA TYR A 8 0.77 -0.77 4.76
C TYR A 8 1.58 -2.03 5.11
N CYS A 9 2.79 -2.17 4.61
CA CYS A 9 3.61 -3.38 4.91
C CYS A 9 4.67 -3.11 6.00
N ASP A 10 4.83 -1.89 6.47
CA ASP A 10 5.87 -1.60 7.53
C ASP A 10 7.25 -2.10 7.06
N THR A 11 7.57 -1.93 5.79
CA THR A 11 8.90 -2.38 5.28
C THR A 11 9.49 -1.32 4.35
N TYR A 12 10.75 -1.45 3.96
CA TYR A 12 11.36 -0.42 3.06
C TYR A 12 11.82 -1.08 1.75
N LEU A 13 11.61 -0.40 0.62
CA LEU A 13 12.05 -0.99 -0.68
C LEU A 13 13.34 -0.28 -1.16
N THR A 14 14.15 -0.92 -1.98
CA THR A 14 15.41 -0.26 -2.44
C THR A 14 15.30 0.28 -3.89
N HIS A 15 14.50 -0.33 -4.74
CA HIS A 15 14.40 0.18 -6.15
C HIS A 15 13.02 0.82 -6.38
N ASP A 16 12.88 2.10 -6.07
CA ASP A 16 11.54 2.76 -6.30
C ASP A 16 11.32 3.01 -7.81
N SER A 17 11.09 1.96 -8.56
CA SER A 17 10.85 2.13 -10.03
C SER A 17 9.41 1.73 -10.39
N PRO A 18 9.07 1.83 -11.64
CA PRO A 18 7.69 1.47 -12.08
C PRO A 18 7.48 -0.06 -12.03
N SER A 19 8.51 -0.85 -12.26
CA SER A 19 8.33 -2.34 -12.20
C SER A 19 8.48 -2.84 -10.75
N VAL A 20 9.50 -2.39 -10.05
CA VAL A 20 9.68 -2.86 -8.62
C VAL A 20 8.43 -2.47 -7.79
N ARG A 21 8.02 -1.22 -7.83
CA ARG A 21 6.80 -0.82 -7.03
C ARG A 21 5.60 -1.68 -7.44
N LYS A 22 5.31 -1.77 -8.73
CA LYS A 22 4.16 -2.63 -9.17
C LYS A 22 4.44 -4.09 -8.76
N THR A 23 5.68 -4.55 -8.90
CA THR A 23 6.01 -5.96 -8.47
C THR A 23 5.59 -6.13 -7.00
N HIS A 24 5.89 -5.14 -6.17
CA HIS A 24 5.47 -5.25 -4.72
C HIS A 24 3.94 -5.28 -4.65
N CYS A 25 3.25 -4.52 -5.50
CA CYS A 25 1.76 -4.52 -5.46
C CYS A 25 1.19 -5.46 -6.53
N SER A 26 1.69 -6.67 -6.63
CA SER A 26 1.16 -7.62 -7.66
C SER A 26 0.52 -8.82 -6.96
N GLY A 27 -0.19 -8.61 -5.87
CA GLY A 27 -0.83 -9.75 -5.15
C GLY A 27 -2.28 -9.40 -4.78
N ARG A 28 -3.16 -10.38 -4.71
CA ARG A 28 -4.57 -10.08 -4.33
C ARG A 28 -4.72 -9.94 -2.79
N LYS A 29 -3.71 -10.28 -2.02
CA LYS A 29 -3.84 -10.14 -0.52
C LYS A 29 -3.36 -8.76 -0.04
N HIS A 30 -2.53 -8.05 -0.81
CA HIS A 30 -2.04 -6.69 -0.35
C HIS A 30 -3.22 -5.82 0.15
N LYS A 31 -4.37 -5.91 -0.50
CA LYS A 31 -5.54 -5.08 -0.03
C LYS A 31 -5.94 -5.54 1.38
N GLU A 32 -6.19 -6.82 1.57
CA GLU A 32 -6.56 -7.31 2.95
C GLU A 32 -5.39 -7.01 3.90
N ASN A 33 -4.16 -7.20 3.46
CA ASN A 33 -2.99 -6.91 4.36
C ASN A 33 -3.07 -5.46 4.88
N VAL A 34 -3.50 -4.51 4.06
CA VAL A 34 -3.61 -3.09 4.54
C VAL A 34 -4.47 -3.01 5.82
N LYS A 35 -5.51 -3.83 5.94
CA LYS A 35 -6.36 -3.78 7.19
C LYS A 35 -5.48 -3.92 8.44
N ASP A 36 -4.50 -4.80 8.40
CA ASP A 36 -3.60 -4.95 9.60
C ASP A 36 -2.90 -3.61 9.92
N TYR A 37 -2.67 -2.76 8.94
CA TYR A 37 -1.99 -1.45 9.24
C TYR A 37 -2.91 -0.55 10.06
N TYR A 38 -4.15 -0.33 9.62
CA TYR A 38 -5.08 0.54 10.41
C TYR A 38 -6.06 -0.30 11.26
N GLN A 39 -5.62 -1.43 11.78
CA GLN A 39 -6.54 -2.26 12.64
C GLN A 39 -6.41 -1.85 14.11
N LYS A 40 -5.21 -1.55 14.56
CA LYS A 40 -5.03 -1.12 15.99
C LYS A 40 -4.61 0.36 16.06
N TRP A 41 -5.05 1.18 15.12
CA TRP A 41 -4.66 2.63 15.15
C TRP A 41 -5.76 3.46 15.86
N MET A 42 -7.02 3.16 15.61
CA MET A 42 -8.11 3.93 16.28
C MET A 42 -9.33 3.03 16.52
N GLU A 43 -9.96 2.54 15.47
CA GLU A 43 -11.16 1.67 15.65
C GLU A 43 -11.23 0.61 14.53
N GLU A 44 -12.36 -0.04 14.35
CA GLU A 44 -12.46 -1.07 13.27
C GLU A 44 -13.41 -0.58 12.15
N GLN A 45 -13.35 0.68 11.80
CA GLN A 45 -14.24 1.20 10.73
C GLN A 45 -13.50 2.27 9.90
N ALA A 46 -12.59 1.87 9.04
CA ALA A 46 -11.84 2.87 8.22
C ALA A 46 -11.53 2.27 6.83
N GLN A 47 -12.53 2.13 5.98
CA GLN A 47 -12.27 1.57 4.62
C GLN A 47 -12.55 2.62 3.54
N SER A 48 -12.28 3.89 3.82
CA SER A 48 -12.53 4.95 2.79
C SER A 48 -11.19 5.46 2.25
N LEU A 49 -10.29 5.87 3.11
CA LEU A 49 -8.94 6.36 2.61
C LEU A 49 -8.17 5.25 1.87
N ILE A 50 -8.49 3.98 2.08
CA ILE A 50 -7.76 2.89 1.35
C ILE A 50 -8.22 2.84 -0.12
N ASP A 51 -9.51 2.93 -0.37
CA ASP A 51 -9.99 2.88 -1.80
C ASP A 51 -9.41 4.06 -2.58
N LYS A 52 -9.36 5.24 -2.00
CA LYS A 52 -8.78 6.42 -2.74
C LYS A 52 -7.31 6.14 -3.14
N THR A 53 -6.55 5.45 -2.30
CA THR A 53 -5.13 5.16 -2.66
C THR A 53 -5.04 3.85 -3.48
N THR A 54 -5.85 2.85 -3.16
CA THR A 54 -5.79 1.58 -3.95
C THR A 54 -6.46 1.77 -5.31
N ALA A 55 -7.57 2.47 -5.38
CA ALA A 55 -8.26 2.69 -6.71
C ALA A 55 -7.26 3.25 -7.75
N ALA A 56 -6.32 4.08 -7.35
CA ALA A 56 -5.34 4.65 -8.33
C ALA A 56 -4.16 3.68 -8.54
N PHE A 57 -3.73 2.99 -7.49
CA PHE A 57 -2.58 2.03 -7.66
C PHE A 57 -3.07 0.60 -7.98
N GLN A 58 -4.33 0.39 -8.29
CA GLN A 58 -4.81 -0.98 -8.61
C GLN A 58 -5.62 -0.97 -9.92
N GLN A 59 -4.96 -0.90 -11.06
CA GLN A 59 -5.71 -0.88 -12.36
C GLN A 59 -5.41 -2.17 -13.16
N GLY A 60 -5.55 -3.33 -12.54
CA GLY A 60 -5.26 -4.59 -13.27
C GLY A 60 -6.57 -5.12 -13.90
N LYS A 61 -7.47 -5.67 -13.10
CA LYS A 61 -8.75 -6.19 -13.66
C LYS A 61 -9.90 -5.92 -12.69
ZN ZN B . 3.00 -3.28 0.60
N MET A 1 12.51 11.69 -4.60
CA MET A 1 12.26 10.60 -3.62
C MET A 1 12.65 9.24 -4.23
N PRO A 2 13.90 8.86 -4.05
CA PRO A 2 14.37 7.56 -4.59
C PRO A 2 13.80 6.39 -3.78
N LYS A 3 13.82 5.19 -4.32
CA LYS A 3 13.28 4.00 -3.57
C LYS A 3 11.82 4.25 -3.14
N PHE A 4 11.13 3.24 -2.66
CA PHE A 4 9.71 3.42 -2.24
C PHE A 4 9.49 2.83 -0.83
N TYR A 5 8.43 3.21 -0.16
CA TYR A 5 8.18 2.67 1.22
C TYR A 5 6.72 2.26 1.38
N CYS A 6 6.45 1.08 1.92
CA CYS A 6 5.03 0.64 2.11
C CYS A 6 4.70 0.62 3.62
N ASP A 7 4.21 1.72 4.16
CA ASP A 7 3.88 1.75 5.64
C ASP A 7 3.01 0.54 6.04
N TYR A 8 2.12 0.09 5.17
CA TYR A 8 1.27 -1.11 5.54
C TYR A 8 2.15 -2.36 5.72
N CYS A 9 3.25 -2.46 4.98
CA CYS A 9 4.15 -3.66 5.15
C CYS A 9 5.33 -3.38 6.11
N ASP A 10 5.51 -2.15 6.58
CA ASP A 10 6.66 -1.85 7.49
C ASP A 10 8.00 -2.28 6.84
N THR A 11 8.15 -2.05 5.55
CA THR A 11 9.43 -2.43 4.87
C THR A 11 9.82 -1.35 3.86
N TYR A 12 11.02 -1.41 3.31
CA TYR A 12 11.45 -0.37 2.34
C TYR A 12 11.79 -1.01 0.98
N LEU A 13 11.49 -0.33 -0.11
CA LEU A 13 11.82 -0.91 -1.46
C LEU A 13 13.08 -0.24 -2.03
N THR A 14 13.68 -0.79 -3.07
CA THR A 14 14.91 -0.16 -3.63
C THR A 14 14.65 0.59 -4.95
N HIS A 15 13.68 0.18 -5.74
CA HIS A 15 13.41 0.90 -7.03
C HIS A 15 12.05 1.60 -6.98
N ASP A 16 12.01 2.89 -7.22
CA ASP A 16 10.69 3.62 -7.17
C ASP A 16 10.14 3.81 -8.60
N SER A 17 9.82 2.73 -9.27
CA SER A 17 9.27 2.83 -10.65
C SER A 17 7.80 2.37 -10.69
N PRO A 18 7.18 2.44 -11.84
CA PRO A 18 5.76 2.00 -11.96
C PRO A 18 5.65 0.47 -11.88
N SER A 19 6.61 -0.26 -12.42
CA SER A 19 6.53 -1.76 -12.34
C SER A 19 6.90 -2.24 -10.93
N VAL A 20 7.90 -1.63 -10.31
CA VAL A 20 8.30 -2.08 -8.93
C VAL A 20 7.10 -1.94 -7.97
N ARG A 21 6.50 -0.77 -7.88
CA ARG A 21 5.32 -0.60 -6.95
C ARG A 21 4.24 -1.64 -7.30
N LYS A 22 3.85 -1.76 -8.55
CA LYS A 22 2.81 -2.78 -8.91
C LYS A 22 3.37 -4.18 -8.59
N THR A 23 4.64 -4.42 -8.87
CA THR A 23 5.24 -5.77 -8.55
C THR A 23 5.04 -6.03 -7.04
N HIS A 24 5.31 -5.03 -6.21
CA HIS A 24 5.10 -5.21 -4.74
C HIS A 24 3.60 -5.46 -4.48
N CYS A 25 2.72 -4.79 -5.20
CA CYS A 25 1.25 -5.00 -4.97
C CYS A 25 0.71 -6.05 -5.96
N SER A 26 1.30 -7.23 -5.99
CA SER A 26 0.81 -8.29 -6.93
C SER A 26 0.23 -9.47 -6.14
N GLY A 27 -0.48 -9.21 -5.06
CA GLY A 27 -1.05 -10.33 -4.26
C GLY A 27 -2.48 -9.98 -3.82
N ARG A 28 -3.33 -10.96 -3.62
CA ARG A 28 -4.74 -10.66 -3.17
C ARG A 28 -4.80 -10.40 -1.65
N LYS A 29 -3.75 -10.70 -0.91
CA LYS A 29 -3.78 -10.45 0.58
C LYS A 29 -3.26 -9.05 0.93
N HIS A 30 -2.47 -8.41 0.07
CA HIS A 30 -1.93 -7.04 0.41
C HIS A 30 -3.06 -6.11 0.90
N LYS A 31 -4.22 -6.13 0.27
CA LYS A 31 -5.34 -5.25 0.73
C LYS A 31 -5.73 -5.65 2.16
N GLU A 32 -6.06 -6.91 2.38
CA GLU A 32 -6.42 -7.35 3.78
C GLU A 32 -5.23 -7.09 4.71
N ASN A 33 -4.01 -7.32 4.24
CA ASN A 33 -2.81 -7.07 5.11
C ASN A 33 -2.81 -5.61 5.60
N VAL A 34 -3.17 -4.67 4.74
CA VAL A 34 -3.18 -3.23 5.19
C VAL A 34 -4.21 -3.05 6.33
N LYS A 35 -5.33 -3.75 6.29
CA LYS A 35 -6.34 -3.60 7.40
C LYS A 35 -5.67 -3.80 8.77
N ASP A 36 -4.77 -4.75 8.87
CA ASP A 36 -4.06 -4.98 10.19
C ASP A 36 -3.33 -3.70 10.62
N TYR A 37 -2.84 -2.90 9.68
CA TYR A 37 -2.11 -1.64 10.09
C TYR A 37 -3.10 -0.65 10.74
N TYR A 38 -4.21 -0.35 10.09
CA TYR A 38 -5.20 0.60 10.72
C TYR A 38 -6.37 -0.16 11.36
N GLN A 39 -6.14 -1.34 11.92
CA GLN A 39 -7.27 -2.09 12.57
C GLN A 39 -7.54 -1.52 13.98
N LYS A 40 -6.51 -1.11 14.69
CA LYS A 40 -6.72 -0.55 16.06
C LYS A 40 -6.41 0.96 16.09
N TRP A 41 -6.60 1.66 15.00
CA TRP A 41 -6.31 3.14 14.99
C TRP A 41 -7.58 3.93 15.33
N MET A 42 -8.72 3.52 14.83
CA MET A 42 -9.98 4.27 15.15
C MET A 42 -11.16 3.29 15.29
N GLU A 43 -11.47 2.53 14.26
CA GLU A 43 -12.62 1.57 14.36
C GLU A 43 -12.38 0.37 13.42
N GLU A 44 -13.37 -0.47 13.23
CA GLU A 44 -13.19 -1.64 12.32
C GLU A 44 -13.96 -1.42 11.00
N GLN A 45 -13.73 -0.30 10.35
CA GLN A 45 -14.45 -0.03 9.05
C GLN A 45 -13.79 1.14 8.30
N ALA A 46 -12.63 0.92 7.72
CA ALA A 46 -11.96 2.03 6.98
C ALA A 46 -11.19 1.47 5.76
N GLN A 47 -11.89 1.04 4.73
CA GLN A 47 -11.19 0.49 3.53
C GLN A 47 -11.35 1.45 2.34
N SER A 48 -11.36 2.74 2.57
CA SER A 48 -11.51 3.71 1.43
C SER A 48 -10.18 4.47 1.22
N LEU A 49 -9.65 5.08 2.26
CA LEU A 49 -8.34 5.83 2.09
C LEU A 49 -7.21 4.87 1.66
N ILE A 50 -7.33 3.57 1.89
CA ILE A 50 -6.22 2.65 1.45
C ILE A 50 -6.20 2.55 -0.09
N ASP A 51 -7.34 2.47 -0.72
CA ASP A 51 -7.36 2.37 -2.23
C ASP A 51 -6.80 3.66 -2.85
N LYS A 52 -7.04 4.82 -2.25
CA LYS A 52 -6.50 6.09 -2.84
C LYS A 52 -5.10 6.39 -2.28
N THR A 53 -4.87 6.15 -1.00
CA THR A 53 -3.51 6.43 -0.43
C THR A 53 -2.46 5.51 -1.07
N THR A 54 -2.80 4.26 -1.32
CA THR A 54 -1.79 3.32 -1.95
C THR A 54 -1.30 3.89 -3.29
N ALA A 55 -2.17 4.51 -4.07
CA ALA A 55 -1.72 5.08 -5.38
C ALA A 55 -1.31 6.55 -5.21
N ALA A 56 -2.04 7.32 -4.42
CA ALA A 56 -1.66 8.76 -4.22
C ALA A 56 -0.81 8.92 -2.94
N PHE A 57 0.25 8.17 -2.81
CA PHE A 57 1.12 8.29 -1.58
C PHE A 57 2.25 9.29 -1.83
N GLN A 58 2.90 9.21 -2.98
CA GLN A 58 4.02 10.16 -3.27
C GLN A 58 3.68 11.02 -4.51
N GLN A 59 3.55 10.41 -5.67
CA GLN A 59 3.21 11.20 -6.89
C GLN A 59 2.18 10.44 -7.74
N GLY A 60 0.91 10.50 -7.37
CA GLY A 60 -0.13 9.79 -8.16
C GLY A 60 -0.73 10.75 -9.20
N LYS A 61 -1.60 11.64 -8.78
CA LYS A 61 -2.21 12.60 -9.75
C LYS A 61 -2.23 14.02 -9.17
ZN ZN B . 3.08 -3.51 0.89
N MET A 1 20.90 4.45 -6.98
CA MET A 1 19.97 3.35 -6.60
C MET A 1 18.98 3.83 -5.54
N PRO A 2 17.90 4.45 -5.97
CA PRO A 2 16.89 4.95 -5.01
C PRO A 2 16.09 3.78 -4.41
N LYS A 3 15.34 4.02 -3.35
CA LYS A 3 14.55 2.91 -2.73
C LYS A 3 13.10 3.37 -2.50
N PHE A 4 12.16 2.44 -2.39
CA PHE A 4 10.74 2.84 -2.16
C PHE A 4 10.29 2.40 -0.75
N TYR A 5 9.22 2.96 -0.24
CA TYR A 5 8.74 2.58 1.12
C TYR A 5 7.24 2.27 1.11
N CYS A 6 6.80 1.24 1.79
CA CYS A 6 5.34 0.92 1.81
C CYS A 6 4.79 1.04 3.24
N ASP A 7 4.19 2.16 3.59
CA ASP A 7 3.64 2.33 4.99
C ASP A 7 2.73 1.13 5.35
N TYR A 8 1.99 0.59 4.40
CA TYR A 8 1.11 -0.59 4.73
C TYR A 8 1.96 -1.79 5.16
N CYS A 9 3.17 -1.92 4.63
CA CYS A 9 4.04 -3.08 5.03
C CYS A 9 5.09 -2.70 6.09
N ASP A 10 5.28 -1.41 6.40
CA ASP A 10 6.30 -1.02 7.42
C ASP A 10 7.69 -1.56 7.01
N THR A 11 8.03 -1.51 5.74
CA THR A 11 9.36 -2.02 5.29
C THR A 11 9.93 -1.11 4.20
N TYR A 12 11.16 -1.33 3.80
CA TYR A 12 11.77 -0.46 2.74
C TYR A 12 12.17 -1.31 1.52
N LEU A 13 11.86 -0.86 0.32
CA LEU A 13 12.25 -1.64 -0.90
C LEU A 13 13.64 -1.19 -1.39
N THR A 14 14.23 -1.89 -2.34
CA THR A 14 15.57 -1.48 -2.84
C THR A 14 15.46 -0.67 -4.15
N HIS A 15 14.48 -0.93 -4.99
CA HIS A 15 14.35 -0.16 -6.26
C HIS A 15 13.05 0.66 -6.25
N ASP A 16 13.09 1.90 -6.67
CA ASP A 16 11.84 2.73 -6.68
C ASP A 16 11.46 3.08 -8.13
N SER A 17 10.58 2.32 -8.73
CA SER A 17 10.19 2.60 -10.15
C SER A 17 8.70 2.28 -10.37
N PRO A 18 8.21 2.53 -11.55
CA PRO A 18 6.78 2.25 -11.85
C PRO A 18 6.52 0.74 -11.91
N SER A 19 7.49 -0.06 -12.36
CA SER A 19 7.26 -1.54 -12.41
C SER A 19 7.57 -2.18 -11.04
N VAL A 20 8.61 -1.74 -10.37
CA VAL A 20 8.92 -2.34 -9.03
C VAL A 20 7.78 -2.05 -8.04
N ARG A 21 7.33 -0.82 -7.94
CA ARG A 21 6.20 -0.51 -6.98
C ARG A 21 5.00 -1.39 -7.31
N LYS A 22 4.55 -1.42 -8.56
CA LYS A 22 3.37 -2.31 -8.90
C LYS A 22 3.75 -3.76 -8.62
N THR A 23 4.98 -4.17 -8.93
CA THR A 23 5.40 -5.58 -8.63
C THR A 23 5.17 -5.85 -7.13
N HIS A 24 5.54 -4.91 -6.29
CA HIS A 24 5.31 -5.09 -4.80
C HIS A 24 3.79 -5.21 -4.55
N CYS A 25 2.99 -4.42 -5.26
CA CYS A 25 1.51 -4.49 -5.05
C CYS A 25 0.86 -5.42 -6.09
N SER A 26 1.35 -6.64 -6.22
CA SER A 26 0.75 -7.59 -7.21
C SER A 26 0.22 -8.84 -6.51
N GLY A 27 -0.34 -8.69 -5.32
CA GLY A 27 -0.88 -9.88 -4.59
C GLY A 27 -2.17 -9.51 -3.86
N ARG A 28 -3.23 -10.27 -4.04
CA ARG A 28 -4.52 -9.94 -3.31
C ARG A 28 -4.27 -9.84 -1.79
N LYS A 29 -3.29 -10.56 -1.26
CA LYS A 29 -3.02 -10.48 0.21
C LYS A 29 -2.67 -9.04 0.62
N HIS A 30 -1.98 -8.29 -0.22
CA HIS A 30 -1.61 -6.87 0.15
C HIS A 30 -2.86 -6.10 0.62
N LYS A 31 -4.00 -6.31 -0.02
CA LYS A 31 -5.24 -5.57 0.42
C LYS A 31 -5.59 -5.98 1.86
N GLU A 32 -5.74 -7.26 2.12
CA GLU A 32 -6.04 -7.69 3.54
C GLU A 32 -4.90 -7.22 4.47
N ASN A 33 -3.66 -7.31 4.02
CA ASN A 33 -2.51 -6.86 4.88
C ASN A 33 -2.72 -5.38 5.29
N VAL A 34 -3.24 -4.55 4.41
CA VAL A 34 -3.46 -3.10 4.79
C VAL A 34 -4.40 -3.02 6.00
N LYS A 35 -5.41 -3.87 6.08
CA LYS A 35 -6.35 -3.81 7.26
C LYS A 35 -5.54 -3.87 8.57
N ASP A 36 -4.53 -4.70 8.64
CA ASP A 36 -3.70 -4.77 9.90
C ASP A 36 -3.10 -3.38 10.21
N TYR A 37 -2.79 -2.59 9.19
CA TYR A 37 -2.19 -1.23 9.48
C TYR A 37 -3.21 -0.36 10.23
N TYR A 38 -4.43 -0.24 9.73
CA TYR A 38 -5.43 0.60 10.45
C TYR A 38 -6.40 -0.28 11.28
N GLN A 39 -5.92 -1.36 11.87
CA GLN A 39 -6.83 -2.22 12.70
C GLN A 39 -6.84 -1.73 14.15
N LYS A 40 -5.71 -1.29 14.67
CA LYS A 40 -5.67 -0.79 16.08
C LYS A 40 -5.46 0.73 16.13
N TRP A 41 -5.88 1.46 15.11
CA TRP A 41 -5.69 2.95 15.12
C TRP A 41 -6.94 3.63 15.71
N MET A 42 -8.12 3.17 15.38
CA MET A 42 -9.35 3.82 15.93
C MET A 42 -10.48 2.78 16.07
N GLU A 43 -10.95 2.21 14.99
CA GLU A 43 -12.05 1.19 15.08
C GLU A 43 -11.85 0.09 14.02
N GLU A 44 -12.86 -0.72 13.76
CA GLU A 44 -12.71 -1.79 12.73
C GLU A 44 -13.56 -1.46 11.49
N GLN A 45 -13.60 -0.20 11.09
CA GLN A 45 -14.42 0.16 9.89
C GLN A 45 -13.78 1.35 9.16
N ALA A 46 -12.70 1.13 8.43
CA ALA A 46 -12.03 2.24 7.71
C ALA A 46 -11.64 1.79 6.28
N GLN A 47 -12.60 1.68 5.39
CA GLN A 47 -12.28 1.26 3.99
C GLN A 47 -12.47 2.43 3.01
N SER A 48 -12.19 3.65 3.43
CA SER A 48 -12.36 4.82 2.51
C SER A 48 -10.97 5.35 2.12
N LEU A 49 -10.15 5.69 3.09
CA LEU A 49 -8.77 6.21 2.77
C LEU A 49 -7.94 5.13 2.02
N ILE A 50 -8.28 3.86 2.12
CA ILE A 50 -7.48 2.81 1.40
C ILE A 50 -7.81 2.85 -0.11
N ASP A 51 -9.06 3.03 -0.47
CA ASP A 51 -9.41 3.08 -1.94
C ASP A 51 -8.87 4.38 -2.56
N LYS A 52 -8.97 5.50 -1.87
CA LYS A 52 -8.45 6.79 -2.46
C LYS A 52 -6.95 6.66 -2.79
N THR A 53 -6.18 5.93 -2.01
CA THR A 53 -4.71 5.79 -2.31
C THR A 53 -4.48 4.56 -3.20
N THR A 54 -5.05 3.42 -2.85
CA THR A 54 -4.84 2.19 -3.70
C THR A 54 -5.29 2.45 -5.15
N ALA A 55 -6.35 3.23 -5.35
CA ALA A 55 -6.82 3.52 -6.74
C ALA A 55 -6.12 4.77 -7.31
N ALA A 56 -5.94 5.79 -6.49
CA ALA A 56 -5.25 7.03 -6.99
C ALA A 56 -3.77 7.02 -6.61
N PHE A 57 -3.07 5.93 -6.85
CA PHE A 57 -1.61 5.87 -6.49
C PHE A 57 -0.75 6.30 -7.70
N GLN A 58 -1.09 5.83 -8.89
CA GLN A 58 -0.28 6.22 -10.10
C GLN A 58 -1.20 6.67 -11.24
N GLN A 59 -1.76 7.86 -11.15
CA GLN A 59 -2.66 8.35 -12.23
C GLN A 59 -2.03 9.56 -12.94
N GLY A 60 -1.69 10.60 -12.21
CA GLY A 60 -1.07 11.80 -12.86
C GLY A 60 -1.98 13.01 -12.69
N LYS A 61 -3.23 12.92 -13.12
CA LYS A 61 -4.15 14.08 -12.96
C LYS A 61 -5.33 13.71 -12.05
ZN ZN B . 3.31 -3.25 0.77
N MET A 1 19.93 6.33 -6.69
CA MET A 1 19.18 5.11 -6.29
C MET A 1 17.98 5.48 -5.41
N PRO A 2 16.85 5.75 -6.03
CA PRO A 2 15.64 6.11 -5.26
C PRO A 2 15.08 4.88 -4.54
N LYS A 3 14.40 5.07 -3.42
CA LYS A 3 13.83 3.90 -2.68
C LYS A 3 12.32 4.10 -2.45
N PHE A 4 11.57 3.04 -2.28
CA PHE A 4 10.09 3.19 -2.05
C PHE A 4 9.73 2.73 -0.62
N TYR A 5 8.59 3.13 -0.12
CA TYR A 5 8.18 2.73 1.26
C TYR A 5 6.70 2.33 1.29
N CYS A 6 6.36 1.21 1.92
CA CYS A 6 4.93 0.78 1.99
C CYS A 6 4.45 0.83 3.44
N ASP A 7 3.78 1.89 3.85
CA ASP A 7 3.29 1.97 5.28
C ASP A 7 2.42 0.75 5.63
N TYR A 8 1.61 0.27 4.71
CA TYR A 8 0.76 -0.94 5.04
C TYR A 8 1.64 -2.14 5.38
N CYS A 9 2.81 -2.26 4.77
CA CYS A 9 3.71 -3.42 5.08
C CYS A 9 4.74 -3.08 6.18
N ASP A 10 4.81 -1.83 6.64
CA ASP A 10 5.81 -1.48 7.70
C ASP A 10 7.23 -1.89 7.28
N THR A 11 7.57 -1.71 6.01
CA THR A 11 8.94 -2.09 5.54
C THR A 11 9.45 -1.06 4.52
N TYR A 12 10.72 -1.10 4.17
CA TYR A 12 11.25 -0.11 3.19
C TYR A 12 11.78 -0.82 1.94
N LEU A 13 11.54 -0.28 0.77
CA LEU A 13 12.06 -0.94 -0.48
C LEU A 13 13.37 -0.27 -0.91
N THR A 14 14.11 -0.88 -1.82
CA THR A 14 15.41 -0.26 -2.26
C THR A 14 15.27 0.47 -3.61
N HIS A 15 14.41 0.02 -4.50
CA HIS A 15 14.27 0.71 -5.81
C HIS A 15 12.84 1.28 -5.97
N ASP A 16 12.71 2.50 -6.43
CA ASP A 16 11.35 3.09 -6.61
C ASP A 16 11.06 3.29 -8.10
N SER A 17 10.37 2.36 -8.72
CA SER A 17 10.06 2.50 -10.18
C SER A 17 8.66 1.98 -10.48
N PRO A 18 8.24 2.07 -11.73
CA PRO A 18 6.89 1.60 -12.11
C PRO A 18 6.82 0.06 -12.06
N SER A 19 7.91 -0.64 -12.30
CA SER A 19 7.87 -2.15 -12.24
C SER A 19 8.16 -2.62 -10.81
N VAL A 20 9.15 -2.05 -10.14
CA VAL A 20 9.45 -2.49 -8.74
C VAL A 20 8.23 -2.22 -7.84
N ARG A 21 7.66 -1.03 -7.89
CA ARG A 21 6.46 -0.73 -7.04
C ARG A 21 5.33 -1.72 -7.39
N LYS A 22 5.01 -1.86 -8.66
CA LYS A 22 3.93 -2.85 -9.05
C LYS A 22 4.37 -4.26 -8.62
N THR A 23 5.65 -4.59 -8.81
CA THR A 23 6.13 -5.96 -8.37
C THR A 23 5.78 -6.14 -6.89
N HIS A 24 6.00 -5.13 -6.07
CA HIS A 24 5.63 -5.25 -4.62
C HIS A 24 4.10 -5.42 -4.52
N CYS A 25 3.35 -4.70 -5.32
CA CYS A 25 1.85 -4.82 -5.26
C CYS A 25 1.37 -5.85 -6.30
N SER A 26 1.88 -7.06 -6.27
CA SER A 26 1.44 -8.08 -7.26
C SER A 26 0.73 -9.24 -6.56
N GLY A 27 -0.05 -8.97 -5.53
CA GLY A 27 -0.76 -10.08 -4.82
C GLY A 27 -2.10 -9.56 -4.27
N ARG A 28 -3.20 -10.22 -4.59
CA ARG A 28 -4.53 -9.75 -4.06
C ARG A 28 -4.49 -9.65 -2.52
N LYS A 29 -3.67 -10.44 -1.86
CA LYS A 29 -3.61 -10.36 -0.35
C LYS A 29 -3.15 -8.96 0.10
N HIS A 30 -2.33 -8.27 -0.67
CA HIS A 30 -1.85 -6.90 -0.25
C HIS A 30 -3.05 -6.01 0.17
N LYS A 31 -4.17 -6.11 -0.52
CA LYS A 31 -5.35 -5.27 -0.13
C LYS A 31 -5.81 -5.69 1.28
N GLU A 32 -6.10 -6.96 1.48
CA GLU A 32 -6.53 -7.41 2.86
C GLU A 32 -5.41 -7.12 3.86
N ASN A 33 -4.16 -7.32 3.46
CA ASN A 33 -3.02 -7.02 4.40
C ASN A 33 -3.07 -5.56 4.88
N VAL A 34 -3.46 -4.64 4.02
CA VAL A 34 -3.53 -3.20 4.45
C VAL A 34 -4.47 -3.05 5.66
N LYS A 35 -5.58 -3.78 5.67
CA LYS A 35 -6.52 -3.67 6.85
C LYS A 35 -5.77 -4.04 8.14
N ASP A 36 -4.95 -5.07 8.11
CA ASP A 36 -4.18 -5.45 9.33
C ASP A 36 -3.29 -4.28 9.78
N TYR A 37 -2.81 -3.46 8.85
CA TYR A 37 -1.93 -2.31 9.27
C TYR A 37 -2.74 -1.29 10.06
N TYR A 38 -3.87 -0.83 9.56
CA TYR A 38 -4.67 0.17 10.32
C TYR A 38 -5.84 -0.49 11.08
N GLN A 39 -5.71 -1.74 11.50
CA GLN A 39 -6.83 -2.39 12.26
C GLN A 39 -6.82 -1.90 13.72
N LYS A 40 -5.65 -1.76 14.31
CA LYS A 40 -5.57 -1.27 15.72
C LYS A 40 -4.87 0.09 15.78
N TRP A 41 -5.09 0.94 14.81
CA TRP A 41 -4.42 2.29 14.81
C TRP A 41 -5.32 3.33 15.50
N MET A 42 -6.62 3.27 15.29
CA MET A 42 -7.53 4.26 15.95
C MET A 42 -8.89 3.61 16.28
N GLU A 43 -9.65 3.22 15.27
CA GLU A 43 -10.97 2.59 15.54
C GLU A 43 -11.28 1.52 14.48
N GLU A 44 -12.52 1.11 14.34
CA GLU A 44 -12.86 0.07 13.31
C GLU A 44 -13.55 0.73 12.11
N GLN A 45 -13.96 -0.05 11.12
CA GLN A 45 -14.63 0.55 9.91
C GLN A 45 -13.76 1.65 9.30
N ALA A 46 -12.69 1.31 8.62
CA ALA A 46 -11.81 2.35 8.01
C ALA A 46 -11.42 1.93 6.58
N GLN A 47 -12.35 1.94 5.65
CA GLN A 47 -12.01 1.56 4.25
C GLN A 47 -12.19 2.76 3.31
N SER A 48 -11.93 3.97 3.76
CA SER A 48 -12.07 5.15 2.86
C SER A 48 -10.68 5.64 2.44
N LEU A 49 -9.80 5.88 3.40
CA LEU A 49 -8.41 6.34 3.03
C LEU A 49 -7.67 5.26 2.22
N ILE A 50 -8.08 4.00 2.28
CA ILE A 50 -7.36 2.94 1.49
C ILE A 50 -7.86 2.95 0.02
N ASP A 51 -9.16 2.82 -0.19
CA ASP A 51 -9.68 2.84 -1.61
C ASP A 51 -9.22 4.10 -2.35
N LYS A 52 -9.20 5.24 -1.69
CA LYS A 52 -8.75 6.50 -2.38
C LYS A 52 -7.29 6.37 -2.85
N THR A 53 -6.44 5.71 -2.07
CA THR A 53 -5.01 5.55 -2.51
C THR A 53 -4.83 4.26 -3.32
N THR A 54 -5.42 3.16 -2.88
CA THR A 54 -5.26 1.88 -3.66
C THR A 54 -5.80 2.04 -5.08
N ALA A 55 -6.91 2.74 -5.25
CA ALA A 55 -7.46 2.92 -6.64
C ALA A 55 -6.43 3.65 -7.53
N ALA A 56 -5.69 4.60 -6.99
CA ALA A 56 -4.67 5.33 -7.83
C ALA A 56 -3.46 4.41 -8.12
N PHE A 57 -3.10 3.52 -7.21
CA PHE A 57 -1.91 2.63 -7.46
C PHE A 57 -2.36 1.35 -8.19
N GLN A 58 -3.51 0.80 -7.82
CA GLN A 58 -3.97 -0.47 -8.51
C GLN A 58 -4.31 -0.16 -9.98
N GLN A 59 -5.03 0.91 -10.26
CA GLN A 59 -5.37 1.24 -11.67
C GLN A 59 -5.34 2.76 -11.87
N GLY A 60 -4.17 3.35 -12.00
CA GLY A 60 -4.09 4.83 -12.21
C GLY A 60 -4.72 5.19 -13.55
N LYS A 61 -4.19 4.68 -14.65
CA LYS A 61 -4.77 5.01 -15.98
C LYS A 61 -5.04 3.73 -16.78
ZN ZN B . 3.14 -3.40 0.74
#